data_2M38
#
_entry.id   2M38
#
_entity_poly.entity_id   1
_entity_poly.type   'polypeptide(L)'
_entity_poly.pdbx_seq_one_letter_code
;STPVQAWQHHPEKLIAQSCDYKAAYLGSMLIKELRGTESTQDACAKMRANCQKSTEQMKKVPTIILSVSAKGVKFIDATN
KNIIAEHEIRNISCAAQDPEDLSTFAYITKDLKSNHHYCHVFTAFDVNLAAEIILTLGQAFEVAYQLALQARK
;
_entity_poly.pdbx_strand_id   A
#
# COMPACT_ATOMS: atom_id res chain seq x y z
N GLU A 12 5.13 9.99 -20.53
CA GLU A 12 4.49 10.21 -19.20
C GLU A 12 3.34 9.24 -19.00
N LYS A 13 3.19 8.30 -19.92
CA LYS A 13 2.16 7.29 -19.80
C LYS A 13 2.71 6.07 -19.09
N LEU A 14 3.95 5.67 -19.47
CA LEU A 14 4.66 4.56 -18.83
C LEU A 14 3.81 3.28 -18.81
N ILE A 15 3.17 2.99 -19.93
CA ILE A 15 2.25 1.85 -20.05
C ILE A 15 2.91 0.51 -19.68
N ALA A 16 4.22 0.42 -19.88
CA ALA A 16 4.95 -0.81 -19.59
C ALA A 16 6.02 -0.56 -18.56
N GLN A 17 6.05 0.65 -18.05
CA GLN A 17 7.03 1.02 -17.04
C GLN A 17 6.34 1.29 -15.71
N SER A 18 5.03 1.20 -15.72
CA SER A 18 4.24 1.36 -14.51
C SER A 18 3.01 0.45 -14.56
N CYS A 19 2.44 0.16 -13.41
CA CYS A 19 1.27 -0.67 -13.35
C CYS A 19 0.13 0.04 -12.60
N ASP A 20 -1.08 -0.11 -13.10
CA ASP A 20 -2.25 0.56 -12.53
C ASP A 20 -3.31 -0.48 -12.17
N TYR A 21 -3.64 -0.58 -10.89
CA TYR A 21 -4.62 -1.57 -10.44
C TYR A 21 -5.64 -0.95 -9.52
N LYS A 22 -6.72 -1.68 -9.28
CA LYS A 22 -7.74 -1.23 -8.35
C LYS A 22 -7.55 -1.97 -7.04
N ALA A 23 -7.10 -1.27 -6.03
CA ALA A 23 -6.90 -1.83 -4.73
C ALA A 23 -7.98 -1.33 -3.79
N ALA A 24 -7.97 -1.78 -2.57
CA ALA A 24 -8.92 -1.29 -1.60
C ALA A 24 -8.18 -0.74 -0.40
N TYR A 25 -8.44 0.53 -0.06
CA TYR A 25 -7.73 1.18 1.03
C TYR A 25 -8.19 0.62 2.37
N LEU A 26 -7.38 -0.24 2.96
CA LEU A 26 -7.71 -0.84 4.25
C LEU A 26 -7.45 0.13 5.38
N GLY A 27 -6.20 0.59 5.50
CA GLY A 27 -5.91 1.54 6.53
C GLY A 27 -4.51 2.10 6.48
N SER A 28 -4.35 3.28 7.02
CA SER A 28 -3.06 3.91 7.14
C SER A 28 -2.68 3.95 8.61
N MET A 29 -1.90 2.97 9.04
CA MET A 29 -1.57 2.84 10.44
C MET A 29 -0.33 3.62 10.81
N LEU A 30 -0.46 4.44 11.84
CA LEU A 30 0.63 5.26 12.31
C LEU A 30 1.55 4.47 13.20
N ILE A 31 2.81 4.44 12.83
CA ILE A 31 3.81 3.73 13.59
C ILE A 31 4.73 4.74 14.27
N LYS A 32 4.89 4.59 15.58
CA LYS A 32 5.75 5.49 16.33
C LYS A 32 7.20 5.27 15.91
N GLU A 33 7.68 4.06 16.11
CA GLU A 33 9.03 3.71 15.72
C GLU A 33 8.97 2.57 14.71
N LEU A 34 9.62 2.75 13.59
CA LEU A 34 9.58 1.78 12.52
C LEU A 34 10.50 0.60 12.82
N ARG A 35 9.90 -0.56 13.08
CA ARG A 35 10.67 -1.75 13.42
C ARG A 35 10.67 -2.75 12.25
N GLY A 36 10.54 -2.22 11.05
CA GLY A 36 10.57 -3.04 9.87
C GLY A 36 9.21 -3.58 9.50
N THR A 37 9.19 -4.80 9.00
CA THR A 37 7.97 -5.46 8.56
C THR A 37 7.06 -5.81 9.73
N GLU A 38 7.60 -5.72 10.94
CA GLU A 38 6.82 -5.99 12.14
C GLU A 38 5.66 -5.03 12.22
N SER A 39 5.93 -3.77 11.94
CA SER A 39 4.93 -2.74 12.00
C SER A 39 3.81 -3.00 10.97
N THR A 40 4.19 -3.42 9.76
CA THR A 40 3.23 -3.70 8.72
C THR A 40 2.42 -4.96 9.04
N GLN A 41 3.11 -5.98 9.53
CA GLN A 41 2.46 -7.23 9.89
C GLN A 41 1.50 -7.00 11.05
N ASP A 42 1.95 -6.22 12.02
CA ASP A 42 1.15 -5.91 13.19
C ASP A 42 -0.12 -5.17 12.78
N ALA A 43 0.04 -4.13 11.97
CA ALA A 43 -1.10 -3.35 11.50
C ALA A 43 -2.06 -4.22 10.72
N CYS A 44 -1.53 -5.02 9.81
CA CYS A 44 -2.34 -5.88 8.98
C CYS A 44 -3.13 -6.88 9.82
N ALA A 45 -2.41 -7.71 10.58
CA ALA A 45 -3.04 -8.75 11.39
C ALA A 45 -4.06 -8.18 12.37
N LYS A 46 -3.65 -7.17 13.12
CA LYS A 46 -4.49 -6.54 14.11
C LYS A 46 -5.76 -5.97 13.49
N MET A 47 -5.59 -5.17 12.44
CA MET A 47 -6.70 -4.50 11.80
C MET A 47 -7.59 -5.47 11.02
N ARG A 48 -6.99 -6.43 10.31
CA ARG A 48 -7.78 -7.41 9.55
C ARG A 48 -8.65 -8.24 10.47
N ALA A 49 -8.11 -8.56 11.65
CA ALA A 49 -8.86 -9.32 12.65
C ALA A 49 -9.88 -8.42 13.34
N ASN A 50 -9.56 -7.14 13.43
CA ASN A 50 -10.46 -6.17 14.04
C ASN A 50 -11.59 -5.81 13.07
N CYS A 51 -11.35 -6.05 11.79
CA CYS A 51 -12.32 -5.74 10.76
C CYS A 51 -13.42 -6.81 10.67
N GLN A 52 -13.20 -7.93 11.35
CA GLN A 52 -14.18 -9.01 11.34
C GLN A 52 -14.39 -9.61 12.72
N LYS A 53 -15.27 -10.59 12.82
CA LYS A 53 -15.56 -11.25 14.09
C LYS A 53 -15.48 -12.76 13.91
N SER A 54 -16.55 -13.46 14.22
CA SER A 54 -16.61 -14.90 13.99
C SER A 54 -17.08 -15.15 12.56
N THR A 55 -17.12 -14.07 11.79
CA THR A 55 -17.52 -14.09 10.41
C THR A 55 -16.38 -14.54 9.50
N GLU A 56 -16.68 -14.65 8.22
CA GLU A 56 -15.71 -15.07 7.22
C GLU A 56 -14.84 -13.89 6.79
N GLN A 57 -14.26 -14.00 5.60
CA GLN A 57 -13.44 -12.94 5.04
C GLN A 57 -14.28 -11.70 4.71
N MET A 58 -14.57 -10.91 5.73
CA MET A 58 -15.35 -9.69 5.58
C MET A 58 -14.41 -8.50 5.40
N LYS A 59 -13.24 -8.80 4.89
CA LYS A 59 -12.22 -7.81 4.63
C LYS A 59 -12.52 -7.08 3.32
N LYS A 60 -13.44 -6.12 3.38
CA LYS A 60 -13.86 -5.37 2.20
C LYS A 60 -13.89 -3.88 2.50
N VAL A 61 -13.07 -3.13 1.78
CA VAL A 61 -12.97 -1.69 1.99
C VAL A 61 -13.05 -0.90 0.67
N PRO A 62 -13.30 0.43 0.74
CA PRO A 62 -13.39 1.32 -0.45
C PRO A 62 -12.27 1.11 -1.47
N THR A 63 -12.63 1.11 -2.74
CA THR A 63 -11.68 0.89 -3.82
C THR A 63 -10.88 2.15 -4.15
N ILE A 64 -9.59 1.97 -4.30
CA ILE A 64 -8.66 3.04 -4.63
C ILE A 64 -7.73 2.56 -5.75
N ILE A 65 -7.54 3.40 -6.75
CA ILE A 65 -6.68 3.04 -7.87
C ILE A 65 -5.22 3.18 -7.46
N LEU A 66 -4.59 2.04 -7.29
CA LEU A 66 -3.22 2.00 -6.87
C LEU A 66 -2.32 2.03 -8.11
N SER A 67 -1.73 3.18 -8.37
CA SER A 67 -0.87 3.31 -9.51
C SER A 67 0.57 3.49 -9.07
N VAL A 68 1.38 2.54 -9.44
CA VAL A 68 2.78 2.54 -9.04
C VAL A 68 3.71 2.58 -10.25
N SER A 69 4.64 3.51 -10.21
CA SER A 69 5.61 3.68 -11.26
C SER A 69 7.00 3.79 -10.64
N ALA A 70 8.02 3.56 -11.46
CA ALA A 70 9.41 3.65 -11.01
C ALA A 70 9.79 5.09 -10.70
N LYS A 71 8.94 6.01 -11.10
CA LYS A 71 9.17 7.42 -10.86
C LYS A 71 8.34 7.91 -9.67
N GLY A 72 7.40 7.08 -9.21
CA GLY A 72 6.56 7.49 -8.12
C GLY A 72 5.28 6.71 -8.04
N VAL A 73 4.64 6.75 -6.89
CA VAL A 73 3.42 6.03 -6.68
C VAL A 73 2.31 6.99 -6.33
N LYS A 74 1.19 6.83 -6.97
CA LYS A 74 0.07 7.70 -6.74
C LYS A 74 -1.18 6.94 -6.39
N PHE A 75 -1.89 7.46 -5.41
CA PHE A 75 -3.10 6.85 -4.92
C PHE A 75 -4.28 7.76 -5.23
N ILE A 76 -5.18 7.28 -6.06
CA ILE A 76 -6.36 8.03 -6.43
C ILE A 76 -7.61 7.22 -6.08
N ASP A 77 -8.60 7.86 -5.55
CA ASP A 77 -9.83 7.18 -5.18
C ASP A 77 -10.59 6.75 -6.44
N ALA A 78 -11.18 5.57 -6.41
CA ALA A 78 -11.86 5.04 -7.59
C ALA A 78 -13.31 5.53 -7.70
N THR A 79 -13.86 5.97 -6.58
CA THR A 79 -15.25 6.38 -6.55
C THR A 79 -15.39 7.87 -6.87
N ASN A 80 -14.68 8.71 -6.14
CA ASN A 80 -14.77 10.15 -6.30
C ASN A 80 -13.59 10.69 -7.05
N LYS A 81 -12.76 9.79 -7.59
CA LYS A 81 -11.51 10.12 -8.32
C LYS A 81 -10.66 11.10 -7.51
N ASN A 82 -10.81 11.05 -6.20
CA ASN A 82 -10.10 11.92 -5.28
C ASN A 82 -8.60 11.72 -5.40
N ILE A 83 -7.88 12.79 -5.65
CA ILE A 83 -6.44 12.72 -5.71
C ILE A 83 -5.88 12.63 -4.29
N ILE A 84 -5.88 11.42 -3.76
CA ILE A 84 -5.44 11.14 -2.41
C ILE A 84 -4.02 11.63 -2.19
N ALA A 85 -3.07 11.11 -2.97
CA ALA A 85 -1.67 11.58 -2.86
C ALA A 85 -0.77 10.98 -3.93
N GLU A 86 0.20 11.78 -4.37
CA GLU A 86 1.22 11.33 -5.31
C GLU A 86 2.59 11.51 -4.66
N HIS A 87 3.23 10.43 -4.29
CA HIS A 87 4.52 10.53 -3.65
C HIS A 87 5.57 9.79 -4.45
N GLU A 88 6.77 10.34 -4.45
CA GLU A 88 7.88 9.73 -5.14
C GLU A 88 8.15 8.35 -4.58
N ILE A 89 8.56 7.42 -5.43
CA ILE A 89 8.86 6.07 -4.99
C ILE A 89 10.05 6.12 -4.01
N ARG A 90 10.84 7.17 -4.13
CA ARG A 90 12.00 7.40 -3.27
C ARG A 90 11.55 7.71 -1.83
N ASN A 91 10.27 7.99 -1.66
CA ASN A 91 9.71 8.29 -0.34
C ASN A 91 9.25 7.01 0.34
N ILE A 92 9.13 5.95 -0.44
CA ILE A 92 8.73 4.66 0.09
C ILE A 92 9.97 3.95 0.59
N SER A 93 9.90 3.41 1.79
CA SER A 93 11.05 2.79 2.40
C SER A 93 11.02 1.29 2.23
N CYS A 94 9.87 0.68 2.43
CA CYS A 94 9.75 -0.77 2.33
C CYS A 94 8.35 -1.19 1.94
N ALA A 95 8.23 -2.36 1.34
CA ALA A 95 6.94 -2.88 0.92
C ALA A 95 6.79 -4.34 1.35
N ALA A 96 5.83 -4.59 2.22
CA ALA A 96 5.60 -5.93 2.71
C ALA A 96 4.16 -6.35 2.43
N GLN A 97 3.82 -7.56 2.82
CA GLN A 97 2.50 -8.09 2.62
C GLN A 97 2.12 -8.99 3.79
N ASP A 98 0.87 -9.39 3.84
CA ASP A 98 0.41 -10.26 4.93
C ASP A 98 1.00 -11.66 4.78
N PRO A 99 1.49 -12.24 5.89
CA PRO A 99 2.13 -13.57 5.90
C PRO A 99 1.25 -14.68 5.32
N GLU A 100 -0.06 -14.60 5.51
CA GLU A 100 -0.95 -15.65 5.03
C GLU A 100 -1.88 -15.16 3.93
N ASP A 101 -2.09 -13.86 3.88
CA ASP A 101 -2.95 -13.26 2.87
C ASP A 101 -2.11 -12.50 1.86
N LEU A 102 -1.80 -13.15 0.76
CA LEU A 102 -0.95 -12.54 -0.26
C LEU A 102 -1.75 -11.60 -1.16
N SER A 103 -2.96 -11.30 -0.75
CA SER A 103 -3.81 -10.39 -1.47
C SER A 103 -3.90 -9.06 -0.70
N THR A 104 -3.09 -8.96 0.33
CA THR A 104 -3.04 -7.77 1.16
C THR A 104 -1.61 -7.27 1.26
N PHE A 105 -1.38 -6.04 0.84
CA PHE A 105 -0.04 -5.47 0.84
C PHE A 105 0.04 -4.25 1.75
N ALA A 106 1.15 -4.12 2.46
CA ALA A 106 1.36 -3.02 3.38
C ALA A 106 2.79 -2.50 3.24
N TYR A 107 2.92 -1.27 2.82
CA TYR A 107 4.22 -0.68 2.63
C TYR A 107 4.44 0.50 3.56
N ILE A 108 5.70 0.74 3.92
CA ILE A 108 6.05 1.83 4.79
C ILE A 108 6.74 2.95 4.05
N THR A 109 6.30 4.14 4.35
CA THR A 109 6.81 5.34 3.74
C THR A 109 7.42 6.26 4.79
N LYS A 110 8.18 7.24 4.36
CA LYS A 110 8.70 8.25 5.27
C LYS A 110 7.86 9.51 5.15
N ASP A 111 6.77 9.54 5.89
CA ASP A 111 5.85 10.65 5.84
C ASP A 111 6.44 11.87 6.52
N LEU A 112 7.04 12.71 5.70
CA LEU A 112 7.78 13.89 6.13
C LEU A 112 6.94 14.86 6.96
N LYS A 113 5.67 15.00 6.61
CA LYS A 113 4.79 15.93 7.32
C LYS A 113 4.36 15.35 8.67
N SER A 114 4.55 14.07 8.85
CA SER A 114 4.15 13.41 10.06
C SER A 114 5.35 13.13 10.97
N ASN A 115 6.56 13.12 10.38
CA ASN A 115 7.80 12.81 11.12
C ASN A 115 7.74 11.40 11.66
N HIS A 116 6.91 10.59 11.03
CA HIS A 116 6.70 9.22 11.43
C HIS A 116 6.60 8.34 10.20
N HIS A 117 6.19 7.11 10.40
CA HIS A 117 6.04 6.18 9.30
C HIS A 117 4.66 5.58 9.32
N TYR A 118 3.95 5.73 8.22
CA TYR A 118 2.62 5.18 8.11
C TYR A 118 2.64 3.90 7.32
N CYS A 119 2.08 2.87 7.90
CA CYS A 119 1.94 1.62 7.20
C CYS A 119 0.70 1.69 6.35
N HIS A 120 0.90 1.89 5.07
CA HIS A 120 -0.20 1.98 4.15
C HIS A 120 -0.53 0.60 3.64
N VAL A 121 -1.62 0.05 4.15
CA VAL A 121 -2.02 -1.28 3.76
C VAL A 121 -3.31 -1.28 2.98
N PHE A 122 -3.27 -1.94 1.84
CA PHE A 122 -4.41 -2.02 0.95
C PHE A 122 -4.69 -3.49 0.65
N THR A 123 -5.94 -3.80 0.43
CA THR A 123 -6.33 -5.12 0.09
C THR A 123 -6.66 -5.20 -1.39
N ALA A 124 -5.99 -6.07 -2.09
CA ALA A 124 -6.20 -6.22 -3.50
C ALA A 124 -7.39 -7.13 -3.75
N PHE A 125 -7.85 -7.18 -4.98
CA PHE A 125 -8.95 -8.04 -5.34
C PHE A 125 -8.40 -9.28 -6.05
N ASP A 126 -7.08 -9.44 -5.99
CA ASP A 126 -6.40 -10.57 -6.61
C ASP A 126 -5.00 -10.74 -6.03
N VAL A 127 -4.59 -11.99 -5.83
CA VAL A 127 -3.28 -12.30 -5.26
C VAL A 127 -2.14 -11.85 -6.17
N ASN A 128 -2.20 -12.24 -7.44
CA ASN A 128 -1.17 -11.88 -8.41
C ASN A 128 -1.07 -10.37 -8.51
N LEU A 129 -2.22 -9.71 -8.49
CA LEU A 129 -2.31 -8.26 -8.53
C LEU A 129 -1.50 -7.66 -7.36
N ALA A 130 -1.78 -8.13 -6.14
CA ALA A 130 -1.09 -7.64 -4.95
C ALA A 130 0.39 -7.95 -5.02
N ALA A 131 0.71 -9.19 -5.38
CA ALA A 131 2.09 -9.64 -5.50
C ALA A 131 2.84 -8.82 -6.54
N GLU A 132 2.15 -8.48 -7.63
CA GLU A 132 2.73 -7.68 -8.69
C GLU A 132 3.06 -6.29 -8.16
N ILE A 133 2.13 -5.70 -7.40
CA ILE A 133 2.35 -4.40 -6.82
C ILE A 133 3.59 -4.41 -5.92
N ILE A 134 3.68 -5.44 -5.06
CA ILE A 134 4.84 -5.62 -4.18
C ILE A 134 6.13 -5.65 -5.00
N LEU A 135 6.12 -6.46 -6.04
CA LEU A 135 7.27 -6.61 -6.91
C LEU A 135 7.59 -5.30 -7.63
N THR A 136 6.56 -4.63 -8.14
CA THR A 136 6.75 -3.37 -8.85
C THR A 136 7.32 -2.30 -7.90
N LEU A 137 6.82 -2.27 -6.67
CA LEU A 137 7.32 -1.35 -5.64
C LEU A 137 8.77 -1.65 -5.32
N GLY A 138 9.04 -2.93 -5.04
CA GLY A 138 10.37 -3.36 -4.70
C GLY A 138 11.36 -3.09 -5.82
N GLN A 139 10.97 -3.44 -7.04
CA GLN A 139 11.82 -3.23 -8.20
C GLN A 139 12.10 -1.75 -8.41
N ALA A 140 11.08 -0.93 -8.25
CA ALA A 140 11.20 0.51 -8.39
C ALA A 140 12.18 1.08 -7.39
N PHE A 141 12.02 0.69 -6.13
CA PHE A 141 12.91 1.16 -5.07
C PHE A 141 14.32 0.62 -5.28
N GLU A 142 14.41 -0.62 -5.75
CA GLU A 142 15.69 -1.28 -5.97
C GLU A 142 16.49 -0.56 -7.07
N VAL A 143 15.82 -0.28 -8.19
CA VAL A 143 16.49 0.39 -9.32
C VAL A 143 16.76 1.87 -9.01
N ALA A 144 15.96 2.45 -8.12
CA ALA A 144 16.15 3.84 -7.73
C ALA A 144 17.21 3.96 -6.64
N TYR A 145 17.47 2.83 -5.97
CA TYR A 145 18.45 2.78 -4.91
C TYR A 145 19.85 3.02 -5.47
N GLN A 146 20.15 2.36 -6.56
CA GLN A 146 21.46 2.51 -7.21
C GLN A 146 21.44 3.74 -8.12
N GLU A 12 -0.83 10.68 -17.98
CA GLU A 12 0.39 11.48 -18.19
C GLU A 12 1.64 10.62 -18.09
N LYS A 13 1.45 9.33 -17.86
CA LYS A 13 2.58 8.43 -17.75
C LYS A 13 2.43 7.24 -18.70
N LEU A 14 3.50 6.50 -18.89
CA LEU A 14 3.49 5.34 -19.76
C LEU A 14 2.96 4.11 -19.02
N ILE A 15 1.90 3.51 -19.55
CA ILE A 15 1.26 2.35 -18.91
C ILE A 15 2.18 1.11 -18.93
N ALA A 16 3.34 1.26 -19.54
CA ALA A 16 4.32 0.20 -19.53
C ALA A 16 5.21 0.34 -18.32
N GLN A 17 5.37 1.58 -17.86
CA GLN A 17 6.20 1.87 -16.69
C GLN A 17 5.33 2.00 -15.45
N SER A 18 4.05 2.09 -15.66
CA SER A 18 3.11 2.22 -14.57
C SER A 18 2.08 1.13 -14.62
N CYS A 19 1.75 0.58 -13.48
CA CYS A 19 0.74 -0.42 -13.40
C CYS A 19 -0.42 0.11 -12.57
N ASP A 20 -1.52 0.39 -13.25
CA ASP A 20 -2.70 0.94 -12.59
C ASP A 20 -3.65 -0.16 -12.17
N TYR A 21 -3.68 -0.45 -10.90
CA TYR A 21 -4.56 -1.47 -10.34
C TYR A 21 -5.62 -0.83 -9.47
N LYS A 22 -6.58 -1.63 -9.03
CA LYS A 22 -7.56 -1.16 -8.08
C LYS A 22 -7.43 -1.97 -6.80
N ALA A 23 -7.01 -1.31 -5.75
CA ALA A 23 -6.85 -1.94 -4.46
C ALA A 23 -7.94 -1.43 -3.53
N ALA A 24 -7.98 -1.94 -2.33
CA ALA A 24 -8.96 -1.49 -1.38
C ALA A 24 -8.28 -0.84 -0.18
N TYR A 25 -8.75 0.34 0.19
CA TYR A 25 -8.18 1.08 1.30
C TYR A 25 -8.54 0.44 2.62
N LEU A 26 -7.63 -0.36 3.17
CA LEU A 26 -7.88 -0.98 4.46
C LEU A 26 -7.66 0.03 5.56
N GLY A 27 -6.44 0.54 5.70
CA GLY A 27 -6.20 1.55 6.70
C GLY A 27 -4.80 2.10 6.70
N SER A 28 -4.68 3.33 7.15
CA SER A 28 -3.41 3.97 7.35
C SER A 28 -3.13 3.99 8.85
N MET A 29 -2.13 3.25 9.27
CA MET A 29 -1.86 3.10 10.67
C MET A 29 -0.67 3.90 11.12
N LEU A 30 -0.79 4.50 12.28
CA LEU A 30 0.26 5.28 12.87
C LEU A 30 1.22 4.35 13.57
N ILE A 31 2.45 4.31 13.11
CA ILE A 31 3.45 3.43 13.65
C ILE A 31 4.30 4.13 14.67
N LYS A 32 4.19 3.69 15.91
CA LYS A 32 4.99 4.24 16.98
C LYS A 32 6.28 3.45 17.09
N GLU A 33 6.13 2.14 17.15
CA GLU A 33 7.26 1.24 17.21
C GLU A 33 7.65 0.80 15.82
N LEU A 34 8.64 1.45 15.25
CA LEU A 34 9.10 1.09 13.93
C LEU A 34 9.96 -0.15 14.02
N ARG A 35 9.36 -1.29 13.73
CA ARG A 35 10.04 -2.56 13.82
C ARG A 35 9.99 -3.30 12.49
N GLY A 36 10.08 -2.53 11.42
CA GLY A 36 10.10 -3.08 10.07
C GLY A 36 8.81 -3.73 9.68
N THR A 37 8.92 -4.95 9.15
CA THR A 37 7.76 -5.70 8.68
C THR A 37 6.85 -6.13 9.85
N GLU A 38 7.36 -6.00 11.06
CA GLU A 38 6.58 -6.33 12.23
C GLU A 38 5.49 -5.29 12.42
N SER A 39 5.83 -4.03 12.13
CA SER A 39 4.87 -2.94 12.24
C SER A 39 3.75 -3.11 11.21
N THR A 40 4.13 -3.48 9.99
CA THR A 40 3.17 -3.72 8.94
C THR A 40 2.30 -4.93 9.28
N GLN A 41 2.92 -5.92 9.91
CA GLN A 41 2.22 -7.13 10.32
C GLN A 41 1.22 -6.79 11.41
N ASP A 42 1.65 -5.95 12.36
CA ASP A 42 0.79 -5.51 13.47
C ASP A 42 -0.46 -4.81 12.96
N ALA A 43 -0.26 -3.85 12.07
CA ALA A 43 -1.36 -3.09 11.48
C ALA A 43 -2.28 -3.99 10.67
N CYS A 44 -1.68 -4.79 9.79
CA CYS A 44 -2.44 -5.68 8.92
C CYS A 44 -3.24 -6.68 9.75
N ALA A 45 -2.58 -7.33 10.71
CA ALA A 45 -3.23 -8.31 11.56
C ALA A 45 -4.39 -7.69 12.34
N LYS A 46 -4.14 -6.51 12.88
CA LYS A 46 -5.12 -5.80 13.68
C LYS A 46 -6.40 -5.58 12.88
N MET A 47 -6.27 -5.03 11.68
CA MET A 47 -7.44 -4.74 10.86
C MET A 47 -7.98 -5.97 10.15
N ARG A 48 -7.11 -6.91 9.79
CA ARG A 48 -7.58 -8.12 9.11
C ARG A 48 -8.51 -8.90 10.05
N ALA A 49 -8.27 -8.74 11.35
CA ALA A 49 -9.13 -9.35 12.35
C ALA A 49 -10.31 -8.44 12.68
N ASN A 50 -10.05 -7.14 12.75
CA ASN A 50 -11.08 -6.16 13.12
C ASN A 50 -12.17 -6.01 12.05
N CYS A 51 -11.78 -6.12 10.78
CA CYS A 51 -12.74 -5.97 9.68
C CYS A 51 -13.88 -6.99 9.79
N GLN A 52 -13.53 -8.24 10.07
CA GLN A 52 -14.52 -9.30 10.21
C GLN A 52 -15.15 -9.30 11.61
N LYS A 53 -14.61 -8.45 12.47
CA LYS A 53 -15.13 -8.29 13.82
C LYS A 53 -16.21 -7.19 13.84
N SER A 54 -15.90 -6.09 13.18
CA SER A 54 -16.79 -4.96 13.12
C SER A 54 -17.36 -4.79 11.69
N THR A 55 -17.83 -5.89 11.13
CA THR A 55 -18.41 -5.89 9.80
C THR A 55 -19.76 -5.15 9.81
N GLU A 56 -20.34 -4.99 11.00
CA GLU A 56 -21.56 -4.23 11.16
C GLU A 56 -21.30 -2.79 10.75
N GLN A 57 -20.20 -2.24 11.25
CA GLN A 57 -19.79 -0.90 10.93
C GLN A 57 -19.28 -0.83 9.49
N MET A 58 -18.28 -1.66 9.23
CA MET A 58 -17.63 -1.72 7.93
C MET A 58 -18.54 -2.33 6.86
N LYS A 59 -19.05 -1.49 5.97
CA LYS A 59 -19.83 -1.98 4.85
C LYS A 59 -18.88 -2.68 3.88
N LYS A 60 -17.82 -1.96 3.55
CA LYS A 60 -16.75 -2.44 2.69
C LYS A 60 -15.74 -1.34 2.49
N VAL A 61 -14.47 -1.70 2.56
CA VAL A 61 -13.40 -0.75 2.37
C VAL A 61 -13.42 -0.16 0.95
N PRO A 62 -13.30 1.18 0.82
CA PRO A 62 -13.34 1.86 -0.47
C PRO A 62 -12.24 1.43 -1.42
N THR A 63 -12.52 1.48 -2.70
CA THR A 63 -11.56 1.10 -3.71
C THR A 63 -10.64 2.28 -4.05
N ILE A 64 -9.36 1.99 -4.15
CA ILE A 64 -8.35 2.98 -4.48
C ILE A 64 -7.57 2.51 -5.71
N ILE A 65 -7.39 3.40 -6.65
CA ILE A 65 -6.63 3.09 -7.83
C ILE A 65 -5.15 3.19 -7.49
N LEU A 66 -4.53 2.04 -7.39
CA LEU A 66 -3.15 1.95 -7.04
C LEU A 66 -2.30 2.02 -8.31
N SER A 67 -1.85 3.23 -8.63
CA SER A 67 -1.03 3.42 -9.80
C SER A 67 0.45 3.41 -9.43
N VAL A 68 1.06 2.25 -9.54
CA VAL A 68 2.45 2.10 -9.17
C VAL A 68 3.37 2.23 -10.39
N SER A 69 4.29 3.17 -10.32
CA SER A 69 5.22 3.37 -11.39
C SER A 69 6.63 3.49 -10.84
N ALA A 70 7.61 3.11 -11.65
CA ALA A 70 9.00 3.17 -11.26
C ALA A 70 9.47 4.61 -11.05
N LYS A 71 8.73 5.56 -11.62
CA LYS A 71 9.08 6.96 -11.50
C LYS A 71 8.27 7.64 -10.41
N GLY A 72 7.41 6.89 -9.75
CA GLY A 72 6.59 7.44 -8.69
C GLY A 72 5.31 6.67 -8.51
N VAL A 73 4.85 6.58 -7.28
CA VAL A 73 3.64 5.82 -6.99
C VAL A 73 2.52 6.75 -6.58
N LYS A 74 1.43 6.67 -7.31
CA LYS A 74 0.26 7.51 -7.05
C LYS A 74 -0.88 6.71 -6.46
N PHE A 75 -1.48 7.24 -5.42
CA PHE A 75 -2.59 6.60 -4.74
C PHE A 75 -3.83 7.46 -4.88
N ILE A 76 -4.71 7.09 -5.80
CA ILE A 76 -5.92 7.86 -6.07
C ILE A 76 -7.16 7.06 -5.68
N ASP A 77 -8.12 7.72 -5.09
CA ASP A 77 -9.36 7.07 -4.70
C ASP A 77 -10.24 6.81 -5.92
N ALA A 78 -10.96 5.70 -5.90
CA ALA A 78 -11.82 5.36 -7.03
C ALA A 78 -13.26 5.77 -6.76
N THR A 79 -13.54 6.11 -5.52
CA THR A 79 -14.87 6.49 -5.10
C THR A 79 -15.25 7.86 -5.69
N ASN A 80 -14.42 8.86 -5.45
CA ASN A 80 -14.67 10.21 -5.93
C ASN A 80 -13.49 10.69 -6.77
N LYS A 81 -12.53 9.79 -6.97
CA LYS A 81 -11.31 10.07 -7.73
C LYS A 81 -10.47 11.13 -7.00
N ASN A 82 -10.61 11.12 -5.67
CA ASN A 82 -9.88 12.04 -4.82
C ASN A 82 -8.45 11.58 -4.65
N ILE A 83 -7.52 12.49 -4.65
CA ILE A 83 -6.14 12.15 -4.48
C ILE A 83 -5.85 11.80 -3.02
N ILE A 84 -5.54 10.53 -2.78
CA ILE A 84 -5.18 10.07 -1.44
C ILE A 84 -3.82 10.62 -1.10
N ALA A 85 -2.87 10.31 -1.97
CA ALA A 85 -1.49 10.77 -1.84
C ALA A 85 -0.67 10.25 -3.00
N GLU A 86 0.46 10.87 -3.24
CA GLU A 86 1.38 10.39 -4.25
C GLU A 86 2.80 10.55 -3.76
N HIS A 87 3.50 9.45 -3.66
CA HIS A 87 4.83 9.46 -3.13
C HIS A 87 5.82 9.02 -4.17
N GLU A 88 6.97 9.65 -4.18
CA GLU A 88 8.03 9.24 -5.03
C GLU A 88 8.58 7.93 -4.48
N ILE A 89 9.03 7.05 -5.34
CA ILE A 89 9.53 5.75 -4.91
C ILE A 89 10.64 5.90 -3.84
N ARG A 90 11.42 6.97 -3.95
CA ARG A 90 12.51 7.24 -3.02
C ARG A 90 11.98 7.48 -1.59
N ASN A 91 10.73 7.92 -1.49
CA ASN A 91 10.13 8.20 -0.20
C ASN A 91 9.61 6.91 0.44
N ILE A 92 9.37 5.90 -0.37
CA ILE A 92 8.91 4.64 0.14
C ILE A 92 10.09 3.87 0.70
N SER A 93 10.10 3.68 2.00
CA SER A 93 11.21 3.04 2.65
C SER A 93 11.03 1.55 2.72
N CYS A 94 9.81 1.09 2.98
CA CYS A 94 9.57 -0.34 3.08
C CYS A 94 8.27 -0.71 2.38
N ALA A 95 8.22 -1.94 1.89
CA ALA A 95 7.04 -2.46 1.22
C ALA A 95 6.84 -3.90 1.62
N ALA A 96 5.91 -4.14 2.52
CA ALA A 96 5.66 -5.46 3.02
C ALA A 96 4.27 -5.94 2.63
N GLN A 97 3.90 -7.11 3.12
CA GLN A 97 2.60 -7.68 2.85
C GLN A 97 2.23 -8.61 3.99
N ASP A 98 1.01 -9.09 4.00
CA ASP A 98 0.57 -9.98 5.07
C ASP A 98 1.24 -11.35 4.93
N PRO A 99 1.78 -11.90 6.03
CA PRO A 99 2.47 -13.20 6.04
C PRO A 99 1.59 -14.36 5.58
N GLU A 100 0.31 -14.32 5.92
CA GLU A 100 -0.58 -15.42 5.58
C GLU A 100 -1.49 -15.06 4.41
N ASP A 101 -1.75 -13.80 4.21
CA ASP A 101 -2.59 -13.37 3.11
C ASP A 101 -1.79 -12.56 2.11
N LEU A 102 -1.47 -13.19 0.99
CA LEU A 102 -0.67 -12.56 -0.04
C LEU A 102 -1.52 -11.67 -0.95
N SER A 103 -2.73 -11.36 -0.51
CA SER A 103 -3.62 -10.53 -1.29
C SER A 103 -3.70 -9.12 -0.71
N THR A 104 -2.97 -8.90 0.38
CA THR A 104 -2.96 -7.59 1.01
C THR A 104 -1.52 -7.14 1.27
N PHE A 105 -1.24 -5.89 0.94
CA PHE A 105 0.10 -5.33 1.06
C PHE A 105 0.12 -4.12 1.98
N ALA A 106 1.24 -3.89 2.63
CA ALA A 106 1.39 -2.79 3.55
C ALA A 106 2.78 -2.18 3.42
N TYR A 107 2.85 -0.94 2.98
CA TYR A 107 4.12 -0.28 2.81
C TYR A 107 4.34 0.79 3.88
N ILE A 108 5.59 1.14 4.09
CA ILE A 108 5.95 2.15 5.08
C ILE A 108 6.60 3.35 4.39
N THR A 109 5.98 4.50 4.61
CA THR A 109 6.45 5.76 4.06
C THR A 109 6.58 6.80 5.16
N LYS A 110 7.09 7.97 4.82
CA LYS A 110 7.23 9.05 5.79
C LYS A 110 7.09 10.41 5.13
N ASP A 111 6.07 11.15 5.51
CA ASP A 111 5.87 12.49 4.99
C ASP A 111 6.66 13.48 5.83
N LEU A 112 6.74 14.71 5.38
CA LEU A 112 7.51 15.74 6.08
C LEU A 112 6.85 16.11 7.41
N LYS A 113 5.56 15.85 7.52
CA LYS A 113 4.82 16.11 8.75
C LYS A 113 4.59 14.82 9.52
N SER A 114 5.26 13.76 9.10
CA SER A 114 5.10 12.47 9.70
C SER A 114 6.27 12.11 10.62
N ASN A 115 6.28 12.66 11.83
CA ASN A 115 7.30 12.33 12.82
C ASN A 115 7.23 10.82 13.09
N HIS A 116 6.01 10.32 13.11
CA HIS A 116 5.78 8.89 13.21
C HIS A 116 5.52 8.35 11.81
N HIS A 117 5.93 7.12 11.58
CA HIS A 117 5.76 6.50 10.27
C HIS A 117 4.33 6.06 10.07
N TYR A 118 3.84 6.19 8.85
CA TYR A 118 2.49 5.78 8.53
C TYR A 118 2.49 4.53 7.68
N CYS A 119 1.95 3.47 8.22
CA CYS A 119 1.84 2.22 7.50
C CYS A 119 0.57 2.23 6.69
N HIS A 120 0.71 2.14 5.40
CA HIS A 120 -0.44 2.14 4.53
C HIS A 120 -0.69 0.75 4.00
N VAL A 121 -1.73 0.12 4.52
CA VAL A 121 -2.07 -1.23 4.09
C VAL A 121 -3.35 -1.25 3.27
N PHE A 122 -3.27 -1.90 2.12
CA PHE A 122 -4.37 -1.99 1.20
C PHE A 122 -4.62 -3.43 0.81
N THR A 123 -5.87 -3.82 0.74
CA THR A 123 -6.23 -5.16 0.37
C THR A 123 -6.53 -5.24 -1.12
N ALA A 124 -5.80 -6.06 -1.83
CA ALA A 124 -6.01 -6.22 -3.24
C ALA A 124 -7.10 -7.24 -3.47
N PHE A 125 -7.78 -7.13 -4.61
CA PHE A 125 -8.85 -8.06 -4.92
C PHE A 125 -8.29 -9.32 -5.55
N ASP A 126 -6.99 -9.34 -5.78
CA ASP A 126 -6.33 -10.48 -6.41
C ASP A 126 -4.92 -10.67 -5.84
N VAL A 127 -4.58 -11.93 -5.59
CA VAL A 127 -3.29 -12.29 -5.01
C VAL A 127 -2.11 -11.89 -5.93
N ASN A 128 -2.17 -12.36 -7.17
CA ASN A 128 -1.10 -12.06 -8.15
C ASN A 128 -1.01 -10.56 -8.39
N LEU A 129 -2.15 -9.89 -8.30
CA LEU A 129 -2.21 -8.45 -8.44
C LEU A 129 -1.35 -7.79 -7.36
N ALA A 130 -1.58 -8.19 -6.10
CA ALA A 130 -0.80 -7.67 -4.98
C ALA A 130 0.67 -8.06 -5.13
N ALA A 131 0.90 -9.28 -5.59
CA ALA A 131 2.24 -9.80 -5.80
C ALA A 131 3.00 -8.94 -6.80
N GLU A 132 2.36 -8.59 -7.92
CA GLU A 132 3.01 -7.76 -8.92
C GLU A 132 3.27 -6.37 -8.37
N ILE A 133 2.35 -5.87 -7.54
CA ILE A 133 2.55 -4.56 -6.92
C ILE A 133 3.87 -4.56 -6.13
N ILE A 134 4.07 -5.63 -5.34
CA ILE A 134 5.30 -5.77 -4.57
C ILE A 134 6.52 -5.85 -5.50
N LEU A 135 6.39 -6.63 -6.57
CA LEU A 135 7.46 -6.80 -7.54
C LEU A 135 7.78 -5.46 -8.23
N THR A 136 6.74 -4.73 -8.59
CA THR A 136 6.89 -3.44 -9.25
C THR A 136 7.58 -2.44 -8.32
N LEU A 137 7.23 -2.49 -7.03
CA LEU A 137 7.87 -1.64 -6.04
C LEU A 137 9.35 -1.98 -5.93
N GLY A 138 9.64 -3.28 -5.89
CA GLY A 138 11.02 -3.74 -5.83
C GLY A 138 11.84 -3.24 -7.01
N GLN A 139 11.30 -3.44 -8.20
CA GLN A 139 11.93 -2.96 -9.42
C GLN A 139 12.11 -1.46 -9.36
N ALA A 140 11.09 -0.76 -8.87
CA ALA A 140 11.14 0.68 -8.74
C ALA A 140 12.27 1.11 -7.79
N PHE A 141 12.40 0.39 -6.66
CA PHE A 141 13.45 0.70 -5.69
C PHE A 141 14.83 0.61 -6.32
N GLU A 142 15.09 -0.48 -7.01
CA GLU A 142 16.40 -0.69 -7.61
C GLU A 142 16.64 0.20 -8.83
N VAL A 143 15.65 0.31 -9.72
CA VAL A 143 15.82 1.11 -10.94
C VAL A 143 16.04 2.59 -10.63
N ALA A 144 15.44 3.07 -9.55
CA ALA A 144 15.61 4.45 -9.15
C ALA A 144 16.97 4.67 -8.53
N TYR A 145 17.57 3.58 -8.06
CA TYR A 145 18.87 3.65 -7.43
C TYR A 145 19.99 3.44 -8.45
N GLN A 146 19.64 2.86 -9.60
CA GLN A 146 20.60 2.62 -10.67
C GLN A 146 21.05 3.94 -11.29
N GLU A 12 14.06 4.76 -22.62
CA GLU A 12 13.57 4.49 -21.25
C GLU A 12 12.08 4.19 -21.27
N LYS A 13 11.63 3.33 -20.36
CA LYS A 13 10.24 2.97 -20.28
C LYS A 13 9.49 3.89 -19.33
N LEU A 14 8.31 4.30 -19.74
CA LEU A 14 7.47 5.14 -18.93
C LEU A 14 6.08 4.52 -18.78
N ILE A 15 5.38 4.36 -19.90
CA ILE A 15 4.03 3.79 -19.90
C ILE A 15 4.10 2.28 -19.62
N ALA A 16 5.26 1.70 -19.83
CA ALA A 16 5.45 0.28 -19.62
C ALA A 16 5.78 0.01 -18.16
N GLN A 17 6.42 0.98 -17.51
CA GLN A 17 6.76 0.84 -16.10
C GLN A 17 5.64 1.35 -15.24
N SER A 18 4.77 2.15 -15.82
CA SER A 18 3.63 2.65 -15.08
C SER A 18 2.58 1.56 -14.96
N CYS A 19 2.47 1.01 -13.78
CA CYS A 19 1.55 -0.06 -13.53
C CYS A 19 0.41 0.42 -12.64
N ASP A 20 -0.80 0.06 -13.01
CA ASP A 20 -1.98 0.47 -12.28
C ASP A 20 -2.69 -0.73 -11.68
N TYR A 21 -2.72 -0.78 -10.36
CA TYR A 21 -3.38 -1.90 -9.68
C TYR A 21 -4.42 -1.37 -8.71
N LYS A 22 -5.61 -1.97 -8.72
CA LYS A 22 -6.66 -1.55 -7.81
C LYS A 22 -6.60 -2.33 -6.52
N ALA A 23 -6.42 -1.62 -5.43
CA ALA A 23 -6.39 -2.21 -4.12
C ALA A 23 -7.45 -1.58 -3.27
N ALA A 24 -7.77 -2.17 -2.14
CA ALA A 24 -8.76 -1.61 -1.25
C ALA A 24 -8.07 -0.94 -0.07
N TYR A 25 -8.39 0.34 0.16
CA TYR A 25 -7.77 1.10 1.23
C TYR A 25 -8.28 0.61 2.59
N LEU A 26 -7.54 -0.31 3.20
CA LEU A 26 -7.93 -0.86 4.51
C LEU A 26 -7.71 0.19 5.59
N GLY A 27 -6.47 0.62 5.76
CA GLY A 27 -6.19 1.64 6.74
C GLY A 27 -4.77 2.13 6.71
N SER A 28 -4.50 3.17 7.46
CA SER A 28 -3.17 3.73 7.56
C SER A 28 -2.80 3.93 9.02
N MET A 29 -2.00 3.04 9.55
CA MET A 29 -1.60 3.13 10.94
C MET A 29 -0.41 4.04 11.09
N LEU A 30 -0.25 4.58 12.27
CA LEU A 30 0.85 5.46 12.56
C LEU A 30 1.83 4.73 13.45
N ILE A 31 2.99 4.40 12.92
CA ILE A 31 3.95 3.59 13.65
C ILE A 31 5.24 4.35 13.93
N LYS A 32 5.54 4.54 15.21
CA LYS A 32 6.77 5.19 15.60
C LYS A 32 7.86 4.16 15.88
N GLU A 33 7.47 3.05 16.48
CA GLU A 33 8.39 1.96 16.74
C GLU A 33 8.31 0.93 15.62
N LEU A 34 8.52 1.40 14.40
CA LEU A 34 8.48 0.53 13.24
C LEU A 34 9.65 -0.42 13.24
N ARG A 35 9.38 -1.68 13.02
CA ARG A 35 10.42 -2.69 12.98
C ARG A 35 10.40 -3.42 11.66
N GLY A 36 10.12 -2.67 10.60
CA GLY A 36 10.09 -3.23 9.27
C GLY A 36 8.81 -3.99 8.98
N THR A 37 8.95 -5.24 8.58
CA THR A 37 7.82 -6.09 8.24
C THR A 37 6.96 -6.40 9.46
N GLU A 38 7.51 -6.13 10.63
CA GLU A 38 6.80 -6.33 11.86
C GLU A 38 5.60 -5.40 11.93
N SER A 39 5.85 -4.15 11.57
CA SER A 39 4.83 -3.12 11.62
C SER A 39 3.74 -3.37 10.59
N THR A 40 4.15 -3.81 9.40
CA THR A 40 3.20 -4.08 8.34
C THR A 40 2.30 -5.24 8.72
N GLN A 41 2.89 -6.31 9.26
CA GLN A 41 2.13 -7.47 9.69
C GLN A 41 1.24 -7.11 10.88
N ASP A 42 1.79 -6.31 11.78
CA ASP A 42 1.07 -5.88 12.99
C ASP A 42 -0.24 -5.21 12.63
N ALA A 43 -0.15 -4.14 11.84
CA ALA A 43 -1.33 -3.40 11.41
C ALA A 43 -2.26 -4.27 10.58
N CYS A 44 -1.66 -5.07 9.69
CA CYS A 44 -2.40 -5.96 8.82
C CYS A 44 -3.28 -6.89 9.62
N ALA A 45 -2.66 -7.73 10.45
CA ALA A 45 -3.37 -8.71 11.26
C ALA A 45 -4.36 -8.05 12.20
N LYS A 46 -3.96 -6.92 12.78
CA LYS A 46 -4.79 -6.19 13.72
C LYS A 46 -6.14 -5.85 13.08
N MET A 47 -6.11 -5.16 11.96
CA MET A 47 -7.33 -4.78 11.28
C MET A 47 -7.95 -5.93 10.53
N ARG A 48 -7.14 -6.89 10.13
CA ARG A 48 -7.65 -8.08 9.43
C ARG A 48 -8.57 -8.87 10.36
N ALA A 49 -8.29 -8.80 11.64
CA ALA A 49 -9.12 -9.45 12.64
C ALA A 49 -10.24 -8.51 13.10
N ASN A 50 -9.97 -7.21 13.01
CA ASN A 50 -10.94 -6.19 13.43
C ASN A 50 -12.07 -6.02 12.40
N CYS A 51 -11.73 -6.09 11.11
CA CYS A 51 -12.72 -5.90 10.04
C CYS A 51 -13.84 -6.93 10.13
N GLN A 52 -13.48 -8.16 10.45
CA GLN A 52 -14.46 -9.21 10.62
C GLN A 52 -15.10 -9.11 12.00
N LYS A 53 -16.13 -8.30 12.10
CA LYS A 53 -16.78 -8.04 13.36
C LYS A 53 -18.20 -8.56 13.35
N SER A 54 -18.73 -8.87 14.53
CA SER A 54 -20.11 -9.31 14.65
C SER A 54 -21.05 -8.17 14.30
N THR A 55 -20.56 -6.95 14.44
CA THR A 55 -21.32 -5.77 14.09
C THR A 55 -21.35 -5.62 12.57
N GLU A 56 -22.50 -5.92 11.97
CA GLU A 56 -22.63 -5.85 10.52
C GLU A 56 -22.83 -4.41 10.05
N GLN A 57 -22.74 -3.48 10.98
CA GLN A 57 -22.88 -2.05 10.67
C GLN A 57 -21.53 -1.51 10.16
N MET A 58 -20.54 -2.39 10.12
CA MET A 58 -19.21 -2.03 9.64
C MET A 58 -19.25 -1.59 8.18
N LYS A 59 -18.36 -0.69 7.83
CA LYS A 59 -18.30 -0.15 6.48
C LYS A 59 -17.25 -0.88 5.67
N LYS A 60 -17.44 -0.94 4.36
CA LYS A 60 -16.47 -1.56 3.49
C LYS A 60 -15.39 -0.56 3.11
N VAL A 61 -14.29 -1.07 2.65
CA VAL A 61 -13.16 -0.26 2.27
C VAL A 61 -13.27 0.18 0.80
N PRO A 62 -12.81 1.39 0.46
CA PRO A 62 -12.87 1.92 -0.90
C PRO A 62 -11.73 1.40 -1.77
N THR A 63 -11.95 1.39 -3.06
CA THR A 63 -10.95 0.95 -4.01
C THR A 63 -10.08 2.12 -4.45
N ILE A 64 -8.78 1.89 -4.46
CA ILE A 64 -7.83 2.90 -4.82
C ILE A 64 -6.90 2.37 -5.94
N ILE A 65 -6.74 3.17 -6.98
CA ILE A 65 -5.87 2.80 -8.09
C ILE A 65 -4.44 3.17 -7.79
N LEU A 66 -3.62 2.19 -7.60
CA LEU A 66 -2.23 2.39 -7.32
C LEU A 66 -1.46 2.52 -8.60
N SER A 67 -1.22 3.76 -9.00
CA SER A 67 -0.46 4.04 -10.18
C SER A 67 1.01 4.16 -9.81
N VAL A 68 1.70 3.06 -9.89
CA VAL A 68 3.09 3.00 -9.52
C VAL A 68 4.00 3.09 -10.75
N SER A 69 4.91 4.03 -10.70
CA SER A 69 5.87 4.21 -11.76
C SER A 69 7.26 4.34 -11.16
N ALA A 70 8.29 3.98 -11.93
CA ALA A 70 9.67 4.01 -11.46
C ALA A 70 10.12 5.42 -11.06
N LYS A 71 9.38 6.43 -11.50
CA LYS A 71 9.73 7.82 -11.21
C LYS A 71 8.86 8.40 -10.09
N GLY A 72 7.78 7.71 -9.75
CA GLY A 72 6.87 8.22 -8.73
C GLY A 72 5.60 7.41 -8.65
N VAL A 73 4.86 7.57 -7.56
CA VAL A 73 3.64 6.81 -7.35
C VAL A 73 2.46 7.74 -7.06
N LYS A 74 1.34 7.45 -7.70
CA LYS A 74 0.11 8.21 -7.50
C LYS A 74 -0.98 7.31 -6.94
N PHE A 75 -1.70 7.82 -5.96
CA PHE A 75 -2.77 7.06 -5.34
C PHE A 75 -4.10 7.78 -5.58
N ILE A 76 -4.93 7.21 -6.45
CA ILE A 76 -6.23 7.83 -6.79
C ILE A 76 -7.37 6.91 -6.38
N ASP A 77 -8.45 7.49 -5.90
CA ASP A 77 -9.63 6.74 -5.50
C ASP A 77 -10.47 6.34 -6.72
N ALA A 78 -11.10 5.18 -6.67
CA ALA A 78 -11.90 4.70 -7.79
C ALA A 78 -13.37 5.05 -7.61
N THR A 79 -13.75 5.39 -6.41
CA THR A 79 -15.13 5.70 -6.08
C THR A 79 -15.53 7.09 -6.60
N ASN A 80 -14.81 8.10 -6.17
CA ASN A 80 -15.11 9.48 -6.55
C ASN A 80 -14.02 10.02 -7.46
N LYS A 81 -12.95 9.22 -7.60
CA LYS A 81 -11.77 9.59 -8.39
C LYS A 81 -10.97 10.68 -7.68
N ASN A 82 -11.06 10.65 -6.36
CA ASN A 82 -10.35 11.60 -5.52
C ASN A 82 -8.84 11.38 -5.62
N ILE A 83 -8.11 12.44 -5.88
CA ILE A 83 -6.67 12.36 -5.91
C ILE A 83 -6.16 12.30 -4.46
N ILE A 84 -6.08 11.08 -3.95
CA ILE A 84 -5.71 10.84 -2.57
C ILE A 84 -4.31 11.34 -2.26
N ALA A 85 -3.32 10.89 -2.99
CA ALA A 85 -1.96 11.35 -2.73
C ALA A 85 -1.02 11.11 -3.91
N GLU A 86 0.08 11.83 -3.90
CA GLU A 86 1.14 11.69 -4.89
C GLU A 86 2.46 11.84 -4.19
N HIS A 87 3.40 10.97 -4.49
CA HIS A 87 4.72 11.06 -3.89
C HIS A 87 5.75 10.36 -4.73
N GLU A 88 6.99 10.79 -4.58
CA GLU A 88 8.10 10.15 -5.25
C GLU A 88 8.27 8.75 -4.68
N ILE A 89 8.58 7.80 -5.55
CA ILE A 89 8.69 6.40 -5.15
C ILE A 89 9.77 6.21 -4.04
N ARG A 90 10.77 7.09 -4.03
CA ARG A 90 11.87 6.99 -3.05
C ARG A 90 11.38 7.30 -1.62
N ASN A 91 10.13 7.74 -1.49
CA ASN A 91 9.58 8.07 -0.18
C ASN A 91 9.02 6.80 0.48
N ILE A 92 8.87 5.74 -0.30
CA ILE A 92 8.41 4.48 0.23
C ILE A 92 9.58 3.74 0.85
N SER A 93 9.62 3.73 2.16
CA SER A 93 10.73 3.15 2.90
C SER A 93 10.73 1.63 2.83
N CYS A 94 9.55 1.01 2.94
CA CYS A 94 9.48 -0.44 2.93
C CYS A 94 8.16 -0.93 2.37
N ALA A 95 8.17 -2.12 1.78
CA ALA A 95 6.99 -2.74 1.23
C ALA A 95 6.91 -4.19 1.68
N ALA A 96 5.82 -4.56 2.30
CA ALA A 96 5.66 -5.91 2.80
C ALA A 96 4.23 -6.42 2.62
N GLN A 97 4.01 -7.68 2.90
CA GLN A 97 2.69 -8.27 2.79
C GLN A 97 2.45 -9.25 3.94
N ASP A 98 1.22 -9.69 4.10
CA ASP A 98 0.87 -10.59 5.19
C ASP A 98 1.46 -11.99 4.96
N PRO A 99 2.03 -12.61 6.01
CA PRO A 99 2.66 -13.93 5.91
C PRO A 99 1.68 -15.05 5.53
N GLU A 100 0.47 -15.01 6.07
CA GLU A 100 -0.51 -16.06 5.82
C GLU A 100 -1.50 -15.67 4.73
N ASP A 101 -1.83 -14.40 4.67
CA ASP A 101 -2.73 -13.91 3.64
C ASP A 101 -1.96 -13.17 2.58
N LEU A 102 -1.81 -13.80 1.44
CA LEU A 102 -1.01 -13.22 0.36
C LEU A 102 -1.83 -12.24 -0.47
N SER A 103 -2.98 -11.85 0.03
CA SER A 103 -3.85 -10.93 -0.68
C SER A 103 -3.86 -9.57 0.02
N THR A 104 -3.15 -9.46 1.12
CA THR A 104 -3.06 -8.22 1.86
C THR A 104 -1.62 -7.73 1.92
N PHE A 105 -1.43 -6.46 1.65
CA PHE A 105 -0.10 -5.88 1.65
C PHE A 105 -0.08 -4.56 2.38
N ALA A 106 1.09 -4.17 2.83
CA ALA A 106 1.25 -2.92 3.54
C ALA A 106 2.62 -2.33 3.28
N TYR A 107 2.66 -1.05 3.05
CA TYR A 107 3.92 -0.39 2.80
C TYR A 107 4.15 0.74 3.78
N ILE A 108 5.39 0.86 4.22
CA ILE A 108 5.78 1.90 5.14
C ILE A 108 6.30 3.08 4.35
N THR A 109 5.63 4.19 4.52
CA THR A 109 5.92 5.39 3.75
C THR A 109 6.49 6.50 4.62
N LYS A 110 7.47 7.20 4.09
CA LYS A 110 8.09 8.32 4.78
C LYS A 110 7.36 9.60 4.44
N ASP A 111 6.55 10.09 5.36
CA ASP A 111 5.80 11.32 5.14
C ASP A 111 6.43 12.48 5.90
N LEU A 112 7.22 13.26 5.19
CA LEU A 112 7.95 14.37 5.79
C LEU A 112 7.01 15.48 6.25
N LYS A 113 5.77 15.44 5.80
CA LYS A 113 4.79 16.43 6.22
C LYS A 113 4.34 16.18 7.65
N SER A 114 4.39 14.93 8.07
CA SER A 114 3.97 14.58 9.41
C SER A 114 5.16 14.15 10.25
N ASN A 115 6.23 13.70 9.57
CA ASN A 115 7.48 13.24 10.20
C ASN A 115 7.30 11.84 10.81
N HIS A 116 6.15 11.61 11.40
CA HIS A 116 5.82 10.32 11.99
C HIS A 116 5.53 9.31 10.87
N HIS A 117 6.20 8.16 10.93
CA HIS A 117 6.07 7.12 9.89
C HIS A 117 4.65 6.55 9.80
N TYR A 118 4.12 6.51 8.58
CA TYR A 118 2.81 5.95 8.31
C TYR A 118 2.94 4.56 7.70
N CYS A 119 2.02 3.70 8.04
CA CYS A 119 1.97 2.37 7.47
C CYS A 119 0.64 2.19 6.77
N HIS A 120 0.67 2.21 5.44
CA HIS A 120 -0.55 2.10 4.66
C HIS A 120 -0.76 0.67 4.23
N VAL A 121 -1.76 0.04 4.81
CA VAL A 121 -2.08 -1.34 4.49
C VAL A 121 -3.35 -1.42 3.67
N PHE A 122 -3.25 -2.11 2.54
CA PHE A 122 -4.37 -2.25 1.63
C PHE A 122 -4.65 -3.71 1.36
N THR A 123 -5.90 -4.03 1.13
CA THR A 123 -6.29 -5.38 0.82
C THR A 123 -6.52 -5.53 -0.67
N ALA A 124 -5.77 -6.40 -1.29
CA ALA A 124 -5.93 -6.63 -2.71
C ALA A 124 -7.08 -7.58 -2.94
N PHE A 125 -7.72 -7.46 -4.07
CA PHE A 125 -8.87 -8.32 -4.38
C PHE A 125 -8.39 -9.62 -5.00
N ASP A 126 -7.08 -9.85 -4.97
CA ASP A 126 -6.48 -11.03 -5.56
C ASP A 126 -5.02 -11.19 -5.11
N VAL A 127 -4.60 -12.43 -4.88
CA VAL A 127 -3.24 -12.75 -4.43
C VAL A 127 -2.20 -12.32 -5.48
N ASN A 128 -2.44 -12.71 -6.72
CA ASN A 128 -1.53 -12.36 -7.81
C ASN A 128 -1.43 -10.85 -7.94
N LEU A 129 -2.58 -10.19 -7.85
CA LEU A 129 -2.64 -8.72 -7.91
C LEU A 129 -1.74 -8.11 -6.84
N ALA A 130 -1.84 -8.62 -5.62
CA ALA A 130 -1.02 -8.15 -4.51
C ALA A 130 0.46 -8.35 -4.80
N ALA A 131 0.79 -9.54 -5.32
CA ALA A 131 2.16 -9.87 -5.67
C ALA A 131 2.70 -8.94 -6.75
N GLU A 132 1.85 -8.62 -7.72
CA GLU A 132 2.21 -7.69 -8.80
C GLU A 132 2.58 -6.33 -8.22
N ILE A 133 1.75 -5.85 -7.31
CA ILE A 133 2.00 -4.57 -6.65
C ILE A 133 3.34 -4.56 -5.94
N ILE A 134 3.56 -5.56 -5.08
CA ILE A 134 4.82 -5.67 -4.33
C ILE A 134 6.01 -5.75 -5.28
N LEU A 135 5.87 -6.56 -6.32
CA LEU A 135 6.93 -6.73 -7.32
C LEU A 135 7.26 -5.39 -7.97
N THR A 136 6.23 -4.69 -8.42
CA THR A 136 6.43 -3.42 -9.08
C THR A 136 7.02 -2.37 -8.13
N LEU A 137 6.49 -2.31 -6.91
CA LEU A 137 7.01 -1.38 -5.90
C LEU A 137 8.48 -1.67 -5.61
N GLY A 138 8.79 -2.95 -5.39
CA GLY A 138 10.15 -3.36 -5.11
C GLY A 138 11.09 -3.06 -6.25
N GLN A 139 10.66 -3.38 -7.47
CA GLN A 139 11.44 -3.13 -8.66
C GLN A 139 11.67 -1.64 -8.85
N ALA A 140 10.62 -0.85 -8.66
CA ALA A 140 10.70 0.59 -8.80
C ALA A 140 11.66 1.18 -7.77
N PHE A 141 11.55 0.70 -6.54
CA PHE A 141 12.42 1.17 -5.47
C PHE A 141 13.86 0.74 -5.72
N GLU A 142 14.02 -0.47 -6.26
CA GLU A 142 15.32 -0.99 -6.60
C GLU A 142 16.02 -0.13 -7.64
N VAL A 143 15.33 0.11 -8.76
CA VAL A 143 15.89 0.91 -9.84
C VAL A 143 16.04 2.38 -9.41
N ALA A 144 15.23 2.81 -8.45
CA ALA A 144 15.31 4.16 -7.94
C ALA A 144 16.57 4.34 -7.10
N TYR A 145 16.88 3.30 -6.31
CA TYR A 145 18.07 3.30 -5.46
C TYR A 145 19.33 3.21 -6.33
N GLN A 146 19.16 2.67 -7.52
CA GLN A 146 20.25 2.55 -8.47
C GLN A 146 20.37 3.83 -9.29
N GLU A 12 -3.55 4.76 -15.43
CA GLU A 12 -4.39 3.78 -16.16
C GLU A 12 -3.64 3.23 -17.37
N LYS A 13 -2.32 3.35 -17.34
CA LYS A 13 -1.49 2.91 -18.43
C LYS A 13 -0.20 2.29 -17.88
N LEU A 14 -0.29 1.03 -17.51
CA LEU A 14 0.84 0.33 -16.91
C LEU A 14 1.97 0.05 -17.91
N ILE A 15 1.63 0.00 -19.19
CA ILE A 15 2.61 -0.31 -20.23
C ILE A 15 3.80 0.66 -20.19
N ALA A 16 3.57 1.88 -19.72
CA ALA A 16 4.61 2.87 -19.68
C ALA A 16 5.26 2.96 -18.32
N GLN A 17 6.06 1.94 -18.01
CA GLN A 17 6.87 1.89 -16.77
C GLN A 17 6.01 2.04 -15.52
N SER A 18 4.74 1.65 -15.61
CA SER A 18 3.84 1.81 -14.49
C SER A 18 3.08 0.52 -14.20
N CYS A 19 2.26 0.57 -13.16
CA CYS A 19 1.41 -0.54 -12.79
C CYS A 19 0.18 -0.01 -12.07
N ASP A 20 -0.94 -0.06 -12.76
CA ASP A 20 -2.22 0.42 -12.22
C ASP A 20 -3.06 -0.73 -11.75
N TYR A 21 -3.41 -0.74 -10.48
CA TYR A 21 -4.24 -1.80 -9.92
C TYR A 21 -5.34 -1.24 -9.03
N LYS A 22 -6.47 -1.92 -8.99
CA LYS A 22 -7.57 -1.50 -8.15
C LYS A 22 -7.59 -2.31 -6.86
N ALA A 23 -7.23 -1.69 -5.78
CA ALA A 23 -7.21 -2.34 -4.49
C ALA A 23 -8.20 -1.67 -3.56
N ALA A 24 -8.37 -2.21 -2.39
CA ALA A 24 -9.27 -1.64 -1.44
C ALA A 24 -8.52 -0.84 -0.38
N TYR A 25 -8.97 0.39 -0.14
CA TYR A 25 -8.34 1.27 0.83
C TYR A 25 -8.65 0.80 2.25
N LEU A 26 -7.70 0.11 2.87
CA LEU A 26 -7.89 -0.37 4.23
C LEU A 26 -7.55 0.74 5.23
N GLY A 27 -6.27 1.15 5.28
CA GLY A 27 -5.92 2.24 6.18
C GLY A 27 -4.44 2.54 6.21
N SER A 28 -4.11 3.72 6.71
CA SER A 28 -2.74 4.15 6.86
C SER A 28 -2.46 4.33 8.34
N MET A 29 -1.56 3.53 8.87
CA MET A 29 -1.29 3.55 10.30
C MET A 29 0.15 3.94 10.58
N LEU A 30 0.33 4.80 11.56
CA LEU A 30 1.65 5.27 11.92
C LEU A 30 2.28 4.38 12.96
N ILE A 31 3.46 3.87 12.65
CA ILE A 31 4.15 2.99 13.55
C ILE A 31 5.19 3.78 14.34
N LYS A 32 5.28 3.50 15.63
CA LYS A 32 6.20 4.22 16.49
C LYS A 32 7.62 3.72 16.26
N GLU A 33 7.79 2.42 16.32
CA GLU A 33 9.08 1.81 16.08
C GLU A 33 8.95 0.80 14.96
N LEU A 34 9.41 1.19 13.78
CA LEU A 34 9.33 0.35 12.60
C LEU A 34 10.28 -0.82 12.72
N ARG A 35 9.74 -2.02 12.81
CA ARG A 35 10.54 -3.21 12.92
C ARG A 35 10.27 -4.17 11.77
N GLY A 36 10.99 -3.96 10.68
CA GLY A 36 10.87 -4.81 9.50
C GLY A 36 9.44 -5.00 9.02
N THR A 37 9.07 -6.26 8.83
CA THR A 37 7.73 -6.58 8.37
C THR A 37 6.84 -6.99 9.56
N GLU A 38 7.36 -6.82 10.76
CA GLU A 38 6.62 -7.11 11.95
C GLU A 38 5.57 -6.05 12.16
N SER A 39 5.98 -4.81 12.01
CA SER A 39 5.09 -3.67 12.11
C SER A 39 3.94 -3.77 11.11
N THR A 40 4.26 -4.17 9.87
CA THR A 40 3.25 -4.32 8.85
C THR A 40 2.28 -5.42 9.21
N GLN A 41 2.82 -6.55 9.68
CA GLN A 41 1.99 -7.69 10.11
C GLN A 41 1.12 -7.30 11.31
N ASP A 42 1.71 -6.57 12.23
CA ASP A 42 1.00 -6.07 13.42
C ASP A 42 -0.25 -5.31 13.01
N ALA A 43 -0.03 -4.25 12.24
CA ALA A 43 -1.11 -3.41 11.76
C ALA A 43 -2.09 -4.21 10.91
N CYS A 44 -1.56 -5.03 10.00
CA CYS A 44 -2.36 -5.83 9.10
C CYS A 44 -3.32 -6.76 9.86
N ALA A 45 -2.75 -7.59 10.72
CA ALA A 45 -3.53 -8.57 11.47
C ALA A 45 -4.59 -7.90 12.35
N LYS A 46 -4.17 -6.90 13.10
CA LYS A 46 -5.08 -6.20 13.99
C LYS A 46 -6.16 -5.43 13.22
N MET A 47 -5.77 -4.85 12.10
CA MET A 47 -6.70 -4.05 11.30
C MET A 47 -7.73 -4.95 10.61
N ARG A 48 -7.28 -6.05 10.02
CA ARG A 48 -8.20 -6.96 9.35
C ARG A 48 -9.16 -7.56 10.37
N ALA A 49 -8.64 -7.83 11.57
CA ALA A 49 -9.45 -8.38 12.65
C ALA A 49 -10.56 -7.40 13.02
N ASN A 50 -10.21 -6.13 13.09
CA ASN A 50 -11.17 -5.09 13.41
C ASN A 50 -12.11 -4.84 12.23
N CYS A 51 -11.61 -5.05 11.02
CA CYS A 51 -12.38 -4.82 9.78
C CYS A 51 -13.51 -5.84 9.62
N GLN A 52 -13.48 -6.88 10.41
CA GLN A 52 -14.49 -7.91 10.36
C GLN A 52 -15.18 -8.05 11.72
N LYS A 53 -15.11 -7.00 12.52
CA LYS A 53 -15.68 -7.01 13.86
C LYS A 53 -16.39 -5.69 14.16
N SER A 54 -17.72 -5.69 13.99
CA SER A 54 -18.56 -4.54 14.29
C SER A 54 -18.17 -3.35 13.40
N THR A 55 -17.98 -3.62 12.13
CA THR A 55 -17.60 -2.61 11.19
C THR A 55 -18.54 -2.62 9.97
N GLU A 56 -19.80 -2.23 10.20
CA GLU A 56 -20.79 -2.19 9.12
C GLU A 56 -20.46 -1.13 8.08
N GLN A 57 -20.00 0.02 8.56
CA GLN A 57 -19.66 1.14 7.69
C GLN A 57 -18.33 0.88 7.00
N MET A 58 -17.35 0.51 7.80
CA MET A 58 -15.98 0.28 7.34
C MET A 58 -15.85 -0.99 6.48
N LYS A 59 -16.85 -1.87 6.56
CA LYS A 59 -16.83 -3.11 5.78
C LYS A 59 -16.63 -2.84 4.30
N LYS A 60 -17.27 -1.81 3.79
CA LYS A 60 -17.14 -1.47 2.40
C LYS A 60 -16.08 -0.41 2.22
N VAL A 61 -14.85 -0.84 2.11
CA VAL A 61 -13.75 0.07 1.89
C VAL A 61 -13.67 0.44 0.42
N PRO A 62 -13.55 1.75 0.12
CA PRO A 62 -13.54 2.26 -1.25
C PRO A 62 -12.40 1.70 -2.08
N THR A 63 -12.71 1.36 -3.33
CA THR A 63 -11.71 0.88 -4.25
C THR A 63 -10.84 2.04 -4.71
N ILE A 64 -9.55 1.84 -4.68
CA ILE A 64 -8.61 2.87 -5.03
C ILE A 64 -7.65 2.35 -6.11
N ILE A 65 -7.39 3.19 -7.09
CA ILE A 65 -6.49 2.84 -8.17
C ILE A 65 -5.06 3.20 -7.81
N LEU A 66 -4.29 2.19 -7.55
CA LEU A 66 -2.90 2.36 -7.19
C LEU A 66 -2.05 2.41 -8.43
N SER A 67 -1.62 3.61 -8.80
CA SER A 67 -0.76 3.77 -9.94
C SER A 67 0.68 3.93 -9.49
N VAL A 68 1.41 2.85 -9.54
CA VAL A 68 2.81 2.87 -9.16
C VAL A 68 3.70 2.93 -10.38
N SER A 69 4.62 3.86 -10.40
CA SER A 69 5.52 4.01 -11.51
C SER A 69 6.95 4.07 -11.00
N ALA A 70 7.90 3.89 -11.91
CA ALA A 70 9.32 3.92 -11.55
C ALA A 70 9.77 5.28 -11.04
N LYS A 71 8.92 6.30 -11.18
CA LYS A 71 9.26 7.63 -10.74
C LYS A 71 8.40 8.09 -9.56
N GLY A 72 7.57 7.20 -9.04
CA GLY A 72 6.73 7.58 -7.94
C GLY A 72 5.40 6.86 -7.93
N VAL A 73 4.55 7.20 -7.00
CA VAL A 73 3.26 6.56 -6.87
C VAL A 73 2.13 7.58 -6.76
N LYS A 74 1.07 7.32 -7.48
CA LYS A 74 -0.10 8.18 -7.42
C LYS A 74 -1.33 7.33 -7.11
N PHE A 75 -1.84 7.52 -5.92
CA PHE A 75 -3.00 6.78 -5.46
C PHE A 75 -4.26 7.58 -5.72
N ILE A 76 -5.01 7.14 -6.72
CA ILE A 76 -6.20 7.83 -7.20
C ILE A 76 -7.47 7.05 -6.87
N ASP A 77 -8.55 7.76 -6.61
CA ASP A 77 -9.82 7.13 -6.30
C ASP A 77 -10.41 6.48 -7.55
N ALA A 78 -11.09 5.35 -7.38
CA ALA A 78 -11.62 4.62 -8.53
C ALA A 78 -13.01 5.10 -8.95
N THR A 79 -13.70 5.79 -8.07
CA THR A 79 -15.05 6.24 -8.36
C THR A 79 -15.07 7.69 -8.85
N ASN A 80 -14.41 8.57 -8.13
CA ASN A 80 -14.40 9.99 -8.47
C ASN A 80 -13.12 10.35 -9.20
N LYS A 81 -12.15 9.42 -9.20
CA LYS A 81 -10.84 9.65 -9.81
C LYS A 81 -10.12 10.78 -9.09
N ASN A 82 -10.45 10.93 -7.82
CA ASN A 82 -9.88 11.97 -6.97
C ASN A 82 -8.47 11.59 -6.56
N ILE A 83 -7.55 12.53 -6.64
CA ILE A 83 -6.20 12.28 -6.18
C ILE A 83 -6.18 12.20 -4.65
N ILE A 84 -5.98 11.01 -4.14
CA ILE A 84 -6.01 10.78 -2.72
C ILE A 84 -4.63 10.94 -2.11
N ALA A 85 -3.67 10.23 -2.65
CA ALA A 85 -2.31 10.31 -2.13
C ALA A 85 -1.28 10.20 -3.24
N GLU A 86 -0.59 11.28 -3.51
CA GLU A 86 0.45 11.31 -4.53
C GLU A 86 1.78 11.59 -3.86
N HIS A 87 2.72 10.66 -4.01
CA HIS A 87 4.04 10.77 -3.40
C HIS A 87 5.10 10.18 -4.29
N GLU A 88 6.28 10.73 -4.24
CA GLU A 88 7.40 10.15 -4.95
C GLU A 88 7.82 8.87 -4.24
N ILE A 89 8.44 7.96 -4.96
CA ILE A 89 8.87 6.70 -4.38
C ILE A 89 9.99 6.94 -3.36
N ARG A 90 10.57 8.13 -3.42
CA ARG A 90 11.62 8.53 -2.49
C ARG A 90 11.07 8.61 -1.06
N ASN A 91 9.75 8.78 -0.95
CA ASN A 91 9.10 8.89 0.35
C ASN A 91 8.76 7.49 0.89
N ILE A 92 8.97 6.48 0.07
CA ILE A 92 8.72 5.12 0.47
C ILE A 92 10.04 4.47 0.90
N SER A 93 9.99 3.67 1.95
CA SER A 93 11.20 3.04 2.45
C SER A 93 11.17 1.52 2.25
N CYS A 94 9.99 0.92 2.36
CA CYS A 94 9.87 -0.51 2.21
C CYS A 94 8.48 -0.91 1.73
N ALA A 95 8.34 -2.15 1.29
CA ALA A 95 7.08 -2.67 0.82
C ALA A 95 6.94 -4.12 1.24
N ALA A 96 6.01 -4.40 2.12
CA ALA A 96 5.82 -5.74 2.63
C ALA A 96 4.41 -6.23 2.40
N GLN A 97 4.18 -7.49 2.68
CA GLN A 97 2.88 -8.10 2.51
C GLN A 97 2.57 -9.00 3.70
N ASP A 98 1.39 -9.58 3.70
CA ASP A 98 0.99 -10.46 4.78
C ASP A 98 1.40 -11.91 4.47
N PRO A 99 2.05 -12.58 5.43
CA PRO A 99 2.54 -13.96 5.27
C PRO A 99 1.42 -15.00 5.05
N GLU A 100 0.29 -14.83 5.73
CA GLU A 100 -0.80 -15.80 5.64
C GLU A 100 -1.79 -15.42 4.56
N ASP A 101 -2.04 -14.16 4.41
CA ASP A 101 -2.94 -13.66 3.39
C ASP A 101 -2.17 -12.81 2.40
N LEU A 102 -1.74 -13.43 1.31
CA LEU A 102 -0.94 -12.75 0.29
C LEU A 102 -1.80 -11.84 -0.59
N SER A 103 -2.98 -11.51 -0.11
CA SER A 103 -3.86 -10.63 -0.82
C SER A 103 -3.90 -9.27 -0.11
N THR A 104 -3.15 -9.18 0.97
CA THR A 104 -3.06 -7.96 1.73
C THR A 104 -1.61 -7.48 1.77
N PHE A 105 -1.39 -6.24 1.39
CA PHE A 105 -0.05 -5.70 1.36
C PHE A 105 0.03 -4.36 2.07
N ALA A 106 1.19 -4.05 2.60
CA ALA A 106 1.39 -2.81 3.33
C ALA A 106 2.76 -2.24 3.04
N TYR A 107 2.79 -1.08 2.43
CA TYR A 107 4.04 -0.43 2.13
C TYR A 107 4.39 0.55 3.25
N ILE A 108 5.66 0.72 3.47
CA ILE A 108 6.13 1.56 4.54
C ILE A 108 6.73 2.84 3.97
N THR A 109 6.24 3.95 4.44
CA THR A 109 6.70 5.26 4.00
C THR A 109 7.33 6.04 5.14
N LYS A 110 8.25 6.90 4.81
CA LYS A 110 8.92 7.73 5.78
C LYS A 110 8.61 9.20 5.54
N ASP A 111 7.46 9.62 6.01
CA ASP A 111 7.01 10.99 5.82
C ASP A 111 7.84 11.96 6.66
N LEU A 112 8.54 12.85 5.96
CA LEU A 112 9.45 13.81 6.59
C LEU A 112 8.75 14.71 7.63
N LYS A 113 7.42 14.80 7.58
CA LYS A 113 6.70 15.64 8.52
C LYS A 113 6.22 14.82 9.71
N SER A 114 6.08 13.53 9.51
CA SER A 114 5.60 12.64 10.55
C SER A 114 6.74 12.06 11.36
N ASN A 115 7.94 12.01 10.75
CA ASN A 115 9.16 11.48 11.39
C ASN A 115 9.11 9.94 11.46
N HIS A 116 8.05 9.41 12.05
CA HIS A 116 7.88 7.98 12.17
C HIS A 116 7.36 7.39 10.86
N HIS A 117 7.49 6.09 10.72
CA HIS A 117 7.11 5.42 9.48
C HIS A 117 5.61 5.14 9.41
N TYR A 118 5.03 5.50 8.28
CA TYR A 118 3.63 5.27 8.01
C TYR A 118 3.46 3.99 7.21
N CYS A 119 2.75 3.05 7.76
CA CYS A 119 2.49 1.81 7.07
C CYS A 119 1.09 1.84 6.51
N HIS A 120 0.99 1.99 5.22
CA HIS A 120 -0.29 2.03 4.57
C HIS A 120 -0.63 0.68 4.00
N VAL A 121 -1.68 0.10 4.52
CA VAL A 121 -2.09 -1.22 4.11
C VAL A 121 -3.30 -1.16 3.20
N PHE A 122 -3.21 -1.90 2.11
CA PHE A 122 -4.27 -2.01 1.15
C PHE A 122 -4.64 -3.47 0.97
N THR A 123 -5.91 -3.73 0.85
CA THR A 123 -6.38 -5.07 0.64
C THR A 123 -6.66 -5.29 -0.83
N ALA A 124 -5.90 -6.18 -1.43
CA ALA A 124 -6.08 -6.48 -2.83
C ALA A 124 -7.19 -7.47 -3.00
N PHE A 125 -7.79 -7.47 -4.16
CA PHE A 125 -8.87 -8.38 -4.45
C PHE A 125 -8.32 -9.66 -5.07
N ASP A 126 -6.99 -9.77 -5.11
CA ASP A 126 -6.34 -10.95 -5.69
C ASP A 126 -4.87 -11.04 -5.27
N VAL A 127 -4.40 -12.27 -5.09
CA VAL A 127 -3.02 -12.52 -4.66
C VAL A 127 -2.01 -12.07 -5.71
N ASN A 128 -2.27 -12.41 -6.98
CA ASN A 128 -1.37 -12.03 -8.08
C ASN A 128 -1.24 -10.53 -8.12
N LEU A 129 -2.37 -9.86 -7.92
CA LEU A 129 -2.44 -8.41 -7.91
C LEU A 129 -1.49 -7.85 -6.84
N ALA A 130 -1.65 -8.34 -5.61
CA ALA A 130 -0.82 -7.90 -4.50
C ALA A 130 0.66 -8.19 -4.75
N ALA A 131 0.95 -9.40 -5.22
CA ALA A 131 2.31 -9.82 -5.51
C ALA A 131 2.96 -8.92 -6.56
N GLU A 132 2.19 -8.57 -7.60
CA GLU A 132 2.69 -7.69 -8.66
C GLU A 132 3.08 -6.34 -8.08
N ILE A 133 2.19 -5.77 -7.27
CA ILE A 133 2.46 -4.48 -6.65
C ILE A 133 3.74 -4.50 -5.82
N ILE A 134 3.92 -5.55 -5.02
CA ILE A 134 5.13 -5.70 -4.21
C ILE A 134 6.37 -5.77 -5.10
N LEU A 135 6.24 -6.49 -6.21
CA LEU A 135 7.33 -6.62 -7.17
C LEU A 135 7.66 -5.26 -7.79
N THR A 136 6.63 -4.58 -8.27
CA THR A 136 6.79 -3.26 -8.89
C THR A 136 7.43 -2.26 -7.93
N LEU A 137 6.88 -2.16 -6.72
CA LEU A 137 7.42 -1.24 -5.70
C LEU A 137 8.88 -1.53 -5.40
N GLY A 138 9.20 -2.80 -5.16
CA GLY A 138 10.56 -3.18 -4.84
C GLY A 138 11.55 -2.84 -5.94
N GLN A 139 11.23 -3.20 -7.16
CA GLN A 139 12.11 -2.96 -8.28
C GLN A 139 12.22 -1.47 -8.60
N ALA A 140 11.12 -0.75 -8.44
CA ALA A 140 11.11 0.69 -8.69
C ALA A 140 11.97 1.42 -7.67
N PHE A 141 11.91 0.99 -6.42
CA PHE A 141 12.72 1.60 -5.37
C PHE A 141 14.18 1.20 -5.54
N GLU A 142 14.38 0.00 -6.07
CA GLU A 142 15.71 -0.52 -6.29
C GLU A 142 16.44 0.27 -7.38
N VAL A 143 15.74 0.56 -8.48
CA VAL A 143 16.34 1.33 -9.58
C VAL A 143 16.60 2.77 -9.13
N ALA A 144 15.86 3.21 -8.12
CA ALA A 144 16.04 4.54 -7.56
C ALA A 144 17.27 4.57 -6.65
N TYR A 145 17.68 3.39 -6.18
CA TYR A 145 18.86 3.25 -5.35
C TYR A 145 20.11 3.18 -6.23
N GLN A 146 19.94 2.62 -7.41
CA GLN A 146 21.03 2.46 -8.36
C GLN A 146 21.54 3.83 -8.83
N GLU A 12 -1.64 11.07 -20.61
CA GLU A 12 -2.95 10.53 -21.03
C GLU A 12 -3.22 9.22 -20.29
N LYS A 13 -2.39 8.23 -20.59
CA LYS A 13 -2.47 6.94 -19.93
C LYS A 13 -1.07 6.51 -19.55
N LEU A 14 -0.84 6.36 -18.26
CA LEU A 14 0.47 5.98 -17.76
C LEU A 14 0.59 4.46 -17.61
N ILE A 15 -0.37 3.76 -18.18
CA ILE A 15 -0.43 2.29 -18.08
C ILE A 15 0.82 1.60 -18.69
N ALA A 16 1.58 2.32 -19.50
CA ALA A 16 2.76 1.75 -20.15
C ALA A 16 4.04 2.19 -19.44
N GLN A 17 3.91 3.15 -18.55
CA GLN A 17 5.06 3.67 -17.81
C GLN A 17 4.88 3.45 -16.32
N SER A 18 3.76 2.85 -15.97
CA SER A 18 3.43 2.52 -14.60
C SER A 18 2.30 1.53 -14.59
N CYS A 19 2.14 0.79 -13.51
CA CYS A 19 1.06 -0.15 -13.43
C CYS A 19 -0.08 0.44 -12.63
N ASP A 20 -1.22 0.58 -13.29
CA ASP A 20 -2.41 1.19 -12.70
C ASP A 20 -3.47 0.12 -12.47
N TYR A 21 -3.84 -0.08 -11.21
CA TYR A 21 -4.85 -1.07 -10.85
C TYR A 21 -5.76 -0.51 -9.77
N LYS A 22 -6.74 -1.29 -9.35
CA LYS A 22 -7.63 -0.86 -8.29
C LYS A 22 -7.48 -1.75 -7.08
N ALA A 23 -7.01 -1.18 -6.01
CA ALA A 23 -6.85 -1.88 -4.75
C ALA A 23 -7.95 -1.44 -3.80
N ALA A 24 -8.07 -2.09 -2.69
CA ALA A 24 -9.07 -1.74 -1.72
C ALA A 24 -8.43 -1.09 -0.50
N TYR A 25 -8.87 0.12 -0.17
CA TYR A 25 -8.36 0.86 0.98
C TYR A 25 -8.77 0.14 2.25
N LEU A 26 -7.86 -0.63 2.83
CA LEU A 26 -8.17 -1.36 4.04
C LEU A 26 -7.96 -0.48 5.25
N GLY A 27 -6.76 0.08 5.39
CA GLY A 27 -6.51 0.93 6.54
C GLY A 27 -5.18 1.63 6.51
N SER A 28 -5.08 2.69 7.27
CA SER A 28 -3.85 3.45 7.40
C SER A 28 -3.56 3.70 8.88
N MET A 29 -2.52 3.07 9.39
CA MET A 29 -2.20 3.17 10.81
C MET A 29 -0.91 3.91 11.01
N LEU A 30 -0.84 4.66 12.08
CA LEU A 30 0.34 5.41 12.42
C LEU A 30 1.04 4.74 13.58
N ILE A 31 2.29 4.35 13.35
CA ILE A 31 3.06 3.70 14.39
C ILE A 31 3.92 4.71 15.11
N LYS A 32 3.89 4.67 16.43
CA LYS A 32 4.66 5.60 17.25
C LYS A 32 6.16 5.50 16.95
N GLU A 33 6.69 4.28 16.96
CA GLU A 33 8.09 4.05 16.67
C GLU A 33 8.31 2.60 16.29
N LEU A 34 8.87 2.38 15.11
CA LEU A 34 9.13 1.04 14.61
C LEU A 34 9.86 1.12 13.27
N ARG A 35 10.84 0.25 13.08
CA ARG A 35 11.58 0.20 11.83
C ARG A 35 11.40 -1.17 11.15
N GLY A 36 10.87 -1.17 9.93
CA GLY A 36 10.76 -2.42 9.20
C GLY A 36 9.33 -2.93 9.00
N THR A 37 9.22 -4.23 8.73
CA THR A 37 7.96 -4.89 8.41
C THR A 37 7.12 -5.19 9.65
N GLU A 38 7.71 -5.08 10.85
CA GLU A 38 6.96 -5.30 12.09
C GLU A 38 5.70 -4.45 12.13
N SER A 39 5.81 -3.27 11.55
CA SER A 39 4.69 -2.34 11.43
C SER A 39 3.51 -3.00 10.71
N THR A 40 3.79 -3.64 9.58
CA THR A 40 2.74 -4.26 8.79
C THR A 40 2.17 -5.46 9.55
N GLN A 41 3.05 -6.23 10.18
CA GLN A 41 2.64 -7.41 10.93
C GLN A 41 1.64 -7.03 12.02
N ASP A 42 1.98 -6.00 12.79
CA ASP A 42 1.12 -5.53 13.88
C ASP A 42 -0.18 -4.95 13.33
N ALA A 43 -0.04 -4.04 12.37
CA ALA A 43 -1.20 -3.40 11.76
C ALA A 43 -2.13 -4.41 11.15
N CYS A 44 -1.58 -5.28 10.31
CA CYS A 44 -2.38 -6.29 9.63
C CYS A 44 -3.13 -7.13 10.64
N ALA A 45 -2.42 -7.69 11.62
CA ALA A 45 -3.04 -8.53 12.63
C ALA A 45 -4.20 -7.82 13.34
N LYS A 46 -3.89 -6.70 13.98
CA LYS A 46 -4.87 -5.96 14.77
C LYS A 46 -6.00 -5.39 13.90
N MET A 47 -5.62 -4.64 12.89
CA MET A 47 -6.59 -3.98 12.03
C MET A 47 -7.46 -4.97 11.25
N ARG A 48 -6.88 -6.12 10.85
CA ARG A 48 -7.69 -7.14 10.18
C ARG A 48 -8.71 -7.66 11.18
N ALA A 49 -8.23 -7.97 12.39
CA ALA A 49 -9.08 -8.48 13.47
C ALA A 49 -10.04 -7.41 13.98
N ASN A 50 -9.78 -6.17 13.59
CA ASN A 50 -10.66 -5.06 13.94
C ASN A 50 -11.79 -4.96 12.93
N CYS A 51 -11.43 -5.02 11.66
CA CYS A 51 -12.38 -4.89 10.57
C CYS A 51 -13.11 -6.22 10.27
N GLN A 52 -12.44 -7.09 9.52
CA GLN A 52 -13.04 -8.34 9.07
C GLN A 52 -12.44 -9.54 9.79
N LYS A 53 -13.21 -10.14 10.68
CA LYS A 53 -12.75 -11.28 11.45
C LYS A 53 -13.88 -12.24 11.79
N SER A 54 -15.13 -11.80 11.55
CA SER A 54 -16.29 -12.63 11.87
C SER A 54 -16.24 -13.97 11.13
N THR A 55 -16.17 -13.93 9.80
CA THR A 55 -16.13 -15.13 9.00
C THR A 55 -15.47 -14.89 7.64
N GLU A 56 -16.16 -14.20 6.75
CA GLU A 56 -15.65 -13.95 5.41
C GLU A 56 -15.06 -12.57 5.30
N GLN A 57 -14.38 -12.31 4.18
CA GLN A 57 -13.83 -11.00 3.91
C GLN A 57 -14.96 -10.03 3.61
N MET A 58 -15.36 -9.27 4.60
CA MET A 58 -16.44 -8.32 4.47
C MET A 58 -16.04 -7.17 3.56
N LYS A 59 -16.66 -7.11 2.40
CA LYS A 59 -16.38 -6.07 1.43
C LYS A 59 -17.18 -4.82 1.79
N LYS A 60 -16.49 -3.82 2.31
CA LYS A 60 -17.13 -2.57 2.68
C LYS A 60 -16.09 -1.46 2.76
N VAL A 61 -15.02 -1.63 1.99
CA VAL A 61 -13.93 -0.67 1.99
C VAL A 61 -13.88 0.08 0.65
N PRO A 62 -13.40 1.33 0.67
CA PRO A 62 -13.32 2.18 -0.53
C PRO A 62 -12.30 1.64 -1.55
N THR A 63 -12.61 1.79 -2.83
CA THR A 63 -11.71 1.37 -3.88
C THR A 63 -10.73 2.48 -4.21
N ILE A 64 -9.46 2.13 -4.34
CA ILE A 64 -8.43 3.11 -4.61
C ILE A 64 -7.55 2.63 -5.76
N ILE A 65 -7.27 3.51 -6.70
CA ILE A 65 -6.44 3.18 -7.83
C ILE A 65 -4.97 3.19 -7.43
N LEU A 66 -4.39 2.02 -7.44
CA LEU A 66 -3.02 1.82 -7.06
C LEU A 66 -2.15 1.88 -8.31
N SER A 67 -1.50 3.00 -8.52
CA SER A 67 -0.64 3.16 -9.66
C SER A 67 0.78 3.43 -9.22
N VAL A 68 1.70 2.60 -9.65
CA VAL A 68 3.09 2.72 -9.27
C VAL A 68 4.02 2.80 -10.47
N SER A 69 4.89 3.81 -10.45
CA SER A 69 5.88 4.00 -11.48
C SER A 69 7.27 3.99 -10.84
N ALA A 70 8.27 3.72 -11.65
CA ALA A 70 9.65 3.68 -11.17
C ALA A 70 10.11 5.06 -10.71
N LYS A 71 9.37 6.09 -11.10
CA LYS A 71 9.70 7.46 -10.73
C LYS A 71 8.63 8.06 -9.83
N GLY A 72 7.87 7.21 -9.14
CA GLY A 72 6.88 7.73 -8.22
C GLY A 72 5.65 6.86 -8.12
N VAL A 73 5.02 6.88 -6.96
CA VAL A 73 3.83 6.09 -6.73
C VAL A 73 2.66 7.01 -6.43
N LYS A 74 1.51 6.69 -6.99
CA LYS A 74 0.34 7.50 -6.80
C LYS A 74 -0.88 6.66 -6.39
N PHE A 75 -1.57 7.14 -5.38
CA PHE A 75 -2.75 6.50 -4.85
C PHE A 75 -3.93 7.45 -4.98
N ILE A 76 -4.79 7.20 -5.96
CA ILE A 76 -5.96 8.04 -6.21
C ILE A 76 -7.22 7.25 -5.90
N ASP A 77 -8.21 7.91 -5.35
CA ASP A 77 -9.47 7.23 -5.04
C ASP A 77 -10.16 6.82 -6.33
N ALA A 78 -10.61 5.58 -6.39
CA ALA A 78 -11.23 5.07 -7.61
C ALA A 78 -12.67 5.51 -7.75
N THR A 79 -13.31 5.83 -6.64
CA THR A 79 -14.70 6.22 -6.65
C THR A 79 -14.83 7.74 -6.59
N ASN A 80 -14.06 8.37 -5.73
CA ASN A 80 -14.13 9.81 -5.53
C ASN A 80 -13.16 10.57 -6.44
N LYS A 81 -12.22 9.83 -7.05
CA LYS A 81 -11.21 10.43 -7.95
C LYS A 81 -10.32 11.40 -7.20
N ASN A 82 -10.29 11.27 -5.89
CA ASN A 82 -9.54 12.15 -5.03
C ASN A 82 -8.07 11.74 -4.97
N ILE A 83 -7.19 12.72 -5.06
CA ILE A 83 -5.77 12.46 -4.92
C ILE A 83 -5.43 12.23 -3.46
N ILE A 84 -5.46 10.97 -3.06
CA ILE A 84 -5.23 10.58 -1.69
C ILE A 84 -3.78 10.79 -1.30
N ALA A 85 -2.86 10.25 -2.09
CA ALA A 85 -1.44 10.44 -1.82
C ALA A 85 -0.59 10.06 -3.02
N GLU A 86 0.43 10.83 -3.29
CA GLU A 86 1.37 10.52 -4.35
C GLU A 86 2.73 11.10 -4.03
N HIS A 87 3.75 10.25 -4.02
CA HIS A 87 5.10 10.67 -3.68
C HIS A 87 6.14 9.88 -4.45
N GLU A 88 7.40 10.24 -4.28
CA GLU A 88 8.51 9.59 -4.94
C GLU A 88 8.69 8.18 -4.37
N ILE A 89 9.18 7.26 -5.19
CA ILE A 89 9.36 5.87 -4.76
C ILE A 89 10.32 5.76 -3.56
N ARG A 90 11.34 6.61 -3.54
CA ARG A 90 12.33 6.59 -2.47
C ARG A 90 11.79 7.14 -1.16
N ASN A 91 10.51 7.54 -1.15
CA ASN A 91 9.87 8.01 0.07
C ASN A 91 9.33 6.80 0.83
N ILE A 92 9.15 5.70 0.11
CA ILE A 92 8.65 4.48 0.70
C ILE A 92 9.77 3.76 1.44
N SER A 93 9.71 3.78 2.75
CA SER A 93 10.71 3.17 3.59
C SER A 93 10.63 1.65 3.50
N CYS A 94 9.42 1.12 3.44
CA CYS A 94 9.23 -0.33 3.37
C CYS A 94 7.95 -0.70 2.63
N ALA A 95 7.96 -1.85 1.98
CA ALA A 95 6.81 -2.38 1.28
C ALA A 95 6.77 -3.88 1.45
N ALA A 96 5.82 -4.36 2.22
CA ALA A 96 5.76 -5.78 2.50
C ALA A 96 4.34 -6.32 2.41
N GLN A 97 4.23 -7.53 1.91
CA GLN A 97 2.97 -8.23 1.88
C GLN A 97 2.87 -9.08 3.13
N ASP A 98 1.68 -9.18 3.68
CA ASP A 98 1.52 -9.86 4.95
C ASP A 98 1.34 -11.36 4.81
N PRO A 99 1.79 -12.12 5.83
CA PRO A 99 1.77 -13.60 5.81
C PRO A 99 0.36 -14.19 5.80
N GLU A 100 -0.56 -13.54 6.51
CA GLU A 100 -1.93 -14.05 6.62
C GLU A 100 -2.70 -13.92 5.31
N ASP A 101 -2.25 -13.04 4.44
CA ASP A 101 -2.92 -12.82 3.17
C ASP A 101 -1.97 -12.22 2.15
N LEU A 102 -1.68 -12.97 1.10
CA LEU A 102 -0.72 -12.55 0.08
C LEU A 102 -1.30 -11.49 -0.86
N SER A 103 -2.59 -11.24 -0.78
CA SER A 103 -3.20 -10.20 -1.58
C SER A 103 -3.33 -8.92 -0.77
N THR A 104 -2.84 -8.98 0.45
CA THR A 104 -2.84 -7.85 1.35
C THR A 104 -1.42 -7.35 1.55
N PHE A 105 -1.19 -6.09 1.24
CA PHE A 105 0.14 -5.53 1.35
C PHE A 105 0.11 -4.19 2.05
N ALA A 106 1.13 -3.94 2.84
CA ALA A 106 1.24 -2.71 3.56
C ALA A 106 2.61 -2.09 3.36
N TYR A 107 2.65 -0.79 3.20
CA TYR A 107 3.90 -0.10 3.02
C TYR A 107 4.10 0.96 4.07
N ILE A 108 5.35 1.23 4.39
CA ILE A 108 5.70 2.22 5.38
C ILE A 108 6.28 3.42 4.66
N THR A 109 5.61 4.54 4.77
CA THR A 109 6.07 5.76 4.14
C THR A 109 6.42 6.81 5.17
N LYS A 110 7.21 7.79 4.77
CA LYS A 110 7.57 8.89 5.63
C LYS A 110 7.46 10.21 4.89
N ASP A 111 6.24 10.67 4.75
CA ASP A 111 5.94 11.91 4.06
C ASP A 111 6.42 13.09 4.91
N LEU A 112 6.37 14.28 4.36
CA LEU A 112 6.77 15.47 5.11
C LEU A 112 5.73 15.80 6.17
N LYS A 113 4.58 15.14 6.05
CA LYS A 113 3.50 15.28 7.01
C LYS A 113 3.45 14.05 7.91
N SER A 114 4.40 13.15 7.70
CA SER A 114 4.47 11.91 8.44
C SER A 114 5.89 11.66 8.95
N ASN A 115 6.28 12.37 10.00
CA ASN A 115 7.62 12.19 10.56
C ASN A 115 7.71 10.84 11.26
N HIS A 116 6.55 10.28 11.58
CA HIS A 116 6.47 8.95 12.16
C HIS A 116 6.28 7.93 11.05
N HIS A 117 6.35 6.66 11.40
CA HIS A 117 6.19 5.60 10.42
C HIS A 117 4.72 5.32 10.14
N TYR A 118 4.27 5.75 8.99
CA TYR A 118 2.89 5.56 8.57
C TYR A 118 2.78 4.26 7.76
N CYS A 119 1.94 3.35 8.21
CA CYS A 119 1.77 2.10 7.52
C CYS A 119 0.41 2.05 6.86
N HIS A 120 0.41 2.01 5.55
CA HIS A 120 -0.82 1.99 4.79
C HIS A 120 -1.01 0.60 4.19
N VAL A 121 -2.09 -0.05 4.57
CA VAL A 121 -2.36 -1.40 4.11
C VAL A 121 -3.53 -1.43 3.13
N PHE A 122 -3.32 -2.11 2.02
CA PHE A 122 -4.31 -2.25 0.98
C PHE A 122 -4.58 -3.70 0.68
N THR A 123 -5.80 -4.00 0.31
CA THR A 123 -6.16 -5.35 -0.06
C THR A 123 -6.44 -5.43 -1.55
N ALA A 124 -5.85 -6.40 -2.18
CA ALA A 124 -6.06 -6.61 -3.59
C ALA A 124 -7.20 -7.57 -3.81
N PHE A 125 -7.74 -7.58 -4.99
CA PHE A 125 -8.82 -8.50 -5.34
C PHE A 125 -8.24 -9.77 -5.95
N ASP A 126 -6.92 -9.84 -5.99
CA ASP A 126 -6.22 -11.00 -6.53
C ASP A 126 -4.77 -11.04 -6.03
N VAL A 127 -4.31 -12.23 -5.68
CA VAL A 127 -2.96 -12.44 -5.16
C VAL A 127 -1.90 -12.08 -6.21
N ASN A 128 -2.09 -12.55 -7.43
CA ASN A 128 -1.13 -12.29 -8.51
C ASN A 128 -1.04 -10.79 -8.78
N LEU A 129 -2.18 -10.12 -8.70
CA LEU A 129 -2.26 -8.68 -8.88
C LEU A 129 -1.42 -7.98 -7.81
N ALA A 130 -1.65 -8.34 -6.55
CA ALA A 130 -0.89 -7.78 -5.43
C ALA A 130 0.59 -8.09 -5.57
N ALA A 131 0.90 -9.32 -5.96
CA ALA A 131 2.27 -9.75 -6.14
C ALA A 131 2.96 -8.91 -7.20
N GLU A 132 2.25 -8.63 -8.29
CA GLU A 132 2.81 -7.82 -9.36
C GLU A 132 3.08 -6.41 -8.88
N ILE A 133 2.19 -5.89 -8.03
CA ILE A 133 2.38 -4.57 -7.44
C ILE A 133 3.66 -4.57 -6.60
N ILE A 134 3.81 -5.60 -5.76
CA ILE A 134 5.00 -5.75 -4.92
C ILE A 134 6.26 -5.82 -5.80
N LEU A 135 6.18 -6.61 -6.87
CA LEU A 135 7.28 -6.75 -7.81
C LEU A 135 7.65 -5.41 -8.42
N THR A 136 6.66 -4.71 -8.94
CA THR A 136 6.83 -3.39 -9.53
C THR A 136 7.46 -2.42 -8.51
N LEU A 137 6.96 -2.45 -7.27
CA LEU A 137 7.51 -1.62 -6.19
C LEU A 137 8.96 -1.98 -5.92
N GLY A 138 9.22 -3.28 -5.83
CA GLY A 138 10.56 -3.76 -5.58
C GLY A 138 11.53 -3.33 -6.66
N GLN A 139 11.14 -3.56 -7.92
CA GLN A 139 11.97 -3.19 -9.06
C GLN A 139 12.22 -1.68 -9.09
N ALA A 140 11.20 -0.91 -8.73
CA ALA A 140 11.32 0.54 -8.68
C ALA A 140 12.33 0.95 -7.61
N PHE A 141 12.31 0.24 -6.50
CA PHE A 141 13.25 0.52 -5.42
C PHE A 141 14.65 0.01 -5.79
N GLU A 142 14.70 -1.06 -6.56
CA GLU A 142 15.96 -1.63 -7.03
C GLU A 142 16.67 -0.67 -7.98
N VAL A 143 15.93 -0.12 -8.94
CA VAL A 143 16.50 0.80 -9.90
C VAL A 143 16.79 2.16 -9.25
N ALA A 144 16.28 2.35 -8.03
CA ALA A 144 16.50 3.58 -7.29
C ALA A 144 17.94 3.67 -6.80
N TYR A 145 18.63 2.53 -6.78
CA TYR A 145 20.03 2.49 -6.37
C TYR A 145 20.95 2.83 -7.54
N GLN A 146 20.36 3.01 -8.71
CA GLN A 146 21.11 3.32 -9.91
C GLN A 146 21.10 4.83 -10.15
N GLU A 12 -2.21 11.90 -23.43
CA GLU A 12 -1.95 10.43 -23.41
C GLU A 12 -2.05 9.88 -22.00
N LYS A 13 -2.74 8.75 -21.86
CA LYS A 13 -2.88 8.11 -20.57
C LYS A 13 -1.59 7.39 -20.21
N LEU A 14 -1.14 7.60 -18.99
CA LEU A 14 0.11 7.01 -18.53
C LEU A 14 -0.06 5.55 -18.13
N ILE A 15 -1.26 5.00 -18.33
CA ILE A 15 -1.59 3.63 -17.95
C ILE A 15 -0.63 2.60 -18.61
N ALA A 16 0.07 3.02 -19.65
CA ALA A 16 0.98 2.14 -20.36
C ALA A 16 2.39 2.22 -19.79
N GLN A 17 2.66 3.27 -19.03
CA GLN A 17 3.97 3.48 -18.44
C GLN A 17 3.92 3.40 -16.93
N SER A 18 2.72 3.53 -16.40
CA SER A 18 2.49 3.42 -14.97
C SER A 18 1.48 2.32 -14.72
N CYS A 19 1.88 1.33 -13.97
CA CYS A 19 1.05 0.20 -13.69
C CYS A 19 -0.05 0.56 -12.69
N ASP A 20 -1.28 0.56 -13.17
CA ASP A 20 -2.44 0.90 -12.35
C ASP A 20 -3.03 -0.37 -11.71
N TYR A 21 -2.95 -0.47 -10.39
CA TYR A 21 -3.51 -1.61 -9.68
C TYR A 21 -4.59 -1.18 -8.70
N LYS A 22 -5.79 -1.72 -8.84
CA LYS A 22 -6.87 -1.37 -7.93
C LYS A 22 -6.79 -2.21 -6.66
N ALA A 23 -6.41 -1.57 -5.58
CA ALA A 23 -6.32 -2.24 -4.29
C ALA A 23 -7.39 -1.70 -3.37
N ALA A 24 -7.61 -2.37 -2.27
CA ALA A 24 -8.62 -1.94 -1.34
C ALA A 24 -7.98 -1.30 -0.11
N TYR A 25 -8.28 -0.03 0.10
CA TYR A 25 -7.71 0.72 1.22
C TYR A 25 -8.28 0.22 2.53
N LEU A 26 -7.47 -0.48 3.29
CA LEU A 26 -7.92 -1.00 4.56
C LEU A 26 -7.72 0.04 5.66
N GLY A 27 -6.49 0.57 5.78
CA GLY A 27 -6.27 1.62 6.75
C GLY A 27 -4.83 2.11 6.79
N SER A 28 -4.66 3.36 7.15
CA SER A 28 -3.35 3.95 7.31
C SER A 28 -3.06 4.12 8.80
N MET A 29 -2.22 3.26 9.34
CA MET A 29 -1.95 3.27 10.75
C MET A 29 -0.55 3.77 11.04
N LEU A 30 -0.45 4.65 12.00
CA LEU A 30 0.83 5.23 12.37
C LEU A 30 1.54 4.32 13.36
N ILE A 31 2.69 3.82 12.95
CA ILE A 31 3.43 2.87 13.76
C ILE A 31 4.36 3.57 14.73
N LYS A 32 4.26 3.20 16.00
CA LYS A 32 5.11 3.76 17.04
C LYS A 32 6.44 3.04 17.03
N GLU A 33 6.38 1.72 17.21
CA GLU A 33 7.57 0.90 17.24
C GLU A 33 7.81 0.27 15.87
N LEU A 34 8.72 0.86 15.12
CA LEU A 34 9.05 0.38 13.80
C LEU A 34 10.02 -0.80 13.91
N ARG A 35 9.52 -2.00 13.65
CA ARG A 35 10.32 -3.20 13.73
C ARG A 35 10.22 -4.02 12.45
N GLY A 36 9.99 -3.33 11.34
CA GLY A 36 9.95 -3.99 10.03
C GLY A 36 8.58 -4.54 9.68
N THR A 37 8.58 -5.69 9.01
CA THR A 37 7.34 -6.33 8.56
C THR A 37 6.50 -6.82 9.75
N GLU A 38 7.11 -6.84 10.90
CA GLU A 38 6.42 -7.21 12.11
C GLU A 38 5.35 -6.16 12.44
N SER A 39 5.73 -4.91 12.25
CA SER A 39 4.84 -3.79 12.46
C SER A 39 3.66 -3.82 11.46
N THR A 40 3.94 -4.19 10.21
CA THR A 40 2.89 -4.25 9.20
C THR A 40 1.91 -5.36 9.53
N GLN A 41 2.43 -6.52 9.93
CA GLN A 41 1.58 -7.65 10.31
C GLN A 41 0.73 -7.29 11.51
N ASP A 42 1.33 -6.57 12.46
CA ASP A 42 0.62 -6.12 13.66
C ASP A 42 -0.57 -5.26 13.28
N ALA A 43 -0.30 -4.24 12.48
CA ALA A 43 -1.33 -3.32 12.03
C ALA A 43 -2.39 -4.05 11.21
N CYS A 44 -1.95 -4.80 10.20
CA CYS A 44 -2.85 -5.53 9.32
C CYS A 44 -3.79 -6.42 10.13
N ALA A 45 -3.22 -7.31 10.92
CA ALA A 45 -4.00 -8.23 11.73
C ALA A 45 -4.87 -7.47 12.73
N LYS A 46 -4.41 -6.30 13.15
CA LYS A 46 -5.14 -5.46 14.07
C LYS A 46 -6.49 -5.06 13.47
N MET A 47 -6.44 -4.29 12.39
CA MET A 47 -7.68 -3.83 11.75
C MET A 47 -8.45 -4.99 11.13
N ARG A 48 -7.74 -6.00 10.66
CA ARG A 48 -8.40 -7.16 10.06
C ARG A 48 -9.31 -7.86 11.08
N ALA A 49 -8.79 -8.10 12.27
CA ALA A 49 -9.55 -8.78 13.30
C ALA A 49 -10.43 -7.82 14.10
N ASN A 50 -10.22 -6.52 13.93
CA ASN A 50 -11.04 -5.53 14.62
C ASN A 50 -12.21 -5.05 13.77
N CYS A 51 -11.96 -4.84 12.48
CA CYS A 51 -12.98 -4.32 11.56
C CYS A 51 -14.06 -5.34 11.28
N GLN A 52 -13.85 -6.58 11.72
CA GLN A 52 -14.85 -7.64 11.56
C GLN A 52 -15.98 -7.46 12.57
N LYS A 53 -15.98 -6.31 13.24
CA LYS A 53 -16.99 -5.93 14.23
C LYS A 53 -18.39 -6.07 13.65
N SER A 54 -18.52 -5.75 12.38
CA SER A 54 -19.78 -5.83 11.70
C SER A 54 -19.62 -6.52 10.35
N THR A 55 -20.63 -7.30 9.97
CA THR A 55 -20.66 -8.00 8.67
C THR A 55 -19.72 -9.22 8.64
N GLU A 56 -18.82 -9.33 9.64
CA GLU A 56 -17.79 -10.40 9.70
C GLU A 56 -16.73 -10.19 8.64
N GLN A 57 -17.17 -10.14 7.40
CA GLN A 57 -16.29 -9.88 6.29
C GLN A 57 -16.87 -8.74 5.47
N MET A 58 -16.22 -7.60 5.55
CA MET A 58 -16.67 -6.41 4.85
C MET A 58 -16.70 -6.65 3.36
N LYS A 59 -17.83 -6.33 2.76
CA LYS A 59 -18.05 -6.55 1.35
C LYS A 59 -17.09 -5.73 0.49
N LYS A 60 -16.84 -4.51 0.90
CA LYS A 60 -15.91 -3.67 0.18
C LYS A 60 -15.43 -2.52 1.04
N VAL A 61 -14.32 -1.95 0.63
CA VAL A 61 -13.72 -0.80 1.26
C VAL A 61 -13.22 0.12 0.14
N PRO A 62 -12.79 1.37 0.45
CA PRO A 62 -12.34 2.33 -0.58
C PRO A 62 -11.32 1.73 -1.57
N THR A 63 -11.77 1.48 -2.80
CA THR A 63 -10.89 0.97 -3.83
C THR A 63 -10.01 2.11 -4.35
N ILE A 64 -8.72 1.87 -4.35
CA ILE A 64 -7.76 2.88 -4.75
C ILE A 64 -6.86 2.34 -5.86
N ILE A 65 -6.59 3.18 -6.84
CA ILE A 65 -5.75 2.80 -7.95
C ILE A 65 -4.30 3.13 -7.64
N LEU A 66 -3.57 2.11 -7.24
CA LEU A 66 -2.16 2.26 -6.97
C LEU A 66 -1.40 2.29 -8.26
N SER A 67 -1.11 3.46 -8.74
CA SER A 67 -0.42 3.61 -9.97
C SER A 67 1.05 3.85 -9.72
N VAL A 68 1.83 2.86 -10.05
CA VAL A 68 3.26 2.89 -9.81
C VAL A 68 4.04 2.94 -11.13
N SER A 69 5.01 3.82 -11.19
CA SER A 69 5.85 3.98 -12.35
C SER A 69 7.29 4.20 -11.91
N ALA A 70 8.18 4.36 -12.89
CA ALA A 70 9.60 4.56 -12.63
C ALA A 70 9.84 5.72 -11.65
N LYS A 71 10.19 5.36 -10.41
CA LYS A 71 10.53 6.32 -9.35
C LYS A 71 9.32 7.14 -8.87
N GLY A 72 8.14 6.85 -9.37
CA GLY A 72 6.99 7.65 -8.99
C GLY A 72 5.74 6.83 -8.72
N VAL A 73 5.03 7.17 -7.66
CA VAL A 73 3.82 6.45 -7.30
C VAL A 73 2.68 7.44 -7.02
N LYS A 74 1.59 7.25 -7.72
CA LYS A 74 0.43 8.09 -7.58
C LYS A 74 -0.78 7.27 -7.13
N PHE A 75 -1.40 7.70 -6.04
CA PHE A 75 -2.51 6.98 -5.44
C PHE A 75 -3.82 7.72 -5.72
N ILE A 76 -4.57 7.25 -6.70
CA ILE A 76 -5.83 7.88 -7.09
C ILE A 76 -7.01 7.03 -6.65
N ASP A 77 -8.08 7.67 -6.27
CA ASP A 77 -9.29 6.98 -5.82
C ASP A 77 -10.05 6.41 -7.02
N ALA A 78 -10.47 5.16 -6.92
CA ALA A 78 -11.17 4.49 -8.01
C ALA A 78 -12.68 4.66 -7.92
N THR A 79 -13.15 5.18 -6.80
CA THR A 79 -14.57 5.31 -6.58
C THR A 79 -15.09 6.66 -7.05
N ASN A 80 -14.39 7.73 -6.70
CA ASN A 80 -14.84 9.07 -7.06
C ASN A 80 -13.71 9.93 -7.62
N LYS A 81 -12.75 9.27 -8.31
CA LYS A 81 -11.62 9.96 -9.00
C LYS A 81 -10.99 11.07 -8.14
N ASN A 82 -10.77 10.75 -6.88
CA ASN A 82 -10.18 11.67 -5.91
C ASN A 82 -8.67 11.47 -5.85
N ILE A 83 -7.93 12.56 -5.86
CA ILE A 83 -6.49 12.48 -5.72
C ILE A 83 -6.14 12.28 -4.24
N ILE A 84 -6.01 11.04 -3.85
CA ILE A 84 -5.76 10.69 -2.47
C ILE A 84 -4.35 11.07 -2.05
N ALA A 85 -3.37 10.56 -2.76
CA ALA A 85 -1.99 10.87 -2.45
C ALA A 85 -1.10 10.76 -3.68
N GLU A 86 0.05 11.39 -3.61
CA GLU A 86 1.02 11.37 -4.69
C GLU A 86 2.40 11.62 -4.11
N HIS A 87 3.25 10.61 -4.18
CA HIS A 87 4.61 10.72 -3.66
C HIS A 87 5.53 9.78 -4.40
N GLU A 88 6.77 10.22 -4.61
CA GLU A 88 7.75 9.38 -5.25
C GLU A 88 7.97 8.14 -4.40
N ILE A 89 8.35 7.05 -5.04
CA ILE A 89 8.54 5.79 -4.32
C ILE A 89 9.67 5.91 -3.29
N ARG A 90 10.49 6.93 -3.42
CA ARG A 90 11.58 7.17 -2.50
C ARG A 90 11.04 7.60 -1.13
N ASN A 91 9.76 7.98 -1.09
CA ASN A 91 9.11 8.35 0.15
C ASN A 91 8.69 7.09 0.91
N ILE A 92 8.64 5.98 0.17
CA ILE A 92 8.31 4.69 0.74
C ILE A 92 9.58 4.02 1.24
N SER A 93 9.58 3.62 2.49
CA SER A 93 10.76 3.03 3.09
C SER A 93 10.69 1.50 3.08
N CYS A 94 9.49 0.96 3.12
CA CYS A 94 9.33 -0.49 3.14
C CYS A 94 8.01 -0.90 2.53
N ALA A 95 7.98 -2.08 1.96
CA ALA A 95 6.77 -2.65 1.40
C ALA A 95 6.73 -4.13 1.74
N ALA A 96 5.87 -4.50 2.67
CA ALA A 96 5.81 -5.87 3.11
C ALA A 96 4.42 -6.46 2.97
N GLN A 97 4.37 -7.72 2.61
CA GLN A 97 3.13 -8.45 2.49
C GLN A 97 2.95 -9.37 3.70
N ASP A 98 1.73 -9.74 4.00
CA ASP A 98 1.46 -10.60 5.16
C ASP A 98 1.89 -12.03 4.92
N PRO A 99 2.46 -12.67 5.94
CA PRO A 99 2.94 -14.05 5.85
C PRO A 99 1.79 -15.06 5.71
N GLU A 100 0.70 -14.82 6.42
CA GLU A 100 -0.42 -15.75 6.39
C GLU A 100 -1.33 -15.49 5.19
N ASP A 101 -1.20 -14.31 4.60
CA ASP A 101 -2.02 -13.96 3.45
C ASP A 101 -1.25 -13.07 2.51
N LEU A 102 -0.92 -13.59 1.34
CA LEU A 102 -0.16 -12.84 0.35
C LEU A 102 -1.08 -11.99 -0.51
N SER A 103 -2.34 -11.91 -0.11
CA SER A 103 -3.31 -11.09 -0.81
C SER A 103 -3.49 -9.78 -0.04
N THR A 104 -2.64 -9.58 0.95
CA THR A 104 -2.67 -8.37 1.74
C THR A 104 -1.25 -7.81 1.86
N PHE A 105 -1.12 -6.51 1.69
CA PHE A 105 0.19 -5.88 1.74
C PHE A 105 0.11 -4.53 2.41
N ALA A 106 1.19 -4.12 3.02
CA ALA A 106 1.26 -2.85 3.69
C ALA A 106 2.62 -2.21 3.46
N TYR A 107 2.61 -1.00 2.96
CA TYR A 107 3.85 -0.29 2.74
C TYR A 107 4.03 0.80 3.79
N ILE A 108 5.24 1.01 4.19
CA ILE A 108 5.58 1.98 5.19
C ILE A 108 6.32 3.15 4.58
N THR A 109 5.79 4.33 4.79
CA THR A 109 6.39 5.54 4.27
C THR A 109 7.07 6.33 5.37
N LYS A 110 8.12 7.05 5.01
CA LYS A 110 8.83 7.88 5.96
C LYS A 110 8.37 9.32 5.82
N ASP A 111 7.12 9.56 6.20
CA ASP A 111 6.53 10.87 6.08
C ASP A 111 6.93 11.76 7.24
N LEU A 112 7.86 12.66 6.97
CA LEU A 112 8.33 13.61 7.98
C LEU A 112 7.18 14.51 8.46
N LYS A 113 6.16 14.64 7.62
CA LYS A 113 4.99 15.46 7.94
C LYS A 113 4.23 14.87 9.13
N SER A 114 4.41 13.58 9.37
CA SER A 114 3.76 12.92 10.48
C SER A 114 4.80 12.40 11.48
N ASN A 115 6.08 12.62 11.15
CA ASN A 115 7.23 12.19 11.97
C ASN A 115 7.38 10.68 12.00
N HIS A 116 6.38 10.00 12.52
CA HIS A 116 6.38 8.55 12.58
C HIS A 116 6.12 7.96 11.21
N HIS A 117 6.29 6.67 11.10
CA HIS A 117 6.09 5.98 9.83
C HIS A 117 4.66 5.51 9.69
N TYR A 118 4.03 5.90 8.61
CA TYR A 118 2.66 5.51 8.33
C TYR A 118 2.62 4.20 7.59
N CYS A 119 1.99 3.23 8.21
CA CYS A 119 1.82 1.93 7.59
C CYS A 119 0.50 1.90 6.85
N HIS A 120 0.58 1.87 5.56
CA HIS A 120 -0.61 1.85 4.74
C HIS A 120 -0.91 0.43 4.33
N VAL A 121 -1.91 -0.16 4.97
CA VAL A 121 -2.28 -1.53 4.67
C VAL A 121 -3.46 -1.58 3.69
N PHE A 122 -3.27 -2.35 2.65
CA PHE A 122 -4.27 -2.52 1.61
C PHE A 122 -4.53 -3.98 1.36
N THR A 123 -5.77 -4.31 1.12
CA THR A 123 -6.14 -5.66 0.81
C THR A 123 -6.27 -5.81 -0.70
N ALA A 124 -5.55 -6.76 -1.25
CA ALA A 124 -5.61 -6.98 -2.67
C ALA A 124 -6.73 -7.91 -3.02
N PHE A 125 -7.25 -7.77 -4.22
CA PHE A 125 -8.32 -8.62 -4.68
C PHE A 125 -7.81 -10.02 -5.02
N ASP A 126 -6.51 -10.10 -5.29
CA ASP A 126 -5.87 -11.37 -5.62
C ASP A 126 -4.44 -11.40 -5.10
N VAL A 127 -3.95 -12.62 -4.83
CA VAL A 127 -2.58 -12.80 -4.36
C VAL A 127 -1.60 -12.34 -5.43
N ASN A 128 -1.86 -12.75 -6.66
CA ASN A 128 -1.02 -12.37 -7.79
C ASN A 128 -1.05 -10.86 -7.98
N LEU A 129 -2.20 -10.25 -7.72
CA LEU A 129 -2.35 -8.80 -7.83
C LEU A 129 -1.42 -8.12 -6.82
N ALA A 130 -1.45 -8.60 -5.58
CA ALA A 130 -0.58 -8.06 -4.54
C ALA A 130 0.88 -8.26 -4.90
N ALA A 131 1.21 -9.47 -5.37
CA ALA A 131 2.57 -9.80 -5.77
C ALA A 131 3.05 -8.87 -6.87
N GLU A 132 2.17 -8.60 -7.85
CA GLU A 132 2.48 -7.70 -8.95
C GLU A 132 2.82 -6.31 -8.44
N ILE A 133 1.99 -5.81 -7.52
CA ILE A 133 2.21 -4.49 -6.93
C ILE A 133 3.58 -4.41 -6.26
N ILE A 134 3.87 -5.36 -5.38
CA ILE A 134 5.15 -5.39 -4.66
C ILE A 134 6.31 -5.53 -5.64
N LEU A 135 6.11 -6.33 -6.68
CA LEU A 135 7.13 -6.54 -7.72
C LEU A 135 7.41 -5.24 -8.47
N THR A 136 6.34 -4.58 -8.89
CA THR A 136 6.45 -3.34 -9.64
C THR A 136 7.10 -2.25 -8.77
N LEU A 137 6.72 -2.22 -7.49
CA LEU A 137 7.32 -1.28 -6.54
C LEU A 137 8.82 -1.55 -6.42
N GLY A 138 9.16 -2.83 -6.30
CA GLY A 138 10.54 -3.22 -6.21
C GLY A 138 11.34 -2.70 -7.38
N GLN A 139 10.80 -2.89 -8.58
CA GLN A 139 11.44 -2.42 -9.79
C GLN A 139 11.53 -0.88 -9.80
N ALA A 140 10.45 -0.24 -9.35
CA ALA A 140 10.37 1.21 -9.34
C ALA A 140 11.49 1.85 -8.52
N PHE A 141 11.80 1.31 -7.35
CA PHE A 141 12.89 1.88 -6.56
C PHE A 141 14.23 1.26 -6.92
N GLU A 142 14.19 0.07 -7.54
CA GLU A 142 15.42 -0.59 -7.97
C GLU A 142 16.08 0.22 -9.08
N VAL A 143 15.26 0.68 -10.03
CA VAL A 143 15.75 1.48 -11.14
C VAL A 143 16.18 2.87 -10.66
N ALA A 144 15.76 3.23 -9.45
CA ALA A 144 16.14 4.51 -8.86
C ALA A 144 17.55 4.42 -8.28
N TYR A 145 17.95 3.22 -7.94
CA TYR A 145 19.26 2.97 -7.39
C TYR A 145 20.22 2.46 -8.47
N GLN A 146 19.67 1.83 -9.49
CA GLN A 146 20.47 1.29 -10.59
C GLN A 146 20.92 2.40 -11.53
N GLU A 12 6.83 5.33 -26.67
CA GLU A 12 7.65 5.03 -25.48
C GLU A 12 7.26 3.66 -24.92
N LYS A 13 8.07 3.15 -24.01
CA LYS A 13 7.80 1.84 -23.41
C LYS A 13 7.57 1.94 -21.90
N LEU A 14 7.32 3.16 -21.43
CA LEU A 14 7.07 3.39 -20.00
C LEU A 14 5.73 2.79 -19.58
N ILE A 15 4.91 2.45 -20.58
CA ILE A 15 3.59 1.86 -20.36
C ILE A 15 3.72 0.52 -19.60
N ALA A 16 4.86 -0.11 -19.76
CA ALA A 16 5.14 -1.41 -19.14
C ALA A 16 5.69 -1.22 -17.75
N GLN A 17 5.90 0.02 -17.39
CA GLN A 17 6.41 0.38 -16.08
C GLN A 17 5.35 1.15 -15.32
N SER A 18 4.34 1.58 -16.05
CA SER A 18 3.22 2.26 -15.45
C SER A 18 2.15 1.24 -15.09
N CYS A 19 1.97 1.02 -13.81
CA CYS A 19 1.02 0.04 -13.33
C CYS A 19 -0.12 0.73 -12.57
N ASP A 20 -1.31 0.68 -13.16
CA ASP A 20 -2.51 1.27 -12.56
C ASP A 20 -3.50 0.16 -12.21
N TYR A 21 -3.64 -0.14 -10.94
CA TYR A 21 -4.56 -1.19 -10.51
C TYR A 21 -5.45 -0.71 -9.38
N LYS A 22 -6.43 -1.53 -9.01
CA LYS A 22 -7.32 -1.16 -7.93
C LYS A 22 -7.23 -2.16 -6.79
N ALA A 23 -7.37 -1.66 -5.60
CA ALA A 23 -7.33 -2.48 -4.40
C ALA A 23 -8.30 -1.91 -3.39
N ALA A 24 -8.59 -2.68 -2.37
CA ALA A 24 -9.46 -2.21 -1.34
C ALA A 24 -8.63 -1.64 -0.20
N TYR A 25 -8.77 -0.35 0.03
CA TYR A 25 -7.98 0.30 1.06
C TYR A 25 -8.43 -0.14 2.43
N LEU A 26 -7.52 -0.74 3.18
CA LEU A 26 -7.83 -1.23 4.49
C LEU A 26 -7.66 -0.13 5.54
N GLY A 27 -6.51 0.55 5.54
CA GLY A 27 -6.35 1.67 6.46
C GLY A 27 -4.95 2.27 6.49
N SER A 28 -4.88 3.53 6.92
CA SER A 28 -3.63 4.23 7.11
C SER A 28 -3.29 4.23 8.60
N MET A 29 -2.32 3.45 8.99
CA MET A 29 -2.00 3.33 10.40
C MET A 29 -0.65 3.92 10.72
N LEU A 30 -0.58 4.67 11.81
CA LEU A 30 0.66 5.30 12.22
C LEU A 30 1.50 4.33 13.03
N ILE A 31 2.76 4.22 12.66
CA ILE A 31 3.66 3.29 13.31
C ILE A 31 4.59 4.01 14.29
N LYS A 32 4.79 3.40 15.44
CA LYS A 32 5.65 3.95 16.47
C LYS A 32 7.09 3.51 16.25
N GLU A 33 7.29 2.21 16.16
CA GLU A 33 8.63 1.67 15.93
C GLU A 33 8.74 1.05 14.56
N LEU A 34 9.71 1.51 13.80
CA LEU A 34 9.96 0.96 12.49
C LEU A 34 10.83 -0.27 12.66
N ARG A 35 10.20 -1.43 12.61
CA ARG A 35 10.90 -2.69 12.81
C ARG A 35 10.50 -3.74 11.79
N GLY A 36 11.14 -3.68 10.63
CA GLY A 36 10.90 -4.65 9.57
C GLY A 36 9.44 -4.80 9.20
N THR A 37 8.99 -6.03 9.05
CA THR A 37 7.62 -6.31 8.69
C THR A 37 6.74 -6.45 9.94
N GLU A 38 7.35 -6.32 11.11
CA GLU A 38 6.60 -6.42 12.36
C GLU A 38 5.56 -5.31 12.41
N SER A 39 5.97 -4.11 11.99
CA SER A 39 5.10 -2.96 11.97
C SER A 39 3.93 -3.18 11.01
N THR A 40 4.23 -3.68 9.80
CA THR A 40 3.21 -3.93 8.80
C THR A 40 2.27 -5.04 9.27
N GLN A 41 2.82 -6.00 9.99
CA GLN A 41 2.02 -7.12 10.47
C GLN A 41 1.12 -6.68 11.60
N ASP A 42 1.64 -5.85 12.49
CA ASP A 42 0.83 -5.31 13.58
C ASP A 42 -0.36 -4.61 13.01
N ALA A 43 -0.10 -3.74 12.05
CA ALA A 43 -1.15 -3.02 11.36
C ALA A 43 -2.12 -3.97 10.67
N CYS A 44 -1.58 -4.81 9.78
CA CYS A 44 -2.39 -5.75 9.02
C CYS A 44 -3.30 -6.59 9.92
N ALA A 45 -2.70 -7.28 10.89
CA ALA A 45 -3.44 -8.12 11.81
C ALA A 45 -4.51 -7.33 12.55
N LYS A 46 -4.13 -6.13 12.98
CA LYS A 46 -5.02 -5.25 13.73
C LYS A 46 -6.29 -4.97 12.95
N MET A 47 -6.13 -4.57 11.69
CA MET A 47 -7.29 -4.25 10.87
C MET A 47 -8.05 -5.49 10.41
N ARG A 48 -7.33 -6.52 9.99
CA ARG A 48 -7.98 -7.72 9.48
C ARG A 48 -8.83 -8.42 10.56
N ALA A 49 -8.49 -8.18 11.82
CA ALA A 49 -9.22 -8.81 12.92
C ALA A 49 -10.18 -7.84 13.63
N ASN A 50 -9.72 -6.63 13.88
CA ASN A 50 -10.52 -5.66 14.65
C ASN A 50 -11.32 -4.71 13.75
N CYS A 51 -10.77 -4.36 12.60
CA CYS A 51 -11.42 -3.36 11.72
C CYS A 51 -12.54 -3.98 10.87
N GLN A 52 -13.01 -5.15 11.26
CA GLN A 52 -14.10 -5.82 10.53
C GLN A 52 -15.47 -5.33 11.03
N LYS A 53 -15.46 -4.16 11.65
CA LYS A 53 -16.68 -3.56 12.21
C LYS A 53 -16.48 -2.05 12.37
N SER A 54 -15.71 -1.45 11.48
CA SER A 54 -15.35 -0.05 11.65
C SER A 54 -15.92 0.89 10.57
N THR A 55 -17.14 1.35 10.80
CA THR A 55 -17.77 2.40 9.98
C THR A 55 -18.09 1.99 8.52
N GLU A 56 -17.07 1.99 7.67
CA GLU A 56 -17.22 1.76 6.25
C GLU A 56 -17.72 0.35 5.94
N GLN A 57 -18.16 0.13 4.71
CA GLN A 57 -18.59 -1.18 4.26
C GLN A 57 -17.38 -2.10 4.23
N MET A 58 -17.18 -2.86 5.29
CA MET A 58 -16.01 -3.72 5.47
C MET A 58 -15.69 -4.63 4.27
N LYS A 59 -16.71 -5.21 3.67
CA LYS A 59 -16.48 -6.16 2.59
C LYS A 59 -16.22 -5.45 1.25
N LYS A 60 -16.33 -4.15 1.24
CA LYS A 60 -16.09 -3.38 0.02
C LYS A 60 -14.94 -2.40 0.20
N VAL A 61 -15.01 -1.62 1.30
CA VAL A 61 -14.02 -0.56 1.65
C VAL A 61 -13.72 0.39 0.47
N PRO A 62 -12.95 1.48 0.68
CA PRO A 62 -12.62 2.41 -0.38
C PRO A 62 -11.72 1.76 -1.45
N THR A 63 -12.32 1.42 -2.59
CA THR A 63 -11.56 0.88 -3.69
C THR A 63 -10.69 2.00 -4.26
N ILE A 64 -9.40 1.80 -4.17
CA ILE A 64 -8.43 2.81 -4.55
C ILE A 64 -7.69 2.43 -5.84
N ILE A 65 -7.34 3.45 -6.62
CA ILE A 65 -6.55 3.28 -7.82
C ILE A 65 -5.08 3.48 -7.47
N LEU A 66 -4.36 2.41 -7.41
CA LEU A 66 -2.96 2.43 -7.09
C LEU A 66 -2.15 2.59 -8.37
N SER A 67 -1.65 3.79 -8.61
CA SER A 67 -0.85 4.07 -9.77
C SER A 67 0.61 4.18 -9.37
N VAL A 68 1.39 3.27 -9.86
CA VAL A 68 2.82 3.26 -9.59
C VAL A 68 3.60 3.35 -10.89
N SER A 69 4.66 4.14 -10.88
CA SER A 69 5.50 4.32 -12.04
C SER A 69 6.96 4.38 -11.61
N ALA A 70 7.85 4.58 -12.58
CA ALA A 70 9.28 4.66 -12.32
C ALA A 70 9.59 5.76 -11.31
N LYS A 71 9.81 5.35 -10.06
CA LYS A 71 10.14 6.26 -8.94
C LYS A 71 8.95 7.11 -8.49
N GLY A 72 7.79 6.89 -9.11
CA GLY A 72 6.63 7.71 -8.81
C GLY A 72 5.48 6.91 -8.23
N VAL A 73 4.78 7.52 -7.27
CA VAL A 73 3.64 6.89 -6.63
C VAL A 73 2.45 7.84 -6.56
N LYS A 74 1.39 7.46 -7.26
CA LYS A 74 0.15 8.23 -7.31
C LYS A 74 -1.03 7.34 -6.96
N PHE A 75 -1.48 7.40 -5.74
CA PHE A 75 -2.60 6.57 -5.31
C PHE A 75 -3.83 7.45 -5.08
N ILE A 76 -4.87 7.26 -5.92
CA ILE A 76 -6.08 8.09 -5.87
C ILE A 76 -7.34 7.24 -5.61
N ASP A 77 -8.31 7.84 -4.95
CA ASP A 77 -9.59 7.18 -4.63
C ASP A 77 -10.52 7.20 -5.85
N ALA A 78 -11.46 6.25 -5.90
CA ALA A 78 -12.37 6.12 -7.03
C ALA A 78 -13.70 6.86 -6.82
N THR A 79 -14.17 6.91 -5.58
CA THR A 79 -15.47 7.51 -5.28
C THR A 79 -15.45 9.03 -5.37
N ASN A 80 -14.55 9.65 -4.64
CA ASN A 80 -14.47 11.11 -4.59
C ASN A 80 -13.28 11.61 -5.36
N LYS A 81 -12.40 10.68 -5.75
CA LYS A 81 -11.18 10.99 -6.49
C LYS A 81 -10.17 11.71 -5.60
N ASN A 82 -10.27 11.45 -4.30
CA ASN A 82 -9.34 12.03 -3.34
C ASN A 82 -7.99 11.34 -3.44
N ILE A 83 -6.93 12.10 -3.43
CA ILE A 83 -5.60 11.52 -3.53
C ILE A 83 -5.17 10.98 -2.17
N ILE A 84 -4.94 9.68 -2.11
CA ILE A 84 -4.52 9.03 -0.88
C ILE A 84 -3.02 9.20 -0.66
N ALA A 85 -2.25 8.93 -1.69
CA ALA A 85 -0.80 9.01 -1.56
C ALA A 85 -0.15 9.62 -2.78
N GLU A 86 0.43 10.79 -2.58
CA GLU A 86 1.18 11.47 -3.61
C GLU A 86 2.62 11.61 -3.16
N HIS A 87 3.49 10.74 -3.64
CA HIS A 87 4.89 10.77 -3.23
C HIS A 87 5.73 9.91 -4.12
N GLU A 88 7.03 10.10 -4.03
CA GLU A 88 7.96 9.30 -4.81
C GLU A 88 8.18 7.99 -4.11
N ILE A 89 8.77 7.04 -4.82
CA ILE A 89 9.12 5.76 -4.23
C ILE A 89 10.17 5.96 -3.13
N ARG A 90 10.95 7.05 -3.25
CA ARG A 90 11.97 7.38 -2.24
C ARG A 90 11.32 7.74 -0.90
N ASN A 91 10.01 7.96 -0.90
CA ASN A 91 9.30 8.28 0.33
C ASN A 91 8.88 7.00 1.03
N ILE A 92 8.88 5.90 0.28
CA ILE A 92 8.53 4.60 0.83
C ILE A 92 9.76 3.99 1.47
N SER A 93 9.70 3.82 2.77
CA SER A 93 10.82 3.33 3.54
C SER A 93 10.86 1.81 3.58
N CYS A 94 9.71 1.17 3.44
CA CYS A 94 9.64 -0.28 3.46
C CYS A 94 8.33 -0.77 2.85
N ALA A 95 8.31 -2.03 2.45
CA ALA A 95 7.12 -2.64 1.87
C ALA A 95 7.04 -4.09 2.29
N ALA A 96 5.85 -4.55 2.66
CA ALA A 96 5.67 -5.92 3.10
C ALA A 96 4.26 -6.42 2.81
N GLN A 97 3.98 -7.63 3.24
CA GLN A 97 2.67 -8.26 3.04
C GLN A 97 2.35 -9.16 4.22
N ASP A 98 1.14 -9.69 4.26
CA ASP A 98 0.74 -10.57 5.36
C ASP A 98 1.14 -12.02 5.07
N PRO A 99 1.68 -12.73 6.10
CA PRO A 99 2.09 -14.13 5.96
C PRO A 99 0.93 -15.10 5.66
N GLU A 100 -0.23 -14.88 6.27
CA GLU A 100 -1.36 -15.79 6.09
C GLU A 100 -2.20 -15.37 4.88
N ASP A 101 -2.31 -14.08 4.68
CA ASP A 101 -3.07 -13.55 3.57
C ASP A 101 -2.14 -12.93 2.55
N LEU A 102 -1.92 -13.64 1.47
CA LEU A 102 -1.00 -13.21 0.44
C LEU A 102 -1.64 -12.18 -0.49
N SER A 103 -2.85 -11.77 -0.17
CA SER A 103 -3.57 -10.80 -0.99
C SER A 103 -3.60 -9.44 -0.28
N THR A 104 -3.01 -9.38 0.89
CA THR A 104 -2.95 -8.16 1.66
C THR A 104 -1.52 -7.66 1.77
N PHE A 105 -1.30 -6.42 1.37
CA PHE A 105 0.01 -5.84 1.38
C PHE A 105 -0.01 -4.49 2.08
N ALA A 106 1.14 -4.09 2.60
CA ALA A 106 1.25 -2.83 3.30
C ALA A 106 2.64 -2.25 3.12
N TYR A 107 2.71 -0.97 2.83
CA TYR A 107 3.99 -0.32 2.70
C TYR A 107 4.11 0.82 3.70
N ILE A 108 5.32 1.07 4.14
CA ILE A 108 5.57 2.08 5.14
C ILE A 108 6.34 3.24 4.53
N THR A 109 5.83 4.43 4.72
CA THR A 109 6.46 5.64 4.23
C THR A 109 6.98 6.49 5.37
N LYS A 110 7.42 7.69 5.07
CA LYS A 110 7.88 8.62 6.08
C LYS A 110 7.27 10.00 5.83
N ASP A 111 6.60 10.53 6.84
CA ASP A 111 5.97 11.84 6.71
C ASP A 111 6.68 12.85 7.59
N LEU A 112 7.18 13.90 6.96
CA LEU A 112 7.97 14.91 7.65
C LEU A 112 7.22 15.56 8.82
N LYS A 113 5.98 15.97 8.58
CA LYS A 113 5.22 16.64 9.64
C LYS A 113 4.61 15.66 10.64
N SER A 114 4.88 14.38 10.45
CA SER A 114 4.41 13.37 11.38
C SER A 114 5.54 12.97 12.31
N ASN A 115 6.77 12.97 11.76
CA ASN A 115 7.98 12.56 12.50
C ASN A 115 7.91 11.07 12.83
N HIS A 116 7.00 10.39 12.17
CA HIS A 116 6.81 8.96 12.34
C HIS A 116 6.61 8.31 10.98
N HIS A 117 6.21 7.06 10.98
CA HIS A 117 6.03 6.34 9.73
C HIS A 117 4.58 5.91 9.56
N TYR A 118 4.04 6.11 8.37
CA TYR A 118 2.68 5.70 8.06
C TYR A 118 2.69 4.36 7.34
N CYS A 119 1.93 3.42 7.84
CA CYS A 119 1.80 2.14 7.21
C CYS A 119 0.49 2.11 6.45
N HIS A 120 0.60 2.03 5.15
CA HIS A 120 -0.57 1.99 4.30
C HIS A 120 -0.88 0.55 3.93
N VAL A 121 -1.92 0.00 4.53
CA VAL A 121 -2.30 -1.38 4.28
C VAL A 121 -3.51 -1.48 3.35
N PHE A 122 -3.38 -2.30 2.32
CA PHE A 122 -4.44 -2.48 1.33
C PHE A 122 -4.74 -3.95 1.13
N THR A 123 -5.99 -4.26 0.92
CA THR A 123 -6.41 -5.60 0.63
C THR A 123 -6.69 -5.72 -0.86
N ALA A 124 -5.85 -6.45 -1.56
CA ALA A 124 -6.00 -6.63 -2.99
C ALA A 124 -7.11 -7.61 -3.28
N PHE A 125 -7.55 -7.63 -4.52
CA PHE A 125 -8.60 -8.55 -4.93
C PHE A 125 -7.99 -9.79 -5.58
N ASP A 126 -6.66 -9.83 -5.61
CA ASP A 126 -5.94 -10.94 -6.21
C ASP A 126 -4.53 -11.07 -5.60
N VAL A 127 -4.15 -12.29 -5.28
CA VAL A 127 -2.85 -12.57 -4.66
C VAL A 127 -1.69 -12.22 -5.58
N ASN A 128 -1.69 -12.79 -6.78
CA ASN A 128 -0.62 -12.55 -7.75
C ASN A 128 -0.51 -11.07 -8.10
N LEU A 129 -1.64 -10.42 -8.20
CA LEU A 129 -1.69 -8.99 -8.51
C LEU A 129 -1.03 -8.19 -7.38
N ALA A 130 -1.37 -8.51 -6.14
CA ALA A 130 -0.78 -7.83 -4.98
C ALA A 130 0.74 -8.00 -4.96
N ALA A 131 1.17 -9.23 -5.10
CA ALA A 131 2.59 -9.56 -5.11
C ALA A 131 3.29 -8.86 -6.28
N GLU A 132 2.58 -8.72 -7.39
CA GLU A 132 3.13 -8.08 -8.56
C GLU A 132 3.23 -6.57 -8.36
N ILE A 133 2.33 -6.01 -7.55
CA ILE A 133 2.41 -4.59 -7.19
C ILE A 133 3.68 -4.37 -6.38
N ILE A 134 3.91 -5.27 -5.41
CA ILE A 134 5.14 -5.23 -4.62
C ILE A 134 6.34 -5.41 -5.53
N LEU A 135 6.19 -6.30 -6.52
CA LEU A 135 7.21 -6.56 -7.52
C LEU A 135 7.54 -5.28 -8.28
N THR A 136 6.49 -4.59 -8.71
CA THR A 136 6.62 -3.34 -9.44
C THR A 136 7.40 -2.31 -8.61
N LEU A 137 6.94 -2.06 -7.38
CA LEU A 137 7.60 -1.14 -6.45
C LEU A 137 9.06 -1.55 -6.24
N GLY A 138 9.25 -2.83 -5.89
CA GLY A 138 10.58 -3.35 -5.61
C GLY A 138 11.56 -3.14 -6.74
N GLN A 139 11.21 -3.59 -7.93
CA GLN A 139 12.10 -3.46 -9.08
C GLN A 139 12.32 -1.99 -9.46
N ALA A 140 11.26 -1.18 -9.33
CA ALA A 140 11.34 0.23 -9.66
C ALA A 140 12.33 0.95 -8.73
N PHE A 141 12.46 0.47 -7.51
CA PHE A 141 13.41 1.04 -6.56
C PHE A 141 14.78 0.37 -6.70
N GLU A 142 14.77 -0.93 -6.93
CA GLU A 142 15.99 -1.73 -7.03
C GLU A 142 16.84 -1.30 -8.23
N VAL A 143 16.18 -1.02 -9.36
CA VAL A 143 16.88 -0.64 -10.60
C VAL A 143 17.79 0.60 -10.40
N ALA A 144 17.52 1.38 -9.37
CA ALA A 144 18.31 2.58 -9.08
C ALA A 144 19.68 2.21 -8.50
N TYR A 145 19.86 0.95 -8.16
CA TYR A 145 21.10 0.48 -7.58
C TYR A 145 22.07 0.01 -8.67
N GLN A 146 21.58 -0.09 -9.89
CA GLN A 146 22.41 -0.51 -11.01
C GLN A 146 23.08 0.72 -11.64
N GLU A 12 2.96 5.90 -25.60
CA GLU A 12 1.72 6.34 -24.91
C GLU A 12 1.31 5.34 -23.85
N LYS A 13 1.96 4.20 -23.83
CA LYS A 13 1.64 3.18 -22.85
C LYS A 13 2.36 3.46 -21.54
N LEU A 14 1.64 4.07 -20.61
CA LEU A 14 2.20 4.42 -19.30
C LEU A 14 2.64 3.17 -18.54
N ILE A 15 2.13 2.01 -18.94
CA ILE A 15 2.44 0.74 -18.27
C ILE A 15 3.93 0.35 -18.43
N ALA A 16 4.66 1.12 -19.23
CA ALA A 16 6.09 0.87 -19.44
C ALA A 16 6.93 1.64 -18.42
N GLN A 17 6.28 2.54 -17.69
CA GLN A 17 6.96 3.35 -16.68
C GLN A 17 6.21 3.33 -15.37
N SER A 18 4.95 2.97 -15.45
CA SER A 18 4.08 2.94 -14.29
C SER A 18 3.13 1.76 -14.40
N CYS A 19 2.55 1.38 -13.30
CA CYS A 19 1.60 0.29 -13.30
C CYS A 19 0.36 0.65 -12.50
N ASP A 20 -0.80 0.38 -13.08
CA ASP A 20 -2.09 0.69 -12.48
C ASP A 20 -2.72 -0.58 -11.91
N TYR A 21 -2.89 -0.61 -10.60
CA TYR A 21 -3.50 -1.75 -9.94
C TYR A 21 -4.65 -1.30 -9.06
N LYS A 22 -5.82 -1.81 -9.31
CA LYS A 22 -6.98 -1.46 -8.51
C LYS A 22 -7.05 -2.31 -7.26
N ALA A 23 -6.74 -1.70 -6.14
CA ALA A 23 -6.78 -2.34 -4.84
C ALA A 23 -7.89 -1.71 -4.03
N ALA A 24 -8.09 -2.18 -2.82
CA ALA A 24 -9.09 -1.58 -1.97
C ALA A 24 -8.42 -0.91 -0.77
N TYR A 25 -8.78 0.33 -0.50
CA TYR A 25 -8.15 1.08 0.58
C TYR A 25 -8.72 0.63 1.92
N LEU A 26 -7.91 -0.11 2.66
CA LEU A 26 -8.32 -0.59 3.97
C LEU A 26 -8.15 0.53 4.99
N GLY A 27 -6.93 1.05 5.12
CA GLY A 27 -6.72 2.15 6.04
C GLY A 27 -5.27 2.53 6.18
N SER A 28 -5.03 3.71 6.74
CA SER A 28 -3.69 4.18 7.00
C SER A 28 -3.48 4.27 8.51
N MET A 29 -2.49 3.56 9.00
CA MET A 29 -2.24 3.52 10.42
C MET A 29 -0.90 4.13 10.74
N LEU A 30 -0.86 4.87 11.83
CA LEU A 30 0.34 5.52 12.28
C LEU A 30 1.20 4.53 13.04
N ILE A 31 2.45 4.41 12.65
CA ILE A 31 3.36 3.49 13.27
C ILE A 31 4.35 4.24 14.15
N LYS A 32 4.34 3.93 15.43
CA LYS A 32 5.21 4.57 16.40
C LYS A 32 6.69 4.40 16.01
N GLU A 33 7.13 3.17 15.87
CA GLU A 33 8.53 2.91 15.54
C GLU A 33 8.67 1.80 14.52
N LEU A 34 9.75 1.85 13.79
CA LEU A 34 10.02 0.90 12.74
C LEU A 34 10.98 -0.18 13.23
N ARG A 35 10.50 -1.41 13.30
CA ARG A 35 11.32 -2.53 13.71
C ARG A 35 11.46 -3.50 12.56
N GLY A 36 11.50 -2.96 11.36
CA GLY A 36 11.55 -3.79 10.18
C GLY A 36 10.16 -4.16 9.73
N THR A 37 10.00 -5.35 9.18
CA THR A 37 8.70 -5.81 8.74
C THR A 37 7.82 -6.21 9.93
N GLU A 38 8.37 -6.10 11.13
CA GLU A 38 7.62 -6.32 12.35
C GLU A 38 6.44 -5.37 12.36
N SER A 39 6.72 -4.11 12.03
CA SER A 39 5.73 -3.05 12.02
C SER A 39 4.67 -3.28 10.92
N THR A 40 5.11 -3.70 9.72
CA THR A 40 4.19 -3.94 8.61
C THR A 40 3.21 -5.04 8.96
N GLN A 41 3.72 -6.20 9.35
CA GLN A 41 2.85 -7.32 9.70
C GLN A 41 2.03 -7.01 10.94
N ASP A 42 2.57 -6.20 11.84
CA ASP A 42 1.83 -5.78 13.03
C ASP A 42 0.54 -5.11 12.64
N ALA A 43 0.68 -3.98 11.94
CA ALA A 43 -0.44 -3.21 11.50
C ALA A 43 -1.34 -4.02 10.56
N CYS A 44 -0.72 -4.61 9.54
CA CYS A 44 -1.45 -5.39 8.54
C CYS A 44 -2.29 -6.48 9.19
N ALA A 45 -1.67 -7.31 10.02
CA ALA A 45 -2.37 -8.43 10.64
C ALA A 45 -3.49 -7.95 11.53
N LYS A 46 -3.26 -6.86 12.25
CA LYS A 46 -4.28 -6.32 13.14
C LYS A 46 -5.53 -5.86 12.38
N MET A 47 -5.35 -5.06 11.33
CA MET A 47 -6.50 -4.61 10.56
C MET A 47 -7.08 -5.74 9.72
N ARG A 48 -6.22 -6.63 9.26
CA ARG A 48 -6.66 -7.79 8.47
C ARG A 48 -7.55 -8.66 9.34
N ALA A 49 -7.10 -8.90 10.57
CA ALA A 49 -7.87 -9.67 11.52
C ALA A 49 -9.11 -8.90 11.95
N ASN A 50 -9.01 -7.57 11.90
CA ASN A 50 -10.13 -6.71 12.27
C ASN A 50 -11.26 -6.82 11.24
N CYS A 51 -10.89 -6.79 9.96
CA CYS A 51 -11.89 -6.92 8.90
C CYS A 51 -12.37 -8.37 8.78
N GLN A 52 -11.54 -9.29 9.25
CA GLN A 52 -11.90 -10.70 9.28
C GLN A 52 -12.84 -10.95 10.46
N LYS A 53 -12.64 -10.17 11.51
CA LYS A 53 -13.46 -10.21 12.70
C LYS A 53 -14.88 -9.79 12.36
N SER A 54 -15.81 -10.07 13.23
CA SER A 54 -17.19 -9.70 12.99
C SER A 54 -17.41 -8.21 13.27
N THR A 55 -16.85 -7.39 12.41
CA THR A 55 -16.95 -5.95 12.52
C THR A 55 -17.88 -5.40 11.46
N GLU A 56 -18.96 -4.79 11.89
CA GLU A 56 -19.94 -4.24 10.96
C GLU A 56 -19.43 -2.97 10.31
N GLN A 57 -18.50 -2.31 10.97
CA GLN A 57 -17.93 -1.07 10.46
C GLN A 57 -16.64 -1.32 9.70
N MET A 58 -16.15 -2.54 9.73
CA MET A 58 -14.88 -2.86 9.08
C MET A 58 -15.07 -3.92 7.99
N LYS A 59 -16.04 -3.71 7.14
CA LYS A 59 -16.30 -4.63 6.05
C LYS A 59 -16.59 -3.88 4.75
N LYS A 60 -16.16 -4.46 3.63
CA LYS A 60 -16.36 -3.89 2.30
C LYS A 60 -15.67 -2.53 2.16
N VAL A 61 -14.47 -2.56 1.62
CA VAL A 61 -13.69 -1.34 1.43
C VAL A 61 -13.68 -0.91 -0.04
N PRO A 62 -13.69 0.42 -0.28
CA PRO A 62 -13.74 0.98 -1.65
C PRO A 62 -12.45 0.78 -2.44
N THR A 63 -12.59 0.78 -3.76
CA THR A 63 -11.48 0.59 -4.67
C THR A 63 -10.63 1.86 -4.81
N ILE A 64 -9.34 1.66 -4.99
CA ILE A 64 -8.39 2.74 -5.13
C ILE A 64 -7.29 2.34 -6.14
N ILE A 65 -6.90 3.27 -6.99
CA ILE A 65 -5.90 3.01 -8.00
C ILE A 65 -4.49 3.12 -7.44
N LEU A 66 -3.82 2.00 -7.34
CA LEU A 66 -2.44 1.96 -6.92
C LEU A 66 -1.57 2.20 -8.14
N SER A 67 -1.21 3.45 -8.37
CA SER A 67 -0.40 3.81 -9.50
C SER A 67 1.04 3.93 -9.10
N VAL A 68 1.78 2.89 -9.37
CA VAL A 68 3.18 2.83 -9.00
C VAL A 68 4.09 3.15 -10.18
N SER A 69 4.91 4.17 -10.01
CA SER A 69 5.87 4.57 -11.01
C SER A 69 7.24 4.68 -10.39
N ALA A 70 8.27 4.44 -11.20
CA ALA A 70 9.64 4.52 -10.72
C ALA A 70 10.02 5.96 -10.39
N LYS A 71 9.17 6.89 -10.81
CA LYS A 71 9.41 8.31 -10.55
C LYS A 71 8.38 8.86 -9.55
N GLY A 72 7.62 7.96 -8.92
CA GLY A 72 6.64 8.40 -7.96
C GLY A 72 5.43 7.50 -7.91
N VAL A 73 4.94 7.23 -6.72
CA VAL A 73 3.78 6.38 -6.56
C VAL A 73 2.60 7.21 -6.07
N LYS A 74 1.51 7.16 -6.81
CA LYS A 74 0.35 7.93 -6.47
C LYS A 74 -0.87 7.05 -6.25
N PHE A 75 -1.74 7.48 -5.36
CA PHE A 75 -2.92 6.73 -4.99
C PHE A 75 -4.17 7.60 -5.19
N ILE A 76 -5.10 7.12 -6.02
CA ILE A 76 -6.34 7.86 -6.32
C ILE A 76 -7.55 6.97 -6.11
N ASP A 77 -8.62 7.54 -5.62
CA ASP A 77 -9.85 6.82 -5.40
C ASP A 77 -10.59 6.57 -6.72
N ALA A 78 -11.25 5.43 -6.82
CA ALA A 78 -11.94 5.04 -8.02
C ALA A 78 -13.40 5.49 -8.03
N THR A 79 -13.97 5.69 -6.85
CA THR A 79 -15.40 6.00 -6.75
C THR A 79 -15.73 7.45 -7.11
N ASN A 80 -15.04 8.40 -6.50
CA ASN A 80 -15.33 9.82 -6.71
C ASN A 80 -14.16 10.52 -7.35
N LYS A 81 -13.11 9.75 -7.67
CA LYS A 81 -11.89 10.29 -8.27
C LYS A 81 -11.19 11.20 -7.24
N ASN A 82 -11.32 10.82 -5.98
CA ASN A 82 -10.71 11.55 -4.90
C ASN A 82 -9.22 11.23 -4.83
N ILE A 83 -8.39 12.23 -4.86
CA ILE A 83 -6.97 12.01 -4.78
C ILE A 83 -6.55 11.69 -3.35
N ILE A 84 -5.90 10.54 -3.17
CA ILE A 84 -5.45 10.14 -1.86
C ILE A 84 -4.12 10.82 -1.55
N ALA A 85 -3.11 10.58 -2.40
CA ALA A 85 -1.79 11.20 -2.22
C ALA A 85 -0.79 10.68 -3.23
N GLU A 86 0.34 11.36 -3.33
CA GLU A 86 1.44 10.95 -4.18
C GLU A 86 2.74 11.07 -3.41
N HIS A 87 3.52 10.01 -3.42
CA HIS A 87 4.79 9.99 -2.71
C HIS A 87 5.84 9.36 -3.60
N GLU A 88 7.07 9.80 -3.46
CA GLU A 88 8.14 9.25 -4.27
C GLU A 88 8.46 7.83 -3.81
N ILE A 89 8.89 6.99 -4.75
CA ILE A 89 9.21 5.60 -4.43
C ILE A 89 10.36 5.53 -3.41
N ARG A 90 11.27 6.50 -3.51
CA ARG A 90 12.42 6.61 -2.62
C ARG A 90 11.97 6.90 -1.16
N ASN A 91 10.72 7.26 -1.01
CA ASN A 91 10.17 7.60 0.29
C ASN A 91 9.54 6.38 0.96
N ILE A 92 9.27 5.34 0.19
CA ILE A 92 8.68 4.14 0.75
C ILE A 92 9.75 3.33 1.46
N SER A 93 9.73 3.37 2.77
CA SER A 93 10.74 2.74 3.59
C SER A 93 10.59 1.23 3.65
N CYS A 94 9.37 0.74 3.52
CA CYS A 94 9.14 -0.69 3.59
C CYS A 94 7.88 -1.08 2.85
N ALA A 95 7.94 -2.20 2.15
CA ALA A 95 6.79 -2.72 1.42
C ALA A 95 6.61 -4.18 1.76
N ALA A 96 5.61 -4.49 2.55
CA ALA A 96 5.39 -5.85 2.98
C ALA A 96 3.92 -6.24 2.80
N GLN A 97 3.57 -7.41 3.27
CA GLN A 97 2.23 -7.91 3.12
C GLN A 97 1.85 -8.76 4.33
N ASP A 98 0.62 -9.25 4.35
CA ASP A 98 0.15 -10.07 5.45
C ASP A 98 0.83 -11.44 5.42
N PRO A 99 1.21 -11.97 6.59
CA PRO A 99 1.91 -13.26 6.70
C PRO A 99 1.12 -14.43 6.08
N GLU A 100 -0.20 -14.39 6.19
CA GLU A 100 -1.01 -15.50 5.67
C GLU A 100 -1.90 -15.06 4.51
N ASP A 101 -2.26 -13.79 4.48
CA ASP A 101 -3.11 -13.28 3.43
C ASP A 101 -2.27 -12.63 2.35
N LEU A 102 -2.04 -13.35 1.28
CA LEU A 102 -1.23 -12.87 0.17
C LEU A 102 -2.04 -11.96 -0.75
N SER A 103 -3.18 -11.51 -0.28
CA SER A 103 -4.02 -10.61 -1.03
C SER A 103 -4.11 -9.27 -0.30
N THR A 104 -3.36 -9.15 0.78
CA THR A 104 -3.34 -7.93 1.56
C THR A 104 -1.91 -7.42 1.71
N PHE A 105 -1.68 -6.18 1.34
CA PHE A 105 -0.34 -5.61 1.42
C PHE A 105 -0.33 -4.33 2.22
N ALA A 106 0.80 -4.03 2.82
CA ALA A 106 0.96 -2.85 3.64
C ALA A 106 2.35 -2.27 3.47
N TYR A 107 2.41 -1.02 3.06
CA TYR A 107 3.67 -0.36 2.87
C TYR A 107 3.82 0.79 3.88
N ILE A 108 5.03 1.03 4.31
CA ILE A 108 5.31 2.08 5.25
C ILE A 108 6.19 3.13 4.61
N THR A 109 5.77 4.36 4.69
CA THR A 109 6.52 5.46 4.13
C THR A 109 7.15 6.29 5.23
N LYS A 110 8.35 6.79 4.98
CA LYS A 110 9.03 7.60 5.95
C LYS A 110 9.17 9.01 5.40
N ASP A 111 8.05 9.70 5.34
CA ASP A 111 8.00 11.05 4.83
C ASP A 111 8.61 12.01 5.82
N LEU A 112 9.55 12.81 5.36
CA LEU A 112 10.19 13.79 6.21
C LEU A 112 9.19 14.88 6.59
N LYS A 113 8.15 14.99 5.77
CA LYS A 113 7.07 15.92 6.04
C LYS A 113 6.17 15.39 7.15
N SER A 114 6.21 14.09 7.34
CA SER A 114 5.38 13.43 8.33
C SER A 114 6.16 13.20 9.61
N ASN A 115 7.42 12.77 9.47
CA ASN A 115 8.31 12.42 10.60
C ASN A 115 7.88 11.09 11.22
N HIS A 116 6.59 10.95 11.45
CA HIS A 116 6.03 9.74 12.00
C HIS A 116 5.82 8.73 10.89
N HIS A 117 6.01 7.46 11.21
CA HIS A 117 5.88 6.38 10.23
C HIS A 117 4.42 6.16 9.85
N TYR A 118 4.16 6.14 8.55
CA TYR A 118 2.81 5.92 8.09
C TYR A 118 2.71 4.62 7.31
N CYS A 119 1.87 3.72 7.79
CA CYS A 119 1.66 2.45 7.14
C CYS A 119 0.30 2.44 6.47
N HIS A 120 0.29 2.28 5.18
CA HIS A 120 -0.95 2.24 4.43
C HIS A 120 -1.23 0.82 3.99
N VAL A 121 -2.31 0.26 4.49
CA VAL A 121 -2.67 -1.11 4.16
C VAL A 121 -3.84 -1.15 3.20
N PHE A 122 -3.69 -1.97 2.17
CA PHE A 122 -4.71 -2.11 1.14
C PHE A 122 -5.00 -3.58 0.91
N THR A 123 -6.24 -3.89 0.69
CA THR A 123 -6.64 -5.25 0.42
C THR A 123 -6.89 -5.42 -1.07
N ALA A 124 -6.13 -6.27 -1.70
CA ALA A 124 -6.29 -6.51 -3.11
C ALA A 124 -7.45 -7.44 -3.34
N PHE A 125 -7.97 -7.46 -4.55
CA PHE A 125 -9.09 -8.31 -4.87
C PHE A 125 -8.62 -9.66 -5.37
N ASP A 126 -7.30 -9.82 -5.48
CA ASP A 126 -6.72 -11.05 -5.97
C ASP A 126 -5.29 -11.22 -5.46
N VAL A 127 -4.88 -12.47 -5.25
CA VAL A 127 -3.55 -12.79 -4.76
C VAL A 127 -2.47 -12.30 -5.73
N ASN A 128 -2.71 -12.49 -7.02
CA ASN A 128 -1.77 -12.04 -8.04
C ASN A 128 -1.68 -10.53 -8.03
N LEU A 129 -2.82 -9.88 -7.88
CA LEU A 129 -2.89 -8.44 -7.86
C LEU A 129 -2.00 -7.88 -6.75
N ALA A 130 -2.14 -8.44 -5.55
CA ALA A 130 -1.35 -8.00 -4.40
C ALA A 130 0.14 -8.29 -4.62
N ALA A 131 0.45 -9.50 -5.03
CA ALA A 131 1.83 -9.91 -5.27
C ALA A 131 2.46 -9.08 -6.38
N GLU A 132 1.67 -8.78 -7.39
CA GLU A 132 2.13 -7.98 -8.52
C GLU A 132 2.51 -6.59 -8.05
N ILE A 133 1.68 -6.01 -7.16
CA ILE A 133 1.97 -4.70 -6.60
C ILE A 133 3.28 -4.75 -5.81
N ILE A 134 3.40 -5.76 -4.95
CA ILE A 134 4.62 -5.96 -4.15
C ILE A 134 5.85 -6.06 -5.07
N LEU A 135 5.71 -6.84 -6.14
CA LEU A 135 6.77 -7.03 -7.10
C LEU A 135 7.12 -5.70 -7.78
N THR A 136 6.10 -5.01 -8.27
CA THR A 136 6.29 -3.75 -8.97
C THR A 136 6.94 -2.71 -8.04
N LEU A 137 6.47 -2.64 -6.80
CA LEU A 137 7.05 -1.72 -5.80
C LEU A 137 8.53 -2.04 -5.59
N GLY A 138 8.83 -3.31 -5.45
CA GLY A 138 10.21 -3.74 -5.25
C GLY A 138 11.10 -3.34 -6.41
N GLN A 139 10.63 -3.60 -7.63
CA GLN A 139 11.38 -3.25 -8.83
C GLN A 139 11.62 -1.76 -8.90
N ALA A 140 10.57 -0.99 -8.62
CA ALA A 140 10.66 0.47 -8.66
C ALA A 140 11.58 1.01 -7.57
N PHE A 141 11.55 0.38 -6.41
CA PHE A 141 12.37 0.81 -5.30
C PHE A 141 13.85 0.51 -5.56
N GLU A 142 14.14 -0.70 -6.01
CA GLU A 142 15.51 -1.11 -6.23
C GLU A 142 16.11 -0.46 -7.47
N VAL A 143 15.29 -0.15 -8.47
CA VAL A 143 15.80 0.51 -9.68
C VAL A 143 16.24 1.93 -9.35
N ALA A 144 15.61 2.51 -8.33
CA ALA A 144 15.95 3.85 -7.88
C ALA A 144 17.01 3.77 -6.78
N TYR A 145 17.22 2.57 -6.27
CA TYR A 145 18.22 2.32 -5.23
C TYR A 145 19.60 2.19 -5.86
N GLN A 146 19.64 1.57 -7.04
CA GLN A 146 20.89 1.38 -7.75
C GLN A 146 21.28 2.66 -8.48
N GLU A 12 10.18 5.09 -23.91
CA GLU A 12 9.85 6.53 -23.77
C GLU A 12 8.59 6.71 -22.91
N LYS A 13 7.54 5.96 -23.20
CA LYS A 13 6.30 6.03 -22.45
C LYS A 13 6.19 4.82 -21.53
N LEU A 14 5.68 5.02 -20.33
CA LEU A 14 5.63 3.93 -19.36
C LEU A 14 4.19 3.52 -18.99
N ILE A 15 3.24 3.73 -19.90
CA ILE A 15 1.83 3.38 -19.64
C ILE A 15 1.61 1.88 -19.39
N ALA A 16 2.51 1.07 -19.93
CA ALA A 16 2.42 -0.38 -19.78
C ALA A 16 3.42 -0.85 -18.75
N GLN A 17 4.40 -0.02 -18.48
CA GLN A 17 5.42 -0.33 -17.49
C GLN A 17 4.95 0.11 -16.12
N SER A 18 3.93 0.94 -16.09
CA SER A 18 3.36 1.38 -14.86
C SER A 18 2.24 0.45 -14.44
N CYS A 19 2.21 0.13 -13.18
CA CYS A 19 1.22 -0.75 -12.64
C CYS A 19 0.00 0.05 -12.20
N ASP A 20 -0.99 0.12 -13.08
CA ASP A 20 -2.22 0.86 -12.82
C ASP A 20 -3.39 -0.10 -12.67
N TYR A 21 -3.76 -0.38 -11.43
CA TYR A 21 -4.86 -1.30 -11.15
C TYR A 21 -5.70 -0.79 -10.00
N LYS A 22 -6.74 -1.51 -9.66
CA LYS A 22 -7.59 -1.10 -8.57
C LYS A 22 -7.31 -1.92 -7.32
N ALA A 23 -6.65 -1.31 -6.36
CA ALA A 23 -6.36 -1.93 -5.10
C ALA A 23 -7.44 -1.57 -4.10
N ALA A 24 -7.36 -2.10 -2.92
CA ALA A 24 -8.35 -1.82 -1.92
C ALA A 24 -7.73 -1.08 -0.72
N TYR A 25 -8.30 0.08 -0.40
CA TYR A 25 -7.79 0.93 0.68
C TYR A 25 -8.23 0.41 2.05
N LEU A 26 -7.31 -0.21 2.77
CA LEU A 26 -7.64 -0.73 4.09
C LEU A 26 -7.44 0.35 5.15
N GLY A 27 -6.24 0.97 5.19
CA GLY A 27 -6.04 2.04 6.15
C GLY A 27 -4.60 2.50 6.26
N SER A 28 -4.42 3.68 6.84
CA SER A 28 -3.11 4.24 7.09
C SER A 28 -2.89 4.35 8.60
N MET A 29 -2.02 3.53 9.14
CA MET A 29 -1.80 3.49 10.57
C MET A 29 -0.39 3.89 10.94
N LEU A 30 -0.26 4.77 11.92
CA LEU A 30 1.04 5.23 12.38
C LEU A 30 1.66 4.23 13.33
N ILE A 31 2.91 3.86 13.06
CA ILE A 31 3.59 2.88 13.90
C ILE A 31 4.68 3.55 14.74
N LYS A 32 4.83 3.08 15.97
CA LYS A 32 5.84 3.62 16.88
C LYS A 32 7.23 3.34 16.35
N GLU A 33 7.51 2.08 16.11
CA GLU A 33 8.79 1.67 15.56
C GLU A 33 8.60 0.67 14.44
N LEU A 34 9.38 0.82 13.40
CA LEU A 34 9.27 -0.05 12.25
C LEU A 34 10.41 -1.03 12.21
N ARG A 35 10.13 -2.25 12.63
CA ARG A 35 11.14 -3.30 12.65
C ARG A 35 10.81 -4.38 11.61
N GLY A 36 11.29 -4.16 10.40
CA GLY A 36 11.08 -5.11 9.33
C GLY A 36 9.61 -5.25 8.96
N THR A 37 9.20 -6.47 8.65
CA THR A 37 7.83 -6.73 8.28
C THR A 37 6.99 -7.10 9.51
N GLU A 38 7.62 -7.05 10.68
CA GLU A 38 6.93 -7.33 11.92
C GLU A 38 5.87 -6.26 12.16
N SER A 39 6.28 -5.01 11.96
CA SER A 39 5.40 -3.87 12.16
C SER A 39 4.26 -3.86 11.13
N THR A 40 4.58 -4.24 9.89
CA THR A 40 3.58 -4.25 8.83
C THR A 40 2.53 -5.32 9.10
N GLN A 41 2.98 -6.51 9.52
CA GLN A 41 2.05 -7.60 9.82
C GLN A 41 1.24 -7.26 11.06
N ASP A 42 1.86 -6.55 12.00
CA ASP A 42 1.18 -6.10 13.22
C ASP A 42 -0.02 -5.26 12.86
N ALA A 43 0.22 -4.21 12.07
CA ALA A 43 -0.84 -3.33 11.62
C ALA A 43 -1.81 -4.08 10.72
N CYS A 44 -1.28 -4.90 9.83
CA CYS A 44 -2.09 -5.69 8.91
C CYS A 44 -3.12 -6.51 9.68
N ALA A 45 -2.65 -7.31 10.63
CA ALA A 45 -3.51 -8.15 11.44
C ALA A 45 -4.49 -7.29 12.26
N LYS A 46 -4.00 -6.14 12.71
CA LYS A 46 -4.81 -5.20 13.46
C LYS A 46 -6.10 -4.84 12.71
N MET A 47 -5.94 -4.29 11.52
CA MET A 47 -7.11 -3.88 10.73
C MET A 47 -7.79 -5.06 10.07
N ARG A 48 -7.05 -6.12 9.77
CA ARG A 48 -7.63 -7.29 9.14
C ARG A 48 -8.57 -8.01 10.10
N ALA A 49 -8.33 -7.85 11.40
CA ALA A 49 -9.19 -8.42 12.41
C ALA A 49 -10.25 -7.41 12.85
N ASN A 50 -9.89 -6.13 12.82
CA ASN A 50 -10.81 -5.05 13.22
C ASN A 50 -11.70 -4.62 12.06
N CYS A 51 -11.45 -5.19 10.88
CA CYS A 51 -12.20 -4.86 9.66
C CYS A 51 -13.71 -4.95 9.85
N GLN A 52 -14.15 -5.83 10.73
CA GLN A 52 -15.58 -6.03 10.96
C GLN A 52 -16.25 -4.78 11.59
N LYS A 53 -15.44 -3.85 12.07
CA LYS A 53 -15.95 -2.63 12.67
C LYS A 53 -14.92 -1.49 12.58
N SER A 54 -14.91 -0.79 11.45
CA SER A 54 -13.97 0.30 11.25
C SER A 54 -14.50 1.35 10.28
N THR A 55 -15.04 2.43 10.84
CA THR A 55 -15.49 3.60 10.07
C THR A 55 -16.73 3.33 9.17
N GLU A 56 -16.52 2.66 8.07
CA GLU A 56 -17.57 2.45 7.06
C GLU A 56 -17.91 0.96 6.99
N GLN A 57 -18.95 0.60 6.22
CA GLN A 57 -19.25 -0.81 6.01
C GLN A 57 -18.08 -1.41 5.25
N MET A 58 -17.51 -2.45 5.81
CA MET A 58 -16.28 -3.00 5.27
C MET A 58 -16.51 -3.82 4.01
N LYS A 59 -16.83 -5.11 4.20
CA LYS A 59 -17.02 -6.05 3.08
C LYS A 59 -15.71 -6.25 2.30
N LYS A 60 -15.38 -5.30 1.44
CA LYS A 60 -14.17 -5.37 0.66
C LYS A 60 -13.47 -3.99 0.62
N VAL A 61 -13.90 -3.11 1.56
CA VAL A 61 -13.33 -1.75 1.75
C VAL A 61 -13.43 -0.87 0.46
N PRO A 62 -13.13 0.46 0.54
CA PRO A 62 -13.16 1.32 -0.65
C PRO A 62 -12.04 0.99 -1.64
N THR A 63 -12.32 1.16 -2.92
CA THR A 63 -11.37 0.83 -3.96
C THR A 63 -10.47 2.02 -4.29
N ILE A 64 -9.17 1.77 -4.37
CA ILE A 64 -8.20 2.80 -4.67
C ILE A 64 -7.38 2.40 -5.91
N ILE A 65 -7.39 3.27 -6.91
CA ILE A 65 -6.63 3.04 -8.12
C ILE A 65 -5.16 3.18 -7.81
N LEU A 66 -4.49 2.08 -7.78
CA LEU A 66 -3.10 2.04 -7.46
C LEU A 66 -2.28 2.21 -8.72
N SER A 67 -1.72 3.40 -8.89
CA SER A 67 -0.88 3.68 -10.03
C SER A 67 0.56 3.79 -9.59
N VAL A 68 1.24 2.69 -9.61
CA VAL A 68 2.62 2.64 -9.20
C VAL A 68 3.57 2.55 -10.39
N SER A 69 4.41 3.55 -10.52
CA SER A 69 5.37 3.62 -11.58
C SER A 69 6.78 3.75 -11.00
N ALA A 70 7.78 3.49 -11.80
CA ALA A 70 9.15 3.58 -11.37
C ALA A 70 9.47 5.00 -10.91
N LYS A 71 9.81 5.13 -9.63
CA LYS A 71 10.19 6.41 -9.00
C LYS A 71 8.99 7.35 -8.80
N GLY A 72 7.78 6.85 -8.99
CA GLY A 72 6.62 7.70 -8.82
C GLY A 72 5.34 6.92 -8.57
N VAL A 73 4.74 7.11 -7.41
CA VAL A 73 3.55 6.37 -7.06
C VAL A 73 2.37 7.31 -6.80
N LYS A 74 1.26 6.99 -7.42
CA LYS A 74 0.05 7.78 -7.34
C LYS A 74 -1.11 6.93 -6.80
N PHE A 75 -1.83 7.44 -5.83
CA PHE A 75 -2.95 6.73 -5.23
C PHE A 75 -4.25 7.54 -5.39
N ILE A 76 -5.18 7.04 -6.19
CA ILE A 76 -6.45 7.72 -6.43
C ILE A 76 -7.59 6.85 -5.93
N ASP A 77 -8.61 7.46 -5.39
CA ASP A 77 -9.78 6.73 -4.95
C ASP A 77 -10.68 6.43 -6.14
N ALA A 78 -11.14 5.20 -6.25
CA ALA A 78 -12.00 4.81 -7.36
C ALA A 78 -13.45 4.98 -6.98
N THR A 79 -13.71 5.11 -5.70
CA THR A 79 -15.05 5.23 -5.20
C THR A 79 -15.67 6.59 -5.58
N ASN A 80 -14.95 7.66 -5.26
CA ASN A 80 -15.44 9.01 -5.52
C ASN A 80 -14.50 9.76 -6.46
N LYS A 81 -13.37 9.12 -6.81
CA LYS A 81 -12.33 9.70 -7.67
C LYS A 81 -11.54 10.76 -6.91
N ASN A 82 -11.35 10.51 -5.63
CA ASN A 82 -10.61 11.41 -4.76
C ASN A 82 -9.11 11.20 -4.93
N ILE A 83 -8.38 12.27 -5.19
CA ILE A 83 -6.94 12.17 -5.25
C ILE A 83 -6.41 12.04 -3.84
N ILE A 84 -6.10 10.82 -3.45
CA ILE A 84 -5.68 10.52 -2.10
C ILE A 84 -4.27 11.00 -1.84
N ALA A 85 -3.31 10.51 -2.61
CA ALA A 85 -1.92 10.92 -2.41
C ALA A 85 -1.06 10.59 -3.61
N GLU A 86 0.03 11.30 -3.73
CA GLU A 86 1.03 11.06 -4.76
C GLU A 86 2.39 11.45 -4.24
N HIS A 87 3.32 10.53 -4.28
CA HIS A 87 4.66 10.80 -3.76
C HIS A 87 5.72 10.05 -4.55
N GLU A 88 6.94 10.55 -4.46
CA GLU A 88 8.06 9.95 -5.14
C GLU A 88 8.50 8.70 -4.36
N ILE A 89 9.34 7.89 -4.97
CA ILE A 89 9.78 6.63 -4.36
C ILE A 89 10.50 6.86 -3.01
N ARG A 90 11.19 7.99 -2.86
CA ARG A 90 11.92 8.29 -1.62
C ARG A 90 10.97 8.47 -0.44
N ASN A 91 9.69 8.64 -0.71
CA ASN A 91 8.70 8.80 0.35
C ASN A 91 8.35 7.44 0.95
N ILE A 92 8.63 6.39 0.19
CA ILE A 92 8.39 5.04 0.64
C ILE A 92 9.67 4.44 1.18
N SER A 93 9.63 3.95 2.40
CA SER A 93 10.82 3.39 3.02
C SER A 93 10.83 1.86 2.91
N CYS A 94 9.65 1.25 2.92
CA CYS A 94 9.58 -0.19 2.85
C CYS A 94 8.26 -0.65 2.23
N ALA A 95 8.26 -1.86 1.71
CA ALA A 95 7.07 -2.45 1.12
C ALA A 95 7.07 -3.94 1.42
N ALA A 96 6.09 -4.40 2.17
CA ALA A 96 6.05 -5.81 2.54
C ALA A 96 4.64 -6.38 2.43
N GLN A 97 4.54 -7.54 1.82
CA GLN A 97 3.28 -8.24 1.74
C GLN A 97 3.07 -9.07 2.99
N ASP A 98 1.82 -9.29 3.36
CA ASP A 98 1.51 -10.05 4.58
C ASP A 98 1.98 -11.49 4.43
N PRO A 99 2.85 -11.94 5.37
CA PRO A 99 3.43 -13.29 5.33
C PRO A 99 2.41 -14.42 5.25
N GLU A 100 1.36 -14.34 6.07
CA GLU A 100 0.39 -15.42 6.12
C GLU A 100 -0.66 -15.32 5.02
N ASP A 101 -1.10 -14.12 4.72
CA ASP A 101 -2.09 -13.91 3.68
C ASP A 101 -1.54 -12.97 2.62
N LEU A 102 -1.15 -13.53 1.49
CA LEU A 102 -0.50 -12.78 0.43
C LEU A 102 -1.48 -11.94 -0.41
N SER A 103 -2.73 -11.89 0.01
CA SER A 103 -3.74 -11.13 -0.72
C SER A 103 -3.92 -9.75 -0.10
N THR A 104 -3.01 -9.41 0.79
CA THR A 104 -3.00 -8.13 1.45
C THR A 104 -1.55 -7.70 1.70
N PHE A 105 -1.31 -6.41 1.68
CA PHE A 105 0.05 -5.92 1.82
C PHE A 105 0.09 -4.58 2.53
N ALA A 106 1.24 -4.24 3.06
CA ALA A 106 1.41 -2.99 3.76
C ALA A 106 2.78 -2.40 3.46
N TYR A 107 2.79 -1.16 3.03
CA TYR A 107 4.03 -0.50 2.74
C TYR A 107 4.27 0.63 3.74
N ILE A 108 5.52 0.82 4.10
CA ILE A 108 5.88 1.81 5.06
C ILE A 108 6.33 3.07 4.37
N THR A 109 5.71 4.18 4.74
CA THR A 109 6.01 5.46 4.15
C THR A 109 6.41 6.48 5.21
N LYS A 110 7.31 7.36 4.86
CA LYS A 110 7.73 8.40 5.75
C LYS A 110 6.92 9.66 5.49
N ASP A 111 5.87 9.83 6.24
CA ASP A 111 4.98 10.95 6.04
C ASP A 111 5.63 12.24 6.53
N LEU A 112 6.21 12.97 5.59
CA LEU A 112 6.92 14.21 5.89
C LEU A 112 6.00 15.28 6.48
N LYS A 113 4.70 15.06 6.39
CA LYS A 113 3.74 16.01 6.92
C LYS A 113 3.54 15.81 8.42
N SER A 114 3.80 14.60 8.88
CA SER A 114 3.66 14.29 10.31
C SER A 114 5.01 13.92 10.92
N ASN A 115 6.03 13.79 10.06
CA ASN A 115 7.41 13.47 10.48
C ASN A 115 7.46 12.10 11.15
N HIS A 116 6.55 11.22 10.78
CA HIS A 116 6.50 9.89 11.35
C HIS A 116 6.27 8.84 10.25
N HIS A 117 6.50 7.57 10.59
CA HIS A 117 6.34 6.50 9.63
C HIS A 117 4.97 5.84 9.72
N TYR A 118 4.23 5.95 8.65
CA TYR A 118 2.91 5.39 8.56
C TYR A 118 2.92 4.11 7.76
N CYS A 119 2.27 3.10 8.30
CA CYS A 119 2.12 1.86 7.61
C CYS A 119 0.83 1.88 6.84
N HIS A 120 0.93 2.02 5.55
CA HIS A 120 -0.23 2.10 4.70
C HIS A 120 -0.55 0.70 4.19
N VAL A 121 -1.63 0.14 4.71
CA VAL A 121 -2.01 -1.20 4.36
C VAL A 121 -3.15 -1.22 3.34
N PHE A 122 -2.96 -2.04 2.32
CA PHE A 122 -3.93 -2.23 1.26
C PHE A 122 -4.17 -3.71 1.04
N THR A 123 -5.37 -4.05 0.68
CA THR A 123 -5.69 -5.41 0.36
C THR A 123 -6.00 -5.49 -1.14
N ALA A 124 -6.02 -6.68 -1.68
CA ALA A 124 -6.22 -6.84 -3.11
C ALA A 124 -7.41 -7.71 -3.41
N PHE A 125 -7.87 -7.64 -4.65
CA PHE A 125 -8.96 -8.47 -5.14
C PHE A 125 -8.43 -9.81 -5.60
N ASP A 126 -7.11 -9.85 -5.79
CA ASP A 126 -6.44 -11.04 -6.27
C ASP A 126 -5.07 -11.14 -5.59
N VAL A 127 -4.70 -12.36 -5.21
CA VAL A 127 -3.45 -12.60 -4.50
C VAL A 127 -2.21 -12.21 -5.35
N ASN A 128 -2.26 -12.52 -6.64
CA ASN A 128 -1.16 -12.20 -7.52
C ASN A 128 -1.09 -10.70 -7.74
N LEU A 129 -2.26 -10.07 -7.78
CA LEU A 129 -2.36 -8.63 -7.93
C LEU A 129 -1.65 -7.94 -6.75
N ALA A 130 -1.88 -8.47 -5.56
CA ALA A 130 -1.23 -7.96 -4.34
C ALA A 130 0.29 -8.08 -4.47
N ALA A 131 0.75 -9.29 -4.79
CA ALA A 131 2.17 -9.55 -4.94
C ALA A 131 2.76 -8.74 -6.10
N GLU A 132 1.94 -8.50 -7.12
CA GLU A 132 2.37 -7.73 -8.29
C GLU A 132 2.68 -6.29 -7.88
N ILE A 133 1.79 -5.70 -7.09
CA ILE A 133 1.98 -4.33 -6.61
C ILE A 133 3.24 -4.23 -5.77
N ILE A 134 3.40 -5.16 -4.82
CA ILE A 134 4.59 -5.19 -3.97
C ILE A 134 5.85 -5.37 -4.82
N LEU A 135 5.77 -6.26 -5.81
CA LEU A 135 6.88 -6.51 -6.70
C LEU A 135 7.23 -5.23 -7.48
N THR A 136 6.21 -4.54 -7.97
CA THR A 136 6.42 -3.31 -8.71
C THR A 136 7.05 -2.23 -7.81
N LEU A 137 6.57 -2.15 -6.56
CA LEU A 137 7.13 -1.21 -5.59
C LEU A 137 8.60 -1.49 -5.36
N GLY A 138 8.93 -2.76 -5.16
CA GLY A 138 10.30 -3.17 -4.95
C GLY A 138 11.18 -2.80 -6.13
N GLN A 139 10.70 -3.09 -7.34
CA GLN A 139 11.43 -2.77 -8.55
C GLN A 139 11.67 -1.27 -8.67
N ALA A 140 10.63 -0.50 -8.36
CA ALA A 140 10.70 0.96 -8.42
C ALA A 140 11.66 1.50 -7.37
N PHE A 141 11.77 0.79 -6.26
CA PHE A 141 12.65 1.19 -5.17
C PHE A 141 14.10 0.86 -5.49
N GLU A 142 14.35 -0.34 -6.00
CA GLU A 142 15.70 -0.77 -6.28
C GLU A 142 16.29 -0.02 -7.48
N VAL A 143 15.46 0.26 -8.48
CA VAL A 143 15.93 0.95 -9.69
C VAL A 143 16.33 2.41 -9.38
N ALA A 144 16.11 2.84 -8.16
CA ALA A 144 16.47 4.18 -7.75
C ALA A 144 17.94 4.28 -7.38
N TYR A 145 18.53 3.17 -6.95
CA TYR A 145 19.94 3.20 -6.56
C TYR A 145 20.82 2.34 -7.46
N GLN A 146 20.21 1.42 -8.19
CA GLN A 146 20.97 0.60 -9.11
C GLN A 146 20.61 0.95 -10.56
N GLU A 12 2.76 11.50 -21.31
CA GLU A 12 1.49 12.21 -21.04
C GLU A 12 0.72 11.47 -19.95
N LYS A 13 0.25 10.28 -20.28
CA LYS A 13 -0.46 9.45 -19.33
C LYS A 13 0.54 8.68 -18.48
N LEU A 14 0.28 8.64 -17.19
CA LEU A 14 1.21 8.01 -16.25
C LEU A 14 1.42 6.52 -16.53
N ILE A 15 0.44 5.89 -17.19
CA ILE A 15 0.52 4.45 -17.52
C ILE A 15 1.79 4.09 -18.32
N ALA A 16 2.41 5.11 -18.92
CA ALA A 16 3.61 4.90 -19.72
C ALA A 16 4.80 4.57 -18.85
N GLN A 17 4.77 5.02 -17.60
CA GLN A 17 5.86 4.78 -16.67
C GLN A 17 5.32 4.27 -15.33
N SER A 18 4.02 4.07 -15.27
CA SER A 18 3.38 3.63 -14.04
C SER A 18 2.37 2.54 -14.35
N CYS A 19 2.08 1.72 -13.36
CA CYS A 19 1.07 0.70 -13.53
C CYS A 19 -0.15 1.05 -12.70
N ASP A 20 -1.32 0.77 -13.25
CA ASP A 20 -2.59 1.10 -12.63
C ASP A 20 -3.21 -0.15 -11.98
N TYR A 21 -3.24 -0.20 -10.66
CA TYR A 21 -3.81 -1.34 -9.94
C TYR A 21 -5.00 -0.93 -9.09
N LYS A 22 -6.05 -1.73 -9.09
CA LYS A 22 -7.19 -1.47 -8.23
C LYS A 22 -7.13 -2.36 -7.01
N ALA A 23 -6.94 -1.77 -5.85
CA ALA A 23 -6.86 -2.51 -4.61
C ALA A 23 -7.90 -2.01 -3.64
N ALA A 24 -8.04 -2.67 -2.53
CA ALA A 24 -8.97 -2.24 -1.52
C ALA A 24 -8.23 -1.45 -0.44
N TYR A 25 -8.65 -0.21 -0.23
CA TYR A 25 -8.00 0.67 0.73
C TYR A 25 -8.33 0.25 2.16
N LEU A 26 -7.48 -0.58 2.74
CA LEU A 26 -7.69 -1.04 4.10
C LEU A 26 -7.40 0.09 5.09
N GLY A 27 -6.19 0.65 5.01
CA GLY A 27 -5.88 1.77 5.86
C GLY A 27 -4.43 2.21 5.78
N SER A 28 -4.19 3.42 6.19
CA SER A 28 -2.85 3.97 6.26
C SER A 28 -2.57 4.34 7.69
N MET A 29 -1.89 3.48 8.40
CA MET A 29 -1.68 3.68 9.82
C MET A 29 -0.34 4.31 10.10
N LEU A 30 -0.33 5.22 11.03
CA LEU A 30 0.88 5.94 11.38
C LEU A 30 1.65 5.19 12.45
N ILE A 31 2.87 4.81 12.12
CA ILE A 31 3.69 4.03 13.03
C ILE A 31 4.72 4.92 13.72
N LYS A 32 5.00 4.62 14.98
CA LYS A 32 5.98 5.34 15.74
C LYS A 32 7.37 4.81 15.48
N GLU A 33 7.60 3.58 15.87
CA GLU A 33 8.90 2.96 15.71
C GLU A 33 8.85 1.84 14.68
N LEU A 34 9.80 1.83 13.79
CA LEU A 34 9.86 0.83 12.74
C LEU A 34 10.70 -0.36 13.18
N ARG A 35 10.18 -1.54 12.97
CA ARG A 35 10.89 -2.76 13.32
C ARG A 35 10.56 -3.88 12.33
N GLY A 36 11.29 -3.87 11.22
CA GLY A 36 11.10 -4.86 10.18
C GLY A 36 9.67 -4.93 9.68
N THR A 37 9.20 -6.12 9.40
CA THR A 37 7.86 -6.32 8.92
C THR A 37 6.89 -6.53 10.08
N GLU A 38 7.38 -6.41 11.30
CA GLU A 38 6.53 -6.56 12.46
C GLU A 38 5.58 -5.38 12.57
N SER A 39 6.07 -4.21 12.20
CA SER A 39 5.26 -2.99 12.20
C SER A 39 4.11 -3.12 11.20
N THR A 40 4.44 -3.58 9.99
CA THR A 40 3.46 -3.75 8.94
C THR A 40 2.47 -4.85 9.30
N GLN A 41 2.98 -5.92 9.92
CA GLN A 41 2.14 -7.03 10.31
C GLN A 41 1.23 -6.62 11.46
N ASP A 42 1.76 -5.81 12.36
CA ASP A 42 0.98 -5.28 13.48
C ASP A 42 -0.23 -4.54 12.94
N ALA A 43 0.03 -3.65 12.00
CA ALA A 43 -1.01 -2.89 11.34
C ALA A 43 -1.98 -3.81 10.60
N CYS A 44 -1.44 -4.68 9.77
CA CYS A 44 -2.26 -5.60 9.00
C CYS A 44 -3.15 -6.44 9.91
N ALA A 45 -2.57 -6.96 10.98
CA ALA A 45 -3.30 -7.80 11.94
C ALA A 45 -4.49 -7.06 12.55
N LYS A 46 -4.27 -5.83 13.00
CA LYS A 46 -5.36 -5.08 13.63
C LYS A 46 -6.47 -4.73 12.64
N MET A 47 -6.11 -4.20 11.47
CA MET A 47 -7.13 -3.84 10.49
C MET A 47 -7.80 -5.07 9.90
N ARG A 48 -7.05 -6.15 9.75
CA ARG A 48 -7.61 -7.40 9.24
C ARG A 48 -8.69 -7.89 10.21
N ALA A 49 -8.37 -7.86 11.50
CA ALA A 49 -9.30 -8.29 12.54
C ALA A 49 -10.52 -7.38 12.57
N ASN A 50 -10.31 -6.09 12.34
CA ASN A 50 -11.41 -5.12 12.31
C ASN A 50 -12.31 -5.32 11.10
N CYS A 51 -11.69 -5.59 9.95
CA CYS A 51 -12.43 -5.80 8.72
C CYS A 51 -13.36 -7.00 8.83
N GLN A 52 -12.88 -8.05 9.51
CA GLN A 52 -13.68 -9.25 9.71
C GLN A 52 -14.49 -9.14 11.00
N LYS A 53 -14.61 -7.92 11.50
CA LYS A 53 -15.37 -7.63 12.70
C LYS A 53 -16.43 -6.58 12.38
N SER A 54 -16.80 -6.53 11.11
CA SER A 54 -17.79 -5.58 10.63
C SER A 54 -19.07 -5.65 11.44
N THR A 55 -19.35 -4.58 12.15
CA THR A 55 -20.55 -4.50 12.94
C THR A 55 -21.43 -3.37 12.41
N GLU A 56 -21.03 -2.15 12.66
CA GLU A 56 -21.74 -0.99 12.15
C GLU A 56 -21.10 -0.53 10.85
N GLN A 57 -19.78 -0.58 10.84
CA GLN A 57 -18.99 -0.21 9.68
C GLN A 57 -17.93 -1.27 9.43
N MET A 58 -16.89 -0.90 8.67
CA MET A 58 -15.77 -1.81 8.35
C MET A 58 -16.28 -3.00 7.54
N LYS A 59 -17.36 -2.78 6.81
CA LYS A 59 -17.98 -3.80 5.99
C LYS A 59 -17.07 -4.15 4.82
N LYS A 60 -16.98 -3.23 3.89
CA LYS A 60 -16.11 -3.37 2.74
C LYS A 60 -15.48 -2.05 2.42
N VAL A 61 -14.16 -2.00 2.47
CA VAL A 61 -13.43 -0.79 2.19
C VAL A 61 -13.50 -0.43 0.70
N PRO A 62 -13.46 0.87 0.39
CA PRO A 62 -13.56 1.35 -0.99
C PRO A 62 -12.36 0.94 -1.85
N THR A 63 -12.59 0.84 -3.14
CA THR A 63 -11.54 0.48 -4.06
C THR A 63 -10.68 1.70 -4.40
N ILE A 64 -9.39 1.51 -4.34
CA ILE A 64 -8.44 2.55 -4.63
C ILE A 64 -7.60 2.17 -5.84
N ILE A 65 -7.28 3.14 -6.65
CA ILE A 65 -6.44 2.94 -7.79
C ILE A 65 -5.01 3.29 -7.42
N LEU A 66 -4.23 2.28 -7.16
CA LEU A 66 -2.86 2.43 -6.82
C LEU A 66 -2.03 2.63 -8.08
N SER A 67 -1.67 3.86 -8.35
CA SER A 67 -0.86 4.18 -9.50
C SER A 67 0.60 4.21 -9.05
N VAL A 68 1.32 3.18 -9.43
CA VAL A 68 2.71 3.03 -8.98
C VAL A 68 3.71 3.21 -10.12
N SER A 69 4.67 4.10 -9.89
CA SER A 69 5.73 4.38 -10.84
C SER A 69 7.07 4.31 -10.15
N ALA A 70 8.10 3.99 -10.91
CA ALA A 70 9.45 3.91 -10.37
C ALA A 70 9.96 5.29 -9.97
N LYS A 71 9.25 6.33 -10.39
CA LYS A 71 9.62 7.69 -10.07
C LYS A 71 8.72 8.28 -8.99
N GLY A 72 7.67 7.55 -8.62
CA GLY A 72 6.75 8.06 -7.62
C GLY A 72 5.46 7.29 -7.59
N VAL A 73 4.64 7.59 -6.62
CA VAL A 73 3.37 6.91 -6.45
C VAL A 73 2.22 7.89 -6.34
N LYS A 74 1.09 7.50 -6.86
CA LYS A 74 -0.12 8.30 -6.85
C LYS A 74 -1.29 7.43 -6.38
N PHE A 75 -1.78 7.70 -5.18
CA PHE A 75 -2.88 6.94 -4.63
C PHE A 75 -4.20 7.68 -4.83
N ILE A 76 -5.00 7.19 -5.78
CA ILE A 76 -6.28 7.80 -6.13
C ILE A 76 -7.43 6.86 -5.82
N ASP A 77 -8.53 7.39 -5.35
CA ASP A 77 -9.72 6.59 -5.07
C ASP A 77 -10.46 6.27 -6.38
N ALA A 78 -11.12 5.12 -6.43
CA ALA A 78 -11.82 4.71 -7.65
C ALA A 78 -13.30 5.10 -7.59
N THR A 79 -13.80 5.35 -6.40
CA THR A 79 -15.20 5.66 -6.20
C THR A 79 -15.56 7.06 -6.74
N ASN A 80 -14.86 8.05 -6.26
CA ASN A 80 -15.10 9.44 -6.62
C ASN A 80 -13.90 10.00 -7.38
N LYS A 81 -12.84 9.18 -7.47
CA LYS A 81 -11.58 9.58 -8.11
C LYS A 81 -10.87 10.62 -7.26
N ASN A 82 -11.04 10.47 -5.95
CA ASN A 82 -10.44 11.35 -4.98
C ASN A 82 -8.93 11.17 -4.92
N ILE A 83 -8.19 12.26 -5.06
CA ILE A 83 -6.75 12.18 -4.94
C ILE A 83 -6.41 12.10 -3.47
N ILE A 84 -6.22 10.88 -3.01
CA ILE A 84 -5.97 10.60 -1.61
C ILE A 84 -4.59 11.08 -1.19
N ALA A 85 -3.56 10.59 -1.89
CA ALA A 85 -2.20 11.01 -1.56
C ALA A 85 -1.23 10.62 -2.66
N GLU A 86 -0.27 11.48 -2.92
CA GLU A 86 0.76 11.19 -3.89
C GLU A 86 2.12 11.59 -3.35
N HIS A 87 3.10 10.73 -3.55
CA HIS A 87 4.45 10.97 -3.03
C HIS A 87 5.50 10.46 -4.01
N GLU A 88 6.73 10.89 -3.82
CA GLU A 88 7.83 10.44 -4.65
C GLU A 88 8.24 9.02 -4.28
N ILE A 89 8.99 8.37 -5.16
CA ILE A 89 9.49 7.04 -4.90
C ILE A 89 10.43 7.07 -3.68
N ARG A 90 11.08 8.22 -3.51
CA ARG A 90 12.02 8.43 -2.42
C ARG A 90 11.33 8.38 -1.05
N ASN A 91 10.00 8.42 -1.06
CA ASN A 91 9.24 8.39 0.19
C ASN A 91 9.03 6.95 0.65
N ILE A 92 9.08 6.01 -0.28
CA ILE A 92 8.85 4.61 0.06
C ILE A 92 10.11 4.03 0.69
N SER A 93 9.95 3.46 1.86
CA SER A 93 11.08 2.94 2.60
C SER A 93 11.14 1.41 2.56
N CYS A 94 9.98 0.77 2.53
CA CYS A 94 9.94 -0.68 2.52
C CYS A 94 8.61 -1.19 1.97
N ALA A 95 8.58 -2.46 1.59
CA ALA A 95 7.37 -3.07 1.06
C ALA A 95 7.26 -4.49 1.59
N ALA A 96 6.22 -4.75 2.37
CA ALA A 96 6.01 -6.06 2.95
C ALA A 96 4.61 -6.57 2.63
N GLN A 97 4.33 -7.79 3.05
CA GLN A 97 3.02 -8.38 2.81
C GLN A 97 2.60 -9.21 4.01
N ASP A 98 1.39 -9.72 3.97
CA ASP A 98 0.89 -10.56 5.03
C ASP A 98 1.28 -12.01 4.75
N PRO A 99 1.82 -12.72 5.76
CA PRO A 99 2.27 -14.11 5.61
C PRO A 99 1.11 -15.10 5.38
N GLU A 100 0.02 -14.93 6.10
CA GLU A 100 -1.10 -15.86 5.98
C GLU A 100 -2.05 -15.47 4.86
N ASP A 101 -2.30 -14.19 4.73
CA ASP A 101 -3.15 -13.71 3.67
C ASP A 101 -2.30 -13.09 2.58
N LEU A 102 -1.97 -13.89 1.58
CA LEU A 102 -1.10 -13.48 0.49
C LEU A 102 -1.79 -12.47 -0.44
N SER A 103 -3.04 -12.19 -0.16
CA SER A 103 -3.80 -11.26 -0.98
C SER A 103 -3.85 -9.89 -0.29
N THR A 104 -3.08 -9.74 0.76
CA THR A 104 -3.02 -8.50 1.50
C THR A 104 -1.56 -8.07 1.69
N PHE A 105 -1.30 -6.79 1.56
CA PHE A 105 0.06 -6.30 1.66
C PHE A 105 0.14 -4.97 2.40
N ALA A 106 1.33 -4.61 2.84
CA ALA A 106 1.55 -3.38 3.57
C ALA A 106 2.96 -2.86 3.35
N TYR A 107 3.07 -1.68 2.77
CA TYR A 107 4.37 -1.09 2.50
C TYR A 107 4.59 0.15 3.36
N ILE A 108 5.83 0.36 3.77
CA ILE A 108 6.18 1.46 4.63
C ILE A 108 6.64 2.66 3.83
N THR A 109 5.96 3.76 4.06
CA THR A 109 6.23 5.02 3.41
C THR A 109 6.51 6.09 4.45
N LYS A 110 7.36 7.04 4.14
CA LYS A 110 7.69 8.08 5.09
C LYS A 110 7.60 9.46 4.47
N ASP A 111 6.82 10.32 5.12
CA ASP A 111 6.63 11.68 4.68
C ASP A 111 7.27 12.63 5.69
N LEU A 112 8.26 13.38 5.22
CA LEU A 112 9.01 14.27 6.08
C LEU A 112 8.15 15.35 6.71
N LYS A 113 7.06 15.70 6.04
CA LYS A 113 6.16 16.74 6.54
C LYS A 113 5.26 16.21 7.66
N SER A 114 5.17 14.88 7.77
CA SER A 114 4.33 14.26 8.78
C SER A 114 5.13 13.76 9.97
N ASN A 115 6.46 13.82 9.86
CA ASN A 115 7.39 13.38 10.93
C ASN A 115 7.42 11.85 11.09
N HIS A 116 6.28 11.24 11.34
CA HIS A 116 6.19 9.80 11.52
C HIS A 116 6.09 9.07 10.19
N HIS A 117 6.13 7.74 10.24
CA HIS A 117 6.09 6.93 9.04
C HIS A 117 4.73 6.28 8.88
N TYR A 118 4.24 6.22 7.65
CA TYR A 118 2.93 5.66 7.37
C TYR A 118 3.04 4.27 6.79
N CYS A 119 2.33 3.34 7.36
CA CYS A 119 2.27 2.01 6.82
C CYS A 119 1.01 1.89 5.98
N HIS A 120 1.20 1.75 4.70
CA HIS A 120 0.08 1.64 3.79
C HIS A 120 -0.31 0.20 3.61
N VAL A 121 -1.41 -0.18 4.24
CA VAL A 121 -1.88 -1.54 4.12
C VAL A 121 -3.08 -1.60 3.20
N PHE A 122 -2.93 -2.38 2.15
CA PHE A 122 -3.95 -2.55 1.16
C PHE A 122 -4.19 -4.02 0.92
N THR A 123 -5.42 -4.38 0.75
CA THR A 123 -5.75 -5.75 0.47
C THR A 123 -6.26 -5.89 -0.95
N ALA A 124 -5.69 -6.80 -1.66
CA ALA A 124 -6.02 -7.02 -3.05
C ALA A 124 -7.12 -8.06 -3.16
N PHE A 125 -7.77 -8.08 -4.30
CA PHE A 125 -8.82 -9.05 -4.55
C PHE A 125 -8.24 -10.33 -5.11
N ASP A 126 -6.98 -10.27 -5.51
CA ASP A 126 -6.28 -11.42 -6.07
C ASP A 126 -4.85 -11.46 -5.55
N VAL A 127 -4.36 -12.66 -5.30
CA VAL A 127 -3.01 -12.85 -4.79
C VAL A 127 -1.98 -12.40 -5.83
N ASN A 128 -2.26 -12.72 -7.09
CA ASN A 128 -1.39 -12.33 -8.19
C ASN A 128 -1.31 -10.81 -8.31
N LEU A 129 -2.45 -10.16 -8.10
CA LEU A 129 -2.53 -8.70 -8.16
C LEU A 129 -1.65 -8.11 -7.07
N ALA A 130 -1.76 -8.66 -5.87
CA ALA A 130 -0.95 -8.22 -4.74
C ALA A 130 0.53 -8.38 -5.06
N ALA A 131 0.87 -9.52 -5.65
CA ALA A 131 2.25 -9.82 -6.03
C ALA A 131 2.76 -8.82 -7.07
N GLU A 132 1.90 -8.49 -8.03
CA GLU A 132 2.25 -7.52 -9.08
C GLU A 132 2.61 -6.17 -8.47
N ILE A 133 1.80 -5.73 -7.52
CA ILE A 133 2.05 -4.47 -6.84
C ILE A 133 3.38 -4.51 -6.10
N ILE A 134 3.59 -5.58 -5.33
CA ILE A 134 4.83 -5.75 -4.57
C ILE A 134 6.03 -5.85 -5.52
N LEU A 135 5.84 -6.56 -6.63
CA LEU A 135 6.87 -6.71 -7.65
C LEU A 135 7.28 -5.34 -8.18
N THR A 136 6.30 -4.53 -8.53
CA THR A 136 6.55 -3.21 -9.06
C THR A 136 7.22 -2.31 -8.00
N LEU A 137 6.72 -2.37 -6.76
CA LEU A 137 7.29 -1.60 -5.65
C LEU A 137 8.74 -2.01 -5.41
N GLY A 138 8.98 -3.32 -5.37
CA GLY A 138 10.32 -3.82 -5.15
C GLY A 138 11.26 -3.42 -6.27
N GLN A 139 10.78 -3.48 -7.49
CA GLN A 139 11.56 -3.08 -8.66
C GLN A 139 11.84 -1.59 -8.63
N ALA A 140 10.82 -0.82 -8.28
CA ALA A 140 10.93 0.63 -8.20
C ALA A 140 11.98 1.04 -7.18
N PHE A 141 11.91 0.44 -5.99
CA PHE A 141 12.85 0.73 -4.92
C PHE A 141 14.25 0.25 -5.30
N GLU A 142 14.31 -0.90 -5.97
CA GLU A 142 15.58 -1.46 -6.38
C GLU A 142 16.29 -0.56 -7.39
N VAL A 143 15.57 -0.13 -8.42
CA VAL A 143 16.13 0.72 -9.45
C VAL A 143 16.42 2.14 -8.91
N ALA A 144 15.78 2.47 -7.80
CA ALA A 144 15.98 3.77 -7.18
C ALA A 144 17.35 3.86 -6.53
N TYR A 145 17.84 2.73 -6.04
CA TYR A 145 19.15 2.67 -5.41
C TYR A 145 20.21 2.30 -6.44
N GLN A 146 19.77 1.66 -7.52
CA GLN A 146 20.67 1.23 -8.60
C GLN A 146 21.33 2.44 -9.26
N GLU A 12 3.49 12.12 -16.54
CA GLU A 12 2.59 11.17 -17.24
C GLU A 12 2.74 9.76 -16.65
N LYS A 13 1.93 8.83 -17.15
CA LYS A 13 1.99 7.45 -16.69
C LYS A 13 1.31 6.54 -17.71
N LEU A 14 2.01 5.47 -18.08
CA LEU A 14 1.51 4.51 -19.05
C LEU A 14 1.86 3.10 -18.61
N ILE A 15 1.03 2.12 -18.96
CA ILE A 15 1.27 0.73 -18.59
C ILE A 15 2.53 0.21 -19.28
N ALA A 16 3.64 0.41 -18.60
CA ALA A 16 4.97 0.05 -19.07
C ALA A 16 5.97 0.61 -18.07
N GLN A 17 5.75 1.86 -17.72
CA GLN A 17 6.57 2.55 -16.74
C GLN A 17 5.82 2.67 -15.44
N SER A 18 4.51 2.51 -15.54
CA SER A 18 3.64 2.56 -14.39
C SER A 18 2.59 1.46 -14.50
N CYS A 19 2.20 0.92 -13.38
CA CYS A 19 1.18 -0.11 -13.35
C CYS A 19 -0.03 0.37 -12.56
N ASP A 20 -1.21 0.21 -13.14
CA ASP A 20 -2.45 0.64 -12.49
C ASP A 20 -3.24 -0.55 -12.01
N TYR A 21 -3.64 -0.51 -10.76
CA TYR A 21 -4.47 -1.56 -10.17
C TYR A 21 -5.58 -0.96 -9.34
N LYS A 22 -6.63 -1.70 -9.12
CA LYS A 22 -7.70 -1.25 -8.26
C LYS A 22 -7.68 -2.04 -6.97
N ALA A 23 -7.24 -1.40 -5.91
CA ALA A 23 -7.16 -2.04 -4.61
C ALA A 23 -8.21 -1.44 -3.70
N ALA A 24 -8.43 -2.06 -2.56
CA ALA A 24 -9.40 -1.54 -1.62
C ALA A 24 -8.69 -0.91 -0.43
N TYR A 25 -8.94 0.38 -0.19
CA TYR A 25 -8.28 1.10 0.90
C TYR A 25 -8.78 0.58 2.25
N LEU A 26 -7.97 -0.26 2.90
CA LEU A 26 -8.35 -0.82 4.17
C LEU A 26 -8.01 0.11 5.31
N GLY A 27 -6.76 0.53 5.41
CA GLY A 27 -6.38 1.43 6.48
C GLY A 27 -4.97 1.96 6.38
N SER A 28 -4.70 3.00 7.14
CA SER A 28 -3.38 3.58 7.21
C SER A 28 -3.00 3.79 8.68
N MET A 29 -2.05 3.00 9.15
CA MET A 29 -1.65 3.07 10.55
C MET A 29 -0.34 3.80 10.71
N LEU A 30 -0.27 4.60 11.75
CA LEU A 30 0.93 5.33 12.08
C LEU A 30 1.85 4.45 12.89
N ILE A 31 3.07 4.31 12.42
CA ILE A 31 4.04 3.50 13.12
C ILE A 31 5.03 4.40 13.82
N LYS A 32 5.12 4.25 15.13
CA LYS A 32 6.01 5.06 15.94
C LYS A 32 7.46 4.76 15.56
N GLU A 33 7.80 3.49 15.62
CA GLU A 33 9.11 3.01 15.25
C GLU A 33 8.98 1.68 14.50
N LEU A 34 9.68 1.54 13.39
CA LEU A 34 9.51 0.37 12.55
C LEU A 34 10.84 -0.26 12.14
N ARG A 35 10.82 -1.57 11.96
CA ARG A 35 11.97 -2.30 11.50
C ARG A 35 11.54 -3.41 10.54
N GLY A 36 11.84 -3.22 9.26
CA GLY A 36 11.52 -4.23 8.27
C GLY A 36 10.04 -4.41 8.03
N THR A 37 9.59 -5.65 8.09
CA THR A 37 8.20 -5.98 7.80
C THR A 37 7.42 -6.32 9.09
N GLU A 38 8.05 -6.09 10.23
CA GLU A 38 7.39 -6.36 11.50
C GLU A 38 6.16 -5.48 11.67
N SER A 39 6.34 -4.20 11.41
CA SER A 39 5.27 -3.21 11.57
C SER A 39 4.16 -3.39 10.53
N THR A 40 4.54 -3.75 9.30
CA THR A 40 3.56 -3.97 8.25
C THR A 40 2.66 -5.13 8.58
N GLN A 41 3.27 -6.25 8.97
CA GLN A 41 2.54 -7.44 9.33
C GLN A 41 1.76 -7.22 10.62
N ASP A 42 2.32 -6.42 11.52
CA ASP A 42 1.66 -6.05 12.78
C ASP A 42 0.33 -5.38 12.50
N ALA A 43 0.38 -4.37 11.63
CA ALA A 43 -0.81 -3.63 11.24
C ALA A 43 -1.80 -4.54 10.55
N CYS A 44 -1.34 -5.27 9.55
CA CYS A 44 -2.20 -6.15 8.78
C CYS A 44 -2.99 -7.10 9.67
N ALA A 45 -2.30 -7.78 10.57
CA ALA A 45 -2.93 -8.74 11.47
C ALA A 45 -3.92 -8.06 12.42
N LYS A 46 -3.45 -7.06 13.16
CA LYS A 46 -4.29 -6.39 14.16
C LYS A 46 -5.48 -5.69 13.49
N MET A 47 -5.22 -5.04 12.37
CA MET A 47 -6.25 -4.31 11.66
C MET A 47 -7.31 -5.24 11.11
N ARG A 48 -6.92 -6.35 10.51
CA ARG A 48 -7.91 -7.28 9.97
C ARG A 48 -8.70 -7.92 11.11
N ALA A 49 -8.04 -8.12 12.26
CA ALA A 49 -8.70 -8.67 13.43
C ALA A 49 -9.74 -7.69 13.97
N ASN A 50 -9.42 -6.41 13.84
CA ASN A 50 -10.33 -5.36 14.26
C ASN A 50 -11.46 -5.18 13.23
N CYS A 51 -11.09 -5.26 11.96
CA CYS A 51 -12.03 -5.07 10.87
C CYS A 51 -13.08 -6.19 10.85
N GLN A 52 -12.64 -7.44 11.00
CA GLN A 52 -13.56 -8.56 10.99
C GLN A 52 -14.48 -8.50 12.19
N LYS A 53 -15.75 -8.38 11.93
CA LYS A 53 -16.75 -8.24 12.96
C LYS A 53 -18.11 -8.52 12.34
N SER A 54 -19.14 -8.61 13.15
CA SER A 54 -20.48 -8.83 12.64
C SER A 54 -21.17 -7.49 12.38
N THR A 55 -20.36 -6.47 12.15
CA THR A 55 -20.84 -5.11 11.98
C THR A 55 -20.94 -4.70 10.50
N GLU A 56 -19.79 -4.36 9.91
CA GLU A 56 -19.73 -3.87 8.54
C GLU A 56 -19.45 -5.00 7.55
N GLN A 57 -19.31 -4.63 6.30
CA GLN A 57 -18.95 -5.57 5.26
C GLN A 57 -17.46 -5.45 4.97
N MET A 58 -16.67 -6.22 5.70
CA MET A 58 -15.22 -6.20 5.55
C MET A 58 -14.80 -6.62 4.16
N LYS A 59 -13.59 -6.21 3.77
CA LYS A 59 -13.02 -6.46 2.44
C LYS A 59 -13.66 -5.53 1.39
N LYS A 60 -14.95 -5.28 1.54
CA LYS A 60 -15.65 -4.36 0.66
C LYS A 60 -15.46 -2.93 1.18
N VAL A 61 -14.33 -2.35 0.85
CA VAL A 61 -14.01 -1.01 1.28
C VAL A 61 -13.66 -0.15 0.07
N PRO A 62 -13.70 1.21 0.23
CA PRO A 62 -13.42 2.17 -0.84
C PRO A 62 -12.27 1.74 -1.78
N THR A 63 -12.60 1.57 -3.05
CA THR A 63 -11.63 1.17 -4.03
C THR A 63 -10.75 2.35 -4.43
N ILE A 64 -9.45 2.10 -4.44
CA ILE A 64 -8.47 3.10 -4.77
C ILE A 64 -7.53 2.56 -5.87
N ILE A 65 -7.24 3.40 -6.85
CA ILE A 65 -6.39 3.00 -7.96
C ILE A 65 -4.92 3.19 -7.61
N LEU A 66 -4.23 2.08 -7.55
CA LEU A 66 -2.82 2.04 -7.25
C LEU A 66 -2.00 2.26 -8.51
N SER A 67 -1.44 3.45 -8.64
CA SER A 67 -0.59 3.74 -9.76
C SER A 67 0.86 3.79 -9.29
N VAL A 68 1.55 2.71 -9.53
CA VAL A 68 2.93 2.58 -9.10
C VAL A 68 3.88 2.76 -10.27
N SER A 69 4.88 3.62 -10.10
CA SER A 69 5.84 3.88 -11.14
C SER A 69 7.20 4.18 -10.54
N ALA A 70 8.26 3.92 -11.30
CA ALA A 70 9.61 4.20 -10.86
C ALA A 70 9.86 5.71 -10.87
N LYS A 71 8.91 6.44 -11.44
CA LYS A 71 8.97 7.89 -11.50
C LYS A 71 8.13 8.50 -10.37
N GLY A 72 7.59 7.65 -9.52
CA GLY A 72 6.78 8.13 -8.42
C GLY A 72 5.53 7.30 -8.27
N VAL A 73 4.92 7.37 -7.11
CA VAL A 73 3.71 6.61 -6.84
C VAL A 73 2.56 7.53 -6.53
N LYS A 74 1.40 7.20 -7.06
CA LYS A 74 0.23 7.99 -6.84
C LYS A 74 -0.98 7.12 -6.60
N PHE A 75 -1.75 7.50 -5.61
CA PHE A 75 -2.90 6.76 -5.19
C PHE A 75 -4.16 7.61 -5.40
N ILE A 76 -4.91 7.27 -6.44
CA ILE A 76 -6.09 8.02 -6.82
C ILE A 76 -7.35 7.20 -6.54
N ASP A 77 -8.44 7.86 -6.20
CA ASP A 77 -9.71 7.19 -5.93
C ASP A 77 -10.23 6.51 -7.21
N ALA A 78 -10.96 5.41 -7.06
CA ALA A 78 -11.44 4.67 -8.22
C ALA A 78 -12.85 5.09 -8.67
N THR A 79 -13.66 5.60 -7.75
CA THR A 79 -15.02 5.96 -8.09
C THR A 79 -15.15 7.47 -8.30
N ASN A 80 -14.40 8.24 -7.54
CA ASN A 80 -14.43 9.69 -7.65
C ASN A 80 -13.25 10.18 -8.46
N LYS A 81 -12.22 9.33 -8.54
CA LYS A 81 -10.99 9.64 -9.27
C LYS A 81 -10.27 10.83 -8.62
N ASN A 82 -10.46 10.97 -7.32
CA ASN A 82 -9.84 12.03 -6.55
C ASN A 82 -8.39 11.67 -6.23
N ILE A 83 -7.48 12.61 -6.42
CA ILE A 83 -6.09 12.38 -6.09
C ILE A 83 -5.92 12.37 -4.55
N ILE A 84 -5.94 11.18 -4.00
CA ILE A 84 -5.89 10.97 -2.57
C ILE A 84 -4.50 11.26 -2.01
N ALA A 85 -3.50 10.59 -2.54
CA ALA A 85 -2.13 10.79 -2.07
C ALA A 85 -1.11 10.46 -3.14
N GLU A 86 -0.05 11.24 -3.20
CA GLU A 86 1.04 10.97 -4.12
C GLU A 86 2.38 11.32 -3.47
N HIS A 87 3.38 10.52 -3.76
CA HIS A 87 4.73 10.70 -3.23
C HIS A 87 5.72 10.16 -4.22
N GLU A 88 6.98 10.53 -4.08
CA GLU A 88 8.00 9.98 -4.93
C GLU A 88 8.24 8.53 -4.56
N ILE A 89 8.73 7.74 -5.48
CA ILE A 89 8.98 6.33 -5.22
C ILE A 89 10.00 6.16 -4.08
N ARG A 90 10.97 7.06 -4.03
CA ARG A 90 12.02 7.01 -3.03
C ARG A 90 11.47 7.36 -1.64
N ASN A 91 10.23 7.81 -1.59
CA ASN A 91 9.58 8.15 -0.32
C ASN A 91 9.12 6.88 0.38
N ILE A 92 8.96 5.81 -0.38
CA ILE A 92 8.55 4.55 0.20
C ILE A 92 9.74 3.92 0.90
N SER A 93 9.63 3.75 2.21
CA SER A 93 10.72 3.23 3.01
C SER A 93 10.67 1.71 3.12
N CYS A 94 9.48 1.12 3.04
CA CYS A 94 9.34 -0.32 3.15
C CYS A 94 8.13 -0.81 2.38
N ALA A 95 8.21 -2.04 1.89
CA ALA A 95 7.12 -2.65 1.16
C ALA A 95 6.95 -4.09 1.62
N ALA A 96 5.77 -4.42 2.09
CA ALA A 96 5.50 -5.75 2.60
C ALA A 96 4.02 -6.10 2.47
N GLN A 97 3.60 -7.18 3.09
CA GLN A 97 2.22 -7.61 3.04
C GLN A 97 1.87 -8.46 4.26
N ASP A 98 0.63 -8.90 4.33
CA ASP A 98 0.14 -9.71 5.46
C ASP A 98 0.76 -11.12 5.41
N PRO A 99 1.10 -11.71 6.58
CA PRO A 99 1.70 -13.04 6.66
C PRO A 99 0.74 -14.19 6.26
N GLU A 100 -0.55 -14.00 6.46
CA GLU A 100 -1.50 -15.05 6.15
C GLU A 100 -2.27 -14.75 4.87
N ASP A 101 -2.53 -13.49 4.65
CA ASP A 101 -3.27 -13.07 3.49
C ASP A 101 -2.36 -12.28 2.56
N LEU A 102 -1.88 -12.94 1.52
CA LEU A 102 -0.98 -12.28 0.59
C LEU A 102 -1.75 -11.44 -0.43
N SER A 103 -3.03 -11.25 -0.17
CA SER A 103 -3.86 -10.41 -1.02
C SER A 103 -3.90 -9.01 -0.42
N THR A 104 -3.42 -8.90 0.80
CA THR A 104 -3.36 -7.64 1.51
C THR A 104 -1.93 -7.13 1.53
N PHE A 105 -1.69 -5.98 0.93
CA PHE A 105 -0.35 -5.43 0.85
C PHE A 105 -0.24 -4.17 1.69
N ALA A 106 0.92 -3.97 2.29
CA ALA A 106 1.16 -2.82 3.16
C ALA A 106 2.50 -2.18 2.87
N TYR A 107 2.48 -0.93 2.50
CA TYR A 107 3.71 -0.21 2.24
C TYR A 107 3.90 0.91 3.25
N ILE A 108 5.12 1.12 3.64
CA ILE A 108 5.45 2.14 4.63
C ILE A 108 6.16 3.30 3.97
N THR A 109 5.57 4.47 4.07
CA THR A 109 6.15 5.68 3.52
C THR A 109 6.66 6.58 4.63
N LYS A 110 7.55 7.50 4.29
CA LYS A 110 8.09 8.41 5.28
C LYS A 110 7.48 9.80 5.15
N ASP A 111 6.73 10.20 6.17
CA ASP A 111 6.11 11.51 6.18
C ASP A 111 6.90 12.44 7.07
N LEU A 112 7.78 13.21 6.45
CA LEU A 112 8.67 14.11 7.17
C LEU A 112 7.89 15.24 7.85
N LYS A 113 6.62 15.38 7.51
CA LYS A 113 5.76 16.38 8.14
C LYS A 113 5.57 16.04 9.61
N SER A 114 5.55 14.76 9.91
CA SER A 114 5.40 14.30 11.28
C SER A 114 6.67 13.62 11.75
N ASN A 115 7.59 13.37 10.80
CA ASN A 115 8.87 12.72 11.06
C ASN A 115 8.66 11.27 11.51
N HIS A 116 7.59 10.66 11.02
CA HIS A 116 7.29 9.27 11.34
C HIS A 116 6.97 8.51 10.08
N HIS A 117 6.75 7.22 10.21
CA HIS A 117 6.46 6.38 9.07
C HIS A 117 5.03 5.89 9.13
N TYR A 118 4.33 5.97 8.02
CA TYR A 118 2.95 5.56 7.94
C TYR A 118 2.80 4.33 7.08
N CYS A 119 2.05 3.38 7.57
CA CYS A 119 1.81 2.15 6.87
C CYS A 119 0.46 2.18 6.19
N HIS A 120 0.46 2.41 4.88
CA HIS A 120 -0.77 2.41 4.12
C HIS A 120 -1.00 1.03 3.57
N VAL A 121 -1.99 0.35 4.09
CA VAL A 121 -2.25 -1.01 3.71
C VAL A 121 -3.62 -1.16 3.05
N PHE A 122 -3.63 -1.80 1.90
CA PHE A 122 -4.84 -1.99 1.13
C PHE A 122 -5.05 -3.46 0.83
N THR A 123 -6.28 -3.84 0.62
CA THR A 123 -6.60 -5.20 0.29
C THR A 123 -6.86 -5.34 -1.20
N ALA A 124 -6.03 -6.12 -1.85
CA ALA A 124 -6.20 -6.38 -3.26
C ALA A 124 -7.29 -7.41 -3.45
N PHE A 125 -7.93 -7.40 -4.59
CA PHE A 125 -8.97 -8.37 -4.86
C PHE A 125 -8.37 -9.67 -5.36
N ASP A 126 -7.06 -9.64 -5.63
CA ASP A 126 -6.34 -10.80 -6.12
C ASP A 126 -4.95 -10.89 -5.50
N VAL A 127 -4.56 -12.09 -5.09
CA VAL A 127 -3.26 -12.32 -4.45
C VAL A 127 -2.11 -12.00 -5.40
N ASN A 128 -2.18 -12.50 -6.63
CA ASN A 128 -1.15 -12.25 -7.63
C ASN A 128 -1.02 -10.76 -7.90
N LEU A 129 -2.15 -10.07 -7.91
CA LEU A 129 -2.22 -8.63 -8.09
C LEU A 129 -1.41 -7.94 -6.99
N ALA A 130 -1.66 -8.32 -5.74
CA ALA A 130 -0.94 -7.76 -4.61
C ALA A 130 0.54 -8.09 -4.70
N ALA A 131 0.84 -9.33 -5.08
CA ALA A 131 2.22 -9.77 -5.23
C ALA A 131 2.93 -8.96 -6.31
N GLU A 132 2.23 -8.66 -7.39
CA GLU A 132 2.77 -7.86 -8.47
C GLU A 132 3.11 -6.45 -7.97
N ILE A 133 2.20 -5.89 -7.18
CA ILE A 133 2.41 -4.57 -6.60
C ILE A 133 3.69 -4.57 -5.75
N ILE A 134 3.82 -5.57 -4.89
CA ILE A 134 5.00 -5.71 -4.03
C ILE A 134 6.26 -5.84 -4.88
N LEU A 135 6.17 -6.65 -5.93
CA LEU A 135 7.29 -6.86 -6.85
C LEU A 135 7.68 -5.52 -7.49
N THR A 136 6.68 -4.79 -7.97
CA THR A 136 6.91 -3.50 -8.60
C THR A 136 7.55 -2.52 -7.62
N LEU A 137 7.03 -2.48 -6.39
CA LEU A 137 7.57 -1.60 -5.35
C LEU A 137 9.00 -1.98 -5.05
N GLY A 138 9.26 -3.28 -4.92
CA GLY A 138 10.60 -3.75 -4.63
C GLY A 138 11.57 -3.42 -5.74
N GLN A 139 11.15 -3.68 -6.98
CA GLN A 139 11.99 -3.41 -8.15
C GLN A 139 12.27 -1.91 -8.26
N ALA A 140 11.23 -1.10 -8.08
CA ALA A 140 11.34 0.34 -8.18
C ALA A 140 12.22 0.91 -7.07
N PHE A 141 12.06 0.36 -5.87
CA PHE A 141 12.87 0.78 -4.74
C PHE A 141 14.33 0.37 -4.94
N GLU A 142 14.51 -0.79 -5.56
CA GLU A 142 15.83 -1.32 -5.82
C GLU A 142 16.53 -0.53 -6.93
N VAL A 143 15.80 -0.27 -8.03
CA VAL A 143 16.37 0.42 -9.21
C VAL A 143 16.80 1.85 -8.88
N ALA A 144 16.45 2.30 -7.68
CA ALA A 144 16.82 3.64 -7.23
C ALA A 144 18.33 3.80 -7.10
N TYR A 145 19.08 2.70 -7.29
CA TYR A 145 20.54 2.74 -7.25
C TYR A 145 21.06 3.65 -8.36
N GLN A 146 20.33 3.70 -9.47
CA GLN A 146 20.72 4.47 -10.63
C GLN A 146 20.44 5.96 -10.41
N GLU A 12 -5.03 3.25 -18.17
CA GLU A 12 -5.15 3.12 -19.64
C GLU A 12 -4.29 4.17 -20.35
N LYS A 13 -3.65 5.01 -19.55
CA LYS A 13 -2.79 6.05 -20.07
C LYS A 13 -1.50 6.06 -19.28
N LEU A 14 -0.37 6.12 -20.00
CA LEU A 14 0.96 6.12 -19.38
C LEU A 14 1.22 4.78 -18.69
N ILE A 15 0.38 3.79 -19.00
CA ILE A 15 0.41 2.46 -18.40
C ILE A 15 1.73 1.71 -18.71
N ALA A 16 2.56 2.31 -19.56
CA ALA A 16 3.84 1.75 -19.89
C ALA A 16 4.87 2.15 -18.85
N GLN A 17 4.65 3.31 -18.24
CA GLN A 17 5.56 3.83 -17.24
C GLN A 17 4.96 3.73 -15.86
N SER A 18 3.65 3.80 -15.81
CA SER A 18 2.94 3.71 -14.55
C SER A 18 2.10 2.45 -14.53
N CYS A 19 2.20 1.72 -13.44
CA CYS A 19 1.42 0.53 -13.27
C CYS A 19 0.21 0.86 -12.40
N ASP A 20 -0.87 1.17 -13.07
CA ASP A 20 -2.11 1.57 -12.40
C ASP A 20 -3.00 0.37 -12.11
N TYR A 21 -3.01 -0.07 -10.86
CA TYR A 21 -3.83 -1.21 -10.46
C TYR A 21 -4.86 -0.80 -9.42
N LYS A 22 -5.70 -1.73 -9.02
CA LYS A 22 -6.74 -1.44 -8.04
C LYS A 22 -6.64 -2.36 -6.84
N ALA A 23 -6.60 -1.76 -5.67
CA ALA A 23 -6.58 -2.49 -4.41
C ALA A 23 -7.73 -2.02 -3.55
N ALA A 24 -7.83 -2.54 -2.35
CA ALA A 24 -8.89 -2.13 -1.47
C ALA A 24 -8.32 -1.57 -0.16
N TYR A 25 -8.50 -0.27 0.03
CA TYR A 25 -7.95 0.49 1.16
C TYR A 25 -8.43 -0.08 2.52
N LEU A 26 -7.50 -0.58 3.32
CA LEU A 26 -7.85 -1.13 4.64
C LEU A 26 -7.57 -0.10 5.75
N GLY A 27 -6.31 0.35 5.88
CA GLY A 27 -6.01 1.36 6.87
C GLY A 27 -4.61 1.94 6.75
N SER A 28 -4.47 3.22 7.02
CA SER A 28 -3.18 3.90 7.02
C SER A 28 -2.79 4.25 8.45
N MET A 29 -1.75 3.63 8.95
CA MET A 29 -1.35 3.81 10.32
C MET A 29 -0.06 4.61 10.42
N LEU A 30 0.04 5.43 11.45
CA LEU A 30 1.22 6.23 11.65
C LEU A 30 2.06 5.67 12.77
N ILE A 31 3.26 5.24 12.46
CA ILE A 31 4.15 4.68 13.45
C ILE A 31 5.45 5.51 13.52
N LYS A 32 6.34 5.15 14.44
CA LYS A 32 7.58 5.90 14.62
C LYS A 32 8.81 5.06 14.25
N GLU A 33 9.16 4.10 15.09
CA GLU A 33 10.33 3.26 14.84
C GLU A 33 9.92 1.82 14.62
N LEU A 34 10.37 1.24 13.51
CA LEU A 34 9.95 -0.09 13.11
C LEU A 34 11.14 -0.99 12.79
N ARG A 35 10.86 -2.28 12.63
CA ARG A 35 11.88 -3.24 12.24
C ARG A 35 11.28 -4.38 11.42
N GLY A 36 11.18 -4.17 10.11
CA GLY A 36 10.72 -5.21 9.21
C GLY A 36 9.22 -5.22 9.00
N THR A 37 8.70 -6.38 8.60
CA THR A 37 7.28 -6.53 8.30
C THR A 37 6.43 -6.65 9.58
N GLU A 38 7.10 -6.61 10.73
CA GLU A 38 6.42 -6.68 12.01
C GLU A 38 5.35 -5.58 12.13
N SER A 39 5.69 -4.39 11.64
CA SER A 39 4.80 -3.25 11.71
C SER A 39 3.60 -3.42 10.77
N THR A 40 3.86 -3.93 9.57
CA THR A 40 2.80 -4.11 8.60
C THR A 40 1.80 -5.11 9.12
N GLN A 41 2.30 -6.15 9.78
CA GLN A 41 1.44 -7.17 10.36
C GLN A 41 0.70 -6.63 11.57
N ASP A 42 1.36 -5.77 12.33
CA ASP A 42 0.72 -5.13 13.49
C ASP A 42 -0.55 -4.41 13.06
N ALA A 43 -0.37 -3.48 12.14
CA ALA A 43 -1.48 -2.72 11.62
C ALA A 43 -2.49 -3.65 10.93
N CYS A 44 -2.00 -4.52 10.04
CA CYS A 44 -2.85 -5.47 9.31
C CYS A 44 -3.76 -6.25 10.25
N ALA A 45 -3.15 -6.92 11.23
CA ALA A 45 -3.89 -7.73 12.19
C ALA A 45 -4.95 -6.93 12.92
N LYS A 46 -4.60 -5.70 13.29
CA LYS A 46 -5.54 -4.84 14.01
C LYS A 46 -6.79 -4.56 13.16
N MET A 47 -6.60 -4.09 11.93
CA MET A 47 -7.75 -3.82 11.07
C MET A 47 -8.44 -5.10 10.66
N ARG A 48 -7.71 -6.22 10.65
CA ARG A 48 -8.32 -7.51 10.37
C ARG A 48 -9.42 -7.77 11.38
N ALA A 49 -9.06 -7.63 12.65
CA ALA A 49 -9.99 -7.87 13.75
C ALA A 49 -11.09 -6.82 13.77
N ASN A 50 -10.76 -5.62 13.34
CA ASN A 50 -11.71 -4.53 13.31
C ASN A 50 -12.75 -4.72 12.18
N CYS A 51 -12.27 -5.09 11.01
CA CYS A 51 -13.12 -5.22 9.81
C CYS A 51 -13.96 -6.51 9.83
N GLN A 52 -13.61 -7.46 10.68
CA GLN A 52 -14.38 -8.72 10.74
C GLN A 52 -15.60 -8.56 11.63
N LYS A 53 -15.75 -7.40 12.23
CA LYS A 53 -16.91 -7.12 13.05
C LYS A 53 -17.90 -6.27 12.26
N SER A 54 -19.00 -5.91 12.88
CA SER A 54 -19.99 -5.07 12.23
C SER A 54 -19.71 -3.60 12.57
N THR A 55 -18.43 -3.31 12.76
CA THR A 55 -17.96 -1.97 13.10
C THR A 55 -18.42 -0.95 12.07
N GLU A 56 -19.37 -0.12 12.46
CA GLU A 56 -19.90 0.94 11.59
C GLU A 56 -20.51 0.34 10.31
N GLN A 57 -20.95 -0.93 10.41
CA GLN A 57 -21.56 -1.65 9.28
C GLN A 57 -20.52 -1.97 8.19
N MET A 58 -19.25 -1.96 8.56
CA MET A 58 -18.18 -2.25 7.61
C MET A 58 -18.15 -3.74 7.28
N LYS A 59 -17.99 -4.03 6.00
CA LYS A 59 -17.90 -5.42 5.55
C LYS A 59 -16.87 -5.52 4.44
N LYS A 60 -16.76 -4.45 3.67
CA LYS A 60 -15.78 -4.38 2.61
C LYS A 60 -15.04 -3.06 2.70
N VAL A 61 -14.00 -2.94 1.92
CA VAL A 61 -13.20 -1.75 1.91
C VAL A 61 -13.17 -1.13 0.51
N PRO A 62 -13.14 0.21 0.44
CA PRO A 62 -13.18 0.96 -0.83
C PRO A 62 -11.99 0.67 -1.75
N THR A 63 -12.26 0.62 -3.03
CA THR A 63 -11.23 0.35 -4.01
C THR A 63 -10.36 1.59 -4.25
N ILE A 64 -9.07 1.41 -4.12
CA ILE A 64 -8.12 2.47 -4.31
C ILE A 64 -7.17 2.12 -5.48
N ILE A 65 -7.02 3.05 -6.40
CA ILE A 65 -6.17 2.85 -7.55
C ILE A 65 -4.72 3.18 -7.23
N LEU A 66 -3.89 2.18 -7.33
CA LEU A 66 -2.49 2.32 -7.04
C LEU A 66 -1.71 2.54 -8.31
N SER A 67 -1.28 3.76 -8.52
CA SER A 67 -0.49 4.10 -9.67
C SER A 67 0.97 4.15 -9.28
N VAL A 68 1.66 3.08 -9.58
CA VAL A 68 3.06 2.96 -9.20
C VAL A 68 3.97 3.07 -10.42
N SER A 69 4.84 4.07 -10.40
CA SER A 69 5.80 4.25 -11.46
C SER A 69 7.19 4.38 -10.85
N ALA A 70 8.21 4.14 -11.65
CA ALA A 70 9.60 4.19 -11.18
C ALA A 70 10.02 5.61 -10.80
N LYS A 71 9.13 6.57 -10.96
CA LYS A 71 9.43 7.96 -10.65
C LYS A 71 8.43 8.55 -9.67
N GLY A 72 7.55 7.71 -9.12
CA GLY A 72 6.57 8.21 -8.16
C GLY A 72 5.38 7.29 -8.04
N VAL A 73 4.66 7.42 -6.94
CA VAL A 73 3.48 6.59 -6.70
C VAL A 73 2.29 7.45 -6.30
N LYS A 74 1.17 7.20 -6.92
CA LYS A 74 -0.04 7.96 -6.71
C LYS A 74 -1.16 7.05 -6.21
N PHE A 75 -1.98 7.54 -5.28
CA PHE A 75 -3.05 6.76 -4.69
C PHE A 75 -4.38 7.51 -4.80
N ILE A 76 -5.30 6.99 -5.61
CA ILE A 76 -6.59 7.64 -5.84
C ILE A 76 -7.74 6.69 -5.49
N ASP A 77 -8.83 7.25 -4.99
CA ASP A 77 -10.03 6.48 -4.67
C ASP A 77 -10.84 6.24 -5.93
N ALA A 78 -11.36 5.03 -6.10
CA ALA A 78 -12.15 4.68 -7.27
C ALA A 78 -13.65 4.73 -6.96
N THR A 79 -13.98 5.08 -5.74
CA THR A 79 -15.36 5.15 -5.31
C THR A 79 -16.04 6.43 -5.78
N ASN A 80 -15.42 7.56 -5.46
CA ASN A 80 -15.97 8.87 -5.82
C ASN A 80 -14.88 9.73 -6.46
N LYS A 81 -13.74 9.10 -6.72
CA LYS A 81 -12.59 9.77 -7.33
C LYS A 81 -12.02 10.80 -6.37
N ASN A 82 -11.16 10.35 -5.49
CA ASN A 82 -10.53 11.20 -4.50
C ASN A 82 -9.04 11.02 -4.53
N ILE A 83 -8.30 12.11 -4.66
CA ILE A 83 -6.86 12.01 -4.65
C ILE A 83 -6.40 11.89 -3.21
N ILE A 84 -6.26 10.65 -2.77
CA ILE A 84 -5.91 10.32 -1.41
C ILE A 84 -4.49 10.76 -1.09
N ALA A 85 -3.55 10.39 -1.94
CA ALA A 85 -2.17 10.76 -1.72
C ALA A 85 -1.34 10.66 -2.99
N GLU A 86 -0.29 11.45 -3.06
CA GLU A 86 0.64 11.45 -4.19
C GLU A 86 2.03 11.73 -3.66
N HIS A 87 2.92 10.76 -3.75
CA HIS A 87 4.26 10.91 -3.21
C HIS A 87 5.33 10.40 -4.16
N GLU A 88 6.56 10.82 -3.91
CA GLU A 88 7.70 10.40 -4.70
C GLU A 88 8.03 8.94 -4.40
N ILE A 89 8.72 8.29 -5.31
CA ILE A 89 9.08 6.90 -5.14
C ILE A 89 9.95 6.69 -3.87
N ARG A 90 10.96 7.55 -3.70
CA ARG A 90 11.85 7.42 -2.55
C ARG A 90 11.19 7.89 -1.25
N ASN A 91 9.90 8.25 -1.34
CA ASN A 91 9.15 8.62 -0.17
C ASN A 91 8.75 7.35 0.58
N ILE A 92 8.80 6.23 -0.12
CA ILE A 92 8.49 4.95 0.47
C ILE A 92 9.74 4.36 1.10
N SER A 93 9.61 3.91 2.32
CA SER A 93 10.73 3.35 3.06
C SER A 93 10.90 1.88 2.72
N CYS A 94 9.79 1.16 2.62
CA CYS A 94 9.83 -0.27 2.31
C CYS A 94 8.45 -0.76 1.92
N ALA A 95 8.39 -1.94 1.31
CA ALA A 95 7.14 -2.54 0.89
C ALA A 95 7.17 -4.04 1.20
N ALA A 96 6.13 -4.52 1.84
CA ALA A 96 6.05 -5.91 2.22
C ALA A 96 4.66 -6.46 1.99
N GLN A 97 4.51 -7.76 2.08
CA GLN A 97 3.21 -8.37 1.91
C GLN A 97 2.89 -9.26 3.08
N ASP A 98 1.62 -9.49 3.29
CA ASP A 98 1.16 -10.31 4.40
C ASP A 98 1.52 -11.79 4.17
N PRO A 99 2.25 -12.41 5.12
CA PRO A 99 2.68 -13.81 5.02
C PRO A 99 1.53 -14.82 5.08
N GLU A 100 0.53 -14.53 5.89
CA GLU A 100 -0.58 -15.47 6.08
C GLU A 100 -1.71 -15.23 5.07
N ASP A 101 -1.79 -14.02 4.56
CA ASP A 101 -2.73 -13.71 3.49
C ASP A 101 -1.98 -13.07 2.35
N LEU A 102 -1.62 -13.89 1.38
CA LEU A 102 -0.83 -13.46 0.24
C LEU A 102 -1.61 -12.56 -0.74
N SER A 103 -2.81 -12.16 -0.34
CA SER A 103 -3.62 -11.26 -1.14
C SER A 103 -3.72 -9.90 -0.43
N THR A 104 -2.88 -9.72 0.58
CA THR A 104 -2.83 -8.48 1.33
C THR A 104 -1.39 -7.99 1.39
N PHE A 105 -1.19 -6.68 1.31
CA PHE A 105 0.16 -6.14 1.38
C PHE A 105 0.16 -4.73 1.94
N ALA A 106 1.34 -4.28 2.34
CA ALA A 106 1.48 -2.99 2.95
C ALA A 106 2.80 -2.34 2.59
N TYR A 107 2.82 -1.05 2.56
CA TYR A 107 4.02 -0.32 2.27
C TYR A 107 4.24 0.75 3.32
N ILE A 108 5.46 0.87 3.75
CA ILE A 108 5.82 1.82 4.76
C ILE A 108 6.45 3.04 4.12
N THR A 109 5.85 4.17 4.39
CA THR A 109 6.32 5.44 3.86
C THR A 109 6.64 6.38 4.99
N LYS A 110 6.85 7.64 4.68
CA LYS A 110 7.05 8.63 5.69
C LYS A 110 6.64 9.99 5.15
N ASP A 111 5.86 10.70 5.94
CA ASP A 111 5.42 12.03 5.57
C ASP A 111 6.35 13.05 6.15
N LEU A 112 6.91 13.89 5.29
CA LEU A 112 7.88 14.88 5.72
C LEU A 112 7.23 15.94 6.62
N LYS A 113 5.90 16.08 6.51
CA LYS A 113 5.17 17.04 7.33
C LYS A 113 4.90 16.47 8.72
N SER A 114 5.12 15.18 8.89
CA SER A 114 4.93 14.54 10.18
C SER A 114 6.25 14.02 10.71
N ASN A 115 7.20 13.81 9.80
CA ASN A 115 8.56 13.32 10.11
C ASN A 115 8.50 11.91 10.73
N HIS A 116 7.40 11.22 10.46
CA HIS A 116 7.22 9.87 10.96
C HIS A 116 6.79 8.95 9.84
N HIS A 117 6.79 7.65 10.10
CA HIS A 117 6.53 6.67 9.06
C HIS A 117 5.08 6.22 9.02
N TYR A 118 4.51 6.26 7.84
CA TYR A 118 3.14 5.83 7.62
C TYR A 118 3.10 4.44 7.03
N CYS A 119 2.51 3.54 7.78
CA CYS A 119 2.36 2.17 7.35
C CYS A 119 0.96 2.00 6.75
N HIS A 120 0.89 1.96 5.45
CA HIS A 120 -0.39 1.84 4.78
C HIS A 120 -0.58 0.42 4.29
N VAL A 121 -1.51 -0.27 4.91
CA VAL A 121 -1.80 -1.64 4.56
C VAL A 121 -3.20 -1.75 3.96
N PHE A 122 -3.32 -2.57 2.94
CA PHE A 122 -4.60 -2.78 2.30
C PHE A 122 -4.68 -4.16 1.66
N THR A 123 -5.87 -4.52 1.28
CA THR A 123 -6.12 -5.82 0.69
C THR A 123 -6.18 -5.71 -0.82
N ALA A 124 -5.78 -6.75 -1.51
CA ALA A 124 -5.81 -6.76 -2.95
C ALA A 124 -6.95 -7.61 -3.45
N PHE A 125 -7.35 -7.38 -4.69
CA PHE A 125 -8.43 -8.14 -5.30
C PHE A 125 -7.98 -9.55 -5.65
N ASP A 126 -6.70 -9.70 -5.99
CA ASP A 126 -6.18 -11.00 -6.35
C ASP A 126 -4.76 -11.17 -5.83
N VAL A 127 -4.38 -12.42 -5.56
CA VAL A 127 -3.05 -12.74 -5.07
C VAL A 127 -1.98 -12.31 -6.06
N ASN A 128 -2.21 -12.61 -7.33
CA ASN A 128 -1.24 -12.27 -8.37
C ASN A 128 -1.10 -10.76 -8.46
N LEU A 129 -2.23 -10.08 -8.35
CA LEU A 129 -2.27 -8.62 -8.41
C LEU A 129 -1.41 -8.04 -7.27
N ALA A 130 -1.59 -8.57 -6.08
CA ALA A 130 -0.81 -8.13 -4.92
C ALA A 130 0.68 -8.37 -5.13
N ALA A 131 1.01 -9.58 -5.54
CA ALA A 131 2.39 -9.97 -5.74
C ALA A 131 3.06 -9.15 -6.85
N GLU A 132 2.35 -8.90 -7.93
CA GLU A 132 2.91 -8.15 -9.04
C GLU A 132 3.13 -6.71 -8.67
N ILE A 133 2.23 -6.17 -7.88
CA ILE A 133 2.41 -4.81 -7.36
C ILE A 133 3.69 -4.74 -6.53
N ILE A 134 3.87 -5.73 -5.65
CA ILE A 134 5.08 -5.82 -4.84
C ILE A 134 6.30 -5.91 -5.74
N LEU A 135 6.20 -6.70 -6.80
CA LEU A 135 7.26 -6.86 -7.78
C LEU A 135 7.61 -5.51 -8.41
N THR A 136 6.59 -4.77 -8.80
CA THR A 136 6.78 -3.45 -9.40
C THR A 136 7.41 -2.48 -8.40
N LEU A 137 6.91 -2.49 -7.16
CA LEU A 137 7.47 -1.64 -6.10
C LEU A 137 8.94 -1.95 -5.87
N GLY A 138 9.26 -3.23 -5.72
CA GLY A 138 10.64 -3.66 -5.52
C GLY A 138 11.53 -3.27 -6.69
N GLN A 139 11.03 -3.50 -7.90
CA GLN A 139 11.74 -3.15 -9.11
C GLN A 139 11.99 -1.65 -9.13
N ALA A 140 10.97 -0.89 -8.77
CA ALA A 140 11.04 0.55 -8.73
C ALA A 140 12.15 1.02 -7.78
N PHE A 141 12.20 0.43 -6.58
CA PHE A 141 13.21 0.80 -5.60
C PHE A 141 14.60 0.52 -6.12
N GLU A 142 14.77 -0.64 -6.73
CA GLU A 142 16.07 -1.04 -7.25
C GLU A 142 16.53 -0.12 -8.40
N VAL A 143 15.59 0.22 -9.28
CA VAL A 143 15.91 1.07 -10.42
C VAL A 143 15.95 2.56 -10.01
N ALA A 144 15.45 2.86 -8.81
CA ALA A 144 15.44 4.22 -8.29
C ALA A 144 16.85 4.70 -8.02
N TYR A 145 17.75 3.76 -7.80
CA TYR A 145 19.15 4.06 -7.55
C TYR A 145 19.96 3.97 -8.83
N GLN A 146 19.27 3.75 -9.95
CA GLN A 146 19.92 3.64 -11.23
C GLN A 146 19.76 4.95 -12.00
N GLU A 12 1.63 5.36 -25.70
CA GLU A 12 2.10 4.07 -26.27
C GLU A 12 1.89 2.95 -25.26
N LYS A 13 0.79 3.06 -24.50
CA LYS A 13 0.47 2.14 -23.41
C LYS A 13 1.47 2.29 -22.27
N LEU A 14 1.06 3.00 -21.24
CA LEU A 14 1.93 3.31 -20.13
C LEU A 14 1.98 2.16 -19.11
N ILE A 15 1.34 1.03 -19.43
CA ILE A 15 1.32 -0.11 -18.54
C ILE A 15 2.65 -0.86 -18.60
N ALA A 16 3.65 -0.26 -18.01
CA ALA A 16 5.01 -0.78 -17.95
C ALA A 16 5.82 0.11 -17.05
N GLN A 17 5.75 1.40 -17.34
CA GLN A 17 6.41 2.41 -16.54
C GLN A 17 5.51 2.84 -15.41
N SER A 18 4.23 2.75 -15.64
CA SER A 18 3.23 3.08 -14.65
C SER A 18 2.24 1.94 -14.50
N CYS A 19 2.23 1.34 -13.34
CA CYS A 19 1.34 0.24 -13.08
C CYS A 19 0.09 0.73 -12.36
N ASP A 20 -1.01 0.79 -13.11
CA ASP A 20 -2.29 1.24 -12.57
C ASP A 20 -3.14 0.06 -12.17
N TYR A 21 -3.48 -0.02 -10.90
CA TYR A 21 -4.30 -1.09 -10.39
C TYR A 21 -5.39 -0.55 -9.48
N LYS A 22 -6.20 -1.45 -8.95
CA LYS A 22 -7.24 -1.09 -8.02
C LYS A 22 -7.22 -2.06 -6.84
N ALA A 23 -6.90 -1.54 -5.69
CA ALA A 23 -6.80 -2.34 -4.49
C ALA A 23 -7.88 -1.96 -3.51
N ALA A 24 -7.92 -2.64 -2.39
CA ALA A 24 -8.93 -2.36 -1.39
C ALA A 24 -8.29 -1.68 -0.18
N TYR A 25 -8.63 -0.41 0.00
CA TYR A 25 -8.08 0.41 1.08
C TYR A 25 -8.54 -0.12 2.45
N LEU A 26 -7.66 -0.79 3.17
CA LEU A 26 -8.00 -1.33 4.48
C LEU A 26 -7.77 -0.27 5.55
N GLY A 27 -6.55 0.26 5.63
CA GLY A 27 -6.28 1.32 6.59
C GLY A 27 -4.84 1.83 6.55
N SER A 28 -4.64 3.04 7.02
CA SER A 28 -3.31 3.63 7.08
C SER A 28 -2.96 3.93 8.54
N MET A 29 -1.94 3.27 9.04
CA MET A 29 -1.56 3.42 10.44
C MET A 29 -0.31 4.25 10.59
N LEU A 30 -0.30 5.13 11.57
CA LEU A 30 0.84 5.95 11.86
C LEU A 30 1.79 5.17 12.75
N ILE A 31 2.99 4.94 12.25
CA ILE A 31 3.97 4.17 12.99
C ILE A 31 5.16 5.06 13.36
N LYS A 32 5.62 4.92 14.59
CA LYS A 32 6.76 5.68 15.05
C LYS A 32 7.95 4.75 15.26
N GLU A 33 7.66 3.55 15.70
CA GLU A 33 8.67 2.53 15.90
C GLU A 33 8.64 1.53 14.76
N LEU A 34 9.57 1.67 13.85
CA LEU A 34 9.64 0.81 12.70
C LEU A 34 10.41 -0.45 12.99
N ARG A 35 9.70 -1.54 13.19
CA ARG A 35 10.32 -2.81 13.46
C ARG A 35 10.19 -3.74 12.24
N GLY A 36 11.01 -3.47 11.22
CA GLY A 36 10.99 -4.27 10.01
C GLY A 36 9.61 -4.33 9.39
N THR A 37 9.17 -5.52 9.06
CA THR A 37 7.85 -5.72 8.49
C THR A 37 6.87 -6.17 9.56
N GLU A 38 7.32 -6.11 10.80
CA GLU A 38 6.48 -6.48 11.92
C GLU A 38 5.43 -5.42 12.12
N SER A 39 5.82 -4.16 11.95
CA SER A 39 4.91 -3.04 12.06
C SER A 39 3.77 -3.13 11.03
N THR A 40 4.11 -3.54 9.80
CA THR A 40 3.11 -3.68 8.76
C THR A 40 2.17 -4.84 9.08
N GLN A 41 2.76 -5.98 9.49
CA GLN A 41 1.99 -7.15 9.89
C GLN A 41 1.12 -6.80 11.11
N ASP A 42 1.67 -5.95 11.97
CA ASP A 42 1.00 -5.47 13.19
C ASP A 42 -0.32 -4.81 12.84
N ALA A 43 -0.24 -3.74 12.03
CA ALA A 43 -1.43 -2.99 11.62
C ALA A 43 -2.39 -3.90 10.86
N CYS A 44 -1.85 -4.75 10.02
CA CYS A 44 -2.66 -5.66 9.23
C CYS A 44 -3.47 -6.58 10.14
N ALA A 45 -2.78 -7.30 11.03
CA ALA A 45 -3.43 -8.23 11.94
C ALA A 45 -4.51 -7.53 12.77
N LYS A 46 -4.20 -6.33 13.22
CA LYS A 46 -5.13 -5.54 14.02
C LYS A 46 -6.43 -5.30 13.26
N MET A 47 -6.31 -4.77 12.04
CA MET A 47 -7.49 -4.50 11.23
C MET A 47 -8.15 -5.76 10.74
N ARG A 48 -7.37 -6.82 10.55
CA ARG A 48 -7.92 -8.10 10.14
C ARG A 48 -8.92 -8.56 11.18
N ALA A 49 -8.52 -8.51 12.44
CA ALA A 49 -9.37 -8.91 13.54
C ALA A 49 -10.49 -7.89 13.76
N ASN A 50 -10.22 -6.65 13.39
CA ASN A 50 -11.20 -5.59 13.56
C ASN A 50 -12.34 -5.68 12.54
N CYS A 51 -12.03 -6.09 11.31
CA CYS A 51 -13.06 -6.18 10.25
C CYS A 51 -14.11 -7.24 10.59
N GLN A 52 -13.70 -8.26 11.34
CA GLN A 52 -14.60 -9.32 11.79
C GLN A 52 -15.10 -9.00 13.20
N LYS A 53 -15.58 -7.79 13.37
CA LYS A 53 -16.04 -7.34 14.66
C LYS A 53 -17.51 -7.62 14.83
N SER A 54 -17.87 -8.22 15.96
CA SER A 54 -19.26 -8.48 16.27
C SER A 54 -19.91 -7.18 16.74
N THR A 55 -19.05 -6.24 17.13
CA THR A 55 -19.48 -4.95 17.59
C THR A 55 -19.70 -4.02 16.39
N GLU A 56 -20.90 -4.11 15.80
CA GLU A 56 -21.25 -3.32 14.62
C GLU A 56 -20.28 -3.61 13.48
N GLN A 57 -20.47 -4.77 12.86
CA GLN A 57 -19.59 -5.25 11.80
C GLN A 57 -19.39 -4.20 10.71
N MET A 58 -18.13 -3.94 10.40
CA MET A 58 -17.77 -2.96 9.40
C MET A 58 -18.07 -3.51 8.01
N LYS A 59 -18.45 -2.61 7.11
CA LYS A 59 -18.75 -2.99 5.74
C LYS A 59 -17.48 -3.16 4.93
N LYS A 60 -17.64 -3.45 3.64
CA LYS A 60 -16.50 -3.64 2.76
C LYS A 60 -15.71 -2.34 2.64
N VAL A 61 -14.42 -2.48 2.43
CA VAL A 61 -13.55 -1.33 2.31
C VAL A 61 -13.66 -0.72 0.90
N PRO A 62 -13.33 0.57 0.76
CA PRO A 62 -13.41 1.26 -0.52
C PRO A 62 -12.26 0.87 -1.46
N THR A 63 -12.54 0.84 -2.75
CA THR A 63 -11.54 0.51 -3.74
C THR A 63 -10.69 1.74 -4.06
N ILE A 64 -9.38 1.59 -3.93
CA ILE A 64 -8.46 2.67 -4.16
C ILE A 64 -7.56 2.35 -5.36
N ILE A 65 -7.33 3.35 -6.21
CA ILE A 65 -6.53 3.18 -7.41
C ILE A 65 -5.04 3.24 -7.06
N LEU A 66 -4.39 2.10 -7.21
CA LEU A 66 -3.00 1.96 -6.91
C LEU A 66 -2.16 2.21 -8.16
N SER A 67 -1.65 3.42 -8.28
CA SER A 67 -0.84 3.77 -9.42
C SER A 67 0.63 3.91 -9.01
N VAL A 68 1.38 2.90 -9.29
CA VAL A 68 2.80 2.90 -8.97
C VAL A 68 3.64 2.98 -10.24
N SER A 69 4.37 4.06 -10.37
CA SER A 69 5.20 4.28 -11.53
C SER A 69 6.65 4.46 -11.10
N ALA A 70 7.56 4.12 -12.00
CA ALA A 70 8.98 4.25 -11.73
C ALA A 70 9.38 5.72 -11.63
N LYS A 71 8.48 6.60 -12.06
CA LYS A 71 8.73 8.03 -12.03
C LYS A 71 7.96 8.68 -10.87
N GLY A 72 7.19 7.87 -10.14
CA GLY A 72 6.42 8.39 -9.04
C GLY A 72 5.22 7.53 -8.71
N VAL A 73 4.73 7.66 -7.51
CA VAL A 73 3.59 6.85 -7.06
C VAL A 73 2.42 7.75 -6.71
N LYS A 74 1.24 7.29 -7.02
CA LYS A 74 0.03 8.04 -6.74
C LYS A 74 -1.12 7.10 -6.39
N PHE A 75 -1.81 7.44 -5.34
CA PHE A 75 -2.91 6.65 -4.84
C PHE A 75 -4.14 7.52 -4.80
N ILE A 76 -5.11 7.21 -5.68
CA ILE A 76 -6.30 8.04 -5.85
C ILE A 76 -7.59 7.23 -5.63
N ASP A 77 -8.64 7.93 -5.21
CA ASP A 77 -9.96 7.34 -5.03
C ASP A 77 -10.83 7.59 -6.29
N ALA A 78 -11.80 6.72 -6.54
CA ALA A 78 -12.66 6.86 -7.72
C ALA A 78 -14.01 7.49 -7.38
N THR A 79 -14.31 7.59 -6.10
CA THR A 79 -15.60 8.12 -5.66
C THR A 79 -15.65 9.64 -5.86
N ASN A 80 -14.67 10.33 -5.31
CA ASN A 80 -14.60 11.78 -5.40
C ASN A 80 -13.26 12.18 -6.01
N LYS A 81 -12.49 11.18 -6.44
CA LYS A 81 -11.16 11.38 -7.02
C LYS A 81 -10.22 11.98 -5.99
N ASN A 82 -10.46 11.66 -4.73
CA ASN A 82 -9.64 12.14 -3.65
C ASN A 82 -8.31 11.42 -3.67
N ILE A 83 -7.24 12.17 -3.73
CA ILE A 83 -5.93 11.58 -3.74
C ILE A 83 -5.50 11.23 -2.32
N ILE A 84 -5.35 9.94 -2.07
CA ILE A 84 -4.89 9.47 -0.78
C ILE A 84 -3.47 9.96 -0.55
N ALA A 85 -2.66 9.85 -1.60
CA ALA A 85 -1.27 10.33 -1.55
C ALA A 85 -0.64 10.29 -2.92
N GLU A 86 0.28 11.21 -3.18
CA GLU A 86 1.00 11.24 -4.44
C GLU A 86 2.39 11.85 -4.26
N HIS A 87 3.40 11.05 -4.53
CA HIS A 87 4.79 11.48 -4.39
C HIS A 87 5.68 10.71 -5.33
N GLU A 88 6.97 10.92 -5.21
CA GLU A 88 7.94 10.20 -6.01
C GLU A 88 8.01 8.76 -5.54
N ILE A 89 8.50 7.88 -6.40
CA ILE A 89 8.56 6.46 -6.07
C ILE A 89 9.41 6.20 -4.83
N ARG A 90 10.57 6.83 -4.74
CA ARG A 90 11.48 6.59 -3.63
C ARG A 90 10.99 7.29 -2.35
N ASN A 91 9.79 7.85 -2.39
CA ASN A 91 9.20 8.44 -1.21
C ASN A 91 8.69 7.30 -0.31
N ILE A 92 8.58 6.12 -0.91
CA ILE A 92 8.19 4.94 -0.17
C ILE A 92 9.44 4.34 0.48
N SER A 93 9.41 4.25 1.79
CA SER A 93 10.54 3.78 2.54
C SER A 93 10.68 2.26 2.47
N CYS A 94 9.55 1.56 2.46
CA CYS A 94 9.59 0.10 2.41
C CYS A 94 8.27 -0.47 1.92
N ALA A 95 8.34 -1.62 1.29
CA ALA A 95 7.16 -2.30 0.79
C ALA A 95 7.13 -3.72 1.33
N ALA A 96 6.09 -4.06 2.04
CA ALA A 96 5.98 -5.36 2.65
C ALA A 96 4.66 -6.03 2.32
N GLN A 97 4.56 -7.29 2.65
CA GLN A 97 3.36 -8.08 2.41
C GLN A 97 3.20 -9.11 3.50
N ASP A 98 2.00 -9.66 3.65
CA ASP A 98 1.80 -10.70 4.65
C ASP A 98 2.42 -12.00 4.17
N PRO A 99 3.24 -12.62 5.01
CA PRO A 99 3.92 -13.87 4.66
C PRO A 99 2.94 -14.99 4.29
N GLU A 100 1.76 -14.97 4.88
CA GLU A 100 0.76 -15.99 4.66
C GLU A 100 0.04 -15.86 3.31
N ASP A 101 -0.05 -14.65 2.78
CA ASP A 101 -0.75 -14.43 1.52
C ASP A 101 -0.28 -13.16 0.83
N LEU A 102 -0.21 -13.21 -0.49
CA LEU A 102 0.30 -12.10 -1.28
C LEU A 102 -0.78 -11.11 -1.70
N SER A 103 -2.04 -11.43 -1.43
CA SER A 103 -3.15 -10.56 -1.83
C SER A 103 -3.45 -9.53 -0.75
N THR A 104 -2.50 -9.36 0.14
CA THR A 104 -2.60 -8.41 1.22
C THR A 104 -1.21 -7.90 1.57
N PHE A 105 -1.02 -6.58 1.47
CA PHE A 105 0.29 -6.01 1.69
C PHE A 105 0.23 -4.60 2.26
N ALA A 106 1.38 -4.06 2.57
CA ALA A 106 1.47 -2.74 3.17
C ALA A 106 2.78 -2.10 2.84
N TYR A 107 2.75 -0.81 2.58
CA TYR A 107 3.96 -0.08 2.30
C TYR A 107 4.14 1.05 3.31
N ILE A 108 5.36 1.27 3.71
CA ILE A 108 5.66 2.33 4.63
C ILE A 108 6.19 3.51 3.87
N THR A 109 5.52 4.63 4.00
CA THR A 109 5.86 5.82 3.25
C THR A 109 6.64 6.81 4.11
N LYS A 110 7.64 7.44 3.51
CA LYS A 110 8.43 8.44 4.21
C LYS A 110 7.77 9.80 4.04
N ASP A 111 6.68 10.01 4.79
CA ASP A 111 5.94 11.26 4.71
C ASP A 111 6.62 12.29 5.60
N LEU A 112 7.70 12.84 5.09
CA LEU A 112 8.53 13.77 5.83
C LEU A 112 7.78 15.03 6.24
N LYS A 113 6.80 15.45 5.45
CA LYS A 113 6.05 16.66 5.78
C LYS A 113 5.13 16.44 6.97
N SER A 114 4.84 15.17 7.27
CA SER A 114 4.02 14.85 8.43
C SER A 114 4.91 14.49 9.62
N ASN A 115 6.22 14.41 9.36
CA ASN A 115 7.24 14.12 10.37
C ASN A 115 7.09 12.72 10.97
N HIS A 116 6.29 11.88 10.34
CA HIS A 116 6.09 10.53 10.83
C HIS A 116 6.03 9.54 9.69
N HIS A 117 6.06 8.26 10.02
CA HIS A 117 6.03 7.22 9.02
C HIS A 117 4.63 6.63 8.94
N TYR A 118 4.08 6.60 7.74
CA TYR A 118 2.75 6.06 7.56
C TYR A 118 2.80 4.70 6.91
N CYS A 119 2.16 3.75 7.55
CA CYS A 119 2.07 2.41 7.05
C CYS A 119 0.72 2.19 6.41
N HIS A 120 0.67 2.26 5.10
CA HIS A 120 -0.57 2.05 4.40
C HIS A 120 -0.72 0.59 4.08
N VAL A 121 -1.58 -0.07 4.83
CA VAL A 121 -1.82 -1.48 4.66
C VAL A 121 -3.21 -1.72 4.07
N PHE A 122 -3.26 -2.51 3.03
CA PHE A 122 -4.50 -2.74 2.34
C PHE A 122 -4.50 -4.09 1.65
N THR A 123 -5.66 -4.49 1.20
CA THR A 123 -5.82 -5.77 0.57
C THR A 123 -6.02 -5.60 -0.92
N ALA A 124 -6.00 -6.71 -1.63
CA ALA A 124 -6.22 -6.68 -3.06
C ALA A 124 -7.26 -7.70 -3.43
N PHE A 125 -7.99 -7.42 -4.48
CA PHE A 125 -9.02 -8.33 -4.95
C PHE A 125 -8.41 -9.50 -5.70
N ASP A 126 -7.23 -9.28 -6.27
CA ASP A 126 -6.54 -10.32 -7.02
C ASP A 126 -5.16 -10.56 -6.44
N VAL A 127 -4.85 -11.84 -6.21
CA VAL A 127 -3.58 -12.24 -5.62
C VAL A 127 -2.40 -11.83 -6.49
N ASN A 128 -2.44 -12.19 -7.77
CA ASN A 128 -1.36 -11.85 -8.70
C ASN A 128 -1.23 -10.36 -8.84
N LEU A 129 -2.37 -9.68 -8.83
CA LEU A 129 -2.40 -8.23 -8.92
C LEU A 129 -1.56 -7.61 -7.81
N ALA A 130 -1.82 -8.04 -6.58
CA ALA A 130 -1.08 -7.54 -5.43
C ALA A 130 0.38 -7.93 -5.52
N ALA A 131 0.64 -9.19 -5.85
CA ALA A 131 2.00 -9.69 -5.98
C ALA A 131 2.77 -8.94 -7.06
N GLU A 132 2.09 -8.58 -8.12
CA GLU A 132 2.70 -7.85 -9.22
C GLU A 132 3.02 -6.42 -8.78
N ILE A 133 2.16 -5.86 -7.93
CA ILE A 133 2.42 -4.53 -7.35
C ILE A 133 3.69 -4.58 -6.49
N ILE A 134 3.78 -5.62 -5.66
CA ILE A 134 4.95 -5.83 -4.81
C ILE A 134 6.22 -5.95 -5.66
N LEU A 135 6.11 -6.69 -6.76
CA LEU A 135 7.23 -6.85 -7.69
C LEU A 135 7.61 -5.48 -8.26
N THR A 136 6.61 -4.73 -8.69
CA THR A 136 6.80 -3.40 -9.25
C THR A 136 7.52 -2.49 -8.23
N LEU A 137 6.99 -2.41 -7.02
CA LEU A 137 7.58 -1.60 -5.95
C LEU A 137 8.99 -2.07 -5.60
N GLY A 138 9.12 -3.36 -5.34
CA GLY A 138 10.40 -3.93 -4.95
C GLY A 138 11.47 -3.70 -5.99
N GLN A 139 11.15 -3.97 -7.25
CA GLN A 139 12.11 -3.80 -8.33
C GLN A 139 12.50 -2.34 -8.49
N ALA A 140 11.50 -1.45 -8.41
CA ALA A 140 11.73 -0.02 -8.54
C ALA A 140 12.62 0.51 -7.41
N PHE A 141 12.43 -0.04 -6.22
CA PHE A 141 13.20 0.37 -5.07
C PHE A 141 14.61 -0.23 -5.12
N GLU A 142 14.70 -1.49 -5.53
CA GLU A 142 15.97 -2.20 -5.59
C GLU A 142 16.92 -1.58 -6.61
N VAL A 143 16.39 -1.19 -7.77
CA VAL A 143 17.21 -0.59 -8.82
C VAL A 143 17.77 0.76 -8.36
N ALA A 144 17.01 1.48 -7.54
CA ALA A 144 17.43 2.77 -7.02
C ALA A 144 18.37 2.60 -5.82
N TYR A 145 18.38 1.40 -5.28
CA TYR A 145 19.22 1.08 -4.14
C TYR A 145 20.63 0.71 -4.59
N GLN A 146 20.72 -0.27 -5.46
CA GLN A 146 22.02 -0.72 -5.96
C GLN A 146 22.15 -0.47 -7.46
N GLU A 12 6.19 8.14 -20.33
CA GLU A 12 6.79 7.59 -19.09
C GLU A 12 5.79 6.68 -18.38
N LYS A 13 4.61 7.21 -18.08
CA LYS A 13 3.58 6.43 -17.42
C LYS A 13 2.81 5.59 -18.42
N LEU A 14 3.34 4.42 -18.69
CA LEU A 14 2.73 3.48 -19.61
C LEU A 14 2.62 2.13 -18.92
N ILE A 15 1.70 1.29 -19.39
CA ILE A 15 1.53 -0.04 -18.82
C ILE A 15 2.73 -0.93 -19.19
N ALA A 16 3.81 -0.71 -18.47
CA ALA A 16 5.08 -1.39 -18.65
C ALA A 16 6.08 -0.81 -17.67
N GLN A 17 6.03 0.50 -17.53
CA GLN A 17 6.88 1.22 -16.57
C GLN A 17 6.05 1.72 -15.40
N SER A 18 4.75 1.48 -15.51
CA SER A 18 3.83 1.86 -14.47
C SER A 18 2.62 0.94 -14.51
N CYS A 19 2.02 0.70 -13.38
CA CYS A 19 0.84 -0.13 -13.33
C CYS A 19 -0.24 0.54 -12.48
N ASP A 20 -1.44 0.59 -13.03
CA ASP A 20 -2.58 1.18 -12.34
C ASP A 20 -3.52 0.08 -11.90
N TYR A 21 -3.38 -0.36 -10.66
CA TYR A 21 -4.23 -1.43 -10.15
C TYR A 21 -5.11 -0.95 -9.03
N LYS A 22 -6.34 -1.39 -9.03
CA LYS A 22 -7.26 -1.01 -7.99
C LYS A 22 -7.21 -2.01 -6.84
N ALA A 23 -6.92 -1.51 -5.67
CA ALA A 23 -6.84 -2.33 -4.48
C ALA A 23 -7.88 -1.87 -3.48
N ALA A 24 -8.01 -2.61 -2.40
CA ALA A 24 -8.96 -2.26 -1.37
C ALA A 24 -8.26 -1.54 -0.23
N TYR A 25 -8.68 -0.31 0.04
CA TYR A 25 -8.10 0.50 1.11
C TYR A 25 -8.51 -0.05 2.47
N LEU A 26 -7.67 -0.88 3.06
CA LEU A 26 -7.95 -1.45 4.35
C LEU A 26 -7.70 -0.42 5.44
N GLY A 27 -6.47 0.11 5.48
CA GLY A 27 -6.18 1.13 6.47
C GLY A 27 -4.81 1.74 6.29
N SER A 28 -4.60 2.85 6.97
CA SER A 28 -3.34 3.54 6.96
C SER A 28 -3.12 4.17 8.33
N MET A 29 -2.18 3.62 9.08
CA MET A 29 -1.93 4.07 10.45
C MET A 29 -0.65 4.86 10.56
N LEU A 30 -0.55 5.67 11.59
CA LEU A 30 0.62 6.47 11.81
C LEU A 30 1.55 5.79 12.78
N ILE A 31 2.62 5.25 12.28
CA ILE A 31 3.58 4.59 13.11
C ILE A 31 4.68 5.55 13.48
N LYS A 32 4.81 5.83 14.77
CA LYS A 32 5.85 6.72 15.25
C LYS A 32 7.22 6.15 14.92
N GLU A 33 7.63 5.16 15.67
CA GLU A 33 8.88 4.49 15.42
C GLU A 33 8.62 3.21 14.65
N LEU A 34 8.99 3.21 13.39
CA LEU A 34 8.75 2.09 12.53
C LEU A 34 9.87 1.08 12.68
N ARG A 35 9.51 -0.12 13.11
CA ARG A 35 10.49 -1.18 13.29
C ARG A 35 10.20 -2.36 12.37
N GLY A 36 10.67 -2.25 11.15
CA GLY A 36 10.55 -3.33 10.18
C GLY A 36 9.12 -3.73 9.86
N THR A 37 8.97 -4.99 9.48
CA THR A 37 7.68 -5.54 9.08
C THR A 37 6.81 -5.86 10.32
N GLU A 38 7.37 -5.62 11.49
CA GLU A 38 6.66 -5.88 12.74
C GLU A 38 5.41 -5.01 12.84
N SER A 39 5.57 -3.72 12.61
CA SER A 39 4.47 -2.79 12.72
C SER A 39 3.50 -2.90 11.56
N THR A 40 3.98 -3.33 10.39
CA THR A 40 3.10 -3.48 9.25
C THR A 40 2.12 -4.61 9.50
N GLN A 41 2.64 -5.72 10.01
CA GLN A 41 1.80 -6.84 10.36
C GLN A 41 0.93 -6.51 11.56
N ASP A 42 1.44 -5.66 12.45
CA ASP A 42 0.66 -5.19 13.60
C ASP A 42 -0.63 -4.55 13.11
N ALA A 43 -0.47 -3.58 12.22
CA ALA A 43 -1.61 -2.86 11.66
C ALA A 43 -2.52 -3.80 10.87
N CYS A 44 -1.91 -4.63 10.03
CA CYS A 44 -2.64 -5.56 9.20
C CYS A 44 -3.47 -6.52 10.04
N ALA A 45 -2.81 -7.28 10.91
CA ALA A 45 -3.48 -8.27 11.74
C ALA A 45 -4.57 -7.64 12.59
N LYS A 46 -4.26 -6.48 13.16
CA LYS A 46 -5.22 -5.78 14.01
C LYS A 46 -6.52 -5.47 13.25
N MET A 47 -6.39 -4.79 12.11
CA MET A 47 -7.57 -4.42 11.33
C MET A 47 -8.21 -5.63 10.68
N ARG A 48 -7.40 -6.56 10.22
CA ARG A 48 -7.92 -7.76 9.57
C ARG A 48 -8.76 -8.58 10.55
N ALA A 49 -8.37 -8.56 11.83
CA ALA A 49 -9.13 -9.24 12.86
C ALA A 49 -10.38 -8.44 13.23
N ASN A 50 -10.27 -7.12 13.16
CA ASN A 50 -11.41 -6.24 13.47
C ASN A 50 -12.40 -6.19 12.32
N CYS A 51 -11.91 -6.42 11.11
CA CYS A 51 -12.75 -6.41 9.93
C CYS A 51 -13.72 -7.60 9.94
N GLN A 52 -13.25 -8.73 10.42
CA GLN A 52 -14.06 -9.94 10.49
C GLN A 52 -14.98 -9.94 11.71
N LYS A 53 -15.78 -8.87 11.84
CA LYS A 53 -16.74 -8.72 12.93
C LYS A 53 -17.73 -9.87 12.91
N SER A 54 -18.29 -10.12 11.74
CA SER A 54 -19.23 -11.18 11.54
C SER A 54 -19.19 -11.64 10.10
N THR A 55 -19.34 -12.94 9.88
CA THR A 55 -19.26 -13.52 8.56
C THR A 55 -20.19 -12.85 7.55
N GLU A 56 -19.60 -12.50 6.39
CA GLU A 56 -20.26 -11.81 5.26
C GLU A 56 -21.00 -10.52 5.64
N GLN A 57 -20.91 -10.10 6.89
CA GLN A 57 -21.49 -8.82 7.29
C GLN A 57 -20.43 -7.75 7.09
N MET A 58 -19.19 -8.21 7.00
CA MET A 58 -18.07 -7.35 6.72
C MET A 58 -18.23 -6.78 5.31
N LYS A 59 -18.20 -5.48 5.20
CA LYS A 59 -18.44 -4.84 3.93
C LYS A 59 -17.15 -4.51 3.22
N LYS A 60 -17.26 -4.28 1.92
CA LYS A 60 -16.11 -3.94 1.12
C LYS A 60 -15.61 -2.55 1.47
N VAL A 61 -14.32 -2.37 1.43
CA VAL A 61 -13.72 -1.10 1.76
C VAL A 61 -13.49 -0.26 0.50
N PRO A 62 -13.31 1.07 0.65
CA PRO A 62 -13.07 1.98 -0.48
C PRO A 62 -11.97 1.47 -1.42
N THR A 63 -12.24 1.54 -2.70
CA THR A 63 -11.30 1.08 -3.68
C THR A 63 -10.29 2.18 -4.02
N ILE A 64 -9.03 1.83 -4.01
CA ILE A 64 -7.96 2.77 -4.28
C ILE A 64 -7.21 2.39 -5.56
N ILE A 65 -6.93 3.38 -6.39
CA ILE A 65 -6.16 3.17 -7.58
C ILE A 65 -4.69 3.30 -7.25
N LEU A 66 -4.03 2.17 -7.09
CA LEU A 66 -2.62 2.14 -6.82
C LEU A 66 -1.86 2.26 -8.11
N SER A 67 -1.48 3.47 -8.44
CA SER A 67 -0.76 3.72 -9.65
C SER A 67 0.71 3.93 -9.35
N VAL A 68 1.48 2.89 -9.52
CA VAL A 68 2.90 2.94 -9.24
C VAL A 68 3.71 2.95 -10.53
N SER A 69 4.58 3.92 -10.63
CA SER A 69 5.44 4.07 -11.78
C SER A 69 6.89 3.96 -11.34
N ALA A 70 7.77 3.67 -12.29
CA ALA A 70 9.19 3.55 -12.00
C ALA A 70 9.78 4.88 -11.52
N LYS A 71 9.02 5.96 -11.70
CA LYS A 71 9.49 7.29 -11.31
C LYS A 71 8.68 7.84 -10.13
N GLY A 72 7.79 7.04 -9.56
CA GLY A 72 6.99 7.51 -8.45
C GLY A 72 5.70 6.75 -8.31
N VAL A 73 5.03 6.90 -7.18
CA VAL A 73 3.80 6.18 -6.93
C VAL A 73 2.69 7.13 -6.42
N LYS A 74 1.54 7.05 -7.05
CA LYS A 74 0.41 7.89 -6.70
C LYS A 74 -0.79 7.03 -6.24
N PHE A 75 -1.42 7.46 -5.16
CA PHE A 75 -2.52 6.72 -4.54
C PHE A 75 -3.80 7.56 -4.57
N ILE A 76 -4.79 7.13 -5.36
CA ILE A 76 -6.05 7.87 -5.51
C ILE A 76 -7.26 6.99 -5.15
N ASP A 77 -8.32 7.61 -4.64
CA ASP A 77 -9.55 6.92 -4.29
C ASP A 77 -10.48 6.83 -5.50
N ALA A 78 -11.29 5.77 -5.57
CA ALA A 78 -12.20 5.58 -6.69
C ALA A 78 -13.62 6.08 -6.36
N THR A 79 -13.89 6.27 -5.09
CA THR A 79 -15.22 6.68 -4.64
C THR A 79 -15.53 8.13 -5.05
N ASN A 80 -14.65 9.04 -4.69
CA ASN A 80 -14.84 10.45 -5.00
C ASN A 80 -13.62 10.99 -5.73
N LYS A 81 -12.67 10.09 -6.03
CA LYS A 81 -11.43 10.45 -6.73
C LYS A 81 -10.57 11.35 -5.87
N ASN A 82 -10.55 11.08 -4.58
CA ASN A 82 -9.74 11.84 -3.65
C ASN A 82 -8.35 11.24 -3.59
N ILE A 83 -7.34 12.08 -3.71
CA ILE A 83 -5.98 11.60 -3.67
C ILE A 83 -5.56 11.27 -2.24
N ILE A 84 -5.31 9.99 -1.97
CA ILE A 84 -4.87 9.55 -0.66
C ILE A 84 -3.46 10.06 -0.40
N ALA A 85 -2.59 9.89 -1.40
CA ALA A 85 -1.21 10.36 -1.27
C ALA A 85 -0.47 10.27 -2.60
N GLU A 86 0.72 10.82 -2.63
CA GLU A 86 1.57 10.80 -3.80
C GLU A 86 3.02 10.90 -3.34
N HIS A 87 3.82 9.90 -3.67
CA HIS A 87 5.20 9.87 -3.24
C HIS A 87 6.12 9.38 -4.34
N GLU A 88 7.36 9.81 -4.28
CA GLU A 88 8.38 9.36 -5.19
C GLU A 88 8.79 7.95 -4.76
N ILE A 89 9.16 7.10 -5.71
CA ILE A 89 9.47 5.70 -5.41
C ILE A 89 10.63 5.58 -4.41
N ARG A 90 11.64 6.42 -4.55
CA ARG A 90 12.81 6.39 -3.68
C ARG A 90 12.47 6.85 -2.26
N ASN A 91 11.26 7.35 -2.08
CA ASN A 91 10.83 7.84 -0.78
C ASN A 91 10.05 6.77 -0.01
N ILE A 92 9.84 5.62 -0.64
CA ILE A 92 9.13 4.55 0.03
C ILE A 92 10.03 3.90 1.08
N SER A 93 9.69 4.10 2.34
CA SER A 93 10.45 3.59 3.47
C SER A 93 10.66 2.09 3.37
N CYS A 94 9.57 1.35 3.18
CA CYS A 94 9.65 -0.11 3.07
C CYS A 94 8.32 -0.68 2.60
N ALA A 95 8.35 -1.90 2.07
CA ALA A 95 7.15 -2.57 1.59
C ALA A 95 7.21 -4.05 1.90
N ALA A 96 6.13 -4.59 2.45
CA ALA A 96 6.08 -6.00 2.79
C ALA A 96 4.69 -6.56 2.50
N GLN A 97 4.59 -7.89 2.47
CA GLN A 97 3.31 -8.55 2.24
C GLN A 97 3.09 -9.59 3.33
N ASP A 98 1.85 -10.02 3.49
CA ASP A 98 1.53 -11.01 4.50
C ASP A 98 1.89 -12.41 4.04
N PRO A 99 2.74 -13.11 4.81
CA PRO A 99 3.15 -14.49 4.48
C PRO A 99 1.96 -15.45 4.48
N GLU A 100 0.97 -15.13 5.30
CA GLU A 100 -0.22 -15.95 5.43
C GLU A 100 -1.28 -15.55 4.41
N ASP A 101 -1.05 -14.46 3.68
CA ASP A 101 -2.01 -13.99 2.70
C ASP A 101 -1.31 -13.20 1.61
N LEU A 102 -1.14 -13.84 0.46
CA LEU A 102 -0.42 -13.21 -0.66
C LEU A 102 -1.33 -12.25 -1.43
N SER A 103 -2.46 -11.91 -0.84
CA SER A 103 -3.37 -10.98 -1.45
C SER A 103 -3.52 -9.76 -0.55
N THR A 104 -2.62 -9.64 0.41
CA THR A 104 -2.61 -8.54 1.35
C THR A 104 -1.19 -8.00 1.52
N PHE A 105 -1.05 -6.68 1.49
CA PHE A 105 0.26 -6.06 1.58
C PHE A 105 0.25 -4.84 2.47
N ALA A 106 1.37 -4.59 3.11
CA ALA A 106 1.52 -3.46 4.00
C ALA A 106 2.88 -2.82 3.82
N TYR A 107 2.89 -1.53 3.55
CA TYR A 107 4.12 -0.82 3.33
C TYR A 107 4.13 0.50 4.09
N ILE A 108 5.29 1.09 4.24
CA ILE A 108 5.43 2.35 4.96
C ILE A 108 6.07 3.41 4.11
N THR A 109 5.50 4.59 4.21
CA THR A 109 5.99 5.77 3.50
C THR A 109 5.90 6.98 4.42
N LYS A 110 7.01 7.65 4.64
CA LYS A 110 7.00 8.84 5.48
C LYS A 110 6.73 10.10 4.66
N ASP A 111 5.82 10.94 5.14
CA ASP A 111 5.42 12.15 4.43
C ASP A 111 5.81 13.41 5.19
N LEU A 112 6.24 14.41 4.45
CA LEU A 112 6.69 15.69 5.01
C LEU A 112 5.56 16.38 5.81
N LYS A 113 4.34 16.21 5.36
CA LYS A 113 3.20 16.86 6.02
C LYS A 113 2.66 15.99 7.15
N SER A 114 3.18 14.78 7.25
CA SER A 114 2.76 13.86 8.28
C SER A 114 3.75 13.87 9.43
N ASN A 115 5.04 13.87 9.08
CA ASN A 115 6.14 13.82 10.05
C ASN A 115 6.20 12.46 10.73
N HIS A 116 5.35 11.55 10.26
CA HIS A 116 5.29 10.21 10.79
C HIS A 116 5.38 9.19 9.67
N HIS A 117 5.32 7.92 10.03
CA HIS A 117 5.40 6.86 9.06
C HIS A 117 4.01 6.36 8.71
N TYR A 118 3.60 6.56 7.47
CA TYR A 118 2.31 6.10 7.01
C TYR A 118 2.34 4.61 6.72
N CYS A 119 1.70 3.84 7.55
CA CYS A 119 1.61 2.43 7.34
C CYS A 119 0.40 2.15 6.48
N HIS A 120 0.62 2.09 5.19
CA HIS A 120 -0.44 1.83 4.25
C HIS A 120 -0.58 0.34 4.02
N VAL A 121 -1.60 -0.22 4.60
CA VAL A 121 -1.86 -1.62 4.43
C VAL A 121 -3.17 -1.82 3.68
N PHE A 122 -3.07 -2.38 2.50
CA PHE A 122 -4.20 -2.59 1.64
C PHE A 122 -4.24 -4.03 1.19
N THR A 123 -5.37 -4.46 0.71
CA THR A 123 -5.50 -5.81 0.23
C THR A 123 -5.95 -5.82 -1.21
N ALA A 124 -5.35 -6.69 -1.98
CA ALA A 124 -5.67 -6.83 -3.38
C ALA A 124 -6.83 -7.78 -3.54
N PHE A 125 -7.51 -7.70 -4.67
CA PHE A 125 -8.62 -8.58 -4.92
C PHE A 125 -8.13 -9.90 -5.53
N ASP A 126 -6.85 -9.93 -5.89
CA ASP A 126 -6.22 -11.12 -6.46
C ASP A 126 -4.77 -11.22 -5.99
N VAL A 127 -4.30 -12.45 -5.81
CA VAL A 127 -2.93 -12.72 -5.39
C VAL A 127 -1.94 -12.20 -6.42
N ASN A 128 -2.19 -12.49 -7.69
CA ASN A 128 -1.30 -12.03 -8.77
C ASN A 128 -1.31 -10.51 -8.83
N LEU A 129 -2.43 -9.91 -8.50
CA LEU A 129 -2.57 -8.46 -8.49
C LEU A 129 -1.59 -7.88 -7.46
N ALA A 130 -1.65 -8.42 -6.24
CA ALA A 130 -0.74 -7.99 -5.17
C ALA A 130 0.71 -8.25 -5.56
N ALA A 131 0.95 -9.41 -6.15
CA ALA A 131 2.29 -9.80 -6.58
C ALA A 131 2.85 -8.78 -7.57
N GLU A 132 2.03 -8.38 -8.54
CA GLU A 132 2.44 -7.40 -9.54
C GLU A 132 2.81 -6.08 -8.88
N ILE A 133 1.94 -5.61 -7.97
CA ILE A 133 2.18 -4.37 -7.23
C ILE A 133 3.54 -4.41 -6.52
N ILE A 134 3.75 -5.43 -5.69
CA ILE A 134 4.99 -5.57 -4.94
C ILE A 134 6.19 -5.73 -5.89
N LEU A 135 5.95 -6.40 -7.01
CA LEU A 135 6.99 -6.62 -8.00
C LEU A 135 7.47 -5.30 -8.60
N THR A 136 6.54 -4.50 -9.12
CA THR A 136 6.91 -3.24 -9.74
C THR A 136 7.43 -2.23 -8.70
N LEU A 137 6.92 -2.30 -7.47
CA LEU A 137 7.42 -1.45 -6.40
C LEU A 137 8.88 -1.75 -6.15
N GLY A 138 9.19 -3.03 -5.94
CA GLY A 138 10.55 -3.45 -5.72
C GLY A 138 11.44 -3.13 -6.90
N GLN A 139 10.94 -3.44 -8.09
CA GLN A 139 11.67 -3.16 -9.33
C GLN A 139 12.00 -1.68 -9.45
N ALA A 140 11.00 -0.83 -9.22
CA ALA A 140 11.17 0.62 -9.31
C ALA A 140 12.14 1.13 -8.25
N PHE A 141 12.09 0.52 -7.07
CA PHE A 141 12.96 0.92 -5.98
C PHE A 141 14.39 0.41 -6.21
N GLU A 142 14.49 -0.79 -6.79
CA GLU A 142 15.78 -1.39 -7.08
C GLU A 142 16.49 -0.68 -8.22
N VAL A 143 15.77 -0.36 -9.27
CA VAL A 143 16.37 0.29 -10.43
C VAL A 143 16.91 1.70 -10.06
N ALA A 144 16.34 2.28 -9.01
CA ALA A 144 16.77 3.59 -8.53
C ALA A 144 18.06 3.50 -7.74
N TYR A 145 18.45 2.28 -7.40
CA TYR A 145 19.67 2.03 -6.65
C TYR A 145 20.68 1.25 -7.50
N GLN A 146 20.16 0.52 -8.48
CA GLN A 146 20.98 -0.28 -9.38
C GLN A 146 21.81 0.61 -10.30
N GLU A 12 -0.26 8.85 -15.58
CA GLU A 12 -1.09 8.82 -16.81
C GLU A 12 -1.65 7.43 -17.04
N LYS A 13 -1.40 6.53 -16.08
CA LYS A 13 -1.90 5.16 -16.11
C LYS A 13 -1.37 4.38 -17.32
N LEU A 14 -0.08 4.54 -17.60
CA LEU A 14 0.55 3.82 -18.72
C LEU A 14 0.59 2.33 -18.40
N ILE A 15 -0.15 1.54 -19.17
CA ILE A 15 -0.27 0.11 -18.93
C ILE A 15 1.07 -0.65 -19.05
N ALA A 16 2.02 -0.07 -19.77
CA ALA A 16 3.32 -0.72 -19.96
C ALA A 16 4.44 0.03 -19.25
N GLN A 17 4.30 1.33 -19.13
CA GLN A 17 5.34 2.15 -18.51
C GLN A 17 5.08 2.36 -17.02
N SER A 18 3.94 1.89 -16.57
CA SER A 18 3.58 2.00 -15.18
C SER A 18 2.67 0.84 -14.79
N CYS A 19 2.43 0.69 -13.51
CA CYS A 19 1.54 -0.35 -13.04
C CYS A 19 0.36 0.28 -12.32
N ASP A 20 -0.81 0.05 -12.86
CA ASP A 20 -2.03 0.63 -12.32
C ASP A 20 -2.93 -0.47 -11.80
N TYR A 21 -3.01 -0.63 -10.48
CA TYR A 21 -3.79 -1.71 -9.89
C TYR A 21 -4.85 -1.20 -8.91
N LYS A 22 -5.93 -1.95 -8.77
CA LYS A 22 -7.01 -1.59 -7.86
C LYS A 22 -6.96 -2.46 -6.61
N ALA A 23 -7.09 -1.82 -5.47
CA ALA A 23 -7.11 -2.52 -4.21
C ALA A 23 -8.16 -1.90 -3.30
N ALA A 24 -8.44 -2.53 -2.20
CA ALA A 24 -9.39 -2.01 -1.27
C ALA A 24 -8.68 -1.26 -0.15
N TYR A 25 -9.07 -0.02 0.06
CA TYR A 25 -8.46 0.85 1.06
C TYR A 25 -8.84 0.38 2.46
N LEU A 26 -7.97 -0.40 3.10
CA LEU A 26 -8.24 -0.87 4.45
C LEU A 26 -7.94 0.24 5.45
N GLY A 27 -6.74 0.82 5.36
CA GLY A 27 -6.43 1.93 6.22
C GLY A 27 -4.96 2.32 6.22
N SER A 28 -4.68 3.54 6.62
CA SER A 28 -3.32 4.02 6.75
C SER A 28 -3.02 4.27 8.21
N MET A 29 -2.18 3.43 8.78
CA MET A 29 -1.88 3.50 10.20
C MET A 29 -0.52 4.12 10.44
N LEU A 30 -0.43 4.95 11.46
CA LEU A 30 0.81 5.62 11.79
C LEU A 30 1.55 4.86 12.87
N ILE A 31 2.80 4.55 12.59
CA ILE A 31 3.63 3.82 13.52
C ILE A 31 4.65 4.78 14.13
N LYS A 32 4.69 4.82 15.46
CA LYS A 32 5.62 5.68 16.16
C LYS A 32 7.06 5.28 15.87
N GLU A 33 7.38 4.05 16.18
CA GLU A 33 8.72 3.53 15.97
C GLU A 33 8.68 2.38 14.98
N LEU A 34 9.13 2.65 13.77
CA LEU A 34 9.11 1.67 12.70
C LEU A 34 10.22 0.66 12.91
N ARG A 35 9.87 -0.62 12.87
CA ARG A 35 10.85 -1.67 13.05
C ARG A 35 10.56 -2.88 12.13
N GLY A 36 11.22 -2.87 10.98
CA GLY A 36 11.12 -3.97 10.04
C GLY A 36 9.71 -4.25 9.52
N THR A 37 9.53 -5.43 8.95
CA THR A 37 8.25 -5.85 8.41
C THR A 37 7.31 -6.35 9.51
N GLU A 38 7.80 -6.36 10.72
CA GLU A 38 6.97 -6.78 11.83
C GLU A 38 5.97 -5.68 12.14
N SER A 39 6.30 -4.47 11.69
CA SER A 39 5.41 -3.34 11.85
C SER A 39 4.20 -3.49 10.91
N THR A 40 4.46 -3.96 9.68
CA THR A 40 3.39 -4.19 8.73
C THR A 40 2.55 -5.37 9.18
N GLN A 41 3.21 -6.41 9.70
CA GLN A 41 2.52 -7.58 10.22
C GLN A 41 1.56 -7.15 11.34
N ASP A 42 2.07 -6.30 12.24
CA ASP A 42 1.29 -5.78 13.36
C ASP A 42 0.04 -5.07 12.84
N ALA A 43 0.24 -4.16 11.90
CA ALA A 43 -0.86 -3.40 11.32
C ALA A 43 -1.85 -4.31 10.57
N CYS A 44 -1.35 -5.09 9.62
CA CYS A 44 -2.19 -5.99 8.83
C CYS A 44 -3.06 -6.85 9.72
N ALA A 45 -2.42 -7.54 10.67
CA ALA A 45 -3.12 -8.42 11.59
C ALA A 45 -4.15 -7.65 12.40
N LYS A 46 -3.78 -6.45 12.82
CA LYS A 46 -4.64 -5.60 13.64
C LYS A 46 -5.98 -5.35 12.96
N MET A 47 -5.94 -4.74 11.78
CA MET A 47 -7.16 -4.37 11.06
C MET A 47 -7.93 -5.57 10.54
N ARG A 48 -7.22 -6.59 10.05
CA ARG A 48 -7.91 -7.76 9.52
C ARG A 48 -8.65 -8.51 10.64
N ALA A 49 -8.04 -8.56 11.82
CA ALA A 49 -8.65 -9.21 12.96
C ALA A 49 -9.84 -8.41 13.43
N ASN A 50 -9.67 -7.09 13.46
CA ASN A 50 -10.74 -6.18 13.86
C ASN A 50 -11.93 -6.29 12.91
N CYS A 51 -11.63 -6.48 11.63
CA CYS A 51 -12.66 -6.60 10.60
C CYS A 51 -13.49 -7.88 10.79
N GLN A 52 -12.89 -8.91 11.36
CA GLN A 52 -13.58 -10.17 11.59
C GLN A 52 -13.96 -10.32 13.06
N LYS A 53 -13.89 -9.22 13.79
CA LYS A 53 -14.23 -9.19 15.19
C LYS A 53 -15.42 -8.25 15.39
N SER A 54 -15.96 -8.18 16.59
CA SER A 54 -17.04 -7.25 16.86
C SER A 54 -16.47 -5.84 16.92
N THR A 55 -16.60 -5.12 15.83
CA THR A 55 -16.04 -3.79 15.73
C THR A 55 -17.11 -2.76 15.41
N GLU A 56 -16.71 -1.50 15.44
CA GLU A 56 -17.60 -0.40 15.14
C GLU A 56 -16.80 0.72 14.49
N GLN A 57 -17.51 1.71 13.95
CA GLN A 57 -16.90 2.87 13.26
C GLN A 57 -16.31 2.47 11.90
N MET A 58 -16.23 1.18 11.64
CA MET A 58 -15.73 0.68 10.39
C MET A 58 -16.74 0.92 9.28
N LYS A 59 -16.35 1.73 8.34
CA LYS A 59 -17.20 2.07 7.22
C LYS A 59 -16.85 1.21 6.03
N LYS A 60 -17.69 1.25 5.02
CA LYS A 60 -17.48 0.44 3.83
C LYS A 60 -16.19 0.83 3.12
N VAL A 61 -15.36 -0.17 2.90
CA VAL A 61 -14.07 0.00 2.26
C VAL A 61 -14.20 0.49 0.80
N PRO A 62 -13.52 1.61 0.46
CA PRO A 62 -13.51 2.13 -0.90
C PRO A 62 -12.38 1.51 -1.73
N THR A 63 -12.47 1.65 -3.05
CA THR A 63 -11.46 1.09 -3.93
C THR A 63 -10.42 2.15 -4.29
N ILE A 64 -9.16 1.79 -4.13
CA ILE A 64 -8.06 2.67 -4.43
C ILE A 64 -7.29 2.13 -5.64
N ILE A 65 -6.94 3.02 -6.55
CA ILE A 65 -6.15 2.65 -7.70
C ILE A 65 -4.72 3.13 -7.49
N LEU A 66 -3.83 2.20 -7.37
CA LEU A 66 -2.45 2.52 -7.14
C LEU A 66 -1.71 2.60 -8.46
N SER A 67 -1.39 3.81 -8.87
CA SER A 67 -0.65 4.05 -10.08
C SER A 67 0.83 4.22 -9.74
N VAL A 68 1.57 3.16 -9.86
CA VAL A 68 2.98 3.14 -9.50
C VAL A 68 3.88 3.10 -10.73
N SER A 69 4.84 4.00 -10.76
CA SER A 69 5.82 4.08 -11.81
C SER A 69 7.21 4.01 -11.18
N ALA A 70 8.20 3.60 -11.94
CA ALA A 70 9.56 3.44 -11.43
C ALA A 70 10.18 4.78 -11.04
N LYS A 71 9.56 5.87 -11.46
CA LYS A 71 10.07 7.19 -11.15
C LYS A 71 9.12 7.96 -10.23
N GLY A 72 8.09 7.28 -9.74
CA GLY A 72 7.13 7.94 -8.88
C GLY A 72 5.88 7.12 -8.71
N VAL A 73 5.22 7.28 -7.59
CA VAL A 73 4.04 6.50 -7.31
C VAL A 73 2.91 7.37 -6.75
N LYS A 74 1.73 7.23 -7.33
CA LYS A 74 0.59 8.00 -6.90
C LYS A 74 -0.63 7.12 -6.67
N PHE A 75 -1.21 7.26 -5.50
CA PHE A 75 -2.37 6.49 -5.12
C PHE A 75 -3.62 7.35 -5.22
N ILE A 76 -4.50 6.99 -6.14
CA ILE A 76 -5.69 7.76 -6.44
C ILE A 76 -6.95 6.91 -6.19
N ASP A 77 -8.05 7.56 -5.82
CA ASP A 77 -9.31 6.85 -5.59
C ASP A 77 -9.91 6.39 -6.92
N ALA A 78 -10.64 5.29 -6.90
CA ALA A 78 -11.18 4.71 -8.11
C ALA A 78 -12.52 5.33 -8.54
N THR A 79 -13.25 5.89 -7.61
CA THR A 79 -14.57 6.39 -7.90
C THR A 79 -14.57 7.89 -8.24
N ASN A 80 -14.03 8.71 -7.35
CA ASN A 80 -14.07 10.17 -7.55
C ASN A 80 -12.68 10.75 -7.76
N LYS A 81 -11.74 9.89 -8.15
CA LYS A 81 -10.33 10.26 -8.40
C LYS A 81 -9.74 11.10 -7.26
N ASN A 82 -10.21 10.85 -6.04
CA ASN A 82 -9.70 11.53 -4.86
C ASN A 82 -8.20 11.36 -4.77
N ILE A 83 -7.49 12.46 -4.66
CA ILE A 83 -6.06 12.41 -4.53
C ILE A 83 -5.72 11.94 -3.12
N ILE A 84 -5.37 10.67 -3.01
CA ILE A 84 -5.08 10.08 -1.73
C ILE A 84 -3.65 10.37 -1.31
N ALA A 85 -2.70 9.93 -2.11
CA ALA A 85 -1.29 10.18 -1.79
C ALA A 85 -0.39 10.02 -3.00
N GLU A 86 0.20 11.11 -3.43
CA GLU A 86 1.13 11.09 -4.54
C GLU A 86 2.53 11.46 -4.05
N HIS A 87 3.48 10.56 -4.26
CA HIS A 87 4.85 10.78 -3.80
C HIS A 87 5.85 10.07 -4.69
N GLU A 88 7.09 10.06 -4.25
CA GLU A 88 8.17 9.39 -4.96
C GLU A 88 8.55 8.11 -4.23
N ILE A 89 9.09 7.15 -4.98
CA ILE A 89 9.45 5.84 -4.42
C ILE A 89 10.50 5.96 -3.31
N ARG A 90 11.28 7.03 -3.35
CA ARG A 90 12.34 7.23 -2.38
C ARG A 90 11.76 7.44 -0.98
N ASN A 91 10.52 7.90 -0.91
CA ASN A 91 9.87 8.13 0.37
C ASN A 91 9.24 6.85 0.90
N ILE A 92 9.19 5.84 0.06
CA ILE A 92 8.68 4.55 0.48
C ILE A 92 9.79 3.79 1.19
N SER A 93 9.62 3.60 2.47
CA SER A 93 10.62 2.99 3.31
C SER A 93 10.62 1.47 3.16
N CYS A 94 9.43 0.89 3.01
CA CYS A 94 9.32 -0.56 2.89
C CYS A 94 8.04 -0.95 2.20
N ALA A 95 7.98 -2.18 1.72
CA ALA A 95 6.81 -2.72 1.07
C ALA A 95 6.67 -4.19 1.42
N ALA A 96 5.70 -4.50 2.26
CA ALA A 96 5.52 -5.86 2.71
C ALA A 96 4.12 -6.38 2.42
N GLN A 97 3.87 -7.61 2.83
CA GLN A 97 2.61 -8.27 2.61
C GLN A 97 2.24 -9.09 3.83
N ASP A 98 0.99 -9.49 3.94
CA ASP A 98 0.53 -10.27 5.08
C ASP A 98 1.16 -11.68 5.06
N PRO A 99 1.54 -12.19 6.26
CA PRO A 99 2.17 -13.52 6.39
C PRO A 99 1.34 -14.65 5.76
N GLU A 100 0.04 -14.70 6.05
CA GLU A 100 -0.80 -15.79 5.57
C GLU A 100 -1.65 -15.38 4.39
N ASP A 101 -2.00 -14.11 4.32
CA ASP A 101 -2.85 -13.62 3.25
C ASP A 101 -2.02 -12.87 2.22
N LEU A 102 -1.80 -13.50 1.09
CA LEU A 102 -0.98 -12.91 0.03
C LEU A 102 -1.79 -11.95 -0.82
N SER A 103 -3.01 -11.69 -0.41
CA SER A 103 -3.87 -10.77 -1.11
C SER A 103 -3.94 -9.45 -0.33
N THR A 104 -3.19 -9.37 0.75
CA THR A 104 -3.15 -8.19 1.57
C THR A 104 -1.72 -7.64 1.61
N PHE A 105 -1.57 -6.38 1.23
CA PHE A 105 -0.26 -5.77 1.19
C PHE A 105 -0.22 -4.50 2.03
N ALA A 106 0.96 -4.17 2.52
CA ALA A 106 1.15 -2.99 3.33
C ALA A 106 2.51 -2.39 3.10
N TYR A 107 2.54 -1.16 2.62
CA TYR A 107 3.79 -0.48 2.38
C TYR A 107 3.98 0.64 3.39
N ILE A 108 5.21 0.90 3.73
CA ILE A 108 5.55 1.90 4.72
C ILE A 108 6.20 3.10 4.08
N THR A 109 5.66 4.26 4.34
CA THR A 109 6.19 5.50 3.83
C THR A 109 6.65 6.39 4.99
N LYS A 110 7.76 7.08 4.81
CA LYS A 110 8.25 7.99 5.84
C LYS A 110 7.60 9.35 5.66
N ASP A 111 6.56 9.58 6.44
CA ASP A 111 5.78 10.80 6.35
C ASP A 111 6.34 11.89 7.25
N LEU A 112 7.10 12.78 6.63
CA LEU A 112 7.80 13.84 7.35
C LEU A 112 6.86 14.82 8.02
N LYS A 113 5.62 14.92 7.54
CA LYS A 113 4.67 15.86 8.12
C LYS A 113 4.05 15.31 9.40
N SER A 114 4.21 14.02 9.65
CA SER A 114 3.70 13.42 10.88
C SER A 114 4.85 13.00 11.78
N ASN A 115 6.08 13.16 11.27
CA ASN A 115 7.32 12.84 12.00
C ASN A 115 7.47 11.33 12.25
N HIS A 116 6.58 10.54 11.68
CA HIS A 116 6.61 9.10 11.88
C HIS A 116 6.39 8.36 10.57
N HIS A 117 6.23 7.06 10.65
CA HIS A 117 6.06 6.24 9.46
C HIS A 117 4.63 5.80 9.28
N TYR A 118 4.07 6.13 8.13
CA TYR A 118 2.72 5.75 7.80
C TYR A 118 2.72 4.44 7.03
N CYS A 119 2.07 3.45 7.57
CA CYS A 119 1.95 2.17 6.91
C CYS A 119 0.58 2.05 6.27
N HIS A 120 0.56 1.86 4.98
CA HIS A 120 -0.69 1.79 4.27
C HIS A 120 -1.02 0.36 3.95
N VAL A 121 -2.01 -0.17 4.63
CA VAL A 121 -2.44 -1.53 4.41
C VAL A 121 -3.69 -1.56 3.55
N PHE A 122 -3.60 -2.25 2.43
CA PHE A 122 -4.70 -2.36 1.51
C PHE A 122 -4.92 -3.81 1.15
N THR A 123 -6.16 -4.20 0.99
CA THR A 123 -6.50 -5.56 0.65
C THR A 123 -6.80 -5.65 -0.83
N ALA A 124 -5.99 -6.39 -1.56
CA ALA A 124 -6.17 -6.54 -2.98
C ALA A 124 -7.30 -7.51 -3.28
N PHE A 125 -7.77 -7.49 -4.51
CA PHE A 125 -8.86 -8.37 -4.92
C PHE A 125 -8.30 -9.62 -5.58
N ASP A 126 -7.00 -9.85 -5.42
CA ASP A 126 -6.32 -10.99 -6.02
C ASP A 126 -4.90 -11.11 -5.48
N VAL A 127 -4.46 -12.35 -5.27
CA VAL A 127 -3.13 -12.63 -4.74
C VAL A 127 -2.02 -12.12 -5.68
N ASN A 128 -2.08 -12.51 -6.94
CA ASN A 128 -1.08 -12.10 -7.92
C ASN A 128 -1.09 -10.60 -8.10
N LEU A 129 -2.29 -10.03 -8.04
CA LEU A 129 -2.46 -8.60 -8.16
C LEU A 129 -1.69 -7.88 -7.04
N ALA A 130 -1.86 -8.36 -5.81
CA ALA A 130 -1.14 -7.80 -4.67
C ALA A 130 0.36 -7.99 -4.83
N ALA A 131 0.74 -9.19 -5.25
CA ALA A 131 2.14 -9.52 -5.48
C ALA A 131 2.74 -8.59 -6.53
N GLU A 132 1.95 -8.30 -7.56
CA GLU A 132 2.35 -7.40 -8.63
C GLU A 132 2.62 -6.00 -8.10
N ILE A 133 1.73 -5.53 -7.23
CA ILE A 133 1.89 -4.21 -6.63
C ILE A 133 3.20 -4.14 -5.85
N ILE A 134 3.41 -5.12 -4.97
CA ILE A 134 4.64 -5.18 -4.17
C ILE A 134 5.87 -5.35 -5.07
N LEU A 135 5.75 -6.21 -6.07
CA LEU A 135 6.85 -6.45 -6.99
C LEU A 135 7.25 -5.16 -7.69
N THR A 136 6.26 -4.43 -8.18
CA THR A 136 6.51 -3.18 -8.87
C THR A 136 7.15 -2.14 -7.93
N LEU A 137 6.60 -2.03 -6.72
CA LEU A 137 7.17 -1.13 -5.71
C LEU A 137 8.62 -1.50 -5.45
N GLY A 138 8.88 -2.80 -5.39
CA GLY A 138 10.23 -3.29 -5.18
C GLY A 138 11.13 -2.93 -6.34
N GLN A 139 10.61 -3.00 -7.56
CA GLN A 139 11.39 -2.66 -8.75
C GLN A 139 11.75 -1.18 -8.73
N ALA A 140 10.78 -0.36 -8.37
CA ALA A 140 11.00 1.08 -8.27
C ALA A 140 12.02 1.37 -7.17
N PHE A 141 11.95 0.59 -6.10
CA PHE A 141 12.88 0.70 -4.99
C PHE A 141 14.29 0.30 -5.45
N GLU A 142 14.35 -0.66 -6.37
CA GLU A 142 15.60 -1.15 -6.91
C GLU A 142 16.28 -0.08 -7.77
N VAL A 143 15.52 0.54 -8.67
CA VAL A 143 16.07 1.57 -9.54
C VAL A 143 16.41 2.84 -8.75
N ALA A 144 15.78 3.01 -7.60
CA ALA A 144 16.04 4.15 -6.74
C ALA A 144 17.31 3.95 -5.92
N TYR A 145 17.80 2.71 -5.90
CA TYR A 145 19.03 2.38 -5.20
C TYR A 145 20.23 2.52 -6.13
N GLN A 146 19.98 2.30 -7.41
CA GLN A 146 21.01 2.38 -8.41
C GLN A 146 21.07 3.77 -9.00
N GLU A 12 2.73 10.02 -21.88
CA GLU A 12 3.28 8.94 -21.02
C GLU A 12 2.51 7.64 -21.25
N LYS A 13 3.22 6.53 -21.15
CA LYS A 13 2.62 5.23 -21.30
C LYS A 13 2.31 4.67 -19.93
N LEU A 14 1.05 4.78 -19.52
CA LEU A 14 0.60 4.36 -18.20
C LEU A 14 0.96 2.90 -17.94
N ILE A 15 0.21 1.98 -18.53
CA ILE A 15 0.48 0.57 -18.38
C ILE A 15 1.70 0.18 -19.21
N ALA A 16 2.86 0.25 -18.55
CA ALA A 16 4.17 -0.06 -19.14
C ALA A 16 5.24 0.41 -18.18
N GLN A 17 5.32 1.72 -18.03
CA GLN A 17 6.27 2.32 -17.12
C GLN A 17 5.70 2.32 -15.73
N SER A 18 4.40 2.30 -15.65
CA SER A 18 3.70 2.30 -14.40
C SER A 18 2.82 1.06 -14.29
N CYS A 19 2.57 0.64 -13.09
CA CYS A 19 1.69 -0.47 -12.82
C CYS A 19 0.44 0.07 -12.14
N ASP A 20 -0.63 0.12 -12.90
CA ASP A 20 -1.89 0.68 -12.43
C ASP A 20 -2.92 -0.40 -12.20
N TYR A 21 -3.31 -0.59 -10.94
CA TYR A 21 -4.32 -1.58 -10.59
C TYR A 21 -5.30 -1.00 -9.58
N LYS A 22 -6.33 -1.74 -9.24
CA LYS A 22 -7.29 -1.30 -8.25
C LYS A 22 -7.13 -2.08 -6.96
N ALA A 23 -6.84 -1.37 -5.89
CA ALA A 23 -6.68 -1.96 -4.58
C ALA A 23 -7.83 -1.53 -3.69
N ALA A 24 -7.87 -2.05 -2.50
CA ALA A 24 -8.89 -1.69 -1.55
C ALA A 24 -8.26 -1.00 -0.33
N TYR A 25 -8.69 0.22 -0.06
CA TYR A 25 -8.12 1.02 1.01
C TYR A 25 -8.53 0.47 2.37
N LEU A 26 -7.65 -0.33 2.97
CA LEU A 26 -7.92 -0.90 4.28
C LEU A 26 -7.65 0.13 5.37
N GLY A 27 -6.39 0.58 5.48
CA GLY A 27 -6.09 1.59 6.47
C GLY A 27 -4.65 2.08 6.40
N SER A 28 -4.39 3.20 7.06
CA SER A 28 -3.08 3.78 7.13
C SER A 28 -2.70 4.06 8.58
N MET A 29 -1.85 3.22 9.16
CA MET A 29 -1.46 3.35 10.56
C MET A 29 -0.19 4.17 10.70
N LEU A 30 0.01 4.73 11.88
CA LEU A 30 1.22 5.46 12.18
C LEU A 30 2.10 4.60 13.06
N ILE A 31 3.26 4.25 12.56
CA ILE A 31 4.15 3.37 13.28
C ILE A 31 5.19 4.16 14.05
N LYS A 32 5.33 3.82 15.32
CA LYS A 32 6.32 4.46 16.17
C LYS A 32 7.67 3.79 15.94
N GLU A 33 7.79 2.55 16.38
CA GLU A 33 9.01 1.79 16.24
C GLU A 33 8.97 0.99 14.96
N LEU A 34 9.74 1.41 13.98
CA LEU A 34 9.76 0.74 12.69
C LEU A 34 10.80 -0.37 12.70
N ARG A 35 10.34 -1.62 12.65
CA ARG A 35 11.24 -2.74 12.68
C ARG A 35 10.77 -3.87 11.76
N GLY A 36 11.50 -4.07 10.66
CA GLY A 36 11.21 -5.12 9.71
C GLY A 36 9.79 -5.10 9.20
N THR A 37 9.25 -6.27 8.98
CA THR A 37 7.89 -6.40 8.50
C THR A 37 6.93 -6.66 9.67
N GLU A 38 7.45 -6.54 10.89
CA GLU A 38 6.62 -6.73 12.06
C GLU A 38 5.61 -5.61 12.19
N SER A 39 6.04 -4.40 11.87
CA SER A 39 5.17 -3.23 11.92
C SER A 39 4.00 -3.38 10.94
N THR A 40 4.31 -3.81 9.72
CA THR A 40 3.30 -3.99 8.70
C THR A 40 2.37 -5.13 9.05
N GLN A 41 2.96 -6.23 9.54
CA GLN A 41 2.19 -7.39 9.96
C GLN A 41 1.30 -7.04 11.13
N ASP A 42 1.80 -6.17 12.00
CA ASP A 42 1.04 -5.69 13.15
C ASP A 42 -0.22 -4.99 12.69
N ALA A 43 -0.06 -3.93 11.90
CA ALA A 43 -1.21 -3.18 11.39
C ALA A 43 -2.14 -4.08 10.60
N CYS A 44 -1.56 -4.92 9.74
CA CYS A 44 -2.32 -5.82 8.90
C CYS A 44 -3.19 -6.76 9.73
N ALA A 45 -2.55 -7.56 10.58
CA ALA A 45 -3.26 -8.55 11.38
C ALA A 45 -4.31 -7.91 12.27
N LYS A 46 -3.98 -6.77 12.88
CA LYS A 46 -4.92 -6.09 13.77
C LYS A 46 -6.18 -5.69 13.04
N MET A 47 -6.03 -4.99 11.91
CA MET A 47 -7.20 -4.53 11.15
C MET A 47 -7.87 -5.68 10.42
N ARG A 48 -7.08 -6.59 9.88
CA ARG A 48 -7.61 -7.74 9.15
C ARG A 48 -8.56 -8.54 10.04
N ALA A 49 -8.14 -8.81 11.26
CA ALA A 49 -8.97 -9.53 12.21
C ALA A 49 -10.14 -8.66 12.67
N ASN A 50 -9.85 -7.43 13.04
CA ASN A 50 -10.87 -6.49 13.52
C ASN A 50 -11.98 -6.30 12.48
N CYS A 51 -11.59 -6.24 11.21
CA CYS A 51 -12.53 -6.03 10.12
C CYS A 51 -13.53 -7.18 10.00
N GLN A 52 -13.11 -8.37 10.39
CA GLN A 52 -13.98 -9.53 10.31
C GLN A 52 -14.55 -9.90 11.68
N LYS A 53 -14.15 -9.16 12.71
CA LYS A 53 -14.68 -9.36 14.05
C LYS A 53 -15.78 -8.36 14.34
N SER A 54 -15.43 -7.09 14.35
CA SER A 54 -16.42 -6.04 14.54
C SER A 54 -16.98 -5.65 13.18
N THR A 55 -18.01 -6.35 12.78
CA THR A 55 -18.61 -6.13 11.48
C THR A 55 -19.90 -5.34 11.59
N GLU A 56 -20.24 -4.64 10.53
CA GLU A 56 -21.43 -3.83 10.49
C GLU A 56 -22.07 -3.97 9.11
N GLN A 57 -22.83 -2.97 8.70
CA GLN A 57 -23.45 -2.96 7.37
C GLN A 57 -22.40 -2.74 6.29
N MET A 58 -21.14 -2.65 6.70
CA MET A 58 -20.00 -2.48 5.82
C MET A 58 -19.96 -3.59 4.78
N LYS A 59 -19.91 -3.21 3.53
CA LYS A 59 -19.82 -4.18 2.46
C LYS A 59 -18.36 -4.48 2.20
N LYS A 60 -17.60 -3.43 1.96
CA LYS A 60 -16.17 -3.55 1.73
C LYS A 60 -15.55 -2.17 1.78
N VAL A 61 -14.24 -2.11 1.97
CA VAL A 61 -13.54 -0.84 2.04
C VAL A 61 -13.48 -0.19 0.65
N PRO A 62 -13.33 1.16 0.61
CA PRO A 62 -13.28 1.92 -0.65
C PRO A 62 -12.15 1.46 -1.59
N THR A 63 -12.43 1.50 -2.88
CA THR A 63 -11.45 1.08 -3.87
C THR A 63 -10.50 2.23 -4.19
N ILE A 64 -9.23 1.94 -4.26
CA ILE A 64 -8.21 2.94 -4.56
C ILE A 64 -7.33 2.45 -5.69
N ILE A 65 -7.15 3.27 -6.71
CA ILE A 65 -6.31 2.88 -7.84
C ILE A 65 -4.85 2.98 -7.43
N LEU A 66 -4.23 1.85 -7.29
CA LEU A 66 -2.86 1.76 -6.88
C LEU A 66 -1.97 1.84 -8.10
N SER A 67 -1.43 3.03 -8.36
CA SER A 67 -0.55 3.21 -9.49
C SER A 67 0.86 3.49 -9.02
N VAL A 68 1.75 2.60 -9.34
CA VAL A 68 3.13 2.69 -8.92
C VAL A 68 4.08 2.68 -10.11
N SER A 69 5.05 3.58 -10.10
CA SER A 69 6.05 3.65 -11.15
C SER A 69 7.37 4.07 -10.55
N ALA A 70 8.46 3.83 -11.26
CA ALA A 70 9.78 4.22 -10.79
C ALA A 70 9.96 5.73 -10.85
N LYS A 71 8.94 6.41 -11.32
CA LYS A 71 8.96 7.86 -11.45
C LYS A 71 8.10 8.50 -10.36
N GLY A 72 7.35 7.68 -9.64
CA GLY A 72 6.49 8.19 -8.58
C GLY A 72 5.31 7.29 -8.31
N VAL A 73 4.58 7.59 -7.25
CA VAL A 73 3.43 6.79 -6.89
C VAL A 73 2.17 7.63 -6.78
N LYS A 74 1.08 7.09 -7.32
CA LYS A 74 -0.20 7.76 -7.35
C LYS A 74 -1.27 6.90 -6.68
N PHE A 75 -1.91 7.44 -5.65
CA PHE A 75 -2.96 6.72 -4.95
C PHE A 75 -4.24 7.55 -4.96
N ILE A 76 -5.15 7.22 -5.88
CA ILE A 76 -6.41 7.94 -6.00
C ILE A 76 -7.57 7.00 -5.72
N ASP A 77 -8.60 7.53 -5.10
CA ASP A 77 -9.79 6.75 -4.79
C ASP A 77 -10.62 6.52 -6.05
N ALA A 78 -11.22 5.34 -6.14
CA ALA A 78 -12.05 5.01 -7.29
C ALA A 78 -13.52 5.16 -6.95
N THR A 79 -13.83 5.16 -5.67
CA THR A 79 -15.18 5.26 -5.18
C THR A 79 -15.82 6.60 -5.57
N ASN A 80 -15.11 7.68 -5.28
CA ASN A 80 -15.57 9.02 -5.56
C ASN A 80 -14.41 9.87 -6.08
N LYS A 81 -13.40 9.18 -6.64
CA LYS A 81 -12.19 9.79 -7.23
C LYS A 81 -11.50 10.76 -6.25
N ASN A 82 -11.59 10.45 -4.97
CA ASN A 82 -10.97 11.26 -3.93
C ASN A 82 -9.45 11.22 -4.06
N ILE A 83 -8.83 12.39 -4.20
CA ILE A 83 -7.39 12.46 -4.29
C ILE A 83 -6.78 12.17 -2.93
N ILE A 84 -6.31 10.96 -2.76
CA ILE A 84 -5.76 10.52 -1.50
C ILE A 84 -4.33 10.98 -1.31
N ALA A 85 -3.42 10.48 -2.14
CA ALA A 85 -2.02 10.87 -2.02
C ALA A 85 -1.23 10.57 -3.28
N GLU A 86 -0.33 11.48 -3.61
CA GLU A 86 0.57 11.31 -4.73
C GLU A 86 1.93 11.84 -4.31
N HIS A 87 2.95 11.00 -4.35
CA HIS A 87 4.28 11.40 -3.89
C HIS A 87 5.39 10.73 -4.67
N GLU A 88 6.61 11.18 -4.42
CA GLU A 88 7.79 10.62 -5.02
C GLU A 88 7.99 9.19 -4.54
N ILE A 89 8.50 8.33 -5.40
CA ILE A 89 8.73 6.95 -5.03
C ILE A 89 9.77 6.85 -3.90
N ARG A 90 10.71 7.80 -3.90
CA ARG A 90 11.77 7.86 -2.90
C ARG A 90 11.22 8.20 -1.51
N ASN A 91 9.94 8.57 -1.44
CA ASN A 91 9.30 8.89 -0.16
C ASN A 91 8.96 7.61 0.59
N ILE A 92 8.94 6.50 -0.14
CA ILE A 92 8.63 5.22 0.43
C ILE A 92 9.87 4.63 1.11
N SER A 93 9.69 4.04 2.26
CA SER A 93 10.78 3.44 3.00
C SER A 93 10.91 1.96 2.65
N CYS A 94 9.78 1.27 2.56
CA CYS A 94 9.79 -0.16 2.26
C CYS A 94 8.41 -0.65 1.83
N ALA A 95 8.35 -1.88 1.35
CA ALA A 95 7.10 -2.47 0.92
C ALA A 95 7.02 -3.91 1.38
N ALA A 96 5.99 -4.23 2.15
CA ALA A 96 5.80 -5.57 2.66
C ALA A 96 4.38 -6.04 2.40
N GLN A 97 4.08 -7.26 2.81
CA GLN A 97 2.75 -7.82 2.61
C GLN A 97 2.42 -8.78 3.74
N ASP A 98 1.19 -9.27 3.76
CA ASP A 98 0.76 -10.23 4.79
C ASP A 98 1.45 -11.56 4.55
N PRO A 99 2.05 -12.16 5.61
CA PRO A 99 2.80 -13.41 5.50
C PRO A 99 1.98 -14.59 4.97
N GLU A 100 0.66 -14.57 5.19
CA GLU A 100 -0.17 -15.68 4.74
C GLU A 100 -1.16 -15.25 3.67
N ASP A 101 -1.63 -14.04 3.76
CA ASP A 101 -2.58 -13.53 2.78
C ASP A 101 -1.87 -12.62 1.79
N LEU A 102 -1.47 -13.18 0.67
CA LEU A 102 -0.74 -12.43 -0.34
C LEU A 102 -1.65 -11.48 -1.12
N SER A 103 -2.86 -11.28 -0.61
CA SER A 103 -3.79 -10.38 -1.22
C SER A 103 -3.86 -9.08 -0.38
N THR A 104 -2.92 -8.95 0.53
CA THR A 104 -2.83 -7.77 1.38
C THR A 104 -1.41 -7.23 1.35
N PHE A 105 -1.27 -5.97 0.97
CA PHE A 105 0.05 -5.36 0.89
C PHE A 105 0.13 -4.12 1.77
N ALA A 106 1.29 -3.88 2.33
CA ALA A 106 1.50 -2.76 3.22
C ALA A 106 2.83 -2.11 2.95
N TYR A 107 2.80 -0.90 2.43
CA TYR A 107 4.01 -0.17 2.17
C TYR A 107 4.24 0.89 3.22
N ILE A 108 5.49 1.11 3.56
CA ILE A 108 5.85 2.06 4.59
C ILE A 108 6.45 3.29 3.95
N THR A 109 5.89 4.44 4.27
CA THR A 109 6.37 5.71 3.77
C THR A 109 6.92 6.57 4.91
N LYS A 110 7.90 7.39 4.61
CA LYS A 110 8.51 8.26 5.60
C LYS A 110 8.09 9.70 5.39
N ASP A 111 7.11 10.14 6.18
CA ASP A 111 6.58 11.47 6.07
C ASP A 111 7.15 12.38 7.16
N LEU A 112 8.18 13.14 6.79
CA LEU A 112 8.87 14.05 7.72
C LEU A 112 7.92 15.11 8.28
N LYS A 113 6.81 15.32 7.60
CA LYS A 113 5.80 16.28 8.02
C LYS A 113 5.15 15.83 9.33
N SER A 114 4.95 14.54 9.46
CA SER A 114 4.33 13.99 10.65
C SER A 114 5.42 13.47 11.61
N ASN A 115 6.65 13.38 11.11
CA ASN A 115 7.80 12.89 11.89
C ASN A 115 7.60 11.45 12.31
N HIS A 116 6.77 10.73 11.56
CA HIS A 116 6.46 9.34 11.86
C HIS A 116 6.30 8.55 10.57
N HIS A 117 6.50 7.25 10.67
CA HIS A 117 6.38 6.38 9.51
C HIS A 117 4.94 5.95 9.29
N TYR A 118 4.50 6.10 8.07
CA TYR A 118 3.15 5.73 7.68
C TYR A 118 3.10 4.31 7.14
N CYS A 119 2.26 3.50 7.72
CA CYS A 119 2.08 2.14 7.26
C CYS A 119 0.78 2.05 6.49
N HIS A 120 0.86 2.14 5.19
CA HIS A 120 -0.31 2.09 4.36
C HIS A 120 -0.56 0.66 3.94
N VAL A 121 -1.54 0.04 4.56
CA VAL A 121 -1.86 -1.33 4.28
C VAL A 121 -3.21 -1.42 3.58
N PHE A 122 -3.19 -1.95 2.39
CA PHE A 122 -4.40 -2.08 1.58
C PHE A 122 -4.56 -3.52 1.15
N THR A 123 -5.77 -3.88 0.83
CA THR A 123 -6.05 -5.21 0.38
C THR A 123 -6.26 -5.20 -1.12
N ALA A 124 -6.21 -6.35 -1.72
CA ALA A 124 -6.40 -6.45 -3.15
C ALA A 124 -7.57 -7.36 -3.46
N PHE A 125 -8.10 -7.21 -4.65
CA PHE A 125 -9.20 -8.04 -5.10
C PHE A 125 -8.66 -9.31 -5.73
N ASP A 126 -7.35 -9.32 -5.97
CA ASP A 126 -6.68 -10.45 -6.59
C ASP A 126 -5.28 -10.64 -6.00
N VAL A 127 -4.96 -11.89 -5.67
CA VAL A 127 -3.68 -12.22 -5.04
C VAL A 127 -2.50 -11.89 -5.96
N ASN A 128 -2.56 -12.33 -7.20
CA ASN A 128 -1.49 -12.08 -8.16
C ASN A 128 -1.29 -10.58 -8.35
N LEU A 129 -2.39 -9.85 -8.34
CA LEU A 129 -2.38 -8.40 -8.46
C LEU A 129 -1.57 -7.79 -7.29
N ALA A 130 -1.90 -8.19 -6.07
CA ALA A 130 -1.21 -7.68 -4.89
C ALA A 130 0.27 -8.04 -4.93
N ALA A 131 0.57 -9.28 -5.30
CA ALA A 131 1.94 -9.74 -5.40
C ALA A 131 2.68 -8.96 -6.48
N GLU A 132 1.95 -8.59 -7.53
CA GLU A 132 2.52 -7.81 -8.62
C GLU A 132 2.90 -6.43 -8.12
N ILE A 133 2.04 -5.86 -7.27
CA ILE A 133 2.30 -4.56 -6.68
C ILE A 133 3.58 -4.61 -5.83
N ILE A 134 3.68 -5.64 -5.00
CA ILE A 134 4.86 -5.84 -4.16
C ILE A 134 6.11 -6.01 -5.03
N LEU A 135 5.96 -6.79 -6.09
CA LEU A 135 7.04 -7.00 -7.04
C LEU A 135 7.46 -5.67 -7.66
N THR A 136 6.47 -4.92 -8.15
CA THR A 136 6.71 -3.64 -8.77
C THR A 136 7.38 -2.66 -7.80
N LEU A 137 6.81 -2.52 -6.60
CA LEU A 137 7.37 -1.63 -5.57
C LEU A 137 8.82 -1.98 -5.28
N GLY A 138 9.08 -3.27 -5.09
CA GLY A 138 10.44 -3.71 -4.81
C GLY A 138 11.40 -3.35 -5.92
N GLN A 139 11.05 -3.75 -7.14
CA GLN A 139 11.90 -3.49 -8.31
C GLN A 139 12.08 -1.99 -8.53
N ALA A 140 10.98 -1.26 -8.53
CA ALA A 140 10.98 0.17 -8.77
C ALA A 140 11.82 0.92 -7.74
N PHE A 141 11.64 0.59 -6.48
CA PHE A 141 12.38 1.26 -5.41
C PHE A 141 13.85 0.86 -5.43
N GLU A 142 14.13 -0.38 -5.84
CA GLU A 142 15.48 -0.88 -5.90
C GLU A 142 16.25 -0.22 -7.04
N VAL A 143 15.63 -0.15 -8.22
CA VAL A 143 16.27 0.46 -9.39
C VAL A 143 16.43 1.97 -9.20
N ALA A 144 15.61 2.55 -8.34
CA ALA A 144 15.69 3.97 -8.04
C ALA A 144 16.82 4.22 -7.05
N TYR A 145 17.29 3.16 -6.41
CA TYR A 145 18.36 3.26 -5.44
C TYR A 145 19.73 3.25 -6.11
N GLN A 146 19.84 2.53 -7.22
CA GLN A 146 21.10 2.44 -7.94
C GLN A 146 21.39 3.73 -8.70
N GLU A 12 0.39 4.24 -16.10
CA GLU A 12 0.46 3.43 -17.34
C GLU A 12 1.46 4.02 -18.34
N LYS A 13 2.70 3.56 -18.28
CA LYS A 13 3.75 3.98 -19.20
C LYS A 13 4.69 2.81 -19.47
N LEU A 14 5.45 2.43 -18.46
CA LEU A 14 6.35 1.29 -18.56
C LEU A 14 5.72 0.10 -17.86
N ILE A 15 5.42 -0.94 -18.62
CA ILE A 15 4.68 -2.13 -18.14
C ILE A 15 5.15 -2.66 -16.77
N ALA A 16 6.45 -2.70 -16.55
CA ALA A 16 6.98 -3.29 -15.32
C ALA A 16 7.44 -2.25 -14.32
N GLN A 17 7.74 -1.07 -14.80
CA GLN A 17 8.28 -0.03 -13.94
C GLN A 17 7.19 0.96 -13.53
N SER A 18 6.00 0.76 -14.05
CA SER A 18 4.87 1.61 -13.73
C SER A 18 3.55 0.93 -14.10
N CYS A 19 2.67 0.79 -13.14
CA CYS A 19 1.41 0.12 -13.39
C CYS A 19 0.30 0.70 -12.52
N ASP A 20 -0.94 0.49 -12.95
CA ASP A 20 -2.09 0.97 -12.20
C ASP A 20 -2.99 -0.20 -11.83
N TYR A 21 -2.96 -0.60 -10.57
CA TYR A 21 -3.77 -1.72 -10.12
C TYR A 21 -4.76 -1.28 -9.07
N LYS A 22 -6.00 -1.68 -9.21
CA LYS A 22 -7.03 -1.30 -8.27
C LYS A 22 -6.97 -2.16 -7.02
N ALA A 23 -6.59 -1.54 -5.92
CA ALA A 23 -6.49 -2.21 -4.64
C ALA A 23 -7.64 -1.76 -3.73
N ALA A 24 -7.87 -2.48 -2.65
CA ALA A 24 -8.93 -2.12 -1.73
C ALA A 24 -8.36 -1.38 -0.53
N TYR A 25 -8.89 -0.20 -0.26
CA TYR A 25 -8.40 0.62 0.83
C TYR A 25 -8.81 0.04 2.18
N LEU A 26 -7.87 -0.65 2.85
CA LEU A 26 -8.15 -1.21 4.16
C LEU A 26 -7.94 -0.15 5.24
N GLY A 27 -6.73 0.41 5.29
CA GLY A 27 -6.49 1.46 6.25
C GLY A 27 -5.08 2.00 6.22
N SER A 28 -4.96 3.29 6.47
CA SER A 28 -3.67 3.95 6.58
C SER A 28 -3.41 4.26 8.04
N MET A 29 -2.49 3.54 8.63
CA MET A 29 -2.25 3.67 10.05
C MET A 29 -0.92 4.33 10.35
N LEU A 30 -0.91 5.19 11.34
CA LEU A 30 0.29 5.89 11.72
C LEU A 30 1.01 5.14 12.81
N ILE A 31 2.21 4.71 12.51
CA ILE A 31 3.04 4.01 13.46
C ILE A 31 4.15 4.95 13.90
N LYS A 32 4.83 4.64 14.98
CA LYS A 32 5.92 5.48 15.45
C LYS A 32 7.20 5.17 14.63
N GLU A 33 8.34 5.16 15.28
CA GLU A 33 9.60 4.89 14.62
C GLU A 33 9.78 3.40 14.36
N LEU A 34 9.06 2.93 13.37
CA LEU A 34 9.11 1.54 12.97
C LEU A 34 9.84 1.41 11.65
N ARG A 35 10.98 0.75 11.68
CA ARG A 35 11.85 0.65 10.51
C ARG A 35 12.01 -0.81 10.08
N GLY A 36 10.98 -1.61 10.34
CA GLY A 36 11.02 -3.00 9.96
C GLY A 36 9.66 -3.52 9.57
N THR A 37 9.57 -4.79 9.21
CA THR A 37 8.32 -5.40 8.79
C THR A 37 7.40 -5.67 9.99
N GLU A 38 7.92 -5.39 11.18
CA GLU A 38 7.15 -5.53 12.40
C GLU A 38 5.89 -4.68 12.31
N SER A 39 6.05 -3.50 11.71
CA SER A 39 4.97 -2.55 11.54
C SER A 39 3.89 -3.08 10.61
N THR A 40 4.30 -3.60 9.44
CA THR A 40 3.35 -4.11 8.46
C THR A 40 2.55 -5.26 9.03
N GLN A 41 3.25 -6.17 9.69
CA GLN A 41 2.60 -7.32 10.30
C GLN A 41 1.68 -6.87 11.43
N ASP A 42 2.14 -5.93 12.23
CA ASP A 42 1.39 -5.41 13.38
C ASP A 42 0.13 -4.71 12.93
N ALA A 43 0.28 -3.71 12.09
CA ALA A 43 -0.84 -2.92 11.61
C ALA A 43 -1.86 -3.79 10.87
N CYS A 44 -1.38 -4.57 9.90
CA CYS A 44 -2.25 -5.41 9.12
C CYS A 44 -3.03 -6.37 10.01
N ALA A 45 -2.34 -6.95 11.00
CA ALA A 45 -2.98 -7.86 11.94
C ALA A 45 -4.07 -7.15 12.72
N LYS A 46 -3.80 -5.90 13.12
CA LYS A 46 -4.78 -5.10 13.87
C LYS A 46 -6.07 -4.97 13.07
N MET A 47 -5.97 -4.39 11.88
CA MET A 47 -7.16 -4.19 11.06
C MET A 47 -7.77 -5.50 10.62
N ARG A 48 -6.94 -6.48 10.27
CA ARG A 48 -7.44 -7.77 9.82
C ARG A 48 -8.36 -8.40 10.88
N ALA A 49 -7.99 -8.26 12.14
CA ALA A 49 -8.78 -8.85 13.22
C ALA A 49 -9.88 -7.91 13.72
N ASN A 50 -9.67 -6.61 13.58
CA ASN A 50 -10.64 -5.63 14.09
C ASN A 50 -11.65 -5.21 13.02
N CYS A 51 -11.47 -5.69 11.79
CA CYS A 51 -12.37 -5.33 10.68
C CYS A 51 -13.73 -6.02 10.77
N GLN A 52 -14.09 -6.48 11.95
CA GLN A 52 -15.36 -7.15 12.15
C GLN A 52 -16.44 -6.14 12.54
N LYS A 53 -16.02 -4.94 12.91
CA LYS A 53 -16.96 -3.91 13.31
C LYS A 53 -16.31 -2.54 13.23
N SER A 54 -17.11 -1.51 12.92
CA SER A 54 -16.65 -0.13 12.87
C SER A 54 -15.56 0.06 11.80
N THR A 55 -15.64 -0.70 10.72
CA THR A 55 -14.67 -0.59 9.65
C THR A 55 -15.35 -0.07 8.37
N GLU A 56 -16.39 0.76 8.56
CA GLU A 56 -17.17 1.32 7.44
C GLU A 56 -17.77 0.17 6.66
N GLN A 57 -18.02 0.36 5.37
CA GLN A 57 -18.50 -0.73 4.55
C GLN A 57 -17.34 -1.66 4.28
N MET A 58 -17.08 -2.56 5.21
CA MET A 58 -15.95 -3.47 5.14
C MET A 58 -16.03 -4.34 3.88
N LYS A 59 -17.21 -4.84 3.59
CA LYS A 59 -17.41 -5.71 2.45
C LYS A 59 -17.47 -4.93 1.13
N LYS A 60 -17.18 -3.64 1.19
CA LYS A 60 -17.12 -2.81 0.00
C LYS A 60 -16.36 -1.53 0.31
N VAL A 61 -15.10 -1.70 0.71
CA VAL A 61 -14.25 -0.57 1.02
C VAL A 61 -13.89 0.21 -0.23
N PRO A 62 -13.56 1.51 -0.09
CA PRO A 62 -13.16 2.36 -1.21
C PRO A 62 -12.03 1.73 -2.02
N THR A 63 -12.22 1.66 -3.33
CA THR A 63 -11.20 1.10 -4.18
C THR A 63 -10.16 2.15 -4.49
N ILE A 64 -8.92 1.85 -4.19
CA ILE A 64 -7.85 2.76 -4.41
C ILE A 64 -6.97 2.27 -5.57
N ILE A 65 -6.85 3.09 -6.57
CA ILE A 65 -6.03 2.77 -7.71
C ILE A 65 -4.57 2.95 -7.34
N LEU A 66 -3.90 1.84 -7.18
CA LEU A 66 -2.51 1.82 -6.82
C LEU A 66 -1.68 2.14 -8.06
N SER A 67 -1.39 3.42 -8.25
CA SER A 67 -0.66 3.87 -9.40
C SER A 67 0.80 4.09 -9.07
N VAL A 68 1.58 3.09 -9.35
CA VAL A 68 3.01 3.15 -9.11
C VAL A 68 3.74 3.50 -10.40
N SER A 69 4.53 4.56 -10.34
CA SER A 69 5.26 5.01 -11.49
C SER A 69 6.74 5.19 -11.16
N ALA A 70 7.56 5.46 -12.17
CA ALA A 70 8.99 5.61 -12.02
C ALA A 70 9.35 6.69 -11.01
N LYS A 71 9.78 6.24 -9.82
CA LYS A 71 10.20 7.13 -8.72
C LYS A 71 9.04 7.90 -8.08
N GLY A 72 7.84 7.67 -8.57
CA GLY A 72 6.68 8.40 -8.06
C GLY A 72 5.45 7.55 -8.00
N VAL A 73 4.94 7.35 -6.80
CA VAL A 73 3.76 6.53 -6.62
C VAL A 73 2.61 7.38 -6.12
N LYS A 74 1.47 7.22 -6.77
CA LYS A 74 0.29 7.97 -6.42
C LYS A 74 -0.88 7.05 -6.14
N PHE A 75 -1.59 7.35 -5.09
CA PHE A 75 -2.72 6.57 -4.67
C PHE A 75 -3.97 7.39 -4.88
N ILE A 76 -4.86 6.90 -5.74
CA ILE A 76 -6.08 7.63 -6.12
C ILE A 76 -7.32 6.76 -5.86
N ASP A 77 -8.46 7.39 -5.64
CA ASP A 77 -9.71 6.65 -5.47
C ASP A 77 -10.26 6.26 -6.85
N ALA A 78 -10.98 5.16 -6.92
CA ALA A 78 -11.50 4.68 -8.20
C ALA A 78 -12.84 5.33 -8.57
N THR A 79 -13.73 5.43 -7.60
CA THR A 79 -15.07 5.93 -7.84
C THR A 79 -15.10 7.47 -7.96
N ASN A 80 -14.50 8.14 -7.00
CA ASN A 80 -14.49 9.60 -7.00
C ASN A 80 -13.27 10.11 -7.71
N LYS A 81 -12.28 9.23 -7.88
CA LYS A 81 -11.02 9.56 -8.52
C LYS A 81 -10.31 10.65 -7.74
N ASN A 82 -10.65 10.73 -6.46
CA ASN A 82 -10.07 11.68 -5.53
C ASN A 82 -8.67 11.23 -5.18
N ILE A 83 -7.75 12.15 -5.11
CA ILE A 83 -6.39 11.80 -4.78
C ILE A 83 -6.27 11.45 -3.30
N ILE A 84 -5.68 10.31 -3.03
CA ILE A 84 -5.46 9.88 -1.67
C ILE A 84 -4.16 10.47 -1.18
N ALA A 85 -3.08 10.23 -1.94
CA ALA A 85 -1.75 10.76 -1.63
C ALA A 85 -0.74 10.41 -2.71
N GLU A 86 0.27 11.26 -2.87
CA GLU A 86 1.35 11.01 -3.81
C GLU A 86 2.68 11.14 -3.11
N HIS A 87 3.57 10.19 -3.33
CA HIS A 87 4.90 10.24 -2.73
C HIS A 87 5.91 9.59 -3.64
N GLU A 88 7.17 9.83 -3.37
CA GLU A 88 8.23 9.29 -4.19
C GLU A 88 8.63 7.91 -3.69
N ILE A 89 9.36 7.20 -4.51
CA ILE A 89 9.87 5.88 -4.14
C ILE A 89 10.76 6.00 -2.89
N ARG A 90 11.41 7.14 -2.76
CA ARG A 90 12.30 7.41 -1.63
C ARG A 90 11.52 7.43 -0.30
N ASN A 91 10.21 7.59 -0.38
CA ASN A 91 9.37 7.58 0.82
C ASN A 91 9.01 6.16 1.21
N ILE A 92 9.00 5.27 0.24
CA ILE A 92 8.64 3.88 0.48
C ILE A 92 9.88 3.09 0.86
N SER A 93 9.97 2.74 2.11
CA SER A 93 11.13 2.02 2.59
C SER A 93 10.83 0.54 2.76
N CYS A 94 9.61 0.21 3.15
CA CYS A 94 9.28 -1.18 3.38
C CYS A 94 8.04 -1.61 2.62
N ALA A 95 8.21 -2.44 1.61
CA ALA A 95 7.09 -2.99 0.88
C ALA A 95 6.91 -4.46 1.24
N ALA A 96 6.00 -4.73 2.14
CA ALA A 96 5.78 -6.09 2.60
C ALA A 96 4.34 -6.51 2.35
N GLN A 97 3.99 -7.69 2.77
CA GLN A 97 2.66 -8.20 2.59
C GLN A 97 2.16 -8.82 3.88
N ASP A 98 0.88 -9.19 3.90
CA ASP A 98 0.28 -9.79 5.09
C ASP A 98 0.94 -11.13 5.41
N PRO A 99 1.17 -11.39 6.72
CA PRO A 99 1.82 -12.62 7.18
C PRO A 99 1.13 -13.91 6.73
N GLU A 100 -0.19 -13.93 6.73
CA GLU A 100 -0.93 -15.14 6.41
C GLU A 100 -1.56 -15.10 5.03
N ASP A 101 -1.90 -13.92 4.57
CA ASP A 101 -2.55 -13.78 3.29
C ASP A 101 -1.67 -13.04 2.29
N LEU A 102 -1.43 -13.68 1.15
CA LEU A 102 -0.57 -13.10 0.11
C LEU A 102 -1.38 -12.17 -0.79
N SER A 103 -2.67 -12.04 -0.51
CA SER A 103 -3.55 -11.20 -1.29
C SER A 103 -3.71 -9.84 -0.59
N THR A 104 -2.86 -9.58 0.37
CA THR A 104 -2.89 -8.33 1.11
C THR A 104 -1.47 -7.77 1.21
N PHE A 105 -1.32 -6.49 0.90
CA PHE A 105 -0.01 -5.87 0.94
C PHE A 105 0.00 -4.67 1.86
N ALA A 106 1.15 -4.40 2.45
CA ALA A 106 1.30 -3.29 3.36
C ALA A 106 2.66 -2.66 3.20
N TYR A 107 2.70 -1.38 2.95
CA TYR A 107 3.95 -0.70 2.76
C TYR A 107 4.15 0.41 3.80
N ILE A 108 5.37 0.55 4.25
CA ILE A 108 5.72 1.54 5.24
C ILE A 108 6.48 2.67 4.58
N THR A 109 5.93 3.85 4.74
CA THR A 109 6.52 5.05 4.19
C THR A 109 7.05 5.93 5.32
N LYS A 110 8.28 6.36 5.19
CA LYS A 110 8.89 7.21 6.20
C LYS A 110 8.78 8.68 5.81
N ASP A 111 7.98 9.41 6.58
CA ASP A 111 7.78 10.82 6.32
C ASP A 111 8.57 11.65 7.32
N LEU A 112 9.61 12.29 6.83
CA LEU A 112 10.53 13.07 7.68
C LEU A 112 9.89 14.34 8.25
N LYS A 113 8.64 14.62 7.91
CA LYS A 113 7.96 15.79 8.46
C LYS A 113 7.08 15.37 9.63
N SER A 114 6.78 14.08 9.69
CA SER A 114 5.89 13.57 10.72
C SER A 114 6.63 12.79 11.79
N ASN A 115 7.76 12.16 11.41
CA ASN A 115 8.55 11.30 12.34
C ASN A 115 7.85 9.94 12.47
N HIS A 116 6.53 9.96 12.41
CA HIS A 116 5.73 8.76 12.44
C HIS A 116 5.74 8.10 11.08
N HIS A 117 5.84 6.80 11.06
CA HIS A 117 5.90 6.07 9.82
C HIS A 117 4.51 5.69 9.36
N TYR A 118 4.15 6.16 8.17
CA TYR A 118 2.85 5.88 7.60
C TYR A 118 2.80 4.47 7.06
N CYS A 119 1.96 3.64 7.65
CA CYS A 119 1.82 2.28 7.19
C CYS A 119 0.48 2.14 6.51
N HIS A 120 0.52 1.98 5.21
CA HIS A 120 -0.70 1.85 4.44
C HIS A 120 -0.91 0.43 4.03
N VAL A 121 -1.98 -0.17 4.52
CA VAL A 121 -2.29 -1.53 4.19
C VAL A 121 -3.52 -1.59 3.30
N PHE A 122 -3.39 -2.24 2.18
CA PHE A 122 -4.47 -2.39 1.23
C PHE A 122 -4.63 -3.84 0.85
N THR A 123 -5.86 -4.25 0.67
CA THR A 123 -6.15 -5.61 0.33
C THR A 123 -6.35 -5.74 -1.18
N ALA A 124 -5.80 -6.76 -1.76
CA ALA A 124 -5.95 -6.98 -3.18
C ALA A 124 -7.11 -7.91 -3.43
N PHE A 125 -7.73 -7.77 -4.59
CA PHE A 125 -8.86 -8.60 -4.95
C PHE A 125 -8.36 -9.94 -5.51
N ASP A 126 -7.06 -10.09 -5.61
CA ASP A 126 -6.44 -11.31 -6.13
C ASP A 126 -4.99 -11.39 -5.68
N VAL A 127 -4.51 -12.61 -5.47
CA VAL A 127 -3.15 -12.84 -5.02
C VAL A 127 -2.14 -12.37 -6.06
N ASN A 128 -2.44 -12.62 -7.33
CA ASN A 128 -1.56 -12.19 -8.41
C ASN A 128 -1.51 -10.67 -8.47
N LEU A 129 -2.66 -10.06 -8.19
CA LEU A 129 -2.79 -8.62 -8.19
C LEU A 129 -1.84 -8.03 -7.13
N ALA A 130 -1.85 -8.64 -5.94
CA ALA A 130 -0.96 -8.23 -4.87
C ALA A 130 0.50 -8.43 -5.26
N ALA A 131 0.78 -9.57 -5.88
CA ALA A 131 2.13 -9.90 -6.35
C ALA A 131 2.60 -8.85 -7.37
N GLU A 132 1.70 -8.45 -8.26
CA GLU A 132 1.98 -7.41 -9.25
C GLU A 132 2.43 -6.13 -8.58
N ILE A 133 1.65 -5.70 -7.60
CA ILE A 133 1.95 -4.48 -6.86
C ILE A 133 3.28 -4.60 -6.12
N ILE A 134 3.48 -5.71 -5.42
CA ILE A 134 4.73 -5.97 -4.70
C ILE A 134 5.92 -5.93 -5.66
N LEU A 135 5.78 -6.62 -6.78
CA LEU A 135 6.83 -6.70 -7.80
C LEU A 135 7.19 -5.32 -8.32
N THR A 136 6.19 -4.57 -8.77
CA THR A 136 6.41 -3.25 -9.34
C THR A 136 7.06 -2.29 -8.31
N LEU A 137 6.52 -2.27 -7.10
CA LEU A 137 7.07 -1.42 -6.04
C LEU A 137 8.52 -1.81 -5.74
N GLY A 138 8.76 -3.11 -5.63
CA GLY A 138 10.10 -3.61 -5.36
C GLY A 138 11.09 -3.25 -6.45
N GLN A 139 10.71 -3.49 -7.69
CA GLN A 139 11.57 -3.19 -8.84
C GLN A 139 11.82 -1.70 -8.95
N ALA A 140 10.79 -0.91 -8.69
CA ALA A 140 10.92 0.54 -8.75
C ALA A 140 11.91 1.04 -7.70
N PHE A 141 11.84 0.45 -6.51
CA PHE A 141 12.73 0.82 -5.42
C PHE A 141 14.16 0.36 -5.73
N GLU A 142 14.27 -0.83 -6.29
CA GLU A 142 15.55 -1.43 -6.64
C GLU A 142 16.28 -0.59 -7.70
N VAL A 143 15.61 -0.35 -8.82
CA VAL A 143 16.21 0.39 -9.91
C VAL A 143 16.49 1.85 -9.52
N ALA A 144 15.69 2.40 -8.62
CA ALA A 144 15.86 3.78 -8.18
C ALA A 144 16.98 3.90 -7.15
N TYR A 145 17.43 2.76 -6.64
CA TYR A 145 18.52 2.73 -5.67
C TYR A 145 19.86 2.72 -6.41
N GLN A 146 19.81 2.33 -7.66
CA GLN A 146 21.01 2.24 -8.48
C GLN A 146 21.26 3.56 -9.19
N GLU A 12 6.43 7.95 -17.43
CA GLU A 12 5.58 6.92 -16.81
C GLU A 12 4.25 6.79 -17.56
N LYS A 13 3.32 6.04 -16.97
CA LYS A 13 1.98 5.79 -17.56
C LYS A 13 2.03 4.76 -18.67
N LEU A 14 3.19 4.17 -18.86
CA LEU A 14 3.36 3.09 -19.81
C LEU A 14 3.12 1.77 -19.08
N ILE A 15 2.55 0.81 -19.79
CA ILE A 15 2.20 -0.50 -19.21
C ILE A 15 3.42 -1.22 -18.58
N ALA A 16 4.62 -0.82 -18.97
CA ALA A 16 5.83 -1.47 -18.48
C ALA A 16 6.62 -0.56 -17.57
N GLN A 17 6.17 0.67 -17.43
CA GLN A 17 6.88 1.65 -16.61
C GLN A 17 6.00 2.10 -15.45
N SER A 18 4.77 1.65 -15.45
CA SER A 18 3.84 1.98 -14.39
C SER A 18 2.76 0.93 -14.27
N CYS A 19 2.46 0.55 -13.05
CA CYS A 19 1.44 -0.43 -12.79
C CYS A 19 0.22 0.24 -12.16
N ASP A 20 -0.85 0.30 -12.92
CA ASP A 20 -2.10 0.90 -12.47
C ASP A 20 -3.11 -0.19 -12.14
N TYR A 21 -3.35 -0.42 -10.88
CA TYR A 21 -4.29 -1.46 -10.45
C TYR A 21 -5.29 -0.91 -9.45
N LYS A 22 -6.23 -1.74 -9.01
CA LYS A 22 -7.19 -1.33 -8.01
C LYS A 22 -6.92 -2.07 -6.70
N ALA A 23 -6.82 -1.33 -5.64
CA ALA A 23 -6.60 -1.89 -4.33
C ALA A 23 -7.70 -1.42 -3.40
N ALA A 24 -7.88 -2.07 -2.29
CA ALA A 24 -8.89 -1.66 -1.34
C ALA A 24 -8.23 -0.92 -0.19
N TYR A 25 -8.74 0.26 0.12
CA TYR A 25 -8.18 1.10 1.16
C TYR A 25 -8.49 0.55 2.54
N LEU A 26 -7.57 -0.22 3.10
CA LEU A 26 -7.76 -0.79 4.42
C LEU A 26 -7.41 0.24 5.49
N GLY A 27 -6.17 0.76 5.47
CA GLY A 27 -5.83 1.79 6.43
C GLY A 27 -4.39 2.26 6.34
N SER A 28 -4.14 3.39 6.94
CA SER A 28 -2.81 3.96 7.03
C SER A 28 -2.45 4.06 8.50
N MET A 29 -1.63 3.15 8.96
CA MET A 29 -1.31 3.12 10.37
C MET A 29 0.00 3.79 10.66
N LEU A 30 0.00 4.60 11.67
CA LEU A 30 1.18 5.34 12.06
C LEU A 30 1.98 4.55 13.06
N ILE A 31 3.23 4.27 12.72
CA ILE A 31 4.09 3.50 13.58
C ILE A 31 5.24 4.38 14.05
N LYS A 32 5.45 4.43 15.36
CA LYS A 32 6.52 5.22 15.92
C LYS A 32 7.83 4.43 15.90
N GLU A 33 7.75 3.15 16.22
CA GLU A 33 8.92 2.30 16.21
C GLU A 33 8.75 1.16 15.21
N LEU A 34 9.55 1.19 14.16
CA LEU A 34 9.46 0.19 13.12
C LEU A 34 10.29 -1.03 13.46
N ARG A 35 9.64 -2.05 13.94
CA ARG A 35 10.31 -3.29 14.27
C ARG A 35 10.22 -4.24 13.10
N GLY A 36 11.10 -4.05 12.14
CA GLY A 36 11.09 -4.85 10.94
C GLY A 36 9.78 -4.73 10.20
N THR A 37 9.25 -5.83 9.74
CA THR A 37 7.98 -5.83 9.05
C THR A 37 6.86 -6.15 10.04
N GLU A 38 7.25 -6.52 11.25
CA GLU A 38 6.32 -6.91 12.29
C GLU A 38 5.31 -5.80 12.57
N SER A 39 5.76 -4.56 12.54
CA SER A 39 4.88 -3.43 12.78
C SER A 39 3.79 -3.34 11.69
N THR A 40 4.21 -3.44 10.42
CA THR A 40 3.27 -3.37 9.32
C THR A 40 2.30 -4.53 9.37
N GLN A 41 2.81 -5.69 9.77
CA GLN A 41 2.02 -6.89 9.85
C GLN A 41 1.10 -6.85 11.05
N ASP A 42 1.51 -6.12 12.09
CA ASP A 42 0.67 -5.95 13.27
C ASP A 42 -0.59 -5.20 12.90
N ALA A 43 -0.41 -4.07 12.24
CA ALA A 43 -1.54 -3.27 11.78
C ALA A 43 -2.36 -4.04 10.75
N CYS A 44 -1.66 -4.68 9.82
CA CYS A 44 -2.27 -5.45 8.76
C CYS A 44 -3.13 -6.58 9.32
N ALA A 45 -2.51 -7.49 10.08
CA ALA A 45 -3.22 -8.64 10.65
C ALA A 45 -4.39 -8.19 11.51
N LYS A 46 -4.17 -7.11 12.27
CA LYS A 46 -5.19 -6.56 13.13
C LYS A 46 -6.44 -6.22 12.32
N MET A 47 -6.28 -5.42 11.28
CA MET A 47 -7.43 -5.02 10.46
C MET A 47 -7.90 -6.12 9.54
N ARG A 48 -7.00 -7.00 9.12
CA ARG A 48 -7.40 -8.12 8.28
C ARG A 48 -8.36 -9.04 9.04
N ALA A 49 -8.02 -9.34 10.28
CA ALA A 49 -8.86 -10.18 11.11
C ALA A 49 -10.10 -9.42 11.57
N ASN A 50 -9.97 -8.10 11.73
CA ASN A 50 -11.11 -7.29 12.15
C ASN A 50 -11.89 -6.75 10.96
N CYS A 51 -11.46 -7.06 9.75
CA CYS A 51 -12.19 -6.66 8.55
C CYS A 51 -13.52 -7.38 8.50
N GLN A 52 -13.52 -8.63 8.92
CA GLN A 52 -14.73 -9.40 9.07
C GLN A 52 -15.38 -8.97 10.37
N LYS A 53 -16.66 -8.58 10.31
CA LYS A 53 -17.35 -8.05 11.49
C LYS A 53 -16.64 -6.75 11.90
N SER A 54 -16.22 -5.99 10.89
CA SER A 54 -15.50 -4.76 11.10
C SER A 54 -16.31 -3.76 11.91
N THR A 55 -15.62 -2.81 12.51
CA THR A 55 -16.23 -1.77 13.31
C THR A 55 -17.33 -1.05 12.51
N GLU A 56 -17.02 -0.72 11.27
CA GLU A 56 -17.96 -0.04 10.38
C GLU A 56 -18.65 -1.05 9.48
N GLN A 57 -18.54 -2.34 9.85
CA GLN A 57 -19.11 -3.49 9.09
C GLN A 57 -18.76 -3.45 7.60
N MET A 58 -17.68 -2.76 7.29
CA MET A 58 -17.20 -2.66 5.91
C MET A 58 -16.26 -3.82 5.61
N LYS A 59 -16.67 -4.67 4.69
CA LYS A 59 -15.88 -5.85 4.35
C LYS A 59 -15.15 -5.69 3.02
N LYS A 60 -15.63 -4.79 2.18
CA LYS A 60 -14.99 -4.56 0.89
C LYS A 60 -14.15 -3.30 0.93
N VAL A 61 -14.60 -2.30 1.72
CA VAL A 61 -13.94 -0.99 1.91
C VAL A 61 -13.72 -0.20 0.60
N PRO A 62 -13.61 1.15 0.67
CA PRO A 62 -13.38 2.01 -0.51
C PRO A 62 -12.24 1.51 -1.40
N THR A 63 -12.51 1.42 -2.68
CA THR A 63 -11.52 0.99 -3.66
C THR A 63 -10.66 2.18 -4.09
N ILE A 64 -9.37 1.99 -4.02
CA ILE A 64 -8.43 3.01 -4.38
C ILE A 64 -7.54 2.52 -5.53
N ILE A 65 -7.39 3.32 -6.55
CA ILE A 65 -6.57 2.98 -7.69
C ILE A 65 -5.11 3.16 -7.33
N LEU A 66 -4.43 2.04 -7.22
CA LEU A 66 -3.05 2.02 -6.85
C LEU A 66 -2.18 2.15 -8.10
N SER A 67 -1.74 3.36 -8.38
CA SER A 67 -0.91 3.62 -9.53
C SER A 67 0.54 3.83 -9.10
N VAL A 68 1.35 2.85 -9.36
CA VAL A 68 2.75 2.89 -8.99
C VAL A 68 3.64 3.02 -10.23
N SER A 69 4.42 4.09 -10.28
CA SER A 69 5.31 4.34 -11.39
C SER A 69 6.75 4.46 -10.89
N ALA A 70 7.70 4.15 -11.76
CA ALA A 70 9.13 4.20 -11.41
C ALA A 70 9.60 5.61 -11.08
N LYS A 71 8.78 6.61 -11.41
CA LYS A 71 9.14 7.99 -11.15
C LYS A 71 8.14 8.65 -10.20
N GLY A 72 7.39 7.84 -9.46
CA GLY A 72 6.44 8.39 -8.51
C GLY A 72 5.21 7.53 -8.36
N VAL A 73 4.48 7.72 -7.27
CA VAL A 73 3.29 6.94 -7.01
C VAL A 73 2.05 7.83 -6.90
N LYS A 74 0.95 7.33 -7.42
CA LYS A 74 -0.30 8.06 -7.44
C LYS A 74 -1.41 7.20 -6.85
N PHE A 75 -2.04 7.68 -5.80
CA PHE A 75 -3.12 6.96 -5.17
C PHE A 75 -4.41 7.76 -5.32
N ILE A 76 -5.33 7.24 -6.14
CA ILE A 76 -6.59 7.95 -6.42
C ILE A 76 -7.79 7.10 -5.99
N ASP A 77 -8.83 7.76 -5.52
CA ASP A 77 -10.05 7.08 -5.11
C ASP A 77 -10.86 6.65 -6.34
N ALA A 78 -11.46 5.47 -6.29
CA ALA A 78 -12.23 4.97 -7.42
C ALA A 78 -13.74 5.17 -7.22
N THR A 79 -14.10 5.96 -6.24
CA THR A 79 -15.49 6.22 -5.94
C THR A 79 -15.93 7.57 -6.54
N ASN A 80 -15.24 8.62 -6.14
CA ASN A 80 -15.54 9.96 -6.59
C ASN A 80 -14.29 10.58 -7.21
N LYS A 81 -13.33 9.69 -7.52
CA LYS A 81 -12.03 10.04 -8.14
C LYS A 81 -11.29 11.10 -7.33
N ASN A 82 -11.52 11.10 -6.03
CA ASN A 82 -10.87 12.03 -5.13
C ASN A 82 -9.40 11.64 -5.00
N ILE A 83 -8.52 12.61 -5.11
CA ILE A 83 -7.10 12.35 -5.00
C ILE A 83 -6.76 11.96 -3.56
N ILE A 84 -6.38 10.73 -3.37
CA ILE A 84 -5.98 10.26 -2.06
C ILE A 84 -4.68 10.92 -1.69
N ALA A 85 -3.65 10.63 -2.47
CA ALA A 85 -2.33 11.24 -2.24
C ALA A 85 -1.36 10.84 -3.34
N GLU A 86 -0.54 11.78 -3.73
CA GLU A 86 0.54 11.51 -4.67
C GLU A 86 1.86 11.66 -3.94
N HIS A 87 2.80 10.80 -4.22
CA HIS A 87 4.08 10.85 -3.53
C HIS A 87 5.23 10.56 -4.47
N GLU A 88 6.38 11.12 -4.16
CA GLU A 88 7.58 10.84 -4.89
C GLU A 88 7.97 9.38 -4.61
N ILE A 89 8.66 8.73 -5.52
CA ILE A 89 9.03 7.34 -5.32
C ILE A 89 9.90 7.19 -4.05
N ARG A 90 10.82 8.14 -3.84
CA ARG A 90 11.70 8.10 -2.68
C ARG A 90 10.96 8.40 -1.38
N ASN A 91 9.68 8.72 -1.48
CA ASN A 91 8.87 8.95 -0.29
C ASN A 91 8.58 7.63 0.38
N ILE A 92 8.57 6.56 -0.41
CA ILE A 92 8.33 5.25 0.11
C ILE A 92 9.61 4.71 0.73
N SER A 93 9.53 4.22 1.93
CA SER A 93 10.68 3.75 2.64
C SER A 93 10.86 2.24 2.44
N CYS A 94 9.77 1.49 2.46
CA CYS A 94 9.85 0.05 2.27
C CYS A 94 8.49 -0.54 1.94
N ALA A 95 8.46 -1.81 1.55
CA ALA A 95 7.23 -2.50 1.19
C ALA A 95 7.19 -3.89 1.81
N ALA A 96 6.07 -4.21 2.45
CA ALA A 96 5.89 -5.50 3.09
C ALA A 96 4.49 -6.04 2.82
N GLN A 97 4.18 -7.20 3.37
CA GLN A 97 2.87 -7.82 3.19
C GLN A 97 2.53 -8.72 4.38
N ASP A 98 1.26 -9.10 4.48
CA ASP A 98 0.77 -9.93 5.59
C ASP A 98 1.43 -11.31 5.57
N PRO A 99 1.76 -11.87 6.76
CA PRO A 99 2.40 -13.19 6.87
C PRO A 99 1.53 -14.33 6.35
N GLU A 100 0.23 -14.26 6.59
CA GLU A 100 -0.65 -15.34 6.20
C GLU A 100 -1.53 -14.97 5.01
N ASP A 101 -1.93 -13.72 4.94
CA ASP A 101 -2.78 -13.27 3.85
C ASP A 101 -1.94 -12.54 2.80
N LEU A 102 -1.68 -13.20 1.70
CA LEU A 102 -0.82 -12.65 0.67
C LEU A 102 -1.58 -11.67 -0.23
N SER A 103 -2.84 -11.46 0.07
CA SER A 103 -3.64 -10.50 -0.67
C SER A 103 -3.73 -9.19 0.08
N THR A 104 -2.83 -8.99 1.02
CA THR A 104 -2.79 -7.76 1.79
C THR A 104 -1.36 -7.26 1.85
N PHE A 105 -1.13 -6.07 1.31
CA PHE A 105 0.20 -5.50 1.28
C PHE A 105 0.26 -4.21 2.08
N ALA A 106 1.41 -3.96 2.68
CA ALA A 106 1.59 -2.78 3.51
C ALA A 106 2.96 -2.17 3.27
N TYR A 107 2.98 -0.99 2.66
CA TYR A 107 4.23 -0.32 2.40
C TYR A 107 4.39 0.88 3.32
N ILE A 108 5.61 1.13 3.74
CA ILE A 108 5.90 2.20 4.67
C ILE A 108 6.40 3.43 3.94
N THR A 109 5.74 4.54 4.18
CA THR A 109 6.12 5.81 3.61
C THR A 109 6.43 6.78 4.75
N LYS A 110 7.09 7.87 4.46
CA LYS A 110 7.39 8.84 5.49
C LYS A 110 6.59 10.12 5.29
N ASP A 111 6.04 10.63 6.37
CA ASP A 111 5.28 11.86 6.32
C ASP A 111 6.06 12.95 7.02
N LEU A 112 6.77 13.76 6.24
CA LEU A 112 7.66 14.80 6.76
C LEU A 112 6.92 15.88 7.58
N LYS A 113 5.59 15.86 7.55
CA LYS A 113 4.81 16.81 8.33
C LYS A 113 4.47 16.22 9.68
N SER A 114 4.30 14.91 9.73
CA SER A 114 4.00 14.23 10.97
C SER A 114 5.30 13.78 11.62
N ASN A 115 6.34 13.65 10.80
CA ASN A 115 7.66 13.20 11.24
C ASN A 115 7.60 11.76 11.69
N HIS A 116 6.66 11.04 11.11
CA HIS A 116 6.44 9.65 11.45
C HIS A 116 6.40 8.80 10.19
N HIS A 117 6.41 7.49 10.39
CA HIS A 117 6.34 6.55 9.30
C HIS A 117 4.95 5.96 9.21
N TYR A 118 4.35 6.09 8.05
CA TYR A 118 2.99 5.61 7.83
C TYR A 118 3.00 4.34 7.03
N CYS A 119 2.48 3.27 7.60
CA CYS A 119 2.37 2.03 6.90
C CYS A 119 1.03 1.96 6.21
N HIS A 120 1.06 2.09 4.91
CA HIS A 120 -0.15 2.07 4.12
C HIS A 120 -0.48 0.66 3.71
N VAL A 121 -1.46 0.09 4.36
CA VAL A 121 -1.86 -1.27 4.07
C VAL A 121 -3.15 -1.29 3.26
N PHE A 122 -3.10 -2.00 2.16
CA PHE A 122 -4.21 -2.11 1.25
C PHE A 122 -4.50 -3.57 0.97
N THR A 123 -5.76 -3.88 0.79
CA THR A 123 -6.17 -5.23 0.50
C THR A 123 -6.40 -5.38 -0.99
N ALA A 124 -5.84 -6.42 -1.57
CA ALA A 124 -6.00 -6.67 -2.97
C ALA A 124 -7.12 -7.66 -3.20
N PHE A 125 -7.85 -7.48 -4.27
CA PHE A 125 -8.95 -8.37 -4.60
C PHE A 125 -8.41 -9.63 -5.27
N ASP A 126 -7.09 -9.70 -5.39
CA ASP A 126 -6.43 -10.82 -6.03
C ASP A 126 -5.02 -11.00 -5.45
N VAL A 127 -4.69 -12.23 -5.08
CA VAL A 127 -3.39 -12.54 -4.47
C VAL A 127 -2.23 -12.20 -5.41
N ASN A 128 -2.38 -12.58 -6.68
CA ASN A 128 -1.37 -12.29 -7.68
C ASN A 128 -1.21 -10.79 -7.84
N LEU A 129 -2.34 -10.09 -7.89
CA LEU A 129 -2.36 -8.64 -8.02
C LEU A 129 -1.52 -7.99 -6.91
N ALA A 130 -1.70 -8.47 -5.68
CA ALA A 130 -0.92 -7.97 -4.56
C ALA A 130 0.57 -8.23 -4.77
N ALA A 131 0.89 -9.44 -5.22
CA ALA A 131 2.27 -9.82 -5.50
C ALA A 131 2.88 -8.94 -6.58
N GLU A 132 2.06 -8.62 -7.59
CA GLU A 132 2.49 -7.75 -8.69
C GLU A 132 2.88 -6.38 -8.15
N ILE A 133 2.01 -5.81 -7.33
CA ILE A 133 2.28 -4.51 -6.71
C ILE A 133 3.58 -4.55 -5.90
N ILE A 134 3.76 -5.60 -5.09
CA ILE A 134 4.98 -5.77 -4.31
C ILE A 134 6.18 -5.87 -5.23
N LEU A 135 6.04 -6.65 -6.30
CA LEU A 135 7.09 -6.82 -7.30
C LEU A 135 7.42 -5.47 -7.94
N THR A 136 6.39 -4.71 -8.28
CA THR A 136 6.56 -3.41 -8.90
C THR A 136 7.33 -2.46 -7.97
N LEU A 137 6.90 -2.37 -6.71
CA LEU A 137 7.58 -1.55 -5.71
C LEU A 137 9.03 -2.04 -5.51
N GLY A 138 9.17 -3.36 -5.40
CA GLY A 138 10.47 -3.95 -5.22
C GLY A 138 11.42 -3.59 -6.34
N GLN A 139 10.94 -3.68 -7.58
CA GLN A 139 11.74 -3.33 -8.73
C GLN A 139 11.99 -1.84 -8.81
N ALA A 140 11.06 -1.05 -8.27
CA ALA A 140 11.23 0.40 -8.22
C ALA A 140 12.45 0.75 -7.39
N PHE A 141 12.63 0.05 -6.27
CA PHE A 141 13.80 0.24 -5.42
C PHE A 141 15.04 -0.33 -6.10
N GLU A 142 14.90 -1.50 -6.71
CA GLU A 142 16.01 -2.16 -7.41
C GLU A 142 16.57 -1.29 -8.52
N VAL A 143 15.68 -0.74 -9.35
CA VAL A 143 16.10 0.08 -10.48
C VAL A 143 16.70 1.42 -10.02
N ALA A 144 16.58 1.72 -8.73
CA ALA A 144 17.15 2.92 -8.17
C ALA A 144 18.61 2.69 -7.81
N TYR A 145 18.97 1.42 -7.66
CA TYR A 145 20.33 1.05 -7.31
C TYR A 145 21.07 0.53 -8.54
N GLN A 146 20.41 -0.32 -9.31
CA GLN A 146 20.99 -0.92 -10.49
C GLN A 146 21.03 0.07 -11.65
N GLU A 12 8.18 7.38 -20.98
CA GLU A 12 8.73 6.05 -21.33
C GLU A 12 7.61 5.03 -21.47
N LYS A 13 7.96 3.79 -21.74
CA LYS A 13 6.99 2.73 -21.88
C LYS A 13 6.46 2.36 -20.50
N LEU A 14 5.16 2.47 -20.31
CA LEU A 14 4.54 2.23 -18.99
C LEU A 14 4.71 0.79 -18.51
N ILE A 15 4.75 -0.15 -19.44
CA ILE A 15 4.86 -1.56 -19.07
C ILE A 15 6.22 -1.81 -18.39
N ALA A 16 6.17 -2.55 -17.27
CA ALA A 16 7.36 -2.92 -16.48
C ALA A 16 7.94 -1.75 -15.68
N GLN A 17 7.69 -0.54 -16.13
CA GLN A 17 8.17 0.64 -15.43
C GLN A 17 7.05 1.24 -14.59
N SER A 18 5.86 0.75 -14.80
CA SER A 18 4.70 1.21 -14.08
C SER A 18 3.57 0.21 -14.21
N CYS A 19 2.59 0.35 -13.35
CA CYS A 19 1.40 -0.47 -13.37
C CYS A 19 0.28 0.26 -12.64
N ASP A 20 -0.94 -0.02 -13.02
CA ASP A 20 -2.09 0.65 -12.44
C ASP A 20 -3.20 -0.37 -12.18
N TYR A 21 -3.53 -0.55 -10.92
CA TYR A 21 -4.57 -1.49 -10.54
C TYR A 21 -5.53 -0.87 -9.55
N LYS A 22 -6.56 -1.61 -9.18
CA LYS A 22 -7.51 -1.13 -8.20
C LYS A 22 -7.39 -1.94 -6.92
N ALA A 23 -6.90 -1.30 -5.88
CA ALA A 23 -6.74 -1.93 -4.59
C ALA A 23 -7.85 -1.46 -3.67
N ALA A 24 -7.95 -2.07 -2.52
CA ALA A 24 -8.96 -1.67 -1.56
C ALA A 24 -8.30 -0.98 -0.38
N TYR A 25 -8.81 0.17 -0.01
CA TYR A 25 -8.27 0.95 1.09
C TYR A 25 -8.55 0.24 2.41
N LEU A 26 -7.58 -0.51 2.92
CA LEU A 26 -7.77 -1.24 4.16
C LEU A 26 -7.57 -0.30 5.35
N GLY A 27 -6.37 0.29 5.47
CA GLY A 27 -6.14 1.21 6.55
C GLY A 27 -4.83 1.96 6.43
N SER A 28 -4.78 3.12 7.08
CA SER A 28 -3.60 3.94 7.13
C SER A 28 -3.25 4.19 8.60
N MET A 29 -2.22 3.52 9.08
CA MET A 29 -1.87 3.61 10.48
C MET A 29 -0.56 4.31 10.70
N LEU A 30 -0.51 5.14 11.70
CA LEU A 30 0.69 5.85 12.02
C LEU A 30 1.29 5.33 13.30
N ILE A 31 2.56 4.98 13.24
CA ILE A 31 3.27 4.50 14.40
C ILE A 31 4.25 5.58 14.83
N LYS A 32 4.32 5.84 16.14
CA LYS A 32 5.23 6.86 16.68
C LYS A 32 6.67 6.60 16.22
N GLU A 33 7.23 5.52 16.71
CA GLU A 33 8.56 5.12 16.30
C GLU A 33 8.60 3.61 16.20
N LEU A 34 9.04 3.13 15.07
CA LEU A 34 9.04 1.71 14.81
C LEU A 34 10.07 1.40 13.72
N ARG A 35 10.60 0.19 13.73
CA ARG A 35 11.55 -0.22 12.71
C ARG A 35 11.21 -1.62 12.18
N GLY A 36 11.48 -1.84 10.90
CA GLY A 36 11.23 -3.12 10.30
C GLY A 36 9.79 -3.31 9.85
N THR A 37 9.49 -4.51 9.35
CA THR A 37 8.16 -4.85 8.85
C THR A 37 7.18 -5.10 10.00
N GLU A 38 7.61 -4.80 11.20
CA GLU A 38 6.78 -4.97 12.37
C GLU A 38 5.54 -4.08 12.26
N SER A 39 5.70 -2.89 11.69
CA SER A 39 4.59 -1.96 11.50
C SER A 39 3.54 -2.55 10.58
N THR A 40 4.00 -3.14 9.48
CA THR A 40 3.11 -3.67 8.48
C THR A 40 2.35 -4.87 9.00
N GLN A 41 3.07 -5.85 9.53
CA GLN A 41 2.45 -7.07 10.03
C GLN A 41 1.51 -6.79 11.21
N ASP A 42 1.90 -5.85 12.08
CA ASP A 42 1.09 -5.50 13.24
C ASP A 42 -0.25 -4.90 12.81
N ALA A 43 -0.17 -3.76 12.12
CA ALA A 43 -1.37 -3.04 11.69
C ALA A 43 -2.24 -3.88 10.75
N CYS A 44 -1.60 -4.58 9.82
CA CYS A 44 -2.32 -5.40 8.84
C CYS A 44 -3.07 -6.53 9.54
N ALA A 45 -2.38 -7.28 10.39
CA ALA A 45 -3.01 -8.41 11.09
C ALA A 45 -4.19 -7.94 11.91
N LYS A 46 -4.02 -6.81 12.61
CA LYS A 46 -5.10 -6.25 13.41
C LYS A 46 -6.33 -5.98 12.57
N MET A 47 -6.15 -5.23 11.48
CA MET A 47 -7.26 -4.87 10.63
C MET A 47 -7.76 -6.04 9.80
N ARG A 48 -6.89 -6.99 9.49
CA ARG A 48 -7.30 -8.17 8.76
C ARG A 48 -8.33 -8.94 9.57
N ALA A 49 -7.99 -9.19 10.83
CA ALA A 49 -8.88 -9.89 11.74
C ALA A 49 -10.15 -9.08 12.00
N ASN A 50 -9.98 -7.77 12.11
CA ASN A 50 -11.10 -6.86 12.35
C ASN A 50 -12.02 -6.76 11.13
N CYS A 51 -11.46 -6.95 9.94
CA CYS A 51 -12.23 -6.86 8.71
C CYS A 51 -13.05 -8.12 8.49
N GLN A 52 -12.45 -9.27 8.75
CA GLN A 52 -13.14 -10.52 8.56
C GLN A 52 -14.12 -10.81 9.69
N LYS A 53 -15.30 -10.22 9.59
CA LYS A 53 -16.36 -10.46 10.56
C LYS A 53 -17.22 -11.61 10.07
N SER A 54 -16.88 -12.12 8.90
CA SER A 54 -17.58 -13.21 8.29
C SER A 54 -16.59 -14.03 7.46
N THR A 55 -17.10 -14.99 6.73
CA THR A 55 -16.28 -15.88 5.93
C THR A 55 -15.85 -15.22 4.61
N GLU A 56 -16.83 -14.82 3.83
CA GLU A 56 -16.60 -14.24 2.51
C GLU A 56 -15.82 -12.93 2.60
N GLN A 57 -15.13 -12.59 1.52
CA GLN A 57 -14.40 -11.34 1.43
C GLN A 57 -15.38 -10.17 1.39
N MET A 58 -15.51 -9.49 2.52
CA MET A 58 -16.47 -8.41 2.64
C MET A 58 -15.82 -7.07 2.29
N LYS A 59 -16.25 -6.49 1.20
CA LYS A 59 -15.73 -5.22 0.75
C LYS A 59 -16.42 -4.07 1.46
N LYS A 60 -16.06 -3.85 2.70
CA LYS A 60 -16.60 -2.76 3.49
C LYS A 60 -15.67 -1.56 3.42
N VAL A 61 -14.75 -1.61 2.48
CA VAL A 61 -13.77 -0.57 2.28
C VAL A 61 -13.87 0.01 0.87
N PRO A 62 -13.45 1.26 0.66
CA PRO A 62 -13.48 1.91 -0.65
C PRO A 62 -12.33 1.45 -1.55
N THR A 63 -12.54 1.52 -2.85
CA THR A 63 -11.51 1.13 -3.81
C THR A 63 -10.59 2.30 -4.12
N ILE A 64 -9.30 2.02 -4.17
CA ILE A 64 -8.29 3.01 -4.44
C ILE A 64 -7.42 2.56 -5.61
N ILE A 65 -7.24 3.43 -6.59
CA ILE A 65 -6.41 3.11 -7.75
C ILE A 65 -4.95 3.16 -7.35
N LEU A 66 -4.34 2.00 -7.37
CA LEU A 66 -2.96 1.86 -7.01
C LEU A 66 -2.10 2.08 -8.24
N SER A 67 -1.57 3.28 -8.38
CA SER A 67 -0.77 3.60 -9.51
C SER A 67 0.67 3.76 -9.09
N VAL A 68 1.48 2.82 -9.47
CA VAL A 68 2.88 2.81 -9.09
C VAL A 68 3.79 2.85 -10.31
N SER A 69 4.69 3.80 -10.31
CA SER A 69 5.65 3.98 -11.38
C SER A 69 7.04 4.12 -10.80
N ALA A 70 8.05 3.83 -11.59
CA ALA A 70 9.45 3.95 -11.15
C ALA A 70 9.83 5.40 -10.84
N LYS A 71 8.96 6.33 -11.22
CA LYS A 71 9.21 7.74 -10.98
C LYS A 71 8.32 8.29 -9.86
N GLY A 72 7.40 7.47 -9.39
CA GLY A 72 6.50 7.93 -8.36
C GLY A 72 5.30 7.02 -8.22
N VAL A 73 4.63 7.12 -7.10
CA VAL A 73 3.50 6.28 -6.82
C VAL A 73 2.32 7.13 -6.29
N LYS A 74 1.14 6.91 -6.85
CA LYS A 74 -0.03 7.68 -6.49
C LYS A 74 -1.14 6.77 -6.01
N PHE A 75 -1.85 7.23 -4.99
CA PHE A 75 -2.95 6.50 -4.41
C PHE A 75 -4.19 7.39 -4.39
N ILE A 76 -5.13 7.10 -5.30
CA ILE A 76 -6.36 7.91 -5.41
C ILE A 76 -7.59 7.03 -5.22
N ASP A 77 -8.58 7.55 -4.53
CA ASP A 77 -9.84 6.84 -4.29
C ASP A 77 -10.71 6.83 -5.55
N ALA A 78 -11.46 5.77 -5.74
CA ALA A 78 -12.32 5.62 -6.91
C ALA A 78 -13.72 6.17 -6.66
N THR A 79 -14.06 6.33 -5.40
CA THR A 79 -15.38 6.80 -5.01
C THR A 79 -15.58 8.27 -5.44
N ASN A 80 -14.80 9.16 -4.85
CA ASN A 80 -14.93 10.59 -5.13
C ASN A 80 -13.65 11.13 -5.73
N LYS A 81 -12.69 10.22 -5.96
CA LYS A 81 -11.38 10.58 -6.49
C LYS A 81 -10.57 11.35 -5.47
N ASN A 82 -10.78 11.01 -4.21
CA ASN A 82 -10.04 11.61 -3.11
C ASN A 82 -8.58 11.20 -3.19
N ILE A 83 -7.68 12.14 -3.12
CA ILE A 83 -6.27 11.82 -3.18
C ILE A 83 -5.76 11.34 -1.82
N ILE A 84 -5.55 10.03 -1.71
CA ILE A 84 -5.03 9.46 -0.49
C ILE A 84 -3.61 9.94 -0.27
N ALA A 85 -2.77 9.79 -1.29
CA ALA A 85 -1.38 10.22 -1.19
C ALA A 85 -0.67 10.17 -2.52
N GLU A 86 0.32 11.03 -2.68
CA GLU A 86 1.17 11.06 -3.85
C GLU A 86 2.62 11.19 -3.39
N HIS A 87 3.41 10.18 -3.65
CA HIS A 87 4.80 10.18 -3.21
C HIS A 87 5.70 9.67 -4.30
N GLU A 88 6.98 9.88 -4.14
CA GLU A 88 7.95 9.30 -5.04
C GLU A 88 8.16 7.87 -4.60
N ILE A 89 8.47 6.98 -5.53
CA ILE A 89 8.65 5.57 -5.19
C ILE A 89 9.76 5.41 -4.12
N ARG A 90 10.75 6.30 -4.19
CA ARG A 90 11.86 6.33 -3.24
C ARG A 90 11.38 6.61 -1.81
N ASN A 91 10.19 7.21 -1.69
CA ASN A 91 9.63 7.55 -0.39
C ASN A 91 9.11 6.32 0.34
N ILE A 92 8.99 5.22 -0.38
CA ILE A 92 8.55 3.99 0.25
C ILE A 92 9.75 3.28 0.87
N SER A 93 9.85 3.41 2.18
CA SER A 93 10.98 2.89 2.93
C SER A 93 10.98 1.36 2.96
N CYS A 94 9.79 0.77 3.01
CA CYS A 94 9.70 -0.68 3.04
C CYS A 94 8.38 -1.16 2.44
N ALA A 95 8.45 -2.19 1.62
CA ALA A 95 7.27 -2.78 1.02
C ALA A 95 7.09 -4.20 1.51
N ALA A 96 5.99 -4.46 2.19
CA ALA A 96 5.71 -5.78 2.73
C ALA A 96 4.28 -6.20 2.42
N GLN A 97 3.88 -7.33 2.97
CA GLN A 97 2.54 -7.86 2.77
C GLN A 97 2.10 -8.60 4.02
N ASP A 98 0.86 -9.03 4.06
CA ASP A 98 0.33 -9.75 5.22
C ASP A 98 0.98 -11.12 5.36
N PRO A 99 1.34 -11.53 6.59
CA PRO A 99 2.00 -12.81 6.85
C PRO A 99 1.17 -14.04 6.44
N GLU A 100 -0.15 -13.95 6.49
CA GLU A 100 -0.99 -15.11 6.17
C GLU A 100 -1.80 -14.92 4.89
N ASP A 101 -2.22 -13.70 4.63
CA ASP A 101 -3.01 -13.42 3.44
C ASP A 101 -2.19 -12.60 2.45
N LEU A 102 -1.82 -13.22 1.36
CA LEU A 102 -0.96 -12.57 0.37
C LEU A 102 -1.77 -11.74 -0.62
N SER A 103 -3.01 -11.44 -0.29
CA SER A 103 -3.85 -10.65 -1.16
C SER A 103 -3.88 -9.21 -0.69
N THR A 104 -3.16 -8.92 0.38
CA THR A 104 -3.10 -7.58 0.91
C THR A 104 -1.65 -7.18 1.19
N PHE A 105 -1.29 -5.98 0.74
CA PHE A 105 0.06 -5.49 0.87
C PHE A 105 0.10 -4.29 1.81
N ALA A 106 1.22 -4.13 2.48
CA ALA A 106 1.40 -3.05 3.41
C ALA A 106 2.79 -2.46 3.26
N TYR A 107 2.86 -1.18 3.01
CA TYR A 107 4.14 -0.52 2.81
C TYR A 107 4.36 0.58 3.83
N ILE A 108 5.59 0.72 4.28
CA ILE A 108 5.95 1.75 5.21
C ILE A 108 6.56 2.90 4.43
N THR A 109 6.00 4.09 4.61
CA THR A 109 6.40 5.24 3.82
C THR A 109 7.12 6.29 4.68
N LYS A 110 7.97 7.06 4.04
CA LYS A 110 8.74 8.12 4.68
C LYS A 110 8.74 9.36 3.78
N ASP A 111 8.19 10.46 4.29
CA ASP A 111 8.05 11.68 3.47
C ASP A 111 8.13 12.93 4.37
N LEU A 112 8.10 14.12 3.78
CA LEU A 112 8.18 15.37 4.55
C LEU A 112 6.90 15.57 5.35
N LYS A 113 5.81 14.96 4.90
CA LYS A 113 4.55 15.00 5.65
C LYS A 113 4.26 13.62 6.22
N SER A 114 5.30 12.81 6.28
CA SER A 114 5.24 11.47 6.82
C SER A 114 6.58 11.10 7.43
N ASN A 115 7.04 11.96 8.35
CA ASN A 115 8.33 11.80 9.01
C ASN A 115 8.32 10.59 9.93
N HIS A 116 7.14 10.25 10.42
CA HIS A 116 7.00 9.11 11.30
C HIS A 116 6.69 7.84 10.51
N HIS A 117 6.64 6.71 11.18
CA HIS A 117 6.43 5.44 10.52
C HIS A 117 4.97 5.27 10.07
N TYR A 118 4.70 5.66 8.85
CA TYR A 118 3.37 5.52 8.27
C TYR A 118 3.21 4.15 7.63
N CYS A 119 2.27 3.39 8.14
CA CYS A 119 1.99 2.08 7.63
C CYS A 119 0.72 2.12 6.79
N HIS A 120 0.89 2.07 5.49
CA HIS A 120 -0.23 2.11 4.58
C HIS A 120 -0.48 0.72 4.02
N VAL A 121 -1.60 0.14 4.39
CA VAL A 121 -1.94 -1.19 3.94
C VAL A 121 -3.19 -1.18 3.07
N PHE A 122 -3.07 -1.77 1.90
CA PHE A 122 -4.16 -1.85 0.97
C PHE A 122 -4.38 -3.30 0.57
N THR A 123 -5.62 -3.70 0.55
CA THR A 123 -5.99 -5.05 0.25
C THR A 123 -6.36 -5.18 -1.23
N ALA A 124 -5.66 -6.04 -1.92
CA ALA A 124 -5.91 -6.25 -3.33
C ALA A 124 -6.98 -7.29 -3.52
N PHE A 125 -7.76 -7.15 -4.57
CA PHE A 125 -8.82 -8.09 -4.85
C PHE A 125 -8.25 -9.42 -5.34
N ASP A 126 -7.14 -9.36 -6.06
CA ASP A 126 -6.48 -10.56 -6.57
C ASP A 126 -5.12 -10.74 -5.89
N VAL A 127 -4.84 -11.97 -5.48
CA VAL A 127 -3.57 -12.29 -4.81
C VAL A 127 -2.38 -12.11 -5.76
N ASN A 128 -2.57 -12.47 -7.03
CA ASN A 128 -1.52 -12.32 -8.02
C ASN A 128 -1.29 -10.85 -8.32
N LEU A 129 -2.36 -10.08 -8.23
CA LEU A 129 -2.29 -8.64 -8.44
C LEU A 129 -1.49 -8.01 -7.32
N ALA A 130 -1.72 -8.47 -6.09
CA ALA A 130 -0.96 -8.00 -4.94
C ALA A 130 0.51 -8.31 -5.12
N ALA A 131 0.80 -9.55 -5.55
CA ALA A 131 2.16 -9.98 -5.80
C ALA A 131 2.82 -9.12 -6.86
N GLU A 132 2.05 -8.77 -7.88
CA GLU A 132 2.52 -7.92 -8.97
C GLU A 132 2.94 -6.56 -8.43
N ILE A 133 2.08 -5.98 -7.60
CA ILE A 133 2.36 -4.67 -7.00
C ILE A 133 3.64 -4.73 -6.16
N ILE A 134 3.78 -5.79 -5.37
CA ILE A 134 4.98 -5.98 -4.55
C ILE A 134 6.22 -6.07 -5.44
N LEU A 135 6.10 -6.81 -6.54
CA LEU A 135 7.20 -6.96 -7.48
C LEU A 135 7.52 -5.61 -8.12
N THR A 136 6.48 -4.88 -8.52
CA THR A 136 6.64 -3.58 -9.14
C THR A 136 7.32 -2.61 -8.16
N LEU A 137 6.80 -2.52 -6.94
CA LEU A 137 7.38 -1.66 -5.90
C LEU A 137 8.83 -2.01 -5.66
N GLY A 138 9.10 -3.30 -5.49
CA GLY A 138 10.44 -3.77 -5.25
C GLY A 138 11.41 -3.40 -6.36
N GLN A 139 11.02 -3.67 -7.60
CA GLN A 139 11.87 -3.38 -8.75
C GLN A 139 12.01 -1.86 -8.97
N ALA A 140 10.94 -1.12 -8.69
CA ALA A 140 10.95 0.33 -8.85
C ALA A 140 11.86 0.98 -7.83
N PHE A 141 11.95 0.41 -6.65
CA PHE A 141 12.82 0.92 -5.61
C PHE A 141 14.25 0.42 -5.83
N GLU A 142 14.36 -0.82 -6.27
CA GLU A 142 15.64 -1.45 -6.52
C GLU A 142 16.38 -0.75 -7.67
N VAL A 143 15.64 -0.30 -8.67
CA VAL A 143 16.26 0.36 -9.84
C VAL A 143 16.87 1.72 -9.46
N ALA A 144 16.50 2.23 -8.29
CA ALA A 144 17.05 3.49 -7.81
C ALA A 144 18.35 3.25 -7.04
N TYR A 145 18.60 1.99 -6.73
CA TYR A 145 19.80 1.60 -6.01
C TYR A 145 20.75 0.85 -6.93
N GLN A 146 20.22 -0.10 -7.66
CA GLN A 146 20.99 -0.89 -8.59
C GLN A 146 21.02 -0.22 -9.96
N GLU A 12 3.78 9.92 -22.79
CA GLU A 12 2.99 11.10 -22.38
C GLU A 12 1.98 10.71 -21.29
N LYS A 13 1.08 9.80 -21.64
CA LYS A 13 0.05 9.38 -20.72
C LYS A 13 0.63 8.41 -19.68
N LEU A 14 0.22 8.58 -18.43
CA LEU A 14 0.76 7.79 -17.33
C LEU A 14 0.26 6.35 -17.37
N ILE A 15 -1.02 6.15 -17.70
CA ILE A 15 -1.61 4.80 -17.72
C ILE A 15 -1.01 3.91 -18.82
N ALA A 16 -0.06 4.46 -19.58
CA ALA A 16 0.60 3.72 -20.63
C ALA A 16 2.09 3.53 -20.31
N GLN A 17 2.51 4.12 -19.19
CA GLN A 17 3.92 4.05 -18.77
C GLN A 17 4.05 3.59 -17.33
N SER A 18 2.95 3.61 -16.63
CA SER A 18 2.92 3.25 -15.22
C SER A 18 1.98 2.07 -15.02
N CYS A 19 2.15 1.38 -13.92
CA CYS A 19 1.30 0.27 -13.62
C CYS A 19 0.21 0.69 -12.64
N ASP A 20 -0.95 0.98 -13.18
CA ASP A 20 -2.10 1.41 -12.38
C ASP A 20 -2.92 0.21 -11.92
N TYR A 21 -2.69 -0.22 -10.70
CA TYR A 21 -3.42 -1.35 -10.13
C TYR A 21 -4.56 -0.84 -9.26
N LYS A 22 -5.40 -1.74 -8.79
CA LYS A 22 -6.50 -1.34 -7.91
C LYS A 22 -6.59 -2.28 -6.72
N ALA A 23 -6.64 -1.71 -5.54
CA ALA A 23 -6.75 -2.47 -4.32
C ALA A 23 -7.74 -1.81 -3.39
N ALA A 24 -8.01 -2.41 -2.28
CA ALA A 24 -8.93 -1.84 -1.32
C ALA A 24 -8.15 -1.15 -0.19
N TYR A 25 -8.41 0.13 0.01
CA TYR A 25 -7.70 0.91 1.03
C TYR A 25 -8.21 0.52 2.41
N LEU A 26 -7.53 -0.44 3.04
CA LEU A 26 -7.92 -0.93 4.34
C LEU A 26 -7.74 0.15 5.40
N GLY A 27 -6.55 0.75 5.46
CA GLY A 27 -6.37 1.83 6.40
C GLY A 27 -4.95 2.33 6.50
N SER A 28 -4.82 3.62 6.77
CA SER A 28 -3.54 4.23 7.00
C SER A 28 -3.34 4.34 8.51
N MET A 29 -2.75 3.30 9.08
CA MET A 29 -2.62 3.25 10.52
C MET A 29 -1.33 3.88 10.98
N LEU A 30 -1.40 4.59 12.08
CA LEU A 30 -0.25 5.28 12.61
C LEU A 30 0.47 4.42 13.63
N ILE A 31 1.77 4.27 13.44
CA ILE A 31 2.55 3.43 14.34
C ILE A 31 3.38 4.28 15.29
N LYS A 32 3.18 4.06 16.58
CA LYS A 32 3.90 4.81 17.61
C LYS A 32 5.39 4.47 17.62
N GLU A 33 5.72 3.28 17.16
CA GLU A 33 7.10 2.86 17.08
C GLU A 33 7.35 2.07 15.81
N LEU A 34 8.03 2.69 14.86
CA LEU A 34 8.30 2.07 13.59
C LEU A 34 9.40 1.02 13.75
N ARG A 35 8.97 -0.22 13.93
CA ARG A 35 9.86 -1.34 14.16
C ARG A 35 10.05 -2.14 12.87
N GLY A 36 10.09 -1.43 11.76
CA GLY A 36 10.25 -2.08 10.47
C GLY A 36 8.98 -2.75 10.00
N THR A 37 9.14 -3.91 9.35
CA THR A 37 8.00 -4.66 8.82
C THR A 37 7.16 -5.26 9.93
N GLU A 38 7.74 -5.32 11.12
CA GLU A 38 7.04 -5.78 12.30
C GLU A 38 5.78 -4.97 12.51
N SER A 39 5.94 -3.66 12.33
CA SER A 39 4.85 -2.70 12.46
C SER A 39 3.73 -3.01 11.47
N THR A 40 4.09 -3.17 10.19
CA THR A 40 3.11 -3.42 9.15
C THR A 40 2.40 -4.74 9.38
N GLN A 41 3.14 -5.75 9.81
CA GLN A 41 2.57 -7.05 10.06
C GLN A 41 1.63 -7.01 11.27
N ASP A 42 2.03 -6.26 12.29
CA ASP A 42 1.21 -6.10 13.50
C ASP A 42 -0.11 -5.44 13.14
N ALA A 43 0.00 -4.33 12.42
CA ALA A 43 -1.16 -3.57 12.00
C ALA A 43 -2.05 -4.37 11.07
N CYS A 44 -1.43 -5.01 10.07
CA CYS A 44 -2.17 -5.79 9.09
C CYS A 44 -2.96 -6.91 9.77
N ALA A 45 -2.26 -7.75 10.53
CA ALA A 45 -2.91 -8.87 11.23
C ALA A 45 -4.02 -8.36 12.16
N LYS A 46 -3.72 -7.26 12.85
CA LYS A 46 -4.66 -6.64 13.77
C LYS A 46 -5.96 -6.27 13.06
N MET A 47 -5.84 -5.43 12.04
CA MET A 47 -6.99 -4.97 11.28
C MET A 47 -7.64 -6.10 10.52
N ARG A 48 -6.84 -7.00 9.99
CA ARG A 48 -7.35 -8.13 9.24
C ARG A 48 -8.32 -8.94 10.11
N ALA A 49 -7.87 -9.25 11.33
CA ALA A 49 -8.68 -10.00 12.26
C ALA A 49 -9.93 -9.21 12.66
N ASN A 50 -9.75 -7.92 12.90
CA ASN A 50 -10.87 -7.06 13.29
C ASN A 50 -11.88 -6.89 12.17
N CYS A 51 -11.40 -6.89 10.93
CA CYS A 51 -12.26 -6.69 9.77
C CYS A 51 -13.01 -7.97 9.40
N GLN A 52 -12.42 -9.13 9.69
CA GLN A 52 -13.06 -10.39 9.37
C GLN A 52 -14.12 -10.77 10.41
N LYS A 53 -14.13 -10.03 11.52
CA LYS A 53 -15.13 -10.20 12.56
C LYS A 53 -16.46 -9.63 12.09
N SER A 54 -17.47 -9.65 12.94
CA SER A 54 -18.75 -9.06 12.60
C SER A 54 -18.67 -7.55 12.79
N THR A 55 -17.93 -6.90 11.91
CA THR A 55 -17.73 -5.48 11.98
C THR A 55 -18.27 -4.81 10.72
N GLU A 56 -19.45 -4.21 10.83
CA GLU A 56 -20.09 -3.56 9.70
C GLU A 56 -19.40 -2.25 9.35
N GLN A 57 -18.58 -1.75 10.28
CA GLN A 57 -17.85 -0.50 10.07
C GLN A 57 -16.82 -0.67 8.95
N MET A 58 -16.36 -1.89 8.76
CA MET A 58 -15.38 -2.18 7.73
C MET A 58 -15.53 -3.59 7.19
N LYS A 59 -16.07 -3.69 5.99
CA LYS A 59 -16.27 -4.97 5.32
C LYS A 59 -15.81 -4.86 3.87
N LYS A 60 -16.09 -3.72 3.28
CA LYS A 60 -15.66 -3.40 1.93
C LYS A 60 -15.13 -1.99 1.89
N VAL A 61 -13.84 -1.86 2.07
CA VAL A 61 -13.21 -0.57 2.06
C VAL A 61 -13.07 -0.06 0.63
N PRO A 62 -13.09 1.27 0.44
CA PRO A 62 -13.02 1.90 -0.88
C PRO A 62 -11.84 1.43 -1.72
N THR A 63 -12.09 1.23 -3.00
CA THR A 63 -11.06 0.82 -3.93
C THR A 63 -10.17 2.02 -4.26
N ILE A 64 -8.90 1.78 -4.37
CA ILE A 64 -7.94 2.81 -4.61
C ILE A 64 -6.99 2.40 -5.75
N ILE A 65 -6.68 3.34 -6.63
CA ILE A 65 -5.80 3.08 -7.75
C ILE A 65 -4.35 3.27 -7.34
N LEU A 66 -3.62 2.18 -7.31
CA LEU A 66 -2.23 2.18 -6.95
C LEU A 66 -1.37 2.24 -8.19
N SER A 67 -0.93 3.43 -8.56
CA SER A 67 -0.13 3.58 -9.74
C SER A 67 1.33 3.69 -9.38
N VAL A 68 2.10 2.77 -9.88
CA VAL A 68 3.53 2.73 -9.63
C VAL A 68 4.31 2.90 -10.93
N SER A 69 5.28 3.79 -10.91
CA SER A 69 6.11 4.07 -12.05
C SER A 69 7.54 4.32 -11.62
N ALA A 70 8.42 4.53 -12.59
CA ALA A 70 9.83 4.77 -12.34
C ALA A 70 10.00 5.94 -11.37
N LYS A 71 10.52 5.62 -10.18
CA LYS A 71 10.78 6.57 -9.08
C LYS A 71 9.57 7.46 -8.73
N GLY A 72 8.37 7.01 -9.07
CA GLY A 72 7.18 7.80 -8.79
C GLY A 72 5.96 6.95 -8.52
N VAL A 73 5.20 7.31 -7.50
CA VAL A 73 3.99 6.58 -7.14
C VAL A 73 2.85 7.54 -6.76
N LYS A 74 1.66 7.24 -7.22
CA LYS A 74 0.50 8.05 -6.90
C LYS A 74 -0.71 7.18 -6.63
N PHE A 75 -1.51 7.60 -5.66
CA PHE A 75 -2.63 6.83 -5.18
C PHE A 75 -3.91 7.69 -5.15
N ILE A 76 -4.94 7.25 -5.89
CA ILE A 76 -6.21 7.98 -5.98
C ILE A 76 -7.37 7.07 -5.60
N ASP A 77 -8.38 7.63 -4.95
CA ASP A 77 -9.58 6.89 -4.59
C ASP A 77 -10.44 6.64 -5.83
N ALA A 78 -11.11 5.49 -5.89
CA ALA A 78 -11.94 5.14 -7.05
C ALA A 78 -13.39 5.55 -6.83
N THR A 79 -13.74 5.89 -5.61
CA THR A 79 -15.09 6.26 -5.28
C THR A 79 -15.46 7.63 -5.88
N ASN A 80 -14.71 8.65 -5.51
CA ASN A 80 -14.96 10.00 -5.99
C ASN A 80 -13.72 10.59 -6.63
N LYS A 81 -12.70 9.76 -6.78
CA LYS A 81 -11.42 10.17 -7.36
C LYS A 81 -10.74 11.20 -6.46
N ASN A 82 -10.55 10.83 -5.21
CA ASN A 82 -9.90 11.71 -4.25
C ASN A 82 -8.40 11.57 -4.34
N ILE A 83 -7.71 12.70 -4.44
CA ILE A 83 -6.26 12.70 -4.47
C ILE A 83 -5.74 12.37 -3.09
N ILE A 84 -5.48 11.10 -2.87
CA ILE A 84 -5.04 10.63 -1.58
C ILE A 84 -3.57 10.97 -1.35
N ALA A 85 -2.71 10.50 -2.23
CA ALA A 85 -1.28 10.78 -2.09
C ALA A 85 -0.54 10.59 -3.40
N GLU A 86 0.39 11.48 -3.67
CA GLU A 86 1.23 11.40 -4.84
C GLU A 86 2.63 11.93 -4.52
N HIS A 87 3.59 11.04 -4.48
CA HIS A 87 4.96 11.39 -4.13
C HIS A 87 5.95 10.52 -4.87
N GLU A 88 7.22 10.86 -4.78
CA GLU A 88 8.26 10.05 -5.38
C GLU A 88 8.32 8.72 -4.66
N ILE A 89 8.89 7.71 -5.29
CA ILE A 89 8.97 6.39 -4.68
C ILE A 89 9.86 6.43 -3.43
N ARG A 90 10.71 7.46 -3.35
CA ARG A 90 11.59 7.68 -2.20
C ARG A 90 10.75 7.93 -0.94
N ASN A 91 9.48 8.27 -1.14
CA ASN A 91 8.57 8.52 -0.02
C ASN A 91 8.29 7.21 0.71
N ILE A 92 8.42 6.11 0.01
CA ILE A 92 8.20 4.81 0.59
C ILE A 92 9.51 4.26 1.12
N SER A 93 9.57 4.05 2.42
CA SER A 93 10.77 3.57 3.07
C SER A 93 10.76 2.05 3.17
N CYS A 94 9.58 1.46 3.17
CA CYS A 94 9.48 0.01 3.28
C CYS A 94 8.21 -0.49 2.60
N ALA A 95 8.26 -1.71 2.10
CA ALA A 95 7.13 -2.34 1.47
C ALA A 95 7.06 -3.80 1.88
N ALA A 96 6.01 -4.17 2.58
CA ALA A 96 5.86 -5.53 3.06
C ALA A 96 4.49 -6.08 2.71
N GLN A 97 4.42 -7.37 2.53
CA GLN A 97 3.15 -8.01 2.26
C GLN A 97 2.79 -8.95 3.41
N ASP A 98 1.52 -9.30 3.53
CA ASP A 98 1.05 -10.12 4.64
C ASP A 98 1.52 -11.59 4.50
N PRO A 99 2.21 -12.12 5.51
CA PRO A 99 2.72 -13.50 5.50
C PRO A 99 1.63 -14.57 5.50
N GLU A 100 0.52 -14.30 6.17
CA GLU A 100 -0.54 -15.29 6.30
C GLU A 100 -1.62 -15.10 5.24
N ASP A 101 -1.63 -13.94 4.63
CA ASP A 101 -2.57 -13.65 3.55
C ASP A 101 -1.85 -13.01 2.38
N LEU A 102 -1.68 -13.76 1.32
CA LEU A 102 -0.94 -13.29 0.14
C LEU A 102 -1.78 -12.36 -0.74
N SER A 103 -2.95 -11.97 -0.27
CA SER A 103 -3.82 -11.11 -1.04
C SER A 103 -3.91 -9.71 -0.41
N THR A 104 -3.02 -9.42 0.52
CA THR A 104 -3.00 -8.12 1.16
C THR A 104 -1.56 -7.69 1.48
N PHE A 105 -1.35 -6.39 1.62
CA PHE A 105 0.00 -5.85 1.86
C PHE A 105 -0.05 -4.50 2.57
N ALA A 106 1.11 -4.02 2.99
CA ALA A 106 1.21 -2.74 3.67
C ALA A 106 2.60 -2.15 3.50
N TYR A 107 2.65 -0.88 3.10
CA TYR A 107 3.93 -0.22 2.92
C TYR A 107 4.08 0.93 3.90
N ILE A 108 5.32 1.32 4.15
CA ILE A 108 5.63 2.37 5.08
C ILE A 108 6.24 3.56 4.36
N THR A 109 5.64 4.71 4.57
CA THR A 109 6.13 5.94 4.00
C THR A 109 6.84 6.77 5.07
N LYS A 110 7.79 7.58 4.67
CA LYS A 110 8.54 8.39 5.60
C LYS A 110 8.08 9.84 5.59
N ASP A 111 7.16 10.15 6.48
CA ASP A 111 6.62 11.49 6.61
C ASP A 111 7.50 12.36 7.51
N LEU A 112 8.55 12.90 6.93
CA LEU A 112 9.49 13.73 7.67
C LEU A 112 8.85 15.08 8.03
N LYS A 113 7.65 15.29 7.53
CA LYS A 113 6.90 16.53 7.80
C LYS A 113 5.98 16.37 9.00
N SER A 114 5.86 15.14 9.49
CA SER A 114 4.98 14.88 10.63
C SER A 114 5.72 14.11 11.73
N ASN A 115 6.67 13.26 11.32
CA ASN A 115 7.54 12.53 12.25
C ASN A 115 6.83 11.37 12.95
N HIS A 116 5.68 10.98 12.43
CA HIS A 116 4.96 9.86 12.97
C HIS A 116 4.59 8.94 11.82
N HIS A 117 5.40 7.91 11.64
CA HIS A 117 5.28 7.05 10.47
C HIS A 117 3.97 6.29 10.36
N TYR A 118 3.38 6.38 9.16
CA TYR A 118 2.14 5.69 8.84
C TYR A 118 2.44 4.35 8.18
N CYS A 119 1.55 3.42 8.38
CA CYS A 119 1.60 2.16 7.68
C CYS A 119 0.34 2.06 6.84
N HIS A 120 0.50 2.08 5.54
CA HIS A 120 -0.64 2.04 4.64
C HIS A 120 -0.91 0.63 4.22
N VAL A 121 -1.96 0.04 4.79
CA VAL A 121 -2.31 -1.32 4.49
C VAL A 121 -3.45 -1.38 3.46
N PHE A 122 -3.25 -2.21 2.45
CA PHE A 122 -4.21 -2.37 1.38
C PHE A 122 -4.42 -3.84 1.12
N THR A 123 -5.66 -4.24 1.00
CA THR A 123 -5.97 -5.61 0.68
C THR A 123 -6.49 -5.67 -0.75
N ALA A 124 -6.01 -6.64 -1.48
CA ALA A 124 -6.38 -6.80 -2.86
C ALA A 124 -7.43 -7.87 -3.00
N PHE A 125 -8.25 -7.75 -4.02
CA PHE A 125 -9.30 -8.71 -4.29
C PHE A 125 -8.75 -9.86 -5.12
N ASP A 126 -7.43 -9.92 -5.25
CA ASP A 126 -6.77 -10.98 -6.01
C ASP A 126 -5.33 -11.16 -5.56
N VAL A 127 -4.92 -12.42 -5.40
CA VAL A 127 -3.58 -12.75 -4.93
C VAL A 127 -2.50 -12.30 -5.93
N ASN A 128 -2.66 -12.71 -7.18
CA ASN A 128 -1.69 -12.37 -8.23
C ASN A 128 -1.61 -10.87 -8.42
N LEU A 129 -2.76 -10.21 -8.36
CA LEU A 129 -2.83 -8.76 -8.48
C LEU A 129 -1.97 -8.11 -7.38
N ALA A 130 -2.15 -8.57 -6.14
CA ALA A 130 -1.38 -8.05 -5.02
C ALA A 130 0.11 -8.31 -5.21
N ALA A 131 0.43 -9.53 -5.65
CA ALA A 131 1.80 -9.93 -5.90
C ALA A 131 2.44 -9.03 -6.95
N GLU A 132 1.70 -8.75 -8.02
CA GLU A 132 2.18 -7.87 -9.07
C GLU A 132 2.49 -6.49 -8.53
N ILE A 133 1.60 -5.98 -7.68
CA ILE A 133 1.81 -4.67 -7.07
C ILE A 133 3.13 -4.62 -6.32
N ILE A 134 3.32 -5.58 -5.41
CA ILE A 134 4.55 -5.66 -4.62
C ILE A 134 5.78 -5.83 -5.52
N LEU A 135 5.67 -6.72 -6.50
CA LEU A 135 6.77 -6.99 -7.43
C LEU A 135 7.14 -5.72 -8.20
N THR A 136 6.13 -5.01 -8.70
CA THR A 136 6.37 -3.79 -9.45
C THR A 136 7.00 -2.71 -8.56
N LEU A 137 6.49 -2.59 -7.33
CA LEU A 137 7.05 -1.64 -6.37
C LEU A 137 8.49 -1.97 -6.07
N GLY A 138 8.76 -3.24 -5.78
CA GLY A 138 10.11 -3.67 -5.50
C GLY A 138 11.05 -3.43 -6.65
N GLN A 139 10.60 -3.75 -7.85
CA GLN A 139 11.40 -3.55 -9.06
C GLN A 139 11.73 -2.07 -9.24
N ALA A 140 10.69 -1.23 -9.17
CA ALA A 140 10.84 0.20 -9.34
C ALA A 140 11.72 0.80 -8.25
N PHE A 141 11.53 0.32 -7.02
CA PHE A 141 12.29 0.81 -5.88
C PHE A 141 13.75 0.35 -5.96
N GLU A 142 13.97 -0.75 -6.66
CA GLU A 142 15.30 -1.29 -6.83
C GLU A 142 16.07 -0.48 -7.87
N VAL A 143 15.48 -0.33 -9.05
CA VAL A 143 16.13 0.39 -10.14
C VAL A 143 16.28 1.89 -9.81
N ALA A 144 15.39 2.41 -8.98
CA ALA A 144 15.44 3.82 -8.59
C ALA A 144 16.55 4.08 -7.58
N TYR A 145 17.10 3.01 -7.01
CA TYR A 145 18.18 3.13 -6.04
C TYR A 145 19.53 3.12 -6.75
N GLN A 146 19.56 2.48 -7.90
CA GLN A 146 20.77 2.35 -8.68
C GLN A 146 21.14 3.68 -9.34
#